data_7XQA
#
_entry.id   7XQA
#
_cell.length_a   103.386
_cell.length_b   107.803
_cell.length_c   134.754
_cell.angle_alpha   89.853
_cell.angle_beta   89.989
_cell.angle_gamma   83.575
#
_symmetry.space_group_name_H-M   'P 1'
#
loop_
_entity.id
_entity.type
_entity.pdbx_description
1 polymer 'N-formimidoyl fortimicin A synthase'
2 polymer 'N-formimidoyl fortimicin A synthase'
3 non-polymer 'FLAVIN-ADENINE DINUCLEOTIDE'
4 non-polymer GLYCINE
5 water water
#
loop_
_entity_poly.entity_id
_entity_poly.type
_entity_poly.pdbx_seq_one_letter_code
_entity_poly.pdbx_strand_id
1 'polypeptide(L)'
;MGSSHHHHHHSSGLVPRGSHMMSKTADAPGQTDVIVVGNGVLGLSVGVEIARTRPDVRVTLLGKPARQYGATPAAGAMLG
AFGEVTAHALASEHGRKKHALAVQAQRLWPEWIESLEATGTAADGRIKTADDTVVLLNTVGHSALDDANFAAVLTALKEA
NAPHEEIAVESVDWIDPDPNSRPLRALHIEGEGSVDSGILLAALERSFLQAGGRLHPVDATEIRASHGRVEGVVTDDGDF
LPAGHVVVAAGARSQRLVAALPGLAHRIPRIYDGVGVSALVDTWDGSGPATVLRTSNRAFACGLHLVPRAGGSVYIGATN
AVCLEPRGAASIEETVFLFNCATHQLHRGLNGSELRKVQVGSRPAPIDGFPLIGGTSVEGLWMLSGTYRDGLHMSPLLAR
HVVSLMDGGTGVDGLREFRPERDLISAWSREEILDDVVRHTMATGYEFPWRLPLEWPHMMETFLQGPFAELADRLSDTYT
PPADLMTAIMFSEREQQDELIAYYADVHREWH
;
A,B,C,D,E,F,G
2 'polypeptide(L)'
;MGSSHHHHHHSSGLVPRGSHMMSKTADAPGQTDVIVVGNGVLGLSVGVEIARTRPDVRVTLLGKPARQYGATPAAGAMLG
AFGEVTAHALASEHGRKKHALAVQAQRLWPEWIESLEATGTAADGRIKTADDTVVLLNTVGHSALDDANFAAVLTALKEA
NAPHEEIAVESVDWIDPDPNSRPLRALHIEGEGSVDSGILLAALERSFLQAGGRLHPVDATEIRASHGRVEGVVTDDGDF
LPAGHVVVAAGARSQRLVAALPGLAHRIPRIYDGVGVSALVDTWDGSGPATVLRTSNRAFA(GQI)GLHLVPRAGGSVYI
GATNAVCLEPRGAASIEETVFLFNCATHQLHRGLNGSELRKVQVGSRPAPIDGFPLIGGTSVEGLWMLSGTYRDGLHMSP
LLARHVVSLMDGGTGVDGLREFRPERDLISAWSREEILDDVVRHTMATGYEFPWRLPLEWPHMMETFLQGPFAELADRLS
DTYTPPADLMTAIMFSEREQQDELIAYYADVHREWH
;
H
#
# COMPACT_ATOMS: atom_id res chain seq x y z
N GLN A 31 -15.78 49.98 -34.51
CA GLN A 31 -14.99 49.50 -33.33
C GLN A 31 -13.62 50.17 -33.32
N THR A 32 -12.90 50.03 -32.19
CA THR A 32 -11.67 50.79 -31.86
C THR A 32 -10.50 49.80 -31.78
N ASP A 33 -9.62 49.86 -32.79
CA ASP A 33 -8.67 48.78 -33.12
C ASP A 33 -7.62 48.61 -32.02
N VAL A 34 -7.25 47.35 -31.78
CA VAL A 34 -6.10 46.97 -30.90
C VAL A 34 -5.07 46.26 -31.78
N ILE A 35 -3.79 46.65 -31.66
CA ILE A 35 -2.64 45.93 -32.27
C ILE A 35 -1.81 45.31 -31.15
N VAL A 36 -1.61 43.98 -31.19
CA VAL A 36 -0.65 43.26 -30.31
C VAL A 36 0.64 43.09 -31.11
N VAL A 37 1.75 43.64 -30.63
CA VAL A 37 3.08 43.49 -31.27
C VAL A 37 3.79 42.32 -30.60
N GLY A 38 3.85 41.17 -31.27
CA GLY A 38 4.56 39.99 -30.79
C GLY A 38 3.67 38.77 -30.76
N ASN A 39 4.23 37.63 -31.17
CA ASN A 39 3.48 36.38 -31.41
C ASN A 39 4.11 35.24 -30.61
N GLY A 40 4.70 35.57 -29.46
CA GLY A 40 5.04 34.57 -28.44
C GLY A 40 3.86 34.28 -27.56
N VAL A 41 4.09 33.59 -26.45
CA VAL A 41 3.02 33.19 -25.49
C VAL A 41 2.31 34.44 -24.96
N LEU A 42 3.03 35.52 -24.65
CA LEU A 42 2.40 36.69 -23.97
C LEU A 42 1.51 37.44 -24.98
N GLY A 43 2.01 37.73 -26.19
CA GLY A 43 1.23 38.41 -27.24
C GLY A 43 -0.03 37.63 -27.58
N LEU A 44 0.11 36.34 -27.86
CA LEU A 44 -1.02 35.48 -28.28
C LEU A 44 -1.99 35.31 -27.11
N SER A 45 -1.51 35.20 -25.88
CA SER A 45 -2.36 35.00 -24.69
C SER A 45 -3.22 36.26 -24.47
N VAL A 46 -2.63 37.44 -24.57
CA VAL A 46 -3.36 38.73 -24.42
C VAL A 46 -4.31 38.86 -25.64
N GLY A 47 -3.85 38.52 -26.84
CA GLY A 47 -4.66 38.51 -28.07
C GLY A 47 -5.94 37.71 -27.89
N VAL A 48 -5.82 36.46 -27.42
CA VAL A 48 -6.95 35.54 -27.18
C VAL A 48 -7.90 36.17 -26.16
N GLU A 49 -7.37 36.70 -25.06
CA GLU A 49 -8.20 37.25 -23.96
C GLU A 49 -8.98 38.47 -24.46
N ILE A 50 -8.33 39.37 -25.22
CA ILE A 50 -8.97 40.59 -25.80
C ILE A 50 -10.06 40.14 -26.77
N ALA A 51 -9.72 39.31 -27.76
CA ALA A 51 -10.63 38.83 -28.81
C ALA A 51 -11.88 38.23 -28.17
N ARG A 52 -11.71 37.38 -27.14
CA ARG A 52 -12.83 36.64 -26.51
C ARG A 52 -13.71 37.56 -25.67
N THR A 53 -13.14 38.58 -25.00
CA THR A 53 -13.86 39.34 -23.95
C THR A 53 -14.38 40.67 -24.51
N ARG A 54 -13.88 41.12 -25.67
CA ARG A 54 -14.13 42.48 -26.21
C ARG A 54 -14.68 42.37 -27.63
N PRO A 55 -15.98 42.02 -27.81
CA PRO A 55 -16.60 41.97 -29.14
C PRO A 55 -16.63 43.31 -29.86
N ASP A 56 -16.44 44.41 -29.11
CA ASP A 56 -16.40 45.81 -29.60
C ASP A 56 -15.07 46.14 -30.30
N VAL A 57 -14.02 45.34 -30.09
CA VAL A 57 -12.64 45.61 -30.59
C VAL A 57 -12.31 44.68 -31.77
N ARG A 58 -11.68 45.24 -32.79
CA ARG A 58 -10.94 44.49 -33.84
C ARG A 58 -9.49 44.33 -33.34
N VAL A 59 -9.00 43.11 -33.19
CA VAL A 59 -7.63 42.84 -32.62
C VAL A 59 -6.76 42.17 -33.69
N THR A 60 -5.66 42.84 -34.04
CA THR A 60 -4.64 42.38 -35.02
C THR A 60 -3.34 42.07 -34.27
N LEU A 61 -2.77 40.88 -34.49
CA LEU A 61 -1.52 40.45 -33.83
C LEU A 61 -0.41 40.35 -34.87
N LEU A 62 0.70 41.05 -34.62
CA LEU A 62 1.90 41.15 -35.50
C LEU A 62 2.94 40.13 -35.06
N GLY A 63 3.80 39.72 -36.00
CA GLY A 63 4.85 38.73 -35.77
C GLY A 63 4.83 37.66 -36.85
N LYS A 64 5.99 37.06 -37.11
CA LYS A 64 6.22 36.15 -38.28
C LYS A 64 6.34 34.71 -37.79
N PRO A 65 6.02 33.72 -38.66
CA PRO A 65 6.15 32.31 -38.30
C PRO A 65 7.56 31.88 -37.87
N ALA A 66 8.60 32.56 -38.35
CA ALA A 66 10.01 32.26 -38.01
C ALA A 66 10.25 32.51 -36.52
N ARG A 67 9.48 33.42 -35.90
CA ARG A 67 9.61 33.77 -34.46
C ARG A 67 11.09 33.96 -34.14
N GLN A 68 11.74 34.92 -34.81
CA GLN A 68 13.17 35.22 -34.62
C GLN A 68 13.43 35.52 -33.13
N TYR A 69 14.44 34.86 -32.56
CA TYR A 69 14.89 34.97 -31.14
C TYR A 69 13.80 34.56 -30.17
N GLY A 70 12.74 33.91 -30.64
CA GLY A 70 11.54 33.61 -29.82
C GLY A 70 11.85 32.75 -28.61
N ALA A 71 11.57 33.22 -27.40
CA ALA A 71 11.71 32.42 -26.16
C ALA A 71 10.75 31.23 -26.17
N THR A 72 9.47 31.48 -26.48
CA THR A 72 8.38 30.50 -26.27
C THR A 72 8.65 29.19 -27.02
N PRO A 73 8.99 29.19 -28.34
CA PRO A 73 9.18 27.93 -29.07
C PRO A 73 10.40 27.14 -28.60
N ALA A 74 11.35 27.79 -27.90
CA ALA A 74 12.56 27.14 -27.35
C ALA A 74 12.29 26.57 -25.96
N ALA A 75 11.11 26.81 -25.38
CA ALA A 75 10.74 26.41 -24.00
C ALA A 75 10.16 24.99 -24.00
N GLY A 76 10.29 24.27 -22.89
CA GLY A 76 9.87 22.87 -22.76
C GLY A 76 8.35 22.66 -22.92
N ALA A 77 7.56 23.24 -22.01
CA ALA A 77 7.98 24.15 -20.97
C ALA A 77 7.40 23.68 -19.63
N MET A 78 8.10 23.99 -18.55
CA MET A 78 7.65 23.70 -17.17
C MET A 78 6.69 24.79 -16.72
N LEU A 79 5.60 24.41 -16.06
CA LEU A 79 4.69 25.35 -15.35
C LEU A 79 5.31 25.56 -13.97
N GLY A 80 6.45 26.25 -13.97
CA GLY A 80 7.39 26.38 -12.85
C GLY A 80 6.98 27.54 -11.96
N ALA A 81 6.59 27.18 -10.73
CA ALA A 81 6.31 28.08 -9.61
C ALA A 81 7.30 27.73 -8.48
N PHE A 82 7.07 26.59 -7.82
CA PHE A 82 7.93 26.13 -6.69
C PHE A 82 9.30 25.67 -7.22
N GLY A 83 9.36 25.06 -8.41
CA GLY A 83 10.64 24.63 -9.01
C GLY A 83 11.56 25.82 -9.29
N GLU A 84 11.01 27.02 -9.46
CA GLU A 84 11.76 28.25 -9.79
C GLU A 84 12.25 28.95 -8.51
N VAL A 85 11.91 28.45 -7.34
CA VAL A 85 12.31 29.08 -6.05
C VAL A 85 13.84 28.97 -5.88
N THR A 86 14.47 30.09 -5.53
CA THR A 86 15.86 30.16 -5.02
C THR A 86 15.85 30.91 -3.69
N ALA A 87 16.82 30.61 -2.82
CA ALA A 87 17.04 31.34 -1.56
C ALA A 87 17.16 32.83 -1.89
N HIS A 88 17.95 33.18 -2.91
CA HIS A 88 18.25 34.58 -3.30
C HIS A 88 16.97 35.34 -3.72
N ALA A 89 16.10 34.73 -4.53
CA ALA A 89 14.82 35.34 -4.98
C ALA A 89 13.95 35.65 -3.76
N LEU A 90 13.74 34.66 -2.87
CA LEU A 90 12.82 34.77 -1.71
C LEU A 90 13.43 35.59 -0.57
N ALA A 91 14.69 36.01 -0.67
CA ALA A 91 15.35 36.92 0.30
C ALA A 91 14.93 38.37 0.02
N SER A 92 14.37 38.69 -1.16
CA SER A 92 13.95 40.06 -1.52
C SER A 92 12.42 40.17 -1.54
N GLU A 93 11.91 41.36 -1.20
CA GLU A 93 10.45 41.64 -1.19
C GLU A 93 9.91 41.44 -2.62
N HIS A 94 10.61 41.99 -3.62
CA HIS A 94 10.22 41.89 -5.05
C HIS A 94 10.18 40.43 -5.47
N GLY A 95 11.17 39.63 -5.06
CA GLY A 95 11.24 38.19 -5.38
C GLY A 95 10.06 37.44 -4.78
N ARG A 96 9.71 37.75 -3.53
CA ARG A 96 8.55 37.09 -2.85
C ARG A 96 7.24 37.46 -3.59
N LYS A 97 7.10 38.71 -4.02
CA LYS A 97 5.91 39.20 -4.78
C LYS A 97 5.79 38.43 -6.10
N LYS A 98 6.89 38.31 -6.83
CA LYS A 98 6.94 37.58 -8.12
C LYS A 98 6.53 36.12 -7.87
N HIS A 99 7.02 35.51 -6.79
CA HIS A 99 6.71 34.10 -6.43
C HIS A 99 5.21 33.92 -6.17
N ALA A 100 4.60 34.82 -5.40
CA ALA A 100 3.15 34.78 -5.10
C ALA A 100 2.36 34.71 -6.41
N LEU A 101 2.74 35.55 -7.40
CA LEU A 101 2.06 35.62 -8.71
C LEU A 101 2.20 34.28 -9.47
N ALA A 102 3.39 33.68 -9.44
CA ALA A 102 3.64 32.36 -10.06
C ALA A 102 2.71 31.32 -9.43
N VAL A 103 2.53 31.35 -8.11
CA VAL A 103 1.66 30.35 -7.41
C VAL A 103 0.20 30.59 -7.85
N GLN A 104 -0.21 31.85 -7.99
CA GLN A 104 -1.58 32.23 -8.42
C GLN A 104 -1.81 31.74 -9.86
N ALA A 105 -0.83 31.94 -10.75
CA ALA A 105 -0.92 31.55 -12.18
C ALA A 105 -1.23 30.06 -12.32
N GLN A 106 -0.61 29.21 -11.48
CA GLN A 106 -0.75 27.73 -11.56
C GLN A 106 -2.23 27.33 -11.50
N ARG A 107 -3.03 28.04 -10.70
CA ARG A 107 -4.47 27.73 -10.49
C ARG A 107 -5.25 27.94 -11.79
N LEU A 108 -4.80 28.84 -12.66
CA LEU A 108 -5.54 29.19 -13.91
C LEU A 108 -5.30 28.15 -15.02
N TRP A 109 -4.25 27.34 -14.95
CA TRP A 109 -3.79 26.53 -16.11
C TRP A 109 -4.82 25.46 -16.54
N PRO A 110 -5.43 24.68 -15.62
CA PRO A 110 -6.36 23.62 -16.03
C PRO A 110 -7.51 24.11 -16.93
N GLU A 111 -8.18 25.20 -16.55
CA GLU A 111 -9.34 25.76 -17.30
C GLU A 111 -8.84 26.51 -18.54
N TRP A 112 -7.67 27.16 -18.47
CA TRP A 112 -7.04 27.83 -19.64
C TRP A 112 -6.80 26.79 -20.75
N ILE A 113 -6.19 25.66 -20.40
CA ILE A 113 -5.88 24.56 -21.35
C ILE A 113 -7.19 24.00 -21.94
N GLU A 114 -8.18 23.75 -21.08
CA GLU A 114 -9.53 23.27 -21.51
C GLU A 114 -10.08 24.20 -22.58
N SER A 115 -10.02 25.51 -22.34
CA SER A 115 -10.58 26.57 -23.22
C SER A 115 -9.83 26.65 -24.55
N LEU A 116 -8.54 26.31 -24.56
CA LEU A 116 -7.70 26.38 -25.79
C LEU A 116 -7.88 25.10 -26.60
N GLU A 117 -7.91 23.94 -25.94
CA GLU A 117 -8.09 22.63 -26.62
C GLU A 117 -9.51 22.54 -27.20
N ALA A 118 -10.47 23.23 -26.58
CA ALA A 118 -11.90 23.25 -26.99
C ALA A 118 -12.04 23.71 -28.45
N THR A 119 -11.14 24.59 -28.93
CA THR A 119 -11.19 25.18 -30.30
C THR A 119 -10.57 24.21 -31.31
N GLY A 120 -10.03 23.07 -30.88
CA GLY A 120 -9.35 22.10 -31.76
C GLY A 120 -10.01 20.74 -31.71
N THR A 121 -9.33 19.73 -32.24
CA THR A 121 -9.75 18.31 -32.26
C THR A 121 -8.62 17.45 -31.69
N ALA A 122 -8.88 16.16 -31.47
CA ALA A 122 -7.90 15.19 -30.91
C ALA A 122 -6.58 15.25 -31.69
N ALA A 123 -6.64 15.42 -33.01
CA ALA A 123 -5.47 15.35 -33.93
C ALA A 123 -4.51 16.52 -33.71
N ASP A 124 -4.94 17.58 -33.01
CA ASP A 124 -4.09 18.77 -32.72
C ASP A 124 -3.10 18.44 -31.59
N GLY A 125 -3.34 17.36 -30.84
CA GLY A 125 -2.48 16.93 -29.73
C GLY A 125 -2.81 17.64 -28.43
N ARG A 126 -2.16 17.25 -27.35
CA ARG A 126 -2.51 17.67 -25.98
C ARG A 126 -1.50 18.73 -25.52
N ILE A 127 -1.98 19.83 -24.95
CA ILE A 127 -1.12 20.93 -24.44
C ILE A 127 -0.33 20.40 -23.25
N LYS A 128 -0.97 19.72 -22.30
CA LYS A 128 -0.34 19.24 -21.04
C LYS A 128 0.47 17.97 -21.32
N THR A 129 1.73 17.91 -20.88
CA THR A 129 2.60 16.71 -21.07
C THR A 129 2.95 16.05 -19.74
N ALA A 130 2.72 16.70 -18.61
CA ALA A 130 2.97 16.11 -17.26
C ALA A 130 2.21 16.92 -16.22
N ASP A 131 1.79 16.27 -15.14
CA ASP A 131 1.05 16.92 -14.02
C ASP A 131 2.00 17.24 -12.86
N ASP A 132 3.08 16.47 -12.71
CA ASP A 132 3.95 16.53 -11.50
C ASP A 132 5.41 16.77 -11.92
N THR A 133 6.22 17.19 -10.95
CA THR A 133 7.66 17.50 -11.12
C THR A 133 8.44 16.79 -10.02
N VAL A 134 9.58 16.20 -10.37
CA VAL A 134 10.57 15.73 -9.37
C VAL A 134 11.80 16.65 -9.46
N VAL A 135 12.16 17.27 -8.34
CA VAL A 135 13.40 18.09 -8.21
C VAL A 135 14.48 17.16 -7.65
N LEU A 136 15.60 17.07 -8.34
CA LEU A 136 16.72 16.17 -7.97
C LEU A 136 17.85 17.02 -7.39
N LEU A 137 18.49 16.53 -6.36
CA LEU A 137 19.70 17.14 -5.76
C LEU A 137 20.87 16.18 -5.96
N ASN A 138 21.84 16.61 -6.76
CA ASN A 138 23.11 15.89 -6.98
C ASN A 138 24.26 16.83 -6.57
N THR A 139 25.51 16.40 -6.71
CA THR A 139 26.67 17.21 -6.29
C THR A 139 27.40 17.77 -7.51
N VAL A 140 26.75 17.82 -8.66
CA VAL A 140 27.36 18.42 -9.89
C VAL A 140 26.99 19.90 -9.91
N GLY A 141 27.45 20.60 -8.89
CA GLY A 141 27.10 22.00 -8.69
C GLY A 141 27.65 22.51 -7.38
N HIS A 142 27.43 23.79 -7.16
CA HIS A 142 27.89 24.53 -5.97
C HIS A 142 26.90 24.22 -4.83
N SER A 143 27.42 23.79 -3.68
CA SER A 143 26.62 23.65 -2.44
C SER A 143 25.91 24.98 -2.12
N ALA A 144 26.56 26.12 -2.36
CA ALA A 144 26.04 27.46 -2.01
C ALA A 144 24.82 27.83 -2.86
N LEU A 145 24.65 27.21 -4.03
CA LEU A 145 23.41 27.37 -4.83
C LEU A 145 22.48 26.18 -4.58
N ASP A 146 22.93 24.96 -4.94
CA ASP A 146 22.04 23.77 -5.01
C ASP A 146 21.52 23.40 -3.61
N ASP A 147 22.37 23.37 -2.58
CA ASP A 147 21.90 22.94 -1.23
C ASP A 147 20.97 24.02 -0.68
N ALA A 148 21.34 25.30 -0.79
CA ALA A 148 20.54 26.46 -0.32
C ALA A 148 19.19 26.47 -1.05
N ASN A 149 19.18 26.19 -2.35
CA ASN A 149 17.97 26.30 -3.18
C ASN A 149 17.03 25.13 -2.88
N PHE A 150 17.55 23.93 -2.66
CA PHE A 150 16.74 22.74 -2.31
C PHE A 150 15.99 23.02 -1.01
N ALA A 151 16.69 23.55 0.00
CA ALA A 151 16.12 23.98 1.29
C ALA A 151 15.04 25.04 1.04
N ALA A 152 15.28 26.02 0.18
CA ALA A 152 14.35 27.15 -0.11
C ALA A 152 13.07 26.62 -0.77
N VAL A 153 13.19 25.65 -1.68
CA VAL A 153 12.04 25.03 -2.38
C VAL A 153 11.18 24.29 -1.34
N LEU A 154 11.79 23.47 -0.48
CA LEU A 154 11.10 22.74 0.61
C LEU A 154 10.33 23.75 1.48
N THR A 155 10.97 24.85 1.87
CA THR A 155 10.37 25.85 2.78
C THR A 155 9.17 26.51 2.08
N ALA A 156 9.32 26.92 0.83
CA ALA A 156 8.27 27.63 0.06
C ALA A 156 7.05 26.70 -0.11
N LEU A 157 7.28 25.42 -0.39
CA LEU A 157 6.18 24.42 -0.52
C LEU A 157 5.42 24.33 0.81
N LYS A 158 6.13 24.18 1.92
CA LYS A 158 5.52 24.02 3.27
C LYS A 158 4.76 25.30 3.63
N GLU A 159 5.33 26.47 3.37
CA GLU A 159 4.69 27.79 3.66
C GLU A 159 3.38 27.91 2.88
N ALA A 160 3.33 27.42 1.64
CA ALA A 160 2.16 27.53 0.75
C ALA A 160 1.12 26.42 1.06
N ASN A 161 1.45 25.47 1.94
CA ASN A 161 0.61 24.26 2.18
C ASN A 161 0.41 23.50 0.86
N ALA A 162 1.41 23.51 -0.02
CA ALA A 162 1.35 22.85 -1.36
C ALA A 162 1.60 21.36 -1.19
N PRO A 163 0.90 20.49 -1.94
CA PRO A 163 1.13 19.05 -1.84
C PRO A 163 2.50 18.68 -2.45
N HIS A 164 3.31 17.95 -1.69
CA HIS A 164 4.67 17.54 -2.08
C HIS A 164 5.14 16.45 -1.11
N GLU A 165 6.17 15.69 -1.48
CA GLU A 165 6.94 14.92 -0.49
C GLU A 165 8.35 14.67 -0.99
N GLU A 166 9.27 14.66 -0.04
CA GLU A 166 10.64 14.19 -0.24
C GLU A 166 10.57 12.67 -0.39
N ILE A 167 11.12 12.13 -1.46
CA ILE A 167 11.01 10.69 -1.81
C ILE A 167 12.40 10.08 -1.89
N ALA A 168 12.50 8.77 -1.75
CA ALA A 168 13.74 8.01 -1.97
C ALA A 168 14.12 8.15 -3.46
N VAL A 169 15.40 8.40 -3.73
CA VAL A 169 15.87 8.55 -5.14
C VAL A 169 15.60 7.25 -5.89
N GLU A 170 15.72 6.10 -5.24
CA GLU A 170 15.47 4.77 -5.84
C GLU A 170 14.01 4.69 -6.33
N SER A 171 13.10 5.51 -5.80
CA SER A 171 11.67 5.50 -6.19
C SER A 171 11.43 6.39 -7.42
N VAL A 172 12.42 7.19 -7.87
CA VAL A 172 12.25 8.04 -9.07
C VAL A 172 12.34 7.11 -10.29
N ASP A 173 11.24 6.97 -11.01
CA ASP A 173 11.15 6.06 -12.19
C ASP A 173 12.03 6.64 -13.32
N TRP A 174 12.47 5.76 -14.22
CA TRP A 174 13.00 6.09 -15.56
C TRP A 174 14.48 6.50 -15.48
N ILE A 175 14.87 7.39 -14.56
CA ILE A 175 16.25 7.99 -14.56
C ILE A 175 17.31 6.89 -14.51
N ASP A 176 18.44 7.14 -15.15
CA ASP A 176 19.60 6.23 -15.14
C ASP A 176 20.87 7.07 -15.19
N PRO A 177 21.17 7.82 -14.11
CA PRO A 177 22.34 8.69 -14.09
C PRO A 177 23.64 7.89 -14.00
N ASP A 178 24.73 8.53 -14.44
CA ASP A 178 26.09 8.17 -14.00
C ASP A 178 26.10 8.14 -12.47
N PRO A 179 26.52 7.03 -11.82
CA PRO A 179 26.59 7.00 -10.37
C PRO A 179 27.35 8.16 -9.72
N ASN A 180 28.42 8.65 -10.34
CA ASN A 180 29.21 9.80 -9.82
C ASN A 180 28.44 11.12 -10.01
N SER A 181 27.32 11.13 -10.75
CA SER A 181 26.51 12.32 -11.06
C SER A 181 25.09 12.16 -10.50
N ARG A 182 24.85 11.13 -9.68
CA ARG A 182 23.47 10.70 -9.31
C ARG A 182 22.91 11.63 -8.25
N PRO A 183 21.57 11.71 -8.14
CA PRO A 183 20.97 12.45 -7.03
C PRO A 183 21.01 11.61 -5.76
N LEU A 184 21.09 12.28 -4.61
CA LEU A 184 20.98 11.61 -3.29
C LEU A 184 19.71 12.08 -2.57
N ARG A 185 19.05 13.13 -3.05
CA ARG A 185 17.72 13.55 -2.54
C ARG A 185 16.82 13.89 -3.74
N ALA A 186 15.51 13.74 -3.54
CA ALA A 186 14.50 13.98 -4.58
C ALA A 186 13.22 14.47 -3.90
N LEU A 187 12.55 15.38 -4.57
CA LEU A 187 11.33 16.06 -4.07
C LEU A 187 10.25 15.94 -5.15
N HIS A 188 9.14 15.30 -4.82
CA HIS A 188 7.93 15.19 -5.68
C HIS A 188 7.01 16.38 -5.41
N ILE A 189 6.75 17.21 -6.43
CA ILE A 189 5.82 18.36 -6.37
C ILE A 189 4.56 17.96 -7.17
N GLU A 190 3.44 17.80 -6.45
CA GLU A 190 2.14 17.41 -7.05
C GLU A 190 1.51 18.64 -7.71
N GLY A 191 1.03 18.51 -8.94
CA GLY A 191 0.24 19.55 -9.62
C GLY A 191 1.11 20.68 -10.14
N GLU A 192 2.42 20.47 -10.23
CA GLU A 192 3.36 21.37 -10.94
C GLU A 192 3.89 20.58 -12.13
N GLY A 193 3.43 20.90 -13.34
CA GLY A 193 3.65 20.03 -14.51
C GLY A 193 4.32 20.75 -15.64
N SER A 194 3.95 20.40 -16.87
CA SER A 194 4.56 20.95 -18.09
C SER A 194 3.55 20.93 -19.24
N VAL A 195 3.82 21.77 -20.22
CA VAL A 195 3.05 21.86 -21.48
C VAL A 195 4.03 21.69 -22.63
N ASP A 196 3.53 21.27 -23.78
CA ASP A 196 4.25 21.34 -25.07
C ASP A 196 4.11 22.77 -25.60
N SER A 197 5.20 23.54 -25.61
CA SER A 197 5.21 24.96 -26.01
C SER A 197 4.73 25.12 -27.45
N GLY A 198 5.06 24.16 -28.33
CA GLY A 198 4.66 24.17 -29.75
C GLY A 198 3.16 23.98 -29.89
N ILE A 199 2.60 23.00 -29.19
CA ILE A 199 1.13 22.71 -29.19
C ILE A 199 0.41 23.88 -28.52
N LEU A 200 0.98 24.49 -27.47
CA LEU A 200 0.39 25.70 -26.85
C LEU A 200 0.31 26.85 -27.86
N LEU A 201 1.40 27.13 -28.60
CA LEU A 201 1.41 28.24 -29.58
C LEU A 201 0.36 27.98 -30.67
N ALA A 202 0.25 26.74 -31.17
CA ALA A 202 -0.73 26.34 -32.21
C ALA A 202 -2.15 26.53 -31.67
N ALA A 203 -2.40 26.13 -30.42
CA ALA A 203 -3.73 26.24 -29.75
C ALA A 203 -4.08 27.71 -29.54
N LEU A 204 -3.10 28.55 -29.18
CA LEU A 204 -3.32 30.00 -28.98
C LEU A 204 -3.68 30.65 -30.32
N GLU A 205 -2.94 30.35 -31.39
CA GLU A 205 -3.20 30.93 -32.74
C GLU A 205 -4.62 30.55 -33.19
N ARG A 206 -4.96 29.26 -33.08
CA ARG A 206 -6.28 28.70 -33.50
C ARG A 206 -7.38 29.36 -32.67
N SER A 207 -7.19 29.50 -31.36
CA SER A 207 -8.17 30.09 -30.42
C SER A 207 -8.33 31.58 -30.72
N PHE A 208 -7.23 32.26 -31.10
CA PHE A 208 -7.24 33.69 -31.47
C PHE A 208 -8.13 33.87 -32.70
N LEU A 209 -7.92 33.06 -33.74
CA LEU A 209 -8.68 33.12 -35.01
C LEU A 209 -10.15 32.82 -34.73
N GLN A 210 -10.44 31.80 -33.91
CA GLN A 210 -11.83 31.37 -33.61
C GLN A 210 -12.59 32.53 -32.96
N ALA A 211 -11.92 33.38 -32.18
CA ALA A 211 -12.53 34.50 -31.43
C ALA A 211 -12.53 35.78 -32.27
N GLY A 212 -12.12 35.71 -33.53
CA GLY A 212 -12.22 36.81 -34.51
C GLY A 212 -10.96 37.66 -34.57
N GLY A 213 -9.86 37.19 -33.98
CA GLY A 213 -8.56 37.90 -34.09
C GLY A 213 -8.01 37.75 -35.49
N ARG A 214 -7.20 38.70 -35.95
CA ARG A 214 -6.52 38.55 -37.27
C ARG A 214 -5.00 38.52 -37.06
N LEU A 215 -4.34 37.53 -37.68
CA LEU A 215 -2.86 37.39 -37.67
C LEU A 215 -2.30 38.08 -38.92
N HIS A 216 -1.43 39.07 -38.73
CA HIS A 216 -0.77 39.81 -39.82
C HIS A 216 0.73 39.53 -39.72
N PRO A 217 1.28 38.63 -40.57
CA PRO A 217 2.65 38.13 -40.42
C PRO A 217 3.72 39.12 -40.89
N VAL A 218 3.76 40.29 -40.26
CA VAL A 218 4.80 41.33 -40.45
C VAL A 218 5.26 41.75 -39.05
N ASP A 219 6.38 42.47 -38.99
CA ASP A 219 6.93 43.01 -37.72
C ASP A 219 6.61 44.51 -37.66
N ALA A 220 6.33 45.01 -36.46
CA ALA A 220 6.33 46.46 -36.16
C ALA A 220 7.75 46.99 -36.33
N THR A 221 7.93 48.12 -37.01
CA THR A 221 9.21 48.86 -37.07
C THR A 221 9.15 50.05 -36.12
N GLU A 222 7.98 50.66 -35.97
CA GLU A 222 7.83 51.95 -35.23
C GLU A 222 6.41 52.03 -34.64
N ILE A 223 6.32 52.44 -33.38
CA ILE A 223 5.02 52.84 -32.75
C ILE A 223 4.86 54.34 -32.99
N ARG A 224 3.73 54.74 -33.57
CA ARG A 224 3.45 56.17 -33.88
C ARG A 224 2.54 56.70 -32.77
N ALA A 225 2.93 57.83 -32.19
CA ALA A 225 2.17 58.54 -31.14
C ALA A 225 2.37 60.05 -31.30
N SER A 226 1.36 60.82 -30.91
CA SER A 226 1.44 62.30 -30.74
C SER A 226 0.26 62.75 -29.87
N HIS A 227 0.36 63.93 -29.26
CA HIS A 227 -0.61 64.45 -28.28
C HIS A 227 -0.83 63.35 -27.22
N GLY A 228 0.26 62.72 -26.78
CA GLY A 228 0.37 61.74 -25.67
C GLY A 228 -0.54 60.53 -25.84
N ARG A 229 -0.74 60.07 -27.07
CA ARG A 229 -1.68 58.94 -27.38
C ARG A 229 -1.12 58.15 -28.56
N VAL A 230 -1.33 56.83 -28.57
CA VAL A 230 -0.91 55.97 -29.72
C VAL A 230 -1.85 56.24 -30.90
N GLU A 231 -1.28 56.27 -32.10
CA GLU A 231 -2.00 56.40 -33.40
C GLU A 231 -1.97 55.05 -34.14
N GLY A 232 -0.90 54.27 -33.95
CA GLY A 232 -0.78 52.92 -34.54
C GLY A 232 0.67 52.51 -34.74
N VAL A 233 0.91 51.63 -35.71
CA VAL A 233 2.20 50.93 -35.92
C VAL A 233 2.59 50.99 -37.40
N VAL A 234 3.82 51.41 -37.69
CA VAL A 234 4.48 51.22 -39.01
C VAL A 234 5.04 49.80 -39.01
N THR A 235 4.78 49.03 -40.07
CA THR A 235 5.24 47.62 -40.20
C THR A 235 6.43 47.59 -41.17
N ASP A 236 7.15 46.46 -41.22
CA ASP A 236 8.44 46.34 -41.95
C ASP A 236 8.17 46.07 -43.45
N ASP A 237 6.90 46.03 -43.87
CA ASP A 237 6.49 46.02 -45.30
C ASP A 237 6.17 47.47 -45.74
N GLY A 238 6.40 48.47 -44.88
CA GLY A 238 6.24 49.90 -45.18
C GLY A 238 4.84 50.43 -44.90
N ASP A 239 3.93 49.56 -44.49
CA ASP A 239 2.49 49.89 -44.27
C ASP A 239 2.34 50.64 -42.93
N PHE A 240 1.19 51.29 -42.73
CA PHE A 240 0.77 51.87 -41.43
C PHE A 240 -0.59 51.31 -41.02
N LEU A 241 -0.66 50.70 -39.84
CA LEU A 241 -1.90 50.15 -39.24
C LEU A 241 -2.35 51.08 -38.12
N PRO A 242 -3.55 51.71 -38.22
CA PRO A 242 -4.04 52.58 -37.14
C PRO A 242 -4.57 51.76 -35.96
N ALA A 243 -4.48 52.31 -34.74
CA ALA A 243 -5.01 51.67 -33.52
C ALA A 243 -5.21 52.70 -32.40
N GLY A 244 -6.21 52.45 -31.55
CA GLY A 244 -6.42 53.14 -30.27
C GLY A 244 -5.57 52.53 -29.16
N HIS A 245 -5.22 51.25 -29.29
CA HIS A 245 -4.43 50.48 -28.29
C HIS A 245 -3.30 49.69 -28.99
N VAL A 246 -2.07 49.82 -28.48
CA VAL A 246 -0.91 48.98 -28.91
C VAL A 246 -0.37 48.29 -27.65
N VAL A 247 -0.36 46.95 -27.67
CA VAL A 247 0.20 46.09 -26.60
C VAL A 247 1.53 45.54 -27.11
N VAL A 248 2.64 45.94 -26.48
CA VAL A 248 4.00 45.47 -26.87
C VAL A 248 4.31 44.22 -26.06
N ALA A 249 4.42 43.09 -26.75
CA ALA A 249 4.81 41.78 -26.18
C ALA A 249 5.78 41.11 -27.17
N ALA A 250 6.84 41.83 -27.50
CA ALA A 250 7.84 41.47 -28.54
C ALA A 250 9.05 40.82 -27.88
N GLY A 251 8.87 40.19 -26.73
CA GLY A 251 9.97 39.53 -26.00
C GLY A 251 11.12 40.50 -25.76
N ALA A 252 12.35 40.05 -26.01
CA ALA A 252 13.57 40.84 -25.73
C ALA A 252 13.65 42.10 -26.58
N ARG A 253 12.78 42.27 -27.59
CA ARG A 253 12.78 43.47 -28.48
C ARG A 253 11.85 44.56 -27.93
N SER A 254 11.12 44.30 -26.86
CA SER A 254 9.97 45.12 -26.39
C SER A 254 10.41 46.54 -26.01
N GLN A 255 11.47 46.70 -25.20
CA GLN A 255 11.89 48.04 -24.73
C GLN A 255 12.53 48.82 -25.89
N ARG A 256 13.33 48.14 -26.72
CA ARG A 256 14.00 48.79 -27.88
C ARG A 256 12.93 49.42 -28.77
N LEU A 257 11.76 48.78 -28.90
CA LEU A 257 10.64 49.29 -29.76
C LEU A 257 10.05 50.57 -29.16
N VAL A 258 9.76 50.59 -27.85
CA VAL A 258 9.09 51.73 -27.17
C VAL A 258 10.10 52.85 -26.88
N ALA A 259 11.39 52.55 -26.77
CA ALA A 259 12.46 53.49 -26.34
C ALA A 259 12.62 54.64 -27.35
N ALA A 260 12.13 54.47 -28.58
CA ALA A 260 12.15 55.51 -29.64
C ALA A 260 11.22 56.70 -29.29
N LEU A 261 10.18 56.48 -28.49
CA LEU A 261 9.19 57.53 -28.11
C LEU A 261 9.80 58.47 -27.08
N PRO A 262 9.37 59.76 -27.05
CA PRO A 262 10.04 60.79 -26.25
C PRO A 262 10.14 60.46 -24.75
N GLY A 263 11.35 60.53 -24.18
CA GLY A 263 11.62 60.30 -22.75
C GLY A 263 11.78 58.82 -22.40
N LEU A 264 11.19 57.91 -23.18
CA LEU A 264 10.94 56.51 -22.77
C LEU A 264 12.25 55.70 -22.73
N ALA A 265 13.32 56.16 -23.40
CA ALA A 265 14.65 55.51 -23.39
C ALA A 265 15.12 55.34 -21.94
N HIS A 266 14.77 56.26 -21.04
CA HIS A 266 15.27 56.24 -19.63
C HIS A 266 14.10 56.05 -18.65
N ARG A 267 12.89 55.73 -19.13
CA ARG A 267 11.69 55.54 -18.29
C ARG A 267 11.16 54.11 -18.39
N ILE A 268 11.54 53.37 -19.44
CA ILE A 268 11.21 51.92 -19.59
C ILE A 268 12.51 51.14 -19.38
N PRO A 269 12.63 50.35 -18.29
CA PRO A 269 13.84 49.57 -18.05
C PRO A 269 14.23 48.75 -19.28
N ARG A 270 15.51 48.76 -19.61
CA ARG A 270 16.06 47.94 -20.71
C ARG A 270 15.75 46.45 -20.48
N ILE A 271 15.57 45.73 -21.59
CA ILE A 271 15.36 44.27 -21.62
C ILE A 271 16.44 43.72 -22.56
N TYR A 272 17.23 42.78 -22.06
CA TYR A 272 18.32 42.15 -22.82
C TYR A 272 17.89 40.73 -23.20
N ASP A 273 18.74 40.05 -23.98
CA ASP A 273 18.50 38.66 -24.46
C ASP A 273 19.14 37.67 -23.49
N GLY A 274 18.32 36.96 -22.71
CA GLY A 274 18.74 35.79 -21.95
C GLY A 274 18.77 34.57 -22.88
N VAL A 275 19.85 34.45 -23.65
CA VAL A 275 19.93 33.45 -24.75
C VAL A 275 19.96 32.06 -24.10
N GLY A 276 19.02 31.22 -24.51
CA GLY A 276 18.82 29.90 -23.94
C GLY A 276 18.85 28.83 -25.01
N VAL A 277 19.56 27.74 -24.74
CA VAL A 277 19.67 26.60 -25.68
C VAL A 277 18.97 25.40 -25.05
N SER A 278 18.16 24.72 -25.85
CA SER A 278 17.45 23.48 -25.48
C SER A 278 17.55 22.50 -26.65
N ALA A 279 17.09 21.29 -26.46
CA ALA A 279 17.13 20.28 -27.54
C ALA A 279 15.94 19.34 -27.46
N LEU A 280 15.51 18.87 -28.64
CA LEU A 280 14.56 17.76 -28.76
C LEU A 280 15.36 16.51 -29.13
N VAL A 281 15.14 15.44 -28.38
CA VAL A 281 15.87 14.15 -28.49
C VAL A 281 14.84 13.05 -28.67
N ASP A 282 15.02 12.20 -29.69
CA ASP A 282 14.25 10.95 -29.85
C ASP A 282 14.94 9.87 -29.01
N THR A 283 14.30 9.42 -27.94
CA THR A 283 14.92 8.49 -26.96
C THR A 283 15.19 7.15 -27.65
N TRP A 284 16.27 6.49 -27.23
CA TRP A 284 16.77 5.19 -27.75
C TRP A 284 15.64 4.16 -27.84
N ASP A 285 14.68 4.16 -26.91
CA ASP A 285 13.61 3.14 -26.84
C ASP A 285 12.22 3.78 -26.93
N GLY A 286 12.13 5.07 -27.27
CA GLY A 286 10.85 5.79 -27.35
C GLY A 286 10.23 6.08 -26.00
N SER A 287 10.89 5.75 -24.89
CA SER A 287 10.41 6.00 -23.51
C SER A 287 10.65 7.46 -23.11
N GLY A 288 10.03 7.86 -22.00
CA GLY A 288 10.25 9.15 -21.34
C GLY A 288 9.75 9.05 -19.91
N PRO A 289 10.14 10.00 -19.02
CA PRO A 289 9.65 10.00 -17.65
C PRO A 289 8.19 10.50 -17.63
N ALA A 290 7.46 10.09 -16.61
CA ALA A 290 6.03 10.43 -16.39
C ALA A 290 5.94 11.85 -15.83
N THR A 291 7.02 12.35 -15.20
CA THR A 291 7.06 13.70 -14.58
C THR A 291 8.13 14.56 -15.24
N VAL A 292 8.02 15.86 -15.07
CA VAL A 292 9.18 16.77 -15.24
C VAL A 292 10.28 16.27 -14.31
N LEU A 293 11.52 16.32 -14.78
CA LEU A 293 12.73 16.10 -13.95
C LEU A 293 13.54 17.39 -14.01
N ARG A 294 13.91 17.94 -12.86
CA ARG A 294 14.68 19.22 -12.86
C ARG A 294 15.61 19.31 -11.65
N THR A 295 16.63 20.15 -11.80
CA THR A 295 17.38 20.73 -10.67
C THR A 295 16.73 22.09 -10.33
N SER A 296 17.10 22.65 -9.20
CA SER A 296 16.85 24.09 -8.92
C SER A 296 17.64 24.92 -9.92
N ASN A 297 17.34 26.21 -10.01
CA ASN A 297 18.03 27.18 -10.90
C ASN A 297 19.50 27.21 -10.50
N ARG A 298 20.38 27.26 -11.49
CA ARG A 298 21.84 27.07 -11.30
C ARG A 298 22.54 28.34 -11.77
N ALA A 299 23.85 28.28 -12.01
CA ALA A 299 24.72 29.45 -12.25
C ALA A 299 24.10 30.38 -13.30
N PHE A 300 23.91 31.64 -12.94
CA PHE A 300 23.41 32.71 -13.82
C PHE A 300 22.12 32.26 -14.53
N ALA A 301 21.22 31.64 -13.78
CA ALA A 301 19.84 31.30 -14.17
C ALA A 301 19.81 30.32 -15.35
N CYS A 302 20.84 29.50 -15.50
CA CYS A 302 20.69 28.24 -16.27
C CYS A 302 20.09 27.19 -15.34
N GLY A 303 19.90 25.99 -15.83
CA GLY A 303 19.33 24.88 -15.04
C GLY A 303 19.25 23.64 -15.90
N LEU A 304 18.99 22.51 -15.28
CA LEU A 304 18.91 21.25 -16.01
C LEU A 304 17.50 20.72 -15.82
N HIS A 305 16.84 20.36 -16.91
CA HIS A 305 15.49 19.77 -16.81
C HIS A 305 15.20 18.93 -18.05
N LEU A 306 14.29 17.99 -17.86
CA LEU A 306 13.72 17.19 -18.95
C LEU A 306 12.20 17.35 -18.86
N VAL A 307 11.59 17.79 -19.94
CA VAL A 307 10.12 17.95 -20.06
C VAL A 307 9.62 16.86 -20.99
N PRO A 308 8.69 16.00 -20.52
CA PRO A 308 8.10 14.97 -21.37
C PRO A 308 7.44 15.57 -22.61
N ARG A 309 7.52 14.85 -23.73
CA ARG A 309 6.78 15.18 -24.98
C ARG A 309 6.11 13.89 -25.47
N ALA A 310 5.11 14.01 -26.32
CA ALA A 310 4.42 12.86 -26.96
C ALA A 310 5.35 12.28 -28.05
N GLY A 311 5.13 11.01 -28.43
CA GLY A 311 5.70 10.43 -29.66
C GLY A 311 7.17 10.06 -29.57
N GLY A 312 7.67 9.67 -28.39
CA GLY A 312 9.04 9.15 -28.23
C GLY A 312 10.11 10.23 -28.26
N SER A 313 9.71 11.48 -28.07
CA SER A 313 10.60 12.67 -27.94
C SER A 313 10.69 13.07 -26.47
N VAL A 314 11.84 13.61 -26.05
CA VAL A 314 11.96 14.38 -24.78
C VAL A 314 12.56 15.75 -25.12
N TYR A 315 12.20 16.75 -24.33
CA TYR A 315 12.84 18.07 -24.35
C TYR A 315 13.86 18.10 -23.22
N ILE A 316 15.07 18.58 -23.51
CA ILE A 316 16.09 18.81 -22.46
C ILE A 316 16.50 20.28 -22.55
N GLY A 317 16.69 20.88 -21.40
CA GLY A 317 17.05 22.30 -21.29
C GLY A 317 17.73 22.55 -19.96
N ALA A 318 18.20 23.78 -19.73
CA ALA A 318 18.29 24.82 -20.73
C ALA A 318 19.40 25.78 -20.26
N THR A 319 20.25 26.22 -21.16
CA THR A 319 21.36 27.13 -20.83
C THR A 319 20.79 28.54 -20.70
N ASN A 320 21.58 29.45 -20.15
CA ASN A 320 21.21 30.88 -20.11
C ASN A 320 22.49 31.70 -20.14
N ALA A 321 22.51 32.72 -20.98
CA ALA A 321 23.59 33.72 -21.03
C ALA A 321 22.96 35.05 -21.41
N VAL A 322 23.05 36.03 -20.51
CA VAL A 322 22.56 37.39 -20.85
C VAL A 322 23.54 37.97 -21.86
N CYS A 323 23.03 38.37 -23.01
CA CYS A 323 23.83 38.97 -24.11
C CYS A 323 23.33 40.39 -24.36
N LEU A 324 24.25 41.33 -24.54
CA LEU A 324 23.90 42.76 -24.74
C LEU A 324 23.38 42.97 -26.16
N GLU A 325 23.62 42.02 -27.07
CA GLU A 325 23.03 41.99 -28.42
C GLU A 325 22.45 40.61 -28.66
N PRO A 326 21.38 40.49 -29.48
CA PRO A 326 20.73 39.21 -29.68
C PRO A 326 21.63 38.21 -30.40
N ARG A 327 21.38 36.93 -30.14
CA ARG A 327 22.09 35.81 -30.80
C ARG A 327 21.07 34.71 -31.04
N GLY A 328 21.00 34.19 -32.26
CA GLY A 328 19.98 33.21 -32.68
C GLY A 328 20.54 31.84 -32.94
N ALA A 329 21.83 31.60 -32.66
CA ALA A 329 22.48 30.28 -32.80
C ALA A 329 23.14 29.90 -31.48
N ALA A 330 23.12 28.61 -31.15
CA ALA A 330 23.78 28.04 -29.97
C ALA A 330 25.28 28.15 -30.17
N SER A 331 26.01 28.39 -29.09
CA SER A 331 27.48 28.21 -29.09
C SER A 331 27.75 26.70 -28.95
N ILE A 332 28.92 26.27 -29.40
CA ILE A 332 29.38 24.87 -29.18
C ILE A 332 29.34 24.60 -27.68
N GLU A 333 29.86 25.52 -26.88
CA GLU A 333 29.94 25.39 -25.39
C GLU A 333 28.57 25.07 -24.80
N GLU A 334 27.54 25.79 -25.22
CA GLU A 334 26.15 25.63 -24.71
C GLU A 334 25.64 24.22 -25.03
N THR A 335 25.86 23.76 -26.25
CA THR A 335 25.38 22.43 -26.69
C THR A 335 26.09 21.35 -25.86
N VAL A 336 27.42 21.42 -25.75
CA VAL A 336 28.21 20.40 -25.01
C VAL A 336 27.74 20.39 -23.56
N PHE A 337 27.60 21.56 -22.93
CA PHE A 337 27.23 21.66 -21.50
C PHE A 337 25.86 21.00 -21.28
N LEU A 338 24.85 21.40 -22.07
CA LEU A 338 23.47 20.88 -21.91
C LEU A 338 23.50 19.34 -22.06
N PHE A 339 24.12 18.86 -23.13
CA PHE A 339 24.14 17.40 -23.44
C PHE A 339 24.87 16.65 -22.33
N ASN A 340 26.01 17.18 -21.90
CA ASN A 340 26.84 16.51 -20.87
C ASN A 340 26.06 16.40 -19.57
N CYS A 341 25.39 17.46 -19.14
CA CYS A 341 24.58 17.48 -17.90
C CYS A 341 23.45 16.46 -17.99
N ALA A 342 22.71 16.44 -19.09
CA ALA A 342 21.49 15.59 -19.26
C ALA A 342 21.92 14.12 -19.25
N THR A 343 22.97 13.78 -19.98
CA THR A 343 23.42 12.37 -20.15
C THR A 343 23.95 11.83 -18.82
N HIS A 344 24.63 12.65 -18.01
CA HIS A 344 25.24 12.21 -16.74
C HIS A 344 24.22 12.23 -15.60
N GLN A 345 23.45 13.32 -15.49
CA GLN A 345 22.65 13.60 -14.27
C GLN A 345 21.23 13.04 -14.41
N LEU A 346 20.74 12.84 -15.63
CA LEU A 346 19.33 12.38 -15.84
C LEU A 346 19.29 10.96 -16.38
N HIS A 347 19.85 10.71 -17.56
CA HIS A 347 19.74 9.36 -18.19
C HIS A 347 20.87 9.14 -19.20
N ARG A 348 21.73 8.19 -18.93
CA ARG A 348 22.86 7.82 -19.81
C ARG A 348 22.35 7.30 -21.16
N GLY A 349 21.12 6.78 -21.22
CA GLY A 349 20.45 6.37 -22.45
C GLY A 349 20.33 7.51 -23.46
N LEU A 350 20.28 8.76 -22.99
CA LEU A 350 20.23 9.93 -23.90
C LEU A 350 21.50 10.01 -24.73
N ASN A 351 22.62 9.44 -24.27
CA ASN A 351 23.92 9.51 -24.98
C ASN A 351 23.77 8.86 -26.37
N GLY A 352 23.09 7.71 -26.45
CA GLY A 352 22.89 6.96 -27.70
C GLY A 352 21.61 7.35 -28.40
N SER A 353 20.90 8.36 -27.89
CA SER A 353 19.63 8.85 -28.47
C SER A 353 19.93 9.83 -29.59
N GLU A 354 18.99 9.97 -30.52
CA GLU A 354 19.15 10.81 -31.73
C GLU A 354 18.76 12.25 -31.40
N LEU A 355 19.64 13.18 -31.73
CA LEU A 355 19.39 14.63 -31.69
C LEU A 355 18.46 15.00 -32.84
N ARG A 356 17.27 15.51 -32.53
CA ARG A 356 16.31 15.97 -33.56
C ARG A 356 16.50 17.46 -33.84
N LYS A 357 16.69 18.28 -32.80
CA LYS A 357 16.73 19.75 -33.00
C LYS A 357 17.45 20.40 -31.83
N VAL A 358 18.36 21.32 -32.13
CA VAL A 358 18.91 22.29 -31.16
C VAL A 358 18.08 23.56 -31.33
N GLN A 359 17.49 24.04 -30.23
CA GLN A 359 16.60 25.23 -30.21
C GLN A 359 17.32 26.34 -29.45
N VAL A 360 17.12 27.57 -29.91
CA VAL A 360 17.69 28.79 -29.29
C VAL A 360 16.58 29.84 -29.22
N GLY A 361 16.40 30.44 -28.05
CA GLY A 361 15.46 31.57 -27.86
C GLY A 361 16.00 32.55 -26.85
N SER A 362 15.44 33.77 -26.83
CA SER A 362 15.88 34.86 -25.94
C SER A 362 14.87 35.08 -24.82
N ARG A 363 15.19 34.66 -23.60
CA ARG A 363 14.42 35.02 -22.39
C ARG A 363 14.50 36.55 -22.28
N PRO A 364 13.36 37.27 -22.20
CA PRO A 364 13.41 38.72 -22.02
C PRO A 364 13.95 39.04 -20.62
N ALA A 365 15.18 39.55 -20.55
CA ALA A 365 15.97 39.74 -19.31
C ALA A 365 15.92 41.20 -18.88
N PRO A 366 15.05 41.59 -17.94
CA PRO A 366 14.96 43.00 -17.52
C PRO A 366 16.21 43.41 -16.74
N ILE A 367 16.73 44.60 -17.00
CA ILE A 367 18.00 45.11 -16.41
C ILE A 367 17.87 45.24 -14.88
N ASP A 368 16.66 45.38 -14.33
CA ASP A 368 16.44 45.55 -12.87
C ASP A 368 15.88 44.27 -12.27
N GLY A 369 15.72 43.21 -13.07
CA GLY A 369 15.44 41.85 -12.56
C GLY A 369 13.96 41.54 -12.44
N PHE A 370 13.07 42.46 -12.83
CA PHE A 370 11.61 42.26 -12.66
C PHE A 370 10.86 42.59 -13.93
N PRO A 371 9.70 41.94 -14.14
CA PRO A 371 8.92 42.10 -15.36
C PRO A 371 8.39 43.54 -15.56
N LEU A 372 7.99 43.81 -16.79
CA LEU A 372 7.39 45.08 -17.25
C LEU A 372 5.97 44.78 -17.74
N ILE A 373 4.97 45.03 -16.89
CA ILE A 373 3.56 44.58 -17.12
C ILE A 373 2.62 45.76 -16.82
N GLY A 374 1.94 46.27 -17.84
CA GLY A 374 0.81 47.19 -17.65
C GLY A 374 0.93 48.43 -18.52
N GLY A 375 0.43 49.55 -18.02
CA GLY A 375 0.23 50.77 -18.81
C GLY A 375 1.45 51.66 -18.77
N THR A 376 1.38 52.74 -19.54
CA THR A 376 2.49 53.65 -19.92
C THR A 376 1.96 55.08 -19.74
N SER A 377 2.81 56.10 -19.83
CA SER A 377 2.44 57.53 -19.85
C SER A 377 1.80 57.91 -21.21
N VAL A 378 1.92 57.04 -22.22
CA VAL A 378 1.25 57.20 -23.55
C VAL A 378 -0.08 56.48 -23.51
N GLU A 379 -1.19 57.22 -23.73
CA GLU A 379 -2.56 56.65 -23.72
C GLU A 379 -2.64 55.56 -24.79
N GLY A 380 -3.18 54.39 -24.44
CA GLY A 380 -3.36 53.24 -25.33
C GLY A 380 -2.11 52.39 -25.52
N LEU A 381 -0.97 52.75 -24.90
CA LEU A 381 0.30 51.97 -25.03
C LEU A 381 0.48 51.10 -23.78
N TRP A 382 0.61 49.79 -23.99
CA TRP A 382 0.72 48.75 -22.95
C TRP A 382 1.97 47.89 -23.24
N MET A 383 2.54 47.30 -22.19
CA MET A 383 3.71 46.37 -22.30
C MET A 383 3.42 45.11 -21.50
N LEU A 384 3.82 43.97 -22.05
CA LEU A 384 3.86 42.66 -21.36
C LEU A 384 5.20 42.01 -21.74
N SER A 385 6.23 42.16 -20.89
CA SER A 385 7.60 41.67 -21.21
C SER A 385 8.47 41.59 -19.96
N GLY A 386 9.76 41.27 -20.18
CA GLY A 386 10.78 41.14 -19.12
C GLY A 386 10.49 40.00 -18.16
N THR A 387 9.88 38.92 -18.63
CA THR A 387 9.44 37.79 -17.77
C THR A 387 10.56 36.73 -17.61
N TYR A 388 11.67 36.85 -18.34
CA TYR A 388 12.90 36.00 -18.13
C TYR A 388 12.53 34.52 -18.20
N ARG A 389 12.56 33.79 -17.09
CA ARG A 389 12.43 32.30 -17.07
C ARG A 389 10.97 31.84 -16.97
N ASP A 390 9.99 32.72 -16.68
CA ASP A 390 8.66 32.19 -16.26
C ASP A 390 7.48 33.03 -16.77
N GLY A 391 7.63 33.75 -17.89
CA GLY A 391 6.51 34.41 -18.58
C GLY A 391 5.50 33.41 -19.12
N LEU A 392 5.97 32.29 -19.70
CA LEU A 392 5.05 31.26 -20.25
C LEU A 392 4.19 30.73 -19.10
N HIS A 393 4.78 30.35 -17.97
CA HIS A 393 4.02 29.88 -16.79
C HIS A 393 3.01 30.97 -16.36
N MET A 394 3.42 32.23 -16.30
CA MET A 394 2.58 33.30 -15.73
C MET A 394 1.54 33.81 -16.75
N SER A 395 1.63 33.38 -18.01
CA SER A 395 0.93 33.98 -19.18
C SER A 395 -0.56 34.13 -18.93
N PRO A 396 -1.35 33.14 -18.44
CA PRO A 396 -2.79 33.36 -18.32
C PRO A 396 -3.11 34.47 -17.30
N LEU A 397 -2.34 34.54 -16.23
CA LEU A 397 -2.50 35.59 -15.18
C LEU A 397 -2.12 36.96 -15.75
N LEU A 398 -0.96 37.05 -16.40
CA LEU A 398 -0.45 38.32 -16.97
C LEU A 398 -1.43 38.85 -18.03
N ALA A 399 -1.93 37.97 -18.89
CA ALA A 399 -2.87 38.30 -19.99
C ALA A 399 -4.14 38.90 -19.38
N ARG A 400 -4.71 38.22 -18.38
CA ARG A 400 -5.98 38.63 -17.72
C ARG A 400 -5.76 39.97 -17.03
N HIS A 401 -4.59 40.19 -16.43
CA HIS A 401 -4.24 41.46 -15.76
C HIS A 401 -4.28 42.61 -16.76
N VAL A 402 -3.57 42.50 -17.88
CA VAL A 402 -3.44 43.61 -18.85
C VAL A 402 -4.81 43.88 -19.50
N VAL A 403 -5.58 42.82 -19.80
CA VAL A 403 -6.91 42.96 -20.44
C VAL A 403 -7.87 43.67 -19.47
N SER A 404 -7.85 43.31 -18.20
CA SER A 404 -8.61 44.01 -17.12
C SER A 404 -8.25 45.49 -17.12
N LEU A 405 -6.95 45.83 -17.12
CA LEU A 405 -6.49 47.25 -17.13
C LEU A 405 -7.03 47.97 -18.36
N MET A 406 -7.00 47.32 -19.53
CA MET A 406 -7.45 47.92 -20.81
C MET A 406 -8.96 48.20 -20.76
N ASP A 407 -9.71 47.42 -19.98
CA ASP A 407 -11.18 47.54 -19.79
C ASP A 407 -11.51 48.49 -18.64
N GLY A 408 -10.52 49.18 -18.06
CA GLY A 408 -10.70 50.11 -16.93
C GLY A 408 -10.76 49.41 -15.58
N GLY A 409 -10.44 48.12 -15.53
CA GLY A 409 -10.37 47.33 -14.28
C GLY A 409 -9.06 47.58 -13.54
N THR A 410 -8.84 46.88 -12.44
CA THR A 410 -7.59 46.96 -11.62
C THR A 410 -6.78 45.67 -11.78
N GLY A 411 -7.27 44.72 -12.57
CA GLY A 411 -6.60 43.43 -12.83
C GLY A 411 -6.23 42.70 -11.55
N VAL A 412 -4.98 42.22 -11.46
CA VAL A 412 -4.48 41.35 -10.36
C VAL A 412 -3.76 42.23 -9.35
N ASP A 413 -4.13 42.12 -8.07
CA ASP A 413 -3.42 42.80 -6.95
C ASP A 413 -1.95 42.34 -6.95
N GLY A 414 -1.01 43.25 -6.79
CA GLY A 414 0.41 42.91 -6.58
C GLY A 414 1.24 43.01 -7.85
N LEU A 415 0.63 43.28 -9.01
CA LEU A 415 1.36 43.45 -10.29
C LEU A 415 1.67 44.92 -10.57
N ARG A 416 1.11 45.83 -9.76
CA ARG A 416 1.34 47.30 -9.85
C ARG A 416 2.81 47.64 -9.69
N GLU A 417 3.54 46.93 -8.82
CA GLU A 417 4.99 47.15 -8.57
C GLU A 417 5.80 46.94 -9.85
N PHE A 418 5.27 46.18 -10.82
CA PHE A 418 6.00 45.74 -12.04
C PHE A 418 5.51 46.52 -13.26
N ARG A 419 4.86 47.67 -13.02
CA ARG A 419 4.47 48.65 -14.06
C ARG A 419 5.70 48.97 -14.90
N PRO A 420 5.55 49.05 -16.25
CA PRO A 420 6.71 49.15 -17.13
C PRO A 420 7.45 50.47 -17.11
N GLU A 421 6.76 51.55 -16.78
CA GLU A 421 7.34 52.92 -16.78
C GLU A 421 7.74 53.23 -15.33
N ARG A 422 9.02 53.12 -15.04
CA ARG A 422 9.51 53.13 -13.64
C ARG A 422 11.00 53.46 -13.64
N ASP A 423 11.45 54.04 -12.52
CA ASP A 423 12.85 54.02 -12.12
C ASP A 423 13.27 52.53 -12.04
N LEU A 424 14.54 52.23 -12.32
CA LEU A 424 15.07 50.86 -12.10
C LEU A 424 14.83 50.45 -10.65
N ILE A 425 14.30 49.26 -10.45
CA ILE A 425 14.15 48.65 -9.10
C ILE A 425 15.55 48.32 -8.56
N SER A 426 15.77 48.54 -7.27
CA SER A 426 16.97 48.07 -6.52
C SER A 426 16.51 47.04 -5.49
N ALA A 427 16.33 45.80 -5.90
CA ALA A 427 15.70 44.73 -5.07
C ALA A 427 16.72 44.15 -4.08
N TRP A 428 18.02 44.38 -4.30
CA TRP A 428 19.12 43.85 -3.45
C TRP A 428 20.17 44.93 -3.20
N SER A 429 20.85 44.85 -2.05
CA SER A 429 22.07 45.64 -1.76
C SER A 429 23.17 45.26 -2.75
N ARG A 430 24.08 46.19 -3.02
CA ARG A 430 25.30 45.95 -3.83
C ARG A 430 26.09 44.79 -3.21
N GLU A 431 26.16 44.73 -1.88
CA GLU A 431 26.88 43.66 -1.13
C GLU A 431 26.25 42.29 -1.44
N GLU A 432 24.92 42.18 -1.38
CA GLU A 432 24.19 40.91 -1.68
C GLU A 432 24.54 40.46 -3.10
N ILE A 433 24.50 41.38 -4.05
CA ILE A 433 24.74 41.08 -5.49
C ILE A 433 26.20 40.65 -5.68
N LEU A 434 27.14 41.33 -5.03
CA LEU A 434 28.58 40.99 -5.16
C LEU A 434 28.83 39.59 -4.56
N ASP A 435 28.22 39.25 -3.43
CA ASP A 435 28.29 37.87 -2.87
C ASP A 435 27.74 36.89 -3.92
N ASP A 436 26.60 37.22 -4.51
CA ASP A 436 25.87 36.35 -5.48
C ASP A 436 26.75 36.14 -6.73
N VAL A 437 27.32 37.19 -7.31
CA VAL A 437 28.02 37.09 -8.61
C VAL A 437 29.26 36.21 -8.46
N VAL A 438 29.97 36.30 -7.32
CA VAL A 438 31.18 35.47 -7.08
C VAL A 438 30.75 34.00 -6.92
N ARG A 439 29.70 33.76 -6.14
CA ARG A 439 29.15 32.41 -5.91
C ARG A 439 28.71 31.78 -7.24
N HIS A 440 28.01 32.54 -8.09
CA HIS A 440 27.53 32.06 -9.42
C HIS A 440 28.73 31.81 -10.34
N THR A 441 29.75 32.67 -10.30
CA THR A 441 30.98 32.46 -11.10
C THR A 441 31.61 31.12 -10.71
N MET A 442 31.78 30.88 -9.41
CA MET A 442 32.37 29.62 -8.90
C MET A 442 31.48 28.44 -9.31
N ALA A 443 30.16 28.62 -9.28
CA ALA A 443 29.20 27.56 -9.64
C ALA A 443 29.40 27.12 -11.11
N THR A 444 29.86 27.99 -12.02
CA THR A 444 30.11 27.59 -13.42
C THR A 444 31.22 26.52 -13.43
N GLY A 445 32.12 26.54 -12.47
CA GLY A 445 33.17 25.50 -12.33
C GLY A 445 32.59 24.22 -11.81
N TYR A 446 31.90 24.26 -10.68
CA TYR A 446 31.35 23.07 -10.01
C TYR A 446 30.30 22.39 -10.88
N GLU A 447 29.60 23.12 -11.75
CA GLU A 447 28.52 22.54 -12.57
C GLU A 447 29.10 21.83 -13.82
N PHE A 448 30.35 22.12 -14.17
CA PHE A 448 30.99 21.63 -15.42
C PHE A 448 30.98 20.09 -15.48
N PRO A 449 31.42 19.32 -14.45
CA PRO A 449 32.10 19.79 -13.27
C PRO A 449 33.61 19.79 -13.55
N TRP A 450 34.32 20.77 -13.01
CA TRP A 450 35.79 20.83 -13.17
C TRP A 450 36.46 19.83 -12.23
N ARG A 451 37.74 19.60 -12.48
CA ARG A 451 38.65 18.89 -11.56
C ARG A 451 39.91 19.72 -11.45
N LEU A 452 40.16 20.25 -10.25
CA LEU A 452 41.22 21.26 -10.00
C LEU A 452 41.98 20.87 -8.73
N PRO A 453 43.20 21.40 -8.53
CA PRO A 453 43.88 21.27 -7.25
C PRO A 453 42.98 21.88 -6.16
N LEU A 454 43.03 21.30 -4.98
CA LEU A 454 42.03 21.61 -3.93
C LEU A 454 42.13 23.04 -3.41
N GLU A 455 43.28 23.72 -3.57
CA GLU A 455 43.49 25.11 -3.08
C GLU A 455 43.02 26.13 -4.13
N TRP A 456 42.82 25.71 -5.37
CA TRP A 456 42.55 26.65 -6.48
C TRP A 456 41.23 27.39 -6.27
N PRO A 457 40.11 26.69 -5.94
CA PRO A 457 38.84 27.40 -5.77
C PRO A 457 38.88 28.55 -4.77
N HIS A 458 39.46 28.35 -3.59
CA HIS A 458 39.57 29.42 -2.56
C HIS A 458 40.37 30.59 -3.15
N MET A 459 41.47 30.31 -3.85
CA MET A 459 42.29 31.37 -4.47
C MET A 459 41.43 32.15 -5.49
N MET A 460 40.72 31.44 -6.37
N MET A 460 40.71 31.44 -6.36
CA MET A 460 39.87 32.07 -7.42
CA MET A 460 39.88 32.10 -7.40
C MET A 460 38.81 32.95 -6.73
C MET A 460 38.80 32.96 -6.74
N GLU A 461 38.14 32.43 -5.70
CA GLU A 461 37.09 33.18 -4.94
C GLU A 461 37.68 34.50 -4.42
N THR A 462 38.85 34.44 -3.79
CA THR A 462 39.49 35.64 -3.21
C THR A 462 39.80 36.64 -4.33
N PHE A 463 40.27 36.18 -5.50
CA PHE A 463 40.70 37.08 -6.61
C PHE A 463 39.52 37.54 -7.48
N LEU A 464 38.34 36.95 -7.34
CA LEU A 464 37.13 37.40 -8.10
C LEU A 464 36.47 38.60 -7.42
N GLN A 465 36.59 38.72 -6.10
CA GLN A 465 35.82 39.72 -5.31
C GLN A 465 36.16 41.15 -5.76
N GLY A 466 37.45 41.46 -5.86
CA GLY A 466 37.98 42.80 -6.19
C GLY A 466 37.50 43.32 -7.54
N PRO A 467 37.74 42.57 -8.65
CA PRO A 467 37.27 43.01 -9.95
C PRO A 467 35.75 43.26 -10.07
N PHE A 468 34.92 42.43 -9.43
CA PHE A 468 33.45 42.63 -9.46
C PHE A 468 33.08 43.86 -8.62
N ALA A 469 33.70 44.05 -7.46
CA ALA A 469 33.48 45.22 -6.59
C ALA A 469 33.85 46.51 -7.35
N GLU A 470 34.95 46.48 -8.10
CA GLU A 470 35.45 47.62 -8.90
C GLU A 470 34.45 47.95 -10.02
N LEU A 471 33.94 46.92 -10.70
CA LEU A 471 32.96 47.10 -11.81
C LEU A 471 31.68 47.73 -11.24
N ALA A 472 31.13 47.17 -10.16
CA ALA A 472 29.86 47.64 -9.55
C ALA A 472 30.00 49.12 -9.16
N ASP A 473 31.15 49.50 -8.60
CA ASP A 473 31.39 50.88 -8.11
C ASP A 473 31.51 51.84 -9.29
N ARG A 474 32.08 51.38 -10.40
CA ARG A 474 32.31 52.15 -11.64
C ARG A 474 31.01 52.37 -12.41
N LEU A 475 30.07 51.41 -12.38
CA LEU A 475 28.87 51.45 -13.26
C LEU A 475 27.96 52.61 -12.83
N SER A 476 27.79 52.82 -11.54
CA SER A 476 26.78 53.75 -10.97
C SER A 476 26.97 53.86 -9.46
N ASP A 477 26.63 55.03 -8.88
CA ASP A 477 26.62 55.24 -7.41
C ASP A 477 25.29 54.77 -6.82
N THR A 478 24.28 54.46 -7.63
CA THR A 478 22.92 54.13 -7.11
C THR A 478 22.48 52.73 -7.59
N TYR A 479 22.64 52.41 -8.88
CA TYR A 479 22.12 51.15 -9.47
C TYR A 479 23.21 50.08 -9.47
N THR A 480 22.81 48.83 -9.19
CA THR A 480 23.65 47.61 -9.32
C THR A 480 22.91 46.60 -10.19
N PRO A 481 23.49 46.17 -11.33
CA PRO A 481 22.86 45.13 -12.14
C PRO A 481 22.82 43.83 -11.36
N PRO A 482 21.73 43.01 -11.50
CA PRO A 482 21.71 41.68 -10.90
C PRO A 482 22.86 40.84 -11.47
N ALA A 483 23.27 39.80 -10.75
CA ALA A 483 24.47 38.97 -11.05
C ALA A 483 24.48 38.54 -12.52
N ASP A 484 23.35 38.06 -13.05
CA ASP A 484 23.23 37.50 -14.43
C ASP A 484 23.65 38.58 -15.45
N LEU A 485 23.28 39.82 -15.20
CA LEU A 485 23.67 40.97 -16.07
C LEU A 485 25.08 41.42 -15.73
N MET A 486 25.45 41.46 -14.44
CA MET A 486 26.78 41.95 -14.02
C MET A 486 27.89 41.11 -14.69
N THR A 487 27.71 39.79 -14.77
CA THR A 487 28.74 38.92 -15.41
C THR A 487 28.81 39.27 -16.90
N ALA A 488 27.68 39.46 -17.58
CA ALA A 488 27.66 39.84 -19.01
C ALA A 488 28.42 41.16 -19.19
N ILE A 489 28.22 42.13 -18.29
CA ILE A 489 28.86 43.47 -18.42
C ILE A 489 30.37 43.32 -18.17
N MET A 490 30.76 42.53 -17.16
CA MET A 490 32.18 42.27 -16.82
C MET A 490 32.96 41.83 -18.08
N PHE A 491 32.38 40.96 -18.91
CA PHE A 491 33.08 40.35 -20.06
C PHE A 491 32.67 41.02 -21.38
N SER A 492 32.01 42.17 -21.33
CA SER A 492 31.64 42.95 -22.54
C SER A 492 32.80 43.90 -22.89
N GLU A 493 32.73 44.54 -24.06
CA GLU A 493 33.73 45.54 -24.53
C GLU A 493 33.66 46.80 -23.66
N ARG A 494 34.80 47.49 -23.53
CA ARG A 494 34.93 48.77 -22.80
C ARG A 494 33.83 49.74 -23.26
N GLU A 495 33.59 49.84 -24.56
CA GLU A 495 32.60 50.77 -25.18
C GLU A 495 31.20 50.40 -24.68
N GLN A 496 30.89 49.10 -24.56
CA GLN A 496 29.56 48.61 -24.09
C GLN A 496 29.38 48.95 -22.61
N GLN A 497 30.45 48.83 -21.82
CA GLN A 497 30.42 49.17 -20.37
C GLN A 497 30.18 50.67 -20.20
N ASP A 498 30.88 51.48 -21.00
CA ASP A 498 30.81 52.97 -20.96
C ASP A 498 29.39 53.41 -21.32
N GLU A 499 28.79 52.79 -22.34
CA GLU A 499 27.41 53.09 -22.80
C GLU A 499 26.44 52.78 -21.65
N LEU A 500 26.66 51.71 -20.88
CA LEU A 500 25.77 51.33 -19.75
C LEU A 500 25.96 52.36 -18.61
N ILE A 501 27.18 52.82 -18.38
CA ILE A 501 27.47 53.87 -17.35
C ILE A 501 26.63 55.11 -17.68
N ALA A 502 26.62 55.52 -18.96
CA ALA A 502 25.86 56.67 -19.50
C ALA A 502 24.35 56.41 -19.33
N TYR A 503 23.86 55.21 -19.69
CA TYR A 503 22.45 54.80 -19.53
C TYR A 503 22.03 54.98 -18.06
N TYR A 504 22.79 54.42 -17.12
CA TYR A 504 22.44 54.46 -15.68
C TYR A 504 22.40 55.93 -15.21
N ALA A 505 23.33 56.75 -15.69
CA ALA A 505 23.43 58.20 -15.34
C ALA A 505 22.19 58.94 -15.88
N ASP A 506 21.78 58.64 -17.11
CA ASP A 506 20.58 59.23 -17.78
C ASP A 506 19.31 58.79 -17.05
N VAL A 507 19.23 57.55 -16.57
CA VAL A 507 18.08 57.06 -15.77
C VAL A 507 18.03 57.84 -14.45
N HIS A 508 19.17 58.00 -13.78
CA HIS A 508 19.21 58.67 -12.44
C HIS A 508 18.71 60.11 -12.60
N ARG A 509 19.19 60.79 -13.64
CA ARG A 509 18.83 62.18 -14.03
C ARG A 509 17.32 62.27 -14.28
N GLU A 510 16.74 61.29 -14.97
CA GLU A 510 15.29 61.27 -15.31
C GLU A 510 14.45 61.17 -14.03
N TRP A 511 14.86 60.36 -13.06
CA TRP A 511 13.96 59.95 -11.94
C TRP A 511 14.32 60.66 -10.62
N HIS A 512 15.43 61.39 -10.56
CA HIS A 512 15.92 62.02 -9.30
C HIS A 512 16.26 63.50 -9.54
N GLN B 31 18.38 -0.40 -75.54
CA GLN B 31 18.78 1.01 -75.79
C GLN B 31 20.32 1.09 -75.76
N THR B 32 20.85 2.26 -76.12
CA THR B 32 22.22 2.72 -75.80
C THR B 32 22.17 3.80 -74.71
N ASP B 33 21.00 4.01 -74.11
CA ASP B 33 20.78 4.92 -72.95
C ASP B 33 21.58 4.43 -71.75
N VAL B 34 22.08 5.37 -70.94
CA VAL B 34 22.78 5.09 -69.66
C VAL B 34 21.96 5.69 -68.51
N ILE B 35 21.72 4.91 -67.47
CA ILE B 35 21.13 5.39 -66.18
C ILE B 35 22.22 5.30 -65.10
N VAL B 36 22.53 6.42 -64.45
CA VAL B 36 23.37 6.46 -63.22
C VAL B 36 22.41 6.50 -62.03
N VAL B 37 22.48 5.50 -61.15
CA VAL B 37 21.65 5.44 -59.93
C VAL B 37 22.47 6.03 -58.77
N GLY B 38 22.18 7.26 -58.38
CA GLY B 38 22.84 7.92 -57.24
C GLY B 38 23.41 9.26 -57.62
N ASN B 39 23.26 10.23 -56.71
CA ASN B 39 23.56 11.66 -56.99
C ASN B 39 24.52 12.20 -55.93
N GLY B 40 25.40 11.33 -55.40
CA GLY B 40 26.57 11.75 -54.64
C GLY B 40 27.71 12.09 -55.57
N VAL B 41 28.91 12.24 -55.01
CA VAL B 41 30.12 12.58 -55.80
C VAL B 41 30.39 11.49 -56.85
N LEU B 42 30.20 10.21 -56.51
CA LEU B 42 30.59 9.12 -57.46
C LEU B 42 29.60 9.07 -58.62
N GLY B 43 28.30 9.08 -58.35
CA GLY B 43 27.26 9.10 -59.42
C GLY B 43 27.44 10.28 -60.35
N LEU B 44 27.54 11.48 -59.80
CA LEU B 44 27.64 12.72 -60.60
C LEU B 44 28.97 12.74 -61.36
N SER B 45 30.06 12.27 -60.75
CA SER B 45 31.41 12.28 -61.38
C SER B 45 31.40 11.33 -62.58
N VAL B 46 30.84 10.14 -62.43
CA VAL B 46 30.74 9.14 -63.54
C VAL B 46 29.75 9.68 -64.57
N GLY B 47 28.64 10.30 -64.14
CA GLY B 47 27.65 10.95 -65.01
C GLY B 47 28.29 11.98 -65.92
N VAL B 48 29.07 12.89 -65.35
CA VAL B 48 29.80 13.96 -66.09
C VAL B 48 30.74 13.30 -67.11
N GLU B 49 31.52 12.31 -66.69
CA GLU B 49 32.53 11.66 -67.57
C GLU B 49 31.86 10.94 -68.73
N ILE B 50 30.76 10.24 -68.47
CA ILE B 50 29.96 9.52 -69.51
C ILE B 50 29.39 10.55 -70.49
N ALA B 51 28.68 11.55 -69.97
CA ALA B 51 28.02 12.61 -70.77
C ALA B 51 29.05 13.28 -71.68
N ARG B 52 30.23 13.62 -71.15
CA ARG B 52 31.28 14.37 -71.88
C ARG B 52 31.92 13.51 -72.97
N THR B 53 32.09 12.19 -72.75
CA THR B 53 32.90 11.32 -73.62
C THR B 53 31.99 10.58 -74.62
N ARG B 54 30.69 10.47 -74.36
CA ARG B 54 29.70 9.85 -75.27
C ARG B 54 28.56 10.83 -75.57
N PRO B 55 28.81 11.91 -76.36
CA PRO B 55 27.78 12.90 -76.66
C PRO B 55 26.60 12.31 -77.48
N ASP B 56 26.83 11.14 -78.08
CA ASP B 56 25.85 10.41 -78.92
C ASP B 56 24.79 9.72 -78.05
N VAL B 57 25.04 9.52 -76.74
CA VAL B 57 24.14 8.71 -75.86
C VAL B 57 23.42 9.63 -74.87
N ARG B 58 22.18 9.24 -74.51
CA ARG B 58 21.35 9.82 -73.43
C ARG B 58 21.80 9.25 -72.07
N VAL B 59 22.26 10.11 -71.17
CA VAL B 59 22.63 9.73 -69.77
C VAL B 59 21.67 10.43 -68.81
N THR B 60 20.95 9.65 -68.02
CA THR B 60 19.97 10.09 -66.99
C THR B 60 20.55 9.73 -65.61
N LEU B 61 20.56 10.68 -64.67
CA LEU B 61 21.08 10.46 -63.30
C LEU B 61 19.91 10.57 -62.32
N LEU B 62 19.74 9.52 -61.51
CA LEU B 62 18.64 9.37 -60.53
C LEU B 62 19.15 9.77 -59.14
N GLY B 63 18.23 10.20 -58.27
CA GLY B 63 18.52 10.67 -56.92
C GLY B 63 17.84 12.00 -56.66
N LYS B 64 17.54 12.27 -55.38
CA LYS B 64 16.68 13.39 -54.94
C LYS B 64 17.53 14.46 -54.26
N PRO B 65 17.10 15.74 -54.28
CA PRO B 65 17.85 16.81 -53.62
C PRO B 65 18.08 16.61 -52.12
N ALA B 66 17.21 15.88 -51.44
CA ALA B 66 17.32 15.56 -50.00
C ALA B 66 18.60 14.75 -49.73
N ARG B 67 19.07 13.97 -50.71
CA ARG B 67 20.29 13.11 -50.60
C ARG B 67 20.24 12.39 -49.25
N GLN B 68 19.21 11.57 -49.04
CA GLN B 68 19.02 10.83 -47.77
C GLN B 68 20.27 9.97 -47.52
N TYR B 69 20.81 10.05 -46.30
CA TYR B 69 22.01 9.32 -45.81
C TYR B 69 23.25 9.67 -46.61
N GLY B 70 23.21 10.74 -47.42
CA GLY B 70 24.29 11.09 -48.35
C GLY B 70 25.63 11.36 -47.65
N ALA B 71 26.67 10.60 -48.01
CA ALA B 71 28.03 10.82 -47.49
C ALA B 71 28.58 12.17 -47.96
N THR B 72 28.45 12.45 -49.26
CA THR B 72 29.17 13.58 -49.92
C THR B 72 28.81 14.92 -49.25
N PRO B 73 27.52 15.27 -49.05
CA PRO B 73 27.19 16.59 -48.49
C PRO B 73 27.64 16.74 -47.03
N ALA B 74 27.89 15.63 -46.32
CA ALA B 74 28.36 15.64 -44.91
C ALA B 74 29.89 15.73 -44.84
N ALA B 75 30.58 15.68 -45.98
CA ALA B 75 32.07 15.66 -46.09
C ALA B 75 32.60 17.10 -46.14
N GLY B 76 33.82 17.32 -45.68
CA GLY B 76 34.45 18.65 -45.57
C GLY B 76 34.66 19.34 -46.91
N ALA B 77 35.49 18.77 -47.79
CA ALA B 77 36.11 17.46 -47.63
C ALA B 77 37.61 17.59 -47.91
N MET B 78 38.40 16.72 -47.29
CA MET B 78 39.87 16.63 -47.51
C MET B 78 40.14 15.80 -48.77
N LEU B 79 41.05 16.26 -49.62
CA LEU B 79 41.63 15.45 -50.73
C LEU B 79 42.75 14.60 -50.12
N GLY B 80 42.33 13.64 -49.31
CA GLY B 80 43.16 12.86 -48.39
C GLY B 80 43.73 11.64 -49.11
N ALA B 81 45.05 11.66 -49.25
CA ALA B 81 45.90 10.55 -49.74
C ALA B 81 46.88 10.19 -48.60
N PHE B 82 47.89 11.01 -48.38
CA PHE B 82 48.92 10.80 -47.33
C PHE B 82 48.31 10.96 -45.92
N GLY B 83 47.36 11.88 -45.73
CA GLY B 83 46.67 12.07 -44.44
C GLY B 83 45.88 10.85 -44.02
N GLU B 84 45.46 10.02 -44.98
CA GLU B 84 44.65 8.79 -44.74
C GLU B 84 45.54 7.58 -44.44
N VAL B 85 46.86 7.73 -44.49
CA VAL B 85 47.80 6.60 -44.23
C VAL B 85 47.71 6.16 -42.78
N THR B 86 47.57 4.85 -42.56
CA THR B 86 47.74 4.19 -41.25
C THR B 86 48.77 3.06 -41.41
N ALA B 87 49.47 2.73 -40.32
CA ALA B 87 50.37 1.57 -40.25
C ALA B 87 49.60 0.32 -40.68
N HIS B 88 48.37 0.14 -40.18
CA HIS B 88 47.53 -1.06 -40.41
C HIS B 88 47.17 -1.20 -41.90
N ALA B 89 46.79 -0.11 -42.57
CA ALA B 89 46.46 -0.10 -44.02
C ALA B 89 47.68 -0.55 -44.84
N LEU B 90 48.84 0.07 -44.60
CA LEU B 90 50.08 -0.14 -45.39
C LEU B 90 50.77 -1.47 -45.01
N ALA B 91 50.30 -2.17 -43.99
CA ALA B 91 50.79 -3.52 -43.61
C ALA B 91 50.18 -4.58 -44.53
N SER B 92 49.11 -4.28 -45.27
CA SER B 92 48.43 -5.25 -46.18
C SER B 92 48.66 -4.89 -47.65
N GLU B 93 48.71 -5.89 -48.52
CA GLU B 93 48.92 -5.69 -49.98
C GLU B 93 47.74 -4.86 -50.51
N HIS B 94 46.51 -5.21 -50.13
CA HIS B 94 45.28 -4.51 -50.58
C HIS B 94 45.33 -3.04 -50.12
N GLY B 95 45.76 -2.79 -48.88
CA GLY B 95 45.90 -1.42 -48.35
C GLY B 95 46.92 -0.60 -49.12
N ARG B 96 48.06 -1.20 -49.47
CA ARG B 96 49.12 -0.52 -50.26
C ARG B 96 48.58 -0.17 -51.67
N LYS B 97 47.80 -1.07 -52.27
CA LYS B 97 47.18 -0.88 -53.62
C LYS B 97 46.20 0.31 -53.55
N LYS B 98 45.34 0.32 -52.52
CA LYS B 98 44.35 1.42 -52.30
C LYS B 98 45.12 2.73 -52.17
N HIS B 99 46.22 2.75 -51.42
CA HIS B 99 47.02 3.98 -51.18
C HIS B 99 47.61 4.51 -52.50
N ALA B 100 48.17 3.62 -53.33
CA ALA B 100 48.74 4.01 -54.65
C ALA B 100 47.66 4.77 -55.45
N LEU B 101 46.43 4.25 -55.46
CA LEU B 101 45.30 4.84 -56.22
C LEU B 101 44.96 6.24 -55.68
N ALA B 102 44.96 6.41 -54.36
CA ALA B 102 44.71 7.73 -53.72
C ALA B 102 45.78 8.71 -54.20
N VAL B 103 47.05 8.29 -54.26
CA VAL B 103 48.15 9.20 -54.69
C VAL B 103 47.94 9.57 -56.16
N GLN B 104 47.53 8.62 -56.99
CA GLN B 104 47.24 8.85 -58.44
C GLN B 104 46.08 9.84 -58.60
N ALA B 105 45.01 9.68 -57.82
CA ALA B 105 43.81 10.55 -57.88
C ALA B 105 44.19 12.03 -57.66
N GLN B 106 45.11 12.30 -56.73
CA GLN B 106 45.51 13.67 -56.34
C GLN B 106 45.98 14.46 -57.59
N ARG B 107 46.66 13.78 -58.52
CA ARG B 107 47.23 14.41 -59.74
C ARG B 107 46.09 14.92 -60.64
N LEU B 108 44.92 14.29 -60.62
CA LEU B 108 43.78 14.65 -61.51
C LEU B 108 43.01 15.88 -61.02
N TRP B 109 43.13 16.26 -59.75
CA TRP B 109 42.20 17.26 -59.13
C TRP B 109 42.32 18.65 -59.76
N PRO B 110 43.52 19.22 -59.99
CA PRO B 110 43.62 20.58 -60.54
C PRO B 110 42.85 20.78 -61.86
N GLU B 111 43.00 19.88 -62.83
CA GLU B 111 42.34 19.98 -64.16
C GLU B 111 40.85 19.61 -64.03
N TRP B 112 40.52 18.66 -63.16
CA TRP B 112 39.11 18.27 -62.88
C TRP B 112 38.35 19.50 -62.38
N ILE B 113 38.89 20.21 -61.39
CA ILE B 113 38.27 21.43 -60.79
C ILE B 113 38.14 22.51 -61.88
N GLU B 114 39.20 22.74 -62.66
CA GLU B 114 39.19 23.73 -63.77
C GLU B 114 37.99 23.43 -64.70
N SER B 115 37.82 22.15 -65.07
CA SER B 115 36.79 21.68 -66.03
C SER B 115 35.37 21.84 -65.44
N LEU B 116 35.24 21.77 -64.12
CA LEU B 116 33.92 21.88 -63.43
C LEU B 116 33.57 23.37 -63.23
N GLU B 117 34.54 24.18 -62.84
CA GLU B 117 34.33 25.63 -62.60
C GLU B 117 34.07 26.34 -63.94
N ALA B 118 34.63 25.79 -65.04
CA ALA B 118 34.50 26.33 -66.41
C ALA B 118 33.01 26.47 -66.80
N THR B 119 32.13 25.59 -66.28
CA THR B 119 30.70 25.54 -66.63
C THR B 119 29.91 26.57 -65.80
N GLY B 120 30.56 27.28 -64.88
CA GLY B 120 29.89 28.24 -63.97
C GLY B 120 30.44 29.63 -64.13
N THR B 121 30.06 30.52 -63.20
CA THR B 121 30.51 31.94 -63.15
C THR B 121 31.08 32.22 -61.76
N ALA B 122 31.68 33.40 -61.56
CA ALA B 122 32.36 33.81 -60.31
C ALA B 122 31.43 33.57 -59.11
N ALA B 123 30.13 33.85 -59.26
CA ALA B 123 29.18 33.88 -58.12
C ALA B 123 28.88 32.47 -57.61
N ASP B 124 29.26 31.43 -58.36
CA ASP B 124 29.06 30.02 -57.95
C ASP B 124 30.08 29.63 -56.86
N GLY B 125 31.16 30.41 -56.72
CA GLY B 125 32.17 30.16 -55.68
C GLY B 125 33.19 29.11 -56.08
N ARG B 126 34.17 28.87 -55.24
CA ARG B 126 35.41 28.12 -55.59
C ARG B 126 35.31 26.72 -54.99
N ILE B 127 35.60 25.69 -55.78
CA ILE B 127 35.57 24.29 -55.29
C ILE B 127 36.70 24.10 -54.25
N LYS B 128 37.90 24.58 -54.55
CA LYS B 128 39.10 24.36 -53.69
C LYS B 128 39.08 25.34 -52.51
N THR B 129 39.26 24.86 -51.28
CA THR B 129 39.28 25.72 -50.06
C THR B 129 40.67 25.75 -49.40
N ALA B 130 41.56 24.84 -49.75
CA ALA B 130 42.94 24.82 -49.22
C ALA B 130 43.82 23.98 -50.13
N ASP B 131 45.10 24.31 -50.23
CA ASP B 131 46.09 23.59 -51.06
C ASP B 131 46.89 22.61 -50.20
N ASP B 132 47.06 22.89 -48.92
CA ASP B 132 48.01 22.16 -48.03
C ASP B 132 47.28 21.64 -46.78
N THR B 133 47.91 20.69 -46.09
CA THR B 133 47.37 20.03 -44.88
C THR B 133 48.47 20.04 -43.81
N VAL B 134 48.10 20.32 -42.57
CA VAL B 134 48.99 20.08 -41.40
C VAL B 134 48.40 18.92 -40.60
N VAL B 135 49.19 17.86 -40.41
CA VAL B 135 48.85 16.70 -39.54
C VAL B 135 49.44 16.99 -38.16
N LEU B 136 48.61 16.96 -37.13
CA LEU B 136 49.01 17.28 -35.75
C LEU B 136 49.09 15.98 -34.95
N LEU B 137 50.08 15.88 -34.08
CA LEU B 137 50.23 14.74 -33.14
C LEU B 137 50.10 15.30 -31.72
N ASN B 138 49.05 14.90 -31.03
CA ASN B 138 48.81 15.22 -29.61
C ASN B 138 48.69 13.89 -28.85
N THR B 139 48.46 13.94 -27.54
CA THR B 139 48.40 12.70 -26.71
C THR B 139 46.96 12.40 -26.32
N VAL B 140 45.97 12.96 -27.01
CA VAL B 140 44.53 12.68 -26.74
C VAL B 140 44.13 11.50 -27.60
N GLY B 141 44.77 10.37 -27.35
CA GLY B 141 44.59 9.17 -28.16
C GLY B 141 45.55 8.08 -27.74
N HIS B 142 45.38 6.94 -28.39
CA HIS B 142 46.19 5.73 -28.14
C HIS B 142 47.53 5.88 -28.84
N SER B 143 48.64 5.69 -28.12
CA SER B 143 49.99 5.62 -28.72
C SER B 143 50.01 4.55 -29.83
N ALA B 144 49.30 3.44 -29.66
CA ALA B 144 49.32 2.29 -30.58
C ALA B 144 48.65 2.65 -31.92
N LEU B 145 47.79 3.67 -31.95
CA LEU B 145 47.25 4.21 -33.23
C LEU B 145 48.03 5.45 -33.63
N ASP B 146 47.98 6.51 -32.81
CA ASP B 146 48.45 7.86 -33.21
C ASP B 146 49.97 7.86 -33.45
N ASP B 147 50.78 7.24 -32.58
CA ASP B 147 52.26 7.28 -32.76
C ASP B 147 52.62 6.44 -33.99
N ALA B 148 52.06 5.25 -34.11
CA ALA B 148 52.30 4.31 -35.25
C ALA B 148 51.88 5.00 -36.56
N ASN B 149 50.75 5.72 -36.55
CA ASN B 149 50.18 6.29 -37.79
C ASN B 149 50.99 7.51 -38.21
N PHE B 150 51.46 8.33 -37.27
CA PHE B 150 52.30 9.50 -37.57
C PHE B 150 53.58 9.04 -38.28
N ALA B 151 54.23 8.01 -37.73
CA ALA B 151 55.42 7.37 -38.32
C ALA B 151 55.08 6.84 -39.73
N ALA B 152 53.94 6.20 -39.92
CA ALA B 152 53.52 5.59 -41.22
C ALA B 152 53.30 6.70 -42.27
N VAL B 153 52.71 7.83 -41.88
CA VAL B 153 52.48 8.99 -42.79
C VAL B 153 53.84 9.54 -43.24
N LEU B 154 54.77 9.78 -42.30
CA LEU B 154 56.13 10.27 -42.61
C LEU B 154 56.80 9.31 -43.60
N THR B 155 56.72 8.00 -43.36
CA THR B 155 57.39 6.97 -44.21
C THR B 155 56.77 7.00 -45.62
N ALA B 156 55.44 7.03 -45.73
CA ALA B 156 54.72 7.00 -47.02
C ALA B 156 55.08 8.26 -47.83
N LEU B 157 55.17 9.43 -47.19
CA LEU B 157 55.55 10.69 -47.87
C LEU B 157 56.96 10.55 -48.43
N LYS B 158 57.91 10.06 -47.62
CA LYS B 158 59.33 9.93 -48.05
C LYS B 158 59.42 8.91 -49.18
N GLU B 159 58.74 7.77 -49.07
CA GLU B 159 58.72 6.71 -50.11
C GLU B 159 58.21 7.28 -51.45
N ALA B 160 57.20 8.15 -51.41
CA ALA B 160 56.56 8.74 -52.62
C ALA B 160 57.39 9.92 -53.16
N ASN B 161 58.43 10.36 -52.45
CA ASN B 161 59.19 11.59 -52.78
C ASN B 161 58.23 12.80 -52.81
N ALA B 162 57.20 12.79 -51.95
CA ALA B 162 56.17 13.85 -51.88
C ALA B 162 56.71 15.04 -51.12
N PRO B 163 56.41 16.29 -51.52
CA PRO B 163 56.85 17.46 -50.77
C PRO B 163 56.12 17.57 -49.42
N HIS B 164 56.91 17.71 -48.35
CA HIS B 164 56.41 17.78 -46.96
C HIS B 164 57.53 18.27 -46.07
N GLU B 165 57.21 18.76 -44.88
CA GLU B 165 58.19 19.16 -43.86
C GLU B 165 57.57 18.89 -42.47
N GLU B 166 58.34 18.27 -41.57
CA GLU B 166 58.01 18.31 -40.13
C GLU B 166 58.34 19.72 -39.66
N ILE B 167 57.38 20.39 -39.04
CA ILE B 167 57.50 21.83 -38.67
C ILE B 167 57.33 21.96 -37.15
N ALA B 168 57.85 23.04 -36.60
CA ALA B 168 57.64 23.41 -35.18
C ALA B 168 56.14 23.65 -34.99
N VAL B 169 55.56 23.14 -33.90
CA VAL B 169 54.12 23.33 -33.62
C VAL B 169 53.86 24.83 -33.46
N GLU B 170 54.81 25.58 -32.90
CA GLU B 170 54.70 27.05 -32.70
C GLU B 170 54.52 27.73 -34.07
N SER B 171 54.93 27.12 -35.18
CA SER B 171 54.84 27.71 -36.53
C SER B 171 53.47 27.42 -37.16
N VAL B 172 52.63 26.56 -36.55
CA VAL B 172 51.27 26.29 -37.08
C VAL B 172 50.41 27.51 -36.76
N ASP B 173 49.96 28.21 -37.80
CA ASP B 173 49.17 29.45 -37.65
C ASP B 173 47.77 29.05 -37.13
N TRP B 174 47.12 30.00 -36.47
CA TRP B 174 45.66 30.01 -36.19
C TRP B 174 45.33 29.16 -34.95
N ILE B 175 45.85 27.93 -34.83
CA ILE B 175 45.42 26.98 -33.76
C ILE B 175 45.60 27.61 -32.38
N ASP B 176 44.72 27.25 -31.45
CA ASP B 176 44.79 27.71 -30.05
C ASP B 176 44.25 26.59 -29.16
N PRO B 177 44.98 25.46 -29.06
CA PRO B 177 44.51 24.33 -28.28
C PRO B 177 44.58 24.60 -26.77
N ASP B 178 43.77 23.86 -26.02
CA ASP B 178 44.02 23.60 -24.58
C ASP B 178 45.45 23.08 -24.45
N PRO B 179 46.31 23.71 -23.61
CA PRO B 179 47.68 23.21 -23.43
C PRO B 179 47.80 21.72 -23.11
N ASN B 180 46.87 21.17 -22.32
CA ASN B 180 46.86 19.72 -21.96
C ASN B 180 46.43 18.86 -23.15
N SER B 181 45.95 19.46 -24.25
CA SER B 181 45.46 18.76 -25.46
C SER B 181 46.29 19.16 -26.69
N ARG B 182 47.39 19.86 -26.49
CA ARG B 182 48.13 20.53 -27.58
C ARG B 182 48.95 19.50 -28.36
N PRO B 183 49.29 19.80 -29.64
CA PRO B 183 50.19 18.95 -30.38
C PRO B 183 51.64 19.23 -29.94
N LEU B 184 52.50 18.22 -30.04
CA LEU B 184 53.96 18.39 -29.83
C LEU B 184 54.73 18.13 -31.12
N ARG B 185 54.08 17.57 -32.13
CA ARG B 185 54.67 17.42 -33.48
C ARG B 185 53.63 17.82 -34.53
N ALA B 186 54.13 18.30 -35.67
CA ALA B 186 53.27 18.78 -36.77
C ALA B 186 53.99 18.52 -38.09
N LEU B 187 53.21 18.15 -39.09
CA LEU B 187 53.71 17.74 -40.40
C LEU B 187 52.94 18.53 -41.46
N HIS B 188 53.63 19.35 -42.24
CA HIS B 188 53.10 20.11 -43.39
C HIS B 188 53.17 19.24 -44.65
N ILE B 189 52.01 18.94 -45.25
CA ILE B 189 51.90 18.18 -46.53
C ILE B 189 51.53 19.20 -47.63
N GLU B 190 52.45 19.43 -48.56
CA GLU B 190 52.26 20.39 -49.67
C GLU B 190 51.40 19.71 -50.76
N GLY B 191 50.38 20.41 -51.25
CA GLY B 191 49.57 19.96 -52.40
C GLY B 191 48.58 18.88 -52.04
N GLU B 192 48.31 18.69 -50.74
CA GLU B 192 47.20 17.84 -50.24
C GLU B 192 46.22 18.80 -49.56
N GLY B 193 45.08 19.08 -50.19
CA GLY B 193 44.21 20.19 -49.77
C GLY B 193 42.81 19.72 -49.48
N SER B 194 41.83 20.59 -49.79
CA SER B 194 40.41 20.34 -49.49
C SER B 194 39.53 21.06 -50.51
N VAL B 195 38.30 20.58 -50.61
CA VAL B 195 37.24 21.18 -51.48
C VAL B 195 36.03 21.43 -50.59
N ASP B 196 35.18 22.35 -51.01
CA ASP B 196 33.83 22.52 -50.42
C ASP B 196 32.92 21.50 -51.11
N SER B 197 32.47 20.48 -50.36
CA SER B 197 31.66 19.36 -50.88
C SER B 197 30.36 19.88 -51.51
N GLY B 198 29.78 20.94 -50.94
CA GLY B 198 28.51 21.54 -51.43
C GLY B 198 28.73 22.22 -52.76
N ILE B 199 29.80 23.01 -52.87
CA ILE B 199 30.17 23.71 -54.13
C ILE B 199 30.55 22.67 -55.18
N LEU B 200 31.25 21.59 -54.78
CA LEU B 200 31.58 20.48 -55.71
C LEU B 200 30.30 19.86 -56.28
N LEU B 201 29.33 19.51 -55.43
CA LEU B 201 28.07 18.86 -55.88
C LEU B 201 27.34 19.78 -56.87
N ALA B 202 27.26 21.09 -56.57
CA ALA B 202 26.59 22.09 -57.44
C ALA B 202 27.32 22.17 -58.79
N ALA B 203 28.67 22.18 -58.77
CA ALA B 203 29.51 22.24 -59.99
C ALA B 203 29.35 20.96 -60.81
N LEU B 204 29.24 19.80 -60.15
CA LEU B 204 29.03 18.50 -60.85
C LEU B 204 27.66 18.50 -61.53
N GLU B 205 26.61 18.92 -60.84
CA GLU B 205 25.23 18.93 -61.41
C GLU B 205 25.20 19.85 -62.64
N ARG B 206 25.77 21.04 -62.51
N ARG B 206 25.77 21.05 -62.51
CA ARG B 206 25.82 22.07 -63.58
CA ARG B 206 25.82 22.07 -63.58
C ARG B 206 26.62 21.53 -64.77
C ARG B 206 26.62 21.53 -64.76
N SER B 207 27.75 20.89 -64.49
CA SER B 207 28.66 20.30 -65.52
C SER B 207 27.98 19.12 -66.20
N PHE B 208 27.19 18.35 -65.47
CA PHE B 208 26.42 17.21 -66.01
C PHE B 208 25.42 17.73 -67.05
N LEU B 209 24.67 18.77 -66.69
CA LEU B 209 23.67 19.40 -67.59
C LEU B 209 24.37 20.00 -68.81
N GLN B 210 25.51 20.67 -68.61
CA GLN B 210 26.28 21.33 -69.70
C GLN B 210 26.70 20.27 -70.74
N ALA B 211 26.97 19.04 -70.30
CA ALA B 211 27.45 17.93 -71.17
C ALA B 211 26.27 17.14 -71.77
N GLY B 212 25.03 17.55 -71.50
CA GLY B 212 23.82 16.96 -72.09
C GLY B 212 23.21 15.88 -71.22
N GLY B 213 23.63 15.77 -69.96
CA GLY B 213 23.01 14.85 -69.00
C GLY B 213 21.64 15.34 -68.59
N ARG B 214 20.74 14.44 -68.20
CA ARG B 214 19.43 14.84 -67.64
C ARG B 214 19.31 14.34 -66.19
N LEU B 215 18.86 15.22 -65.29
CA LEU B 215 18.62 14.92 -63.85
C LEU B 215 17.16 14.55 -63.68
N HIS B 216 16.89 13.35 -63.16
CA HIS B 216 15.53 12.87 -62.87
C HIS B 216 15.42 12.63 -61.37
N PRO B 217 14.81 13.57 -60.60
CA PRO B 217 14.82 13.52 -59.14
C PRO B 217 13.89 12.48 -58.52
N VAL B 218 14.11 11.21 -58.86
CA VAL B 218 13.42 10.04 -58.26
C VAL B 218 14.50 9.02 -57.87
N ASP B 219 14.13 8.03 -57.08
CA ASP B 219 15.03 6.92 -56.68
C ASP B 219 14.71 5.68 -57.51
N ALA B 220 15.75 4.91 -57.85
CA ALA B 220 15.58 3.53 -58.36
C ALA B 220 14.98 2.67 -57.25
N THR B 221 13.97 1.86 -57.55
CA THR B 221 13.43 0.81 -56.64
C THR B 221 13.98 -0.56 -57.06
N GLU B 222 14.19 -0.78 -58.36
CA GLU B 222 14.51 -2.13 -58.91
C GLU B 222 15.32 -1.97 -60.19
N ILE B 223 16.38 -2.76 -60.33
CA ILE B 223 17.12 -2.93 -61.62
C ILE B 223 16.47 -4.11 -62.33
N ARG B 224 16.03 -3.92 -63.57
CA ARG B 224 15.39 -4.98 -64.38
C ARG B 224 16.45 -5.55 -65.31
N ALA B 225 16.58 -6.88 -65.31
CA ALA B 225 17.51 -7.62 -66.19
C ALA B 225 16.89 -8.99 -66.54
N SER B 226 17.22 -9.50 -67.72
CA SER B 226 16.92 -10.89 -68.14
C SER B 226 17.82 -11.24 -69.32
N HIS B 227 18.01 -12.53 -69.58
CA HIS B 227 18.96 -13.04 -70.61
C HIS B 227 20.32 -12.37 -70.35
N GLY B 228 20.71 -12.29 -69.06
CA GLY B 228 22.03 -11.83 -68.56
C GLY B 228 22.40 -10.42 -68.98
N ARG B 229 21.42 -9.51 -69.12
CA ARG B 229 21.67 -8.13 -69.62
C ARG B 229 20.68 -7.17 -68.94
N VAL B 230 21.10 -5.93 -68.64
CA VAL B 230 20.22 -4.91 -68.02
C VAL B 230 19.21 -4.44 -69.08
N GLU B 231 17.96 -4.22 -68.65
CA GLU B 231 16.85 -3.65 -69.47
C GLU B 231 16.56 -2.21 -69.01
N GLY B 232 16.76 -1.92 -67.73
CA GLY B 232 16.60 -0.55 -67.18
C GLY B 232 16.24 -0.58 -65.71
N VAL B 233 15.56 0.47 -65.25
CA VAL B 233 15.31 0.76 -63.81
C VAL B 233 13.84 1.11 -63.60
N VAL B 234 13.19 0.46 -62.63
CA VAL B 234 11.88 0.90 -62.06
C VAL B 234 12.19 1.97 -61.02
N THR B 235 11.50 3.11 -61.07
CA THR B 235 11.69 4.25 -60.14
C THR B 235 10.56 4.25 -59.11
N ASP B 236 10.70 5.03 -58.04
CA ASP B 236 9.79 4.98 -56.86
C ASP B 236 8.53 5.82 -57.12
N ASP B 237 8.40 6.40 -58.32
CA ASP B 237 7.14 7.03 -58.81
C ASP B 237 6.37 6.02 -59.68
N GLY B 238 6.84 4.76 -59.76
CA GLY B 238 6.17 3.65 -60.45
C GLY B 238 6.55 3.52 -61.92
N ASP B 239 7.37 4.44 -62.43
CA ASP B 239 7.77 4.52 -63.85
C ASP B 239 8.83 3.45 -64.16
N PHE B 240 9.06 3.16 -65.45
CA PHE B 240 10.18 2.31 -65.93
C PHE B 240 11.00 3.09 -66.97
N LEU B 241 12.30 3.22 -66.71
CA LEU B 241 13.27 3.88 -67.62
C LEU B 241 14.12 2.81 -68.27
N PRO B 242 14.09 2.66 -69.62
CA PRO B 242 14.92 1.67 -70.30
C PRO B 242 16.39 2.13 -70.40
N ALA B 243 17.33 1.18 -70.42
CA ALA B 243 18.77 1.48 -70.55
C ALA B 243 19.54 0.25 -71.05
N GLY B 244 20.60 0.48 -71.80
CA GLY B 244 21.64 -0.51 -72.15
C GLY B 244 22.69 -0.60 -71.05
N HIS B 245 22.87 0.47 -70.26
CA HIS B 245 23.87 0.57 -69.16
C HIS B 245 23.22 1.14 -67.89
N VAL B 246 23.38 0.46 -66.76
CA VAL B 246 23.02 0.98 -65.41
C VAL B 246 24.29 1.00 -64.56
N VAL B 247 24.67 2.18 -64.07
CA VAL B 247 25.83 2.40 -63.15
C VAL B 247 25.25 2.67 -61.75
N VAL B 248 25.47 1.75 -60.82
CA VAL B 248 24.97 1.88 -59.42
C VAL B 248 26.02 2.60 -58.59
N ALA B 249 25.69 3.82 -58.16
CA ALA B 249 26.53 4.65 -57.27
C ALA B 249 25.63 5.28 -56.21
N ALA B 250 24.88 4.43 -55.51
CA ALA B 250 23.82 4.80 -54.55
C ALA B 250 24.39 4.77 -53.12
N GLY B 251 25.70 4.98 -52.96
CA GLY B 251 26.36 4.97 -51.66
C GLY B 251 26.07 3.68 -50.91
N ALA B 252 25.74 3.78 -49.64
CA ALA B 252 25.53 2.62 -48.76
C ALA B 252 24.34 1.76 -49.20
N ARG B 253 23.52 2.23 -50.14
CA ARG B 253 22.34 1.47 -50.65
C ARG B 253 22.70 0.60 -51.86
N SER B 254 23.93 0.69 -52.36
CA SER B 254 24.34 0.18 -53.70
C SER B 254 24.20 -1.36 -53.79
N GLN B 255 24.69 -2.11 -52.80
CA GLN B 255 24.66 -3.60 -52.86
C GLN B 255 23.22 -4.07 -52.63
N ARG B 256 22.48 -3.45 -51.71
CA ARG B 256 21.07 -3.84 -51.43
C ARG B 256 20.27 -3.75 -52.74
N LEU B 257 20.57 -2.77 -53.60
CA LEU B 257 19.85 -2.56 -54.89
C LEU B 257 20.16 -3.71 -55.85
N VAL B 258 21.43 -4.08 -56.02
CA VAL B 258 21.88 -5.12 -57.00
C VAL B 258 21.62 -6.53 -56.45
N ALA B 259 21.56 -6.70 -55.13
CA ALA B 259 21.45 -8.02 -54.45
C ALA B 259 20.13 -8.72 -54.79
N ALA B 260 19.14 -8.00 -55.30
CA ALA B 260 17.82 -8.53 -55.72
C ALA B 260 17.95 -9.40 -56.98
N LEU B 261 18.98 -9.17 -57.80
CA LEU B 261 19.20 -9.94 -59.07
C LEU B 261 19.74 -11.33 -58.75
N PRO B 262 19.47 -12.34 -59.61
CA PRO B 262 19.77 -13.75 -59.29
C PRO B 262 21.25 -14.02 -58.95
N GLY B 263 21.50 -14.65 -57.81
CA GLY B 263 22.85 -15.04 -57.34
C GLY B 263 23.61 -13.92 -56.65
N LEU B 264 23.27 -12.65 -56.93
CA LEU B 264 24.14 -11.48 -56.63
C LEU B 264 24.16 -11.18 -55.13
N ALA B 265 23.18 -11.68 -54.36
CA ALA B 265 23.12 -11.52 -52.89
C ALA B 265 24.43 -12.02 -52.25
N HIS B 266 25.06 -13.05 -52.84
CA HIS B 266 26.27 -13.67 -52.25
C HIS B 266 27.49 -13.50 -53.19
N ARG B 267 27.37 -12.66 -54.23
CA ARG B 267 28.46 -12.42 -55.21
C ARG B 267 28.89 -10.95 -55.20
N ILE B 268 28.06 -10.05 -54.66
CA ILE B 268 28.43 -8.61 -54.45
C ILE B 268 28.60 -8.41 -52.95
N PRO B 269 29.82 -8.12 -52.46
CA PRO B 269 30.05 -7.88 -51.04
C PRO B 269 29.07 -6.84 -50.48
N ARG B 270 28.51 -7.12 -49.32
CA ARG B 270 27.61 -6.18 -48.62
C ARG B 270 28.32 -4.85 -48.36
N ILE B 271 27.53 -3.77 -48.35
CA ILE B 271 27.99 -2.40 -48.01
C ILE B 271 27.07 -1.92 -46.87
N TYR B 272 27.68 -1.50 -45.77
CA TYR B 272 26.95 -1.00 -44.58
C TYR B 272 27.12 0.51 -44.49
N ASP B 273 26.44 1.13 -43.52
CA ASP B 273 26.45 2.60 -43.28
C ASP B 273 27.53 2.93 -42.24
N GLY B 274 28.64 3.53 -42.71
CA GLY B 274 29.63 4.19 -41.83
C GLY B 274 29.11 5.58 -41.45
N VAL B 275 28.23 5.63 -40.46
CA VAL B 275 27.48 6.87 -40.09
C VAL B 275 28.49 7.87 -39.54
N GLY B 276 28.56 9.04 -40.14
CA GLY B 276 29.53 10.07 -39.82
C GLY B 276 28.84 11.37 -39.48
N VAL B 277 29.29 12.02 -38.41
CA VAL B 277 28.76 13.33 -37.95
C VAL B 277 29.84 14.38 -38.14
N SER B 278 29.45 15.52 -38.68
CA SER B 278 30.30 16.70 -38.90
C SER B 278 29.48 17.94 -38.55
N ALA B 279 30.11 19.12 -38.57
CA ALA B 279 29.38 20.35 -38.23
C ALA B 279 29.97 21.53 -39.01
N LEU B 280 29.10 22.50 -39.32
CA LEU B 280 29.49 23.82 -39.84
C LEU B 280 29.38 24.81 -38.68
N VAL B 281 30.44 25.57 -38.47
CA VAL B 281 30.59 26.51 -37.32
C VAL B 281 30.95 27.88 -37.91
N ASP B 282 30.22 28.92 -37.51
CA ASP B 282 30.61 30.32 -37.79
C ASP B 282 31.59 30.76 -36.70
N THR B 283 32.84 30.99 -37.06
CA THR B 283 33.92 31.29 -36.08
C THR B 283 33.64 32.62 -35.41
N TRP B 284 34.02 32.73 -34.14
CA TRP B 284 33.84 33.90 -33.25
C TRP B 284 34.28 35.20 -33.95
N ASP B 285 35.32 35.17 -34.78
CA ASP B 285 35.90 36.40 -35.42
C ASP B 285 35.88 36.27 -36.95
N GLY B 286 35.19 35.28 -37.50
CA GLY B 286 35.14 35.06 -38.96
C GLY B 286 36.43 34.52 -39.54
N SER B 287 37.45 34.21 -38.72
CA SER B 287 38.74 33.66 -39.18
C SER B 287 38.63 32.15 -39.43
N GLY B 288 39.65 31.61 -40.07
CA GLY B 288 39.85 30.16 -40.26
C GLY B 288 41.30 29.90 -40.59
N PRO B 289 41.77 28.64 -40.51
CA PRO B 289 43.14 28.32 -40.88
C PRO B 289 43.29 28.32 -42.41
N ALA B 290 44.50 28.56 -42.89
CA ALA B 290 44.88 28.62 -44.31
C ALA B 290 45.02 27.19 -44.84
N THR B 291 45.24 26.20 -43.96
CA THR B 291 45.41 24.78 -44.37
C THR B 291 44.31 23.93 -43.72
N VAL B 292 44.11 22.73 -44.26
CA VAL B 292 43.45 21.63 -43.52
C VAL B 292 44.26 21.42 -42.24
N LEU B 293 43.58 21.15 -41.13
CA LEU B 293 44.20 20.69 -39.86
C LEU B 293 43.61 19.32 -39.56
N ARG B 294 44.43 18.31 -39.30
CA ARG B 294 43.91 16.94 -39.05
C ARG B 294 44.83 16.15 -38.14
N THR B 295 44.25 15.15 -37.49
CA THR B 295 44.99 14.00 -36.92
C THR B 295 45.01 12.90 -37.96
N SER B 296 45.83 11.88 -37.75
CA SER B 296 45.70 10.59 -38.46
C SER B 296 44.37 9.95 -38.08
N ASN B 297 43.96 8.94 -38.84
CA ASN B 297 42.72 8.18 -38.60
C ASN B 297 42.79 7.55 -37.21
N ARG B 298 41.69 7.59 -36.49
CA ARG B 298 41.63 7.22 -35.05
C ARG B 298 40.67 6.05 -34.90
N ALA B 299 40.21 5.77 -33.68
CA ALA B 299 39.46 4.55 -33.31
C ALA B 299 38.32 4.30 -34.29
N PHE B 300 38.31 3.11 -34.91
CA PHE B 300 37.25 2.63 -35.81
C PHE B 300 36.99 3.67 -36.91
N ALA B 301 38.07 4.24 -37.46
CA ALA B 301 38.06 5.09 -38.67
C ALA B 301 37.26 6.38 -38.43
N CYS B 302 37.17 6.85 -37.19
CA CYS B 302 36.86 8.28 -36.95
C CYS B 302 38.17 9.06 -37.06
N GLY B 303 38.11 10.36 -36.83
CA GLY B 303 39.30 11.23 -36.91
C GLY B 303 38.88 12.66 -36.66
N LEU B 304 39.84 13.51 -36.39
CA LEU B 304 39.55 14.92 -36.08
C LEU B 304 40.16 15.77 -37.19
N HIS B 305 39.37 16.67 -37.75
CA HIS B 305 39.90 17.58 -38.79
C HIS B 305 39.04 18.85 -38.85
N LEU B 306 39.68 19.90 -39.35
CA LEU B 306 39.00 21.16 -39.68
C LEU B 306 39.33 21.45 -41.15
N VAL B 307 38.30 21.62 -41.96
CA VAL B 307 38.42 21.97 -43.39
C VAL B 307 37.98 23.42 -43.55
N PRO B 308 38.85 24.30 -44.07
CA PRO B 308 38.47 25.69 -44.33
C PRO B 308 37.25 25.78 -45.25
N ARG B 309 36.42 26.79 -45.02
CA ARG B 309 35.29 27.16 -45.91
C ARG B 309 35.35 28.68 -46.12
N ALA B 310 34.71 29.18 -47.18
CA ALA B 310 34.58 30.64 -47.44
C ALA B 310 33.58 31.25 -46.46
N GLY B 311 33.65 32.57 -46.23
CA GLY B 311 32.57 33.34 -45.59
C GLY B 311 32.48 33.17 -44.08
N GLY B 312 33.60 32.96 -43.39
CA GLY B 312 33.64 32.97 -41.91
C GLY B 312 33.11 31.68 -41.29
N SER B 313 33.00 30.62 -42.10
CA SER B 313 32.57 29.26 -41.68
C SER B 313 33.81 28.36 -41.61
N VAL B 314 33.80 27.38 -40.70
CA VAL B 314 34.72 26.21 -40.77
C VAL B 314 33.89 24.94 -40.70
N TYR B 315 34.39 23.89 -41.34
CA TYR B 315 33.85 22.52 -41.23
C TYR B 315 34.71 21.79 -40.19
N ILE B 316 34.07 21.10 -39.26
CA ILE B 316 34.79 20.21 -38.31
C ILE B 316 34.18 18.82 -38.44
N GLY B 317 35.04 17.82 -38.41
CA GLY B 317 34.64 16.42 -38.56
C GLY B 317 35.69 15.52 -37.92
N ALA B 318 35.43 14.21 -37.91
CA ALA B 318 34.17 13.62 -38.28
C ALA B 318 34.12 12.26 -37.56
N THR B 319 32.98 11.93 -36.97
CA THR B 319 32.80 10.65 -36.24
C THR B 319 32.60 9.55 -37.27
N ASN B 320 32.69 8.30 -36.83
CA ASN B 320 32.37 7.13 -37.66
C ASN B 320 31.83 6.03 -36.77
N ALA B 321 30.75 5.40 -37.18
CA ALA B 321 30.18 4.22 -36.52
C ALA B 321 29.55 3.35 -37.61
N VAL B 322 30.05 2.15 -37.79
CA VAL B 322 29.42 1.21 -38.75
C VAL B 322 28.11 0.76 -38.12
N CYS B 323 27.00 0.96 -38.82
CA CYS B 323 25.65 0.56 -38.38
C CYS B 323 25.07 -0.44 -39.39
N LEU B 324 24.44 -1.51 -38.89
CA LEU B 324 23.88 -2.59 -39.76
C LEU B 324 22.59 -2.11 -40.43
N GLU B 325 21.99 -1.04 -39.92
CA GLU B 325 20.85 -0.34 -40.56
C GLU B 325 21.18 1.14 -40.61
N PRO B 326 20.68 1.87 -41.63
CA PRO B 326 21.00 3.28 -41.79
C PRO B 326 20.45 4.14 -40.64
N ARG B 327 21.13 5.24 -40.38
CA ARG B 327 20.70 6.25 -39.36
C ARG B 327 21.02 7.61 -39.95
N GLY B 328 20.05 8.53 -39.90
CA GLY B 328 20.17 9.84 -40.54
C GLY B 328 20.23 10.99 -39.53
N ALA B 329 20.32 10.70 -38.24
CA ALA B 329 20.45 11.72 -37.18
C ALA B 329 21.66 11.40 -36.30
N ALA B 330 22.36 12.42 -35.85
CA ALA B 330 23.53 12.30 -34.94
C ALA B 330 23.03 11.81 -33.59
N SER B 331 23.81 10.99 -32.90
CA SER B 331 23.59 10.72 -31.47
C SER B 331 24.13 11.91 -30.67
N ILE B 332 23.62 12.10 -29.47
CA ILE B 332 24.18 13.10 -28.52
C ILE B 332 25.67 12.84 -28.36
N GLU B 333 26.05 11.57 -28.16
CA GLU B 333 27.46 11.17 -27.91
C GLU B 333 28.36 11.66 -29.04
N GLU B 334 27.95 11.46 -30.30
CA GLU B 334 28.73 11.85 -31.49
C GLU B 334 28.96 13.37 -31.48
N THR B 335 27.92 14.15 -31.21
CA THR B 335 28.00 15.63 -31.21
C THR B 335 28.98 16.07 -30.11
N VAL B 336 28.81 15.56 -28.91
CA VAL B 336 29.66 15.97 -27.75
C VAL B 336 31.11 15.60 -28.06
N PHE B 337 31.36 14.39 -28.58
CA PHE B 337 32.74 13.91 -28.84
C PHE B 337 33.40 14.83 -29.87
N LEU B 338 32.73 15.08 -31.00
CA LEU B 338 33.27 15.91 -32.11
C LEU B 338 33.61 17.31 -31.55
N PHE B 339 32.64 17.93 -30.87
CA PHE B 339 32.79 19.31 -30.36
C PHE B 339 33.92 19.36 -29.34
N ASN B 340 33.96 18.40 -28.43
CA ASN B 340 34.97 18.37 -27.35
C ASN B 340 36.37 18.25 -27.95
N CYS B 341 36.56 17.36 -28.92
CA CYS B 341 37.88 17.16 -29.58
C CYS B 341 38.30 18.45 -30.30
N ALA B 342 37.42 19.07 -31.07
CA ALA B 342 37.75 20.25 -31.90
C ALA B 342 38.12 21.43 -30.99
N THR B 343 37.34 21.67 -29.94
CA THR B 343 37.53 22.83 -29.05
C THR B 343 38.84 22.68 -28.26
N HIS B 344 39.21 21.46 -27.85
CA HIS B 344 40.42 21.22 -27.02
C HIS B 344 41.67 21.12 -27.90
N GLN B 345 41.59 20.36 -28.99
CA GLN B 345 42.79 19.92 -29.75
C GLN B 345 43.10 20.90 -30.88
N LEU B 346 42.11 21.68 -31.36
CA LEU B 346 42.33 22.58 -32.53
C LEU B 346 42.26 24.04 -32.10
N HIS B 347 41.12 24.51 -31.57
CA HIS B 347 40.96 25.95 -31.26
C HIS B 347 39.88 26.16 -30.21
N ARG B 348 40.26 26.65 -29.04
CA ARG B 348 39.33 26.92 -27.92
C ARG B 348 38.33 28.02 -28.32
N GLY B 349 38.67 28.87 -29.29
CA GLY B 349 37.76 29.88 -29.87
C GLY B 349 36.50 29.26 -30.46
N LEU B 350 36.57 28.00 -30.91
CA LEU B 350 35.38 27.28 -31.43
C LEU B 350 34.33 27.11 -30.33
N ASN B 351 34.74 27.12 -29.05
CA ASN B 351 33.80 26.91 -27.91
C ASN B 351 32.73 28.01 -27.92
N GLY B 352 33.14 29.26 -28.16
CA GLY B 352 32.24 30.42 -28.18
C GLY B 352 31.70 30.72 -29.56
N SER B 353 32.01 29.86 -30.54
CA SER B 353 31.55 30.01 -31.94
C SER B 353 30.15 29.42 -32.08
N GLU B 354 29.42 29.91 -33.08
CA GLU B 354 28.00 29.56 -33.30
C GLU B 354 27.93 28.31 -34.16
N LEU B 355 27.17 27.33 -33.68
CA LEU B 355 26.81 26.09 -34.42
C LEU B 355 25.79 26.45 -35.50
N ARG B 356 26.14 26.27 -36.76
CA ARG B 356 25.21 26.52 -37.90
C ARG B 356 24.48 25.24 -38.27
N LYS B 357 25.16 24.10 -38.32
CA LYS B 357 24.54 22.86 -38.84
C LYS B 357 25.30 21.64 -38.30
N VAL B 358 24.56 20.65 -37.80
CA VAL B 358 25.06 19.28 -37.55
C VAL B 358 24.69 18.47 -38.79
N GLN B 359 25.68 17.85 -39.43
CA GLN B 359 25.52 17.07 -40.67
C GLN B 359 25.76 15.60 -40.36
N VAL B 360 25.00 14.74 -41.01
CA VAL B 360 25.08 13.27 -40.86
C VAL B 360 25.04 12.66 -42.25
N GLY B 361 25.99 11.76 -42.56
CA GLY B 361 25.99 11.01 -43.82
C GLY B 361 26.54 9.61 -43.60
N SER B 362 26.31 8.71 -44.56
CA SER B 362 26.73 7.28 -44.48
C SER B 362 27.90 7.02 -45.41
N ARG B 363 29.10 6.85 -44.86
CA ARG B 363 30.27 6.33 -45.61
C ARG B 363 29.89 4.93 -46.08
N PRO B 364 29.97 4.62 -47.40
CA PRO B 364 29.68 3.27 -47.84
C PRO B 364 30.79 2.33 -47.35
N ALA B 365 30.46 1.46 -46.38
CA ALA B 365 31.41 0.61 -45.63
C ALA B 365 31.36 -0.81 -46.17
N PRO B 366 32.29 -1.21 -47.07
CA PRO B 366 32.27 -2.57 -47.61
C PRO B 366 32.63 -3.60 -46.51
N ILE B 367 31.93 -4.72 -46.49
CA ILE B 367 32.06 -5.78 -45.45
C ILE B 367 33.48 -6.38 -45.48
N ASP B 368 34.20 -6.33 -46.60
CA ASP B 368 35.55 -6.92 -46.73
C ASP B 368 36.61 -5.81 -46.76
N GLY B 369 36.22 -4.54 -46.58
CA GLY B 369 37.15 -3.44 -46.32
C GLY B 369 37.67 -2.76 -47.57
N PHE B 370 37.20 -3.14 -48.76
CA PHE B 370 37.71 -2.58 -50.04
C PHE B 370 36.56 -2.20 -50.95
N PRO B 371 36.79 -1.19 -51.81
CA PRO B 371 35.75 -0.66 -52.69
C PRO B 371 35.23 -1.70 -53.70
N LEU B 372 34.06 -1.39 -54.28
CA LEU B 372 33.38 -2.17 -55.33
C LEU B 372 33.30 -1.29 -56.58
N ILE B 373 34.21 -1.48 -57.52
CA ILE B 373 34.40 -0.58 -58.69
C ILE B 373 34.52 -1.43 -59.97
N GLY B 374 33.55 -1.32 -60.86
CA GLY B 374 33.67 -1.86 -62.23
C GLY B 374 32.49 -2.70 -62.62
N GLY B 375 32.73 -3.73 -63.43
CA GLY B 375 31.69 -4.49 -64.12
C GLY B 375 31.19 -5.66 -63.29
N THR B 376 30.18 -6.32 -63.83
CA THR B 376 29.32 -7.34 -63.18
C THR B 376 29.17 -8.49 -64.19
N SER B 377 28.62 -9.63 -63.78
CA SER B 377 28.25 -10.78 -64.65
C SER B 377 27.01 -10.44 -65.48
N VAL B 378 26.29 -9.36 -65.13
CA VAL B 378 25.14 -8.82 -65.92
C VAL B 378 25.67 -7.78 -66.91
N GLU B 379 25.48 -8.02 -68.21
CA GLU B 379 25.93 -7.09 -69.28
C GLU B 379 25.27 -5.72 -69.06
N GLY B 380 26.05 -4.65 -69.11
CA GLY B 380 25.60 -3.25 -68.93
C GLY B 380 25.42 -2.84 -67.48
N LEU B 381 25.66 -3.72 -66.50
CA LEU B 381 25.51 -3.38 -65.05
C LEU B 381 26.89 -3.11 -64.45
N TRP B 382 27.05 -1.90 -63.89
CA TRP B 382 28.31 -1.39 -63.31
C TRP B 382 28.04 -0.91 -61.88
N MET B 383 29.07 -0.91 -61.04
CA MET B 383 29.01 -0.43 -59.64
C MET B 383 30.19 0.50 -59.39
N LEU B 384 29.93 1.58 -58.64
CA LEU B 384 30.95 2.50 -58.10
C LEU B 384 30.54 2.79 -56.65
N SER B 385 31.07 2.04 -55.69
CA SER B 385 30.65 2.15 -54.26
C SER B 385 31.68 1.54 -53.31
N GLY B 386 31.33 1.49 -52.02
CA GLY B 386 32.14 0.91 -50.95
C GLY B 386 33.43 1.68 -50.73
N THR B 387 33.43 3.01 -50.94
CA THR B 387 34.67 3.83 -50.89
C THR B 387 34.94 4.36 -49.46
N TYR B 388 34.01 4.17 -48.52
CA TYR B 388 34.24 4.46 -47.08
C TYR B 388 34.69 5.91 -46.89
N ARG B 389 35.97 6.15 -46.53
CA ARG B 389 36.44 7.51 -46.11
C ARG B 389 36.93 8.34 -47.31
N ASP B 390 37.13 7.77 -48.51
CA ASP B 390 37.95 8.50 -49.52
C ASP B 390 37.45 8.29 -50.96
N GLY B 391 36.17 8.00 -51.15
CA GLY B 391 35.52 8.01 -52.48
C GLY B 391 35.52 9.39 -53.10
N LEU B 392 35.24 10.44 -52.32
CA LEU B 392 35.22 11.83 -52.84
C LEU B 392 36.61 12.15 -53.39
N HIS B 393 37.66 11.92 -52.61
CA HIS B 393 39.06 12.15 -53.07
C HIS B 393 39.32 11.35 -54.36
N MET B 394 38.91 10.09 -54.42
CA MET B 394 39.28 9.18 -55.54
C MET B 394 38.37 9.42 -56.77
N SER B 395 37.31 10.21 -56.62
CA SER B 395 36.18 10.31 -57.58
C SER B 395 36.64 10.52 -59.03
N PRO B 396 37.54 11.47 -59.37
CA PRO B 396 37.89 11.67 -60.78
C PRO B 396 38.57 10.44 -61.37
N LEU B 397 39.41 9.76 -60.58
CA LEU B 397 40.11 8.52 -61.02
C LEU B 397 39.10 7.39 -61.20
N LEU B 398 38.21 7.18 -60.22
CA LEU B 398 37.20 6.10 -60.25
C LEU B 398 36.26 6.29 -61.45
N ALA B 399 35.83 7.53 -61.69
CA ALA B 399 34.92 7.88 -62.80
C ALA B 399 35.58 7.51 -64.14
N ARG B 400 36.83 7.93 -64.33
CA ARG B 400 37.60 7.70 -65.57
C ARG B 400 37.82 6.21 -65.77
N HIS B 401 38.06 5.47 -64.69
CA HIS B 401 38.24 4.01 -64.72
C HIS B 401 36.99 3.33 -65.26
N VAL B 402 35.82 3.62 -64.69
CA VAL B 402 34.56 2.92 -65.06
C VAL B 402 34.19 3.30 -66.51
N VAL B 403 34.40 4.55 -66.91
CA VAL B 403 34.08 5.02 -68.29
C VAL B 403 34.98 4.30 -69.31
N SER B 404 36.27 4.17 -69.00
CA SER B 404 37.22 3.37 -69.82
C SER B 404 36.69 1.94 -69.97
N LEU B 405 36.30 1.28 -68.88
CA LEU B 405 35.77 -0.11 -68.90
C LEU B 405 34.52 -0.17 -69.79
N MET B 406 33.63 0.83 -69.69
CA MET B 406 32.36 0.86 -70.47
C MET B 406 32.66 0.99 -71.96
N ASP B 407 33.79 1.61 -72.32
CA ASP B 407 34.25 1.83 -73.71
C ASP B 407 35.12 0.66 -74.20
N GLY B 408 35.20 -0.43 -73.44
CA GLY B 408 36.02 -1.62 -73.78
C GLY B 408 37.49 -1.45 -73.45
N GLY B 409 37.87 -0.39 -72.72
CA GLY B 409 39.25 -0.15 -72.25
C GLY B 409 39.57 -0.99 -71.03
N THR B 410 40.76 -0.83 -70.46
CA THR B 410 41.21 -1.52 -69.22
C THR B 410 41.26 -0.53 -68.06
N GLY B 411 40.93 0.75 -68.30
CA GLY B 411 40.91 1.80 -67.28
C GLY B 411 42.24 1.94 -66.57
N VAL B 412 42.20 2.00 -65.23
CA VAL B 412 43.39 2.23 -64.37
C VAL B 412 43.90 0.88 -63.88
N ASP B 413 45.19 0.62 -64.08
CA ASP B 413 45.88 -0.61 -63.58
C ASP B 413 45.74 -0.62 -62.05
N GLY B 414 45.38 -1.76 -61.46
CA GLY B 414 45.39 -1.92 -59.99
C GLY B 414 44.01 -1.79 -59.37
N LEU B 415 43.00 -1.35 -60.11
CA LEU B 415 41.60 -1.26 -59.63
C LEU B 415 40.81 -2.52 -59.99
N ARG B 416 41.39 -3.40 -60.81
CA ARG B 416 40.78 -4.72 -61.18
C ARG B 416 40.56 -5.58 -59.93
N GLU B 417 41.46 -5.51 -58.95
CA GLU B 417 41.36 -6.27 -57.67
C GLU B 417 40.08 -5.88 -56.91
N PHE B 418 39.51 -4.71 -57.18
CA PHE B 418 38.34 -4.13 -56.42
C PHE B 418 37.07 -4.25 -57.26
N ARG B 419 37.06 -5.13 -58.26
CA ARG B 419 35.88 -5.54 -59.07
C ARG B 419 34.76 -5.90 -58.10
N PRO B 420 33.50 -5.45 -58.36
CA PRO B 420 32.42 -5.61 -57.40
C PRO B 420 31.90 -7.03 -57.21
N GLU B 421 32.04 -7.88 -58.24
CA GLU B 421 31.53 -9.27 -58.19
C GLU B 421 32.70 -10.18 -57.82
N ARG B 422 32.76 -10.58 -56.55
CA ARG B 422 33.95 -11.21 -55.98
C ARG B 422 33.56 -11.97 -54.72
N ASP B 423 34.33 -13.02 -54.42
CA ASP B 423 34.44 -13.57 -53.06
C ASP B 423 34.87 -12.42 -52.14
N LEU B 424 34.45 -12.44 -50.88
CA LEU B 424 34.96 -11.46 -49.87
C LEU B 424 36.48 -11.54 -49.84
N ILE B 425 37.14 -10.38 -49.88
CA ILE B 425 38.60 -10.27 -49.68
C ILE B 425 38.92 -10.60 -48.21
N SER B 426 40.01 -11.31 -47.99
CA SER B 426 40.63 -11.54 -46.65
C SER B 426 41.99 -10.86 -46.63
N ALA B 427 42.02 -9.55 -46.39
CA ALA B 427 43.25 -8.72 -46.52
C ALA B 427 44.15 -8.87 -45.29
N TRP B 428 43.62 -9.39 -44.19
CA TRP B 428 44.34 -9.56 -42.89
C TRP B 428 44.03 -10.94 -42.30
N SER B 429 44.98 -11.49 -41.55
CA SER B 429 44.78 -12.68 -40.69
C SER B 429 43.76 -12.33 -39.60
N ARG B 430 43.04 -13.35 -39.11
CA ARG B 430 42.11 -13.24 -37.96
C ARG B 430 42.88 -12.66 -36.76
N GLU B 431 44.12 -13.10 -36.56
CA GLU B 431 45.00 -12.63 -35.45
C GLU B 431 45.23 -11.13 -35.57
N GLU B 432 45.59 -10.63 -36.76
CA GLU B 432 45.84 -9.19 -37.01
C GLU B 432 44.58 -8.38 -36.64
N ILE B 433 43.42 -8.86 -37.09
CA ILE B 433 42.12 -8.16 -36.88
C ILE B 433 41.78 -8.16 -35.38
N LEU B 434 42.00 -9.28 -34.70
CA LEU B 434 41.69 -9.38 -33.25
C LEU B 434 42.61 -8.43 -32.46
N ASP B 435 43.90 -8.34 -32.82
CA ASP B 435 44.82 -7.35 -32.21
C ASP B 435 44.27 -5.93 -32.46
N ASP B 436 43.83 -5.67 -33.69
CA ASP B 436 43.35 -4.33 -34.14
C ASP B 436 42.08 -3.96 -33.36
N VAL B 437 41.11 -4.86 -33.24
CA VAL B 437 39.78 -4.52 -32.66
C VAL B 437 39.95 -4.17 -31.17
N VAL B 438 40.84 -4.86 -30.47
CA VAL B 438 41.06 -4.59 -29.02
C VAL B 438 41.76 -3.23 -28.88
N ARG B 439 42.77 -2.97 -29.72
CA ARG B 439 43.51 -1.71 -29.74
C ARG B 439 42.55 -0.53 -30.03
N HIS B 440 41.68 -0.68 -31.02
CA HIS B 440 40.67 0.36 -31.41
C HIS B 440 39.66 0.55 -30.26
N THR B 441 39.23 -0.54 -29.62
CA THR B 441 38.32 -0.45 -28.46
C THR B 441 38.97 0.41 -27.36
N MET B 442 40.22 0.11 -27.02
CA MET B 442 40.97 0.85 -25.99
C MET B 442 41.15 2.32 -26.43
N ALA B 443 41.38 2.55 -27.73
CA ALA B 443 41.56 3.92 -28.28
C ALA B 443 40.30 4.77 -28.05
N THR B 444 39.10 4.18 -28.00
CA THR B 444 37.87 4.97 -27.73
C THR B 444 37.97 5.58 -26.32
N GLY B 445 38.69 4.94 -25.41
CA GLY B 445 38.91 5.47 -24.05
C GLY B 445 39.93 6.60 -24.09
N TYR B 446 41.10 6.35 -24.66
CA TYR B 446 42.22 7.34 -24.70
C TYR B 446 41.82 8.59 -25.49
N GLU B 447 40.93 8.46 -26.47
CA GLU B 447 40.54 9.62 -27.33
C GLU B 447 39.50 10.49 -26.62
N PHE B 448 38.85 9.98 -25.59
CA PHE B 448 37.72 10.67 -24.91
C PHE B 448 38.14 12.04 -24.38
N PRO B 449 39.25 12.22 -23.61
CA PRO B 449 40.08 11.15 -23.06
C PRO B 449 39.53 10.80 -21.67
N TRP B 450 39.59 9.52 -21.33
CA TRP B 450 39.14 9.07 -19.99
C TRP B 450 40.20 9.38 -18.93
N ARG B 451 39.79 9.29 -17.68
CA ARG B 451 40.70 9.33 -16.52
C ARG B 451 40.33 8.18 -15.60
N LEU B 452 41.21 7.19 -15.50
CA LEU B 452 40.91 5.85 -14.91
C LEU B 452 42.06 5.48 -13.98
N PRO B 453 41.82 4.57 -13.00
CA PRO B 453 42.92 3.99 -12.25
C PRO B 453 43.91 3.34 -13.22
N LEU B 454 45.19 3.38 -12.90
CA LEU B 454 46.26 3.02 -13.87
C LEU B 454 46.24 1.52 -14.20
N GLU B 455 45.65 0.67 -13.38
CA GLU B 455 45.58 -0.80 -13.62
C GLU B 455 44.38 -1.15 -14.51
N TRP B 456 43.41 -0.26 -14.64
CA TRP B 456 42.12 -0.60 -15.30
C TRP B 456 42.33 -0.91 -16.78
N PRO B 457 43.08 -0.08 -17.55
CA PRO B 457 43.26 -0.37 -18.97
C PRO B 457 43.82 -1.77 -19.27
N HIS B 458 44.87 -2.20 -18.56
CA HIS B 458 45.45 -3.55 -18.76
C HIS B 458 44.38 -4.61 -18.48
N MET B 459 43.60 -4.43 -17.41
CA MET B 459 42.52 -5.38 -17.06
C MET B 459 41.48 -5.43 -18.20
N MET B 460 41.05 -4.26 -18.70
N MET B 460 41.04 -4.27 -18.70
CA MET B 460 40.03 -4.18 -19.79
CA MET B 460 40.04 -4.22 -19.78
C MET B 460 40.60 -4.89 -21.03
C MET B 460 40.60 -4.89 -21.03
N GLU B 461 41.85 -4.60 -21.39
CA GLU B 461 42.52 -5.22 -22.57
C GLU B 461 42.47 -6.75 -22.44
N THR B 462 42.83 -7.29 -21.28
CA THR B 462 42.86 -8.75 -21.05
C THR B 462 41.44 -9.31 -21.21
N PHE B 463 40.41 -8.62 -20.69
CA PHE B 463 39.01 -9.13 -20.71
C PHE B 463 38.29 -8.86 -22.04
N LEU B 464 38.86 -8.05 -22.93
CA LEU B 464 38.28 -7.80 -24.28
C LEU B 464 38.68 -8.90 -25.25
N GLN B 465 39.85 -9.51 -25.07
CA GLN B 465 40.46 -10.43 -26.07
C GLN B 465 39.55 -11.64 -26.30
N GLY B 466 39.10 -12.28 -25.21
CA GLY B 466 38.29 -13.51 -25.24
C GLY B 466 36.97 -13.34 -25.99
N PRO B 467 36.11 -12.37 -25.60
CA PRO B 467 34.85 -12.15 -26.31
C PRO B 467 34.99 -11.87 -27.81
N PHE B 468 36.01 -11.11 -28.23
CA PHE B 468 36.21 -10.81 -29.67
C PHE B 468 36.70 -12.07 -30.40
N ALA B 469 37.60 -12.84 -29.78
CA ALA B 469 38.10 -14.13 -30.34
C ALA B 469 36.94 -15.10 -30.51
N GLU B 470 36.03 -15.15 -29.53
CA GLU B 470 34.83 -16.05 -29.54
C GLU B 470 33.90 -15.62 -30.68
N LEU B 471 33.67 -14.32 -30.85
CA LEU B 471 32.78 -13.79 -31.92
C LEU B 471 33.37 -14.14 -33.29
N ALA B 472 34.66 -13.87 -33.52
CA ALA B 472 35.35 -14.13 -34.81
C ALA B 472 35.22 -15.62 -35.17
N ASP B 473 35.39 -16.49 -34.18
CA ASP B 473 35.39 -17.96 -34.40
C ASP B 473 33.97 -18.43 -34.73
N ARG B 474 32.98 -17.79 -34.12
CA ARG B 474 31.53 -18.11 -34.27
C ARG B 474 31.01 -17.64 -35.64
N LEU B 475 31.52 -16.52 -36.17
CA LEU B 475 30.92 -15.88 -37.38
C LEU B 475 31.13 -16.79 -38.60
N SER B 476 32.32 -17.37 -38.73
CA SER B 476 32.78 -18.07 -39.96
C SER B 476 34.13 -18.75 -39.69
N ASP B 477 34.36 -19.88 -40.37
CA ASP B 477 35.66 -20.61 -40.33
C ASP B 477 36.63 -19.99 -41.34
N THR B 478 36.18 -19.11 -42.24
CA THR B 478 37.06 -18.58 -43.33
C THR B 478 37.11 -17.04 -43.28
N TYR B 479 35.97 -16.35 -43.13
CA TYR B 479 35.91 -14.86 -43.22
C TYR B 479 36.01 -14.25 -41.81
N THR B 480 36.73 -13.12 -41.73
CA THR B 480 36.79 -12.26 -40.53
C THR B 480 36.45 -10.82 -40.93
N PRO B 481 35.40 -10.23 -40.33
CA PRO B 481 35.09 -8.82 -40.61
C PRO B 481 36.23 -7.94 -40.12
N PRO B 482 36.56 -6.85 -40.84
CA PRO B 482 37.52 -5.86 -40.33
C PRO B 482 37.02 -5.27 -39.00
N ALA B 483 37.92 -4.73 -38.20
CA ALA B 483 37.66 -4.24 -36.82
C ALA B 483 36.41 -3.34 -36.79
N ASP B 484 36.29 -2.39 -37.73
CA ASP B 484 35.20 -1.38 -37.74
C ASP B 484 33.86 -2.09 -37.83
N LEU B 485 33.77 -3.18 -38.60
CA LEU B 485 32.54 -4.00 -38.71
C LEU B 485 32.44 -4.95 -37.51
N MET B 486 33.55 -5.55 -37.08
CA MET B 486 33.53 -6.53 -35.98
C MET B 486 32.94 -5.89 -34.71
N THR B 487 33.31 -4.64 -34.40
CA THR B 487 32.77 -3.95 -33.20
C THR B 487 31.25 -3.76 -33.38
N ALA B 488 30.78 -3.36 -34.55
CA ALA B 488 29.34 -3.18 -34.83
C ALA B 488 28.63 -4.53 -34.61
N ILE B 489 29.21 -5.64 -35.05
CA ILE B 489 28.57 -6.98 -34.95
C ILE B 489 28.54 -7.40 -33.48
N MET B 490 29.64 -7.16 -32.74
CA MET B 490 29.76 -7.50 -31.30
C MET B 490 28.56 -6.92 -30.53
N PHE B 491 28.17 -5.67 -30.81
CA PHE B 491 27.14 -4.94 -30.03
C PHE B 491 25.79 -4.96 -30.75
N SER B 492 25.61 -5.79 -31.78
CA SER B 492 24.32 -5.94 -32.50
C SER B 492 23.48 -7.02 -31.80
N GLU B 493 22.21 -7.14 -32.18
CA GLU B 493 21.26 -8.17 -31.64
C GLU B 493 21.71 -9.56 -32.08
N ARG B 494 21.38 -10.58 -31.27
CA ARG B 494 21.67 -12.01 -31.56
C ARG B 494 21.16 -12.35 -32.97
N GLU B 495 19.95 -11.90 -33.32
CA GLU B 495 19.30 -12.19 -34.64
C GLU B 495 20.16 -11.60 -35.77
N GLN B 496 20.73 -10.40 -35.57
CA GLN B 496 21.59 -9.74 -36.59
C GLN B 496 22.89 -10.52 -36.76
N GLN B 497 23.46 -11.04 -35.66
CA GLN B 497 24.70 -11.84 -35.68
C GLN B 497 24.43 -13.16 -36.43
N ASP B 498 23.30 -13.80 -36.14
CA ASP B 498 22.90 -15.10 -36.74
C ASP B 498 22.71 -14.92 -38.25
N GLU B 499 22.08 -13.81 -38.66
CA GLU B 499 21.85 -13.50 -40.09
C GLU B 499 23.21 -13.34 -40.79
N LEU B 500 24.20 -12.73 -40.13
CA LEU B 500 25.56 -12.55 -40.72
C LEU B 500 26.26 -13.91 -40.82
N ILE B 501 26.07 -14.79 -39.84
CA ILE B 501 26.67 -16.17 -39.86
C ILE B 501 26.14 -16.88 -41.12
N ALA B 502 24.83 -16.78 -41.38
CA ALA B 502 24.13 -17.35 -42.55
C ALA B 502 24.68 -16.73 -43.84
N TYR B 503 24.80 -15.39 -43.89
CA TYR B 503 25.37 -14.65 -45.05
C TYR B 503 26.76 -15.20 -45.38
N TYR B 504 27.66 -15.27 -44.39
CA TYR B 504 29.05 -15.71 -44.61
C TYR B 504 29.05 -17.15 -45.14
N ALA B 505 28.17 -18.00 -44.60
CA ALA B 505 28.04 -19.43 -44.99
C ALA B 505 27.57 -19.52 -46.45
N ASP B 506 26.60 -18.68 -46.85
CA ASP B 506 26.04 -18.61 -48.23
C ASP B 506 27.10 -18.08 -49.19
N VAL B 507 27.94 -17.13 -48.78
CA VAL B 507 29.06 -16.62 -49.61
C VAL B 507 30.08 -17.76 -49.81
N HIS B 508 30.43 -18.48 -48.76
CA HIS B 508 31.47 -19.56 -48.85
C HIS B 508 30.99 -20.63 -49.85
N ARG B 509 29.72 -21.01 -49.73
CA ARG B 509 29.00 -21.99 -50.60
C ARG B 509 29.05 -21.51 -52.05
N GLU B 510 28.82 -20.23 -52.30
CA GLU B 510 28.79 -19.65 -53.67
C GLU B 510 30.18 -19.74 -54.30
N TRP B 511 31.26 -19.49 -53.55
CA TRP B 511 32.60 -19.24 -54.14
C TRP B 511 33.55 -20.43 -53.95
N HIS B 512 33.17 -21.45 -53.19
CA HIS B 512 34.05 -22.59 -52.84
C HIS B 512 33.31 -23.93 -53.07
N GLN C 31 94.88 31.31 15.23
CA GLN C 31 95.21 29.94 14.74
C GLN C 31 95.35 30.00 13.20
N THR C 32 95.85 28.92 12.61
CA THR C 32 95.71 28.59 11.16
C THR C 32 94.72 27.44 10.97
N ASP C 33 94.01 27.08 12.05
CA ASP C 33 92.94 26.05 12.06
C ASP C 33 91.78 26.49 11.16
N VAL C 34 91.13 25.55 10.50
CA VAL C 34 89.91 25.80 9.67
C VAL C 34 88.74 25.04 10.30
N ILE C 35 87.61 25.72 10.49
CA ILE C 35 86.32 25.08 10.86
C ILE C 35 85.35 25.20 9.68
N VAL C 36 84.84 24.07 9.21
CA VAL C 36 83.72 24.01 8.22
C VAL C 36 82.43 23.80 9.03
N VAL C 37 81.49 24.75 8.92
CA VAL C 37 80.16 24.63 9.58
C VAL C 37 79.18 24.04 8.57
N GLY C 38 78.85 22.76 8.72
CA GLY C 38 77.85 22.09 7.87
C GLY C 38 78.40 20.82 7.25
N ASN C 39 77.58 19.77 7.20
CA ASN C 39 77.99 18.39 6.83
C ASN C 39 77.12 17.88 5.68
N GLY C 40 76.62 18.78 4.83
CA GLY C 40 76.01 18.42 3.55
C GLY C 40 77.09 18.24 2.51
N VAL C 41 76.70 18.17 1.24
CA VAL C 41 77.65 18.00 0.12
C VAL C 41 78.64 19.18 0.11
N LEU C 42 78.19 20.41 0.35
CA LEU C 42 79.05 21.60 0.21
C LEU C 42 80.09 21.63 1.33
N GLY C 43 79.67 21.46 2.59
CA GLY C 43 80.61 21.43 3.72
C GLY C 43 81.66 20.33 3.57
N LEU C 44 81.22 19.11 3.30
CA LEU C 44 82.13 17.94 3.18
C LEU C 44 83.04 18.12 1.96
N SER C 45 82.53 18.65 0.85
CA SER C 45 83.32 18.84 -0.39
C SER C 45 84.43 19.85 -0.14
N VAL C 46 84.11 20.97 0.51
CA VAL C 46 85.12 22.02 0.85
C VAL C 46 86.08 21.45 1.91
N GLY C 47 85.55 20.69 2.88
CA GLY C 47 86.35 19.98 3.91
C GLY C 47 87.43 19.11 3.27
N VAL C 48 87.03 18.24 2.35
CA VAL C 48 87.93 17.30 1.60
C VAL C 48 88.99 18.14 0.87
N GLU C 49 88.58 19.19 0.16
CA GLU C 49 89.52 19.98 -0.69
C GLU C 49 90.55 20.68 0.21
N ILE C 50 90.11 21.26 1.32
CA ILE C 50 91.00 21.96 2.31
C ILE C 50 91.97 20.93 2.90
N ALA C 51 91.45 19.83 3.44
CA ALA C 51 92.24 18.76 4.10
C ALA C 51 93.32 18.25 3.14
N ARG C 52 92.97 18.01 1.88
CA ARG C 52 93.87 17.42 0.86
C ARG C 52 94.94 18.42 0.43
N THR C 53 94.63 19.72 0.36
CA THR C 53 95.54 20.73 -0.26
C THR C 53 96.36 21.45 0.82
N ARG C 54 95.94 21.40 2.09
CA ARG C 54 96.70 21.99 3.23
C ARG C 54 96.94 20.93 4.30
N PRO C 55 97.81 19.91 4.06
CA PRO C 55 98.05 18.85 5.03
C PRO C 55 98.68 19.35 6.34
N ASP C 56 99.24 20.56 6.32
CA ASP C 56 99.90 21.24 7.46
C ASP C 56 98.86 21.78 8.45
N VAL C 57 97.59 21.96 8.04
CA VAL C 57 96.56 22.66 8.87
C VAL C 57 95.52 21.65 9.39
N ARG C 58 94.99 21.94 10.58
CA ARG C 58 93.86 21.25 11.23
C ARG C 58 92.52 21.73 10.63
N VAL C 59 91.76 20.81 10.05
CA VAL C 59 90.40 21.13 9.50
C VAL C 59 89.39 20.29 10.27
N THR C 60 88.45 20.96 10.94
CA THR C 60 87.35 20.37 11.73
C THR C 60 86.02 20.68 11.02
N LEU C 61 85.17 19.67 10.82
CA LEU C 61 83.85 19.84 10.17
C LEU C 61 82.75 19.56 11.20
N LEU C 62 81.83 20.51 11.36
CA LEU C 62 80.68 20.48 12.30
C LEU C 62 79.42 19.98 11.59
N GLY C 63 78.49 19.41 12.35
CA GLY C 63 77.19 18.90 11.85
C GLY C 63 76.91 17.50 12.37
N LYS C 64 75.63 17.13 12.46
CA LYS C 64 75.14 15.91 13.14
C LYS C 64 74.60 14.92 12.10
N PRO C 65 74.66 13.60 12.39
CA PRO C 65 74.23 12.57 11.45
C PRO C 65 72.77 12.68 11.01
N ALA C 66 71.89 13.25 11.82
CA ALA C 66 70.46 13.44 11.49
C ALA C 66 70.30 14.36 10.27
N ARG C 67 71.26 15.28 10.06
CA ARG C 67 71.24 16.26 8.93
C ARG C 67 69.82 16.86 8.83
N GLN C 68 69.35 17.52 9.89
CA GLN C 68 68.00 18.12 9.95
C GLN C 68 67.84 19.09 8.78
N TYR C 69 66.72 18.97 8.05
CA TYR C 69 66.32 19.78 6.87
C TYR C 69 67.35 19.65 5.74
N GLY C 70 68.25 18.67 5.80
CA GLY C 70 69.35 18.53 4.83
C GLY C 70 68.85 18.32 3.42
N ALA C 71 69.27 19.19 2.49
CA ALA C 71 68.95 19.07 1.05
C ALA C 71 69.63 17.80 0.49
N THR C 72 70.92 17.60 0.76
CA THR C 72 71.76 16.57 0.09
C THR C 72 71.15 15.18 0.23
N PRO C 73 70.80 14.69 1.44
CA PRO C 73 70.30 13.32 1.58
C PRO C 73 68.93 13.11 0.91
N ALA C 74 68.18 14.18 0.65
CA ALA C 74 66.85 14.12 0.00
C ALA C 74 66.99 14.19 -1.53
N ALA C 75 68.22 14.37 -2.04
CA ALA C 75 68.53 14.54 -3.48
C ALA C 75 68.77 13.15 -4.09
N GLY C 76 68.50 13.04 -5.39
CA GLY C 76 68.57 11.77 -6.16
C GLY C 76 69.97 11.19 -6.21
N ALA C 77 70.89 11.90 -6.86
CA ALA C 77 70.75 13.27 -7.32
C ALA C 77 71.23 13.35 -8.76
N MET C 78 70.63 14.27 -9.53
CA MET C 78 71.06 14.53 -10.91
C MET C 78 72.27 15.48 -10.90
N LEU C 79 73.28 15.18 -11.73
CA LEU C 79 74.37 16.15 -12.04
C LEU C 79 73.85 17.05 -13.15
N GLY C 80 72.89 17.90 -12.77
CA GLY C 80 72.04 18.67 -13.68
C GLY C 80 72.71 19.99 -14.05
N ALA C 81 73.04 20.10 -15.32
CA ALA C 81 73.57 21.30 -15.99
C ALA C 81 72.59 21.69 -17.10
N PHE C 82 72.58 20.93 -18.18
CA PHE C 82 71.70 21.18 -19.35
C PHE C 82 70.25 20.85 -19.00
N GLY C 83 70.00 19.82 -18.18
CA GLY C 83 68.62 19.48 -17.75
C GLY C 83 67.98 20.60 -16.93
N GLU C 84 68.80 21.46 -16.29
CA GLU C 84 68.33 22.57 -15.45
C GLU C 84 68.05 23.83 -16.28
N VAL C 85 68.32 23.82 -17.58
CA VAL C 85 68.15 25.01 -18.45
C VAL C 85 66.66 25.34 -18.57
N THR C 86 66.33 26.61 -18.36
CA THR C 86 65.01 27.22 -18.71
C THR C 86 65.25 28.43 -19.61
N ALA C 87 64.27 28.75 -20.46
CA ALA C 87 64.25 29.98 -21.26
C ALA C 87 64.44 31.18 -20.32
N HIS C 88 63.73 31.20 -19.20
CA HIS C 88 63.71 32.33 -18.24
C HIS C 88 65.11 32.54 -17.62
N ALA C 89 65.80 31.47 -17.21
CA ALA C 89 67.16 31.54 -16.65
C ALA C 89 68.11 32.16 -17.68
N LEU C 90 68.12 31.65 -18.91
CA LEU C 90 69.08 32.04 -19.97
C LEU C 90 68.72 33.40 -20.60
N ALA C 91 67.57 33.98 -20.26
CA ALA C 91 67.15 35.33 -20.69
C ALA C 91 67.85 36.40 -19.84
N SER C 92 68.43 36.05 -18.68
CA SER C 92 69.08 37.02 -17.76
C SER C 92 70.61 36.79 -17.75
N GLU C 93 71.37 37.86 -17.56
CA GLU C 93 72.85 37.79 -17.50
C GLU C 93 73.24 36.88 -16.31
N HIS C 94 72.61 37.07 -15.15
CA HIS C 94 72.93 36.28 -13.92
C HIS C 94 72.60 34.80 -14.17
N GLY C 95 71.49 34.51 -14.85
CA GLY C 95 71.12 33.13 -15.19
C GLY C 95 72.11 32.49 -16.13
N ARG C 96 72.60 33.22 -17.13
CA ARG C 96 73.63 32.71 -18.08
C ARG C 96 74.94 32.42 -17.31
N LYS C 97 75.31 33.28 -16.37
CA LYS C 97 76.53 33.11 -15.51
C LYS C 97 76.39 31.83 -14.69
N LYS C 98 75.24 31.63 -14.04
CA LYS C 98 74.94 30.42 -13.22
C LYS C 98 75.06 29.19 -14.14
N HIS C 99 74.52 29.25 -15.36
CA HIS C 99 74.54 28.12 -16.32
C HIS C 99 75.99 27.78 -16.71
N ALA C 100 76.81 28.77 -17.02
CA ALA C 100 78.23 28.57 -17.38
C ALA C 100 78.91 27.79 -16.27
N LEU C 101 78.67 28.14 -15.01
CA LEU C 101 79.28 27.47 -13.83
C LEU C 101 78.83 26.01 -13.75
N ALA C 102 77.55 25.73 -13.98
CA ALA C 102 77.01 24.36 -14.02
C ALA C 102 77.74 23.55 -15.10
N VAL C 103 77.96 24.14 -16.27
CA VAL C 103 78.65 23.42 -17.40
C VAL C 103 80.10 23.15 -16.98
N GLN C 104 80.76 24.10 -16.31
CA GLN C 104 82.17 23.97 -15.84
C GLN C 104 82.24 22.87 -14.79
N ALA C 105 81.29 22.82 -13.85
CA ALA C 105 81.24 21.80 -12.77
C ALA C 105 81.19 20.40 -13.37
N GLN C 106 80.42 20.19 -14.43
CA GLN C 106 80.19 18.85 -15.06
C GLN C 106 81.53 18.27 -15.48
N ARG C 107 82.48 19.09 -15.94
CA ARG C 107 83.81 18.63 -16.40
C ARG C 107 84.61 18.03 -15.23
N LEU C 108 84.38 18.49 -14.01
CA LEU C 108 85.15 18.07 -12.81
C LEU C 108 84.65 16.72 -12.26
N TRP C 109 83.43 16.29 -12.58
CA TRP C 109 82.78 15.16 -11.86
C TRP C 109 83.50 13.83 -12.07
N PRO C 110 83.91 13.44 -13.29
CA PRO C 110 84.55 12.14 -13.50
C PRO C 110 85.79 11.91 -12.59
N GLU C 111 86.69 12.88 -12.53
CA GLU C 111 87.95 12.80 -11.74
C GLU C 111 87.65 13.00 -10.24
N TRP C 112 86.66 13.82 -9.90
CA TRP C 112 86.22 14.01 -8.50
C TRP C 112 85.73 12.67 -7.94
N ILE C 113 84.87 11.98 -8.69
CA ILE C 113 84.32 10.65 -8.28
C ILE C 113 85.46 9.64 -8.17
N GLU C 114 86.37 9.60 -9.15
CA GLU C 114 87.57 8.71 -9.12
C GLU C 114 88.33 8.93 -7.81
N SER C 115 88.56 10.18 -7.43
CA SER C 115 89.36 10.60 -6.24
C SER C 115 88.64 10.21 -4.94
N LEU C 116 87.30 10.17 -4.95
CA LEU C 116 86.50 9.84 -3.75
C LEU C 116 86.39 8.32 -3.61
N GLU C 117 86.16 7.61 -4.72
CA GLU C 117 86.04 6.13 -4.72
C GLU C 117 87.40 5.51 -4.43
N ALA C 118 88.49 6.19 -4.77
CA ALA C 118 89.90 5.75 -4.54
C ALA C 118 90.14 5.47 -3.05
N THR C 119 89.45 6.18 -2.15
CA THR C 119 89.64 6.03 -0.68
C THR C 119 88.81 4.85 -0.15
N GLY C 120 88.01 4.19 -1.00
CA GLY C 120 87.14 3.08 -0.61
C GLY C 120 87.49 1.80 -1.35
N THR C 121 86.61 0.80 -1.27
CA THR C 121 86.68 -0.48 -2.02
C THR C 121 85.34 -0.69 -2.74
N ALA C 122 85.26 -1.71 -3.59
CA ALA C 122 84.05 -2.07 -4.38
C ALA C 122 82.82 -2.17 -3.46
N ALA C 123 82.98 -2.70 -2.26
CA ALA C 123 81.89 -3.04 -1.31
C ALA C 123 81.25 -1.77 -0.74
N ASP C 124 81.87 -0.60 -0.90
CA ASP C 124 81.31 0.70 -0.45
C ASP C 124 80.18 1.16 -1.38
N GLY C 125 80.08 0.54 -2.56
CA GLY C 125 79.07 0.89 -3.57
C GLY C 125 79.63 1.98 -4.46
N ARG C 126 78.89 2.28 -5.53
CA ARG C 126 79.36 3.19 -6.61
C ARG C 126 78.63 4.52 -6.44
N ILE C 127 79.36 5.63 -6.51
CA ILE C 127 78.77 6.99 -6.38
C ILE C 127 77.86 7.22 -7.60
N LYS C 128 78.34 6.89 -8.80
CA LYS C 128 77.62 7.13 -10.08
C LYS C 128 76.53 6.09 -10.27
N THR C 129 75.29 6.50 -10.57
CA THR C 129 74.15 5.58 -10.82
C THR C 129 73.67 5.64 -12.28
N ALA C 130 74.08 6.66 -13.04
CA ALA C 130 73.79 6.78 -14.47
C ALA C 130 74.78 7.77 -15.10
N ASP C 131 75.11 7.56 -16.37
CA ASP C 131 76.04 8.44 -17.12
C ASP C 131 75.26 9.48 -17.95
N ASP C 132 74.04 9.13 -18.35
CA ASP C 132 73.25 9.88 -19.35
C ASP C 132 71.89 10.22 -18.78
N THR C 133 71.23 11.19 -19.43
CA THR C 133 69.89 11.71 -19.05
C THR C 133 69.03 11.74 -20.30
N VAL C 134 67.77 11.33 -20.19
CA VAL C 134 66.75 11.56 -21.23
C VAL C 134 65.76 12.60 -20.69
N VAL C 135 65.61 13.70 -21.40
CA VAL C 135 64.59 14.76 -21.12
C VAL C 135 63.37 14.41 -21.96
N LEU C 136 62.21 14.29 -21.31
CA LEU C 136 60.94 13.92 -21.97
C LEU C 136 60.07 15.17 -22.06
N LEU C 137 59.37 15.31 -23.18
CA LEU C 137 58.38 16.39 -23.38
C LEU C 137 57.01 15.74 -23.54
N ASN C 138 56.14 16.00 -22.58
CA ASN C 138 54.73 15.55 -22.61
C ASN C 138 53.85 16.81 -22.51
N THR C 139 52.53 16.66 -22.51
CA THR C 139 51.62 17.82 -22.47
C THR C 139 50.97 17.95 -21.09
N VAL C 140 51.54 17.34 -20.06
CA VAL C 140 51.04 17.48 -18.66
C VAL C 140 51.72 18.68 -18.03
N GLY C 141 51.46 19.85 -18.61
CA GLY C 141 52.14 21.08 -18.21
C GLY C 141 51.79 22.22 -19.12
N HIS C 142 52.30 23.38 -18.77
CA HIS C 142 52.06 24.65 -19.49
C HIS C 142 52.99 24.68 -20.71
N SER C 143 52.44 24.92 -21.89
CA SER C 143 53.23 25.15 -23.12
C SER C 143 54.24 26.30 -22.88
N ALA C 144 53.86 27.32 -22.13
CA ALA C 144 54.67 28.54 -21.90
C ALA C 144 55.92 28.20 -21.04
N LEU C 145 55.89 27.11 -20.27
CA LEU C 145 57.11 26.62 -19.59
C LEU C 145 57.72 25.48 -20.40
N ASP C 146 57.01 24.36 -20.57
CA ASP C 146 57.60 23.09 -21.07
C ASP C 146 58.07 23.24 -22.53
N ASP C 147 57.29 23.87 -23.42
CA ASP C 147 57.69 23.97 -24.84
C ASP C 147 58.89 24.93 -24.94
N ALA C 148 58.82 26.08 -24.27
CA ALA C 148 59.90 27.11 -24.25
C ALA C 148 61.18 26.49 -23.67
N ASN C 149 61.05 25.67 -22.63
CA ASN C 149 62.22 25.13 -21.90
C ASN C 149 62.87 24.04 -22.74
N PHE C 150 62.10 23.20 -23.43
CA PHE C 150 62.64 22.13 -24.30
C PHE C 150 63.50 22.76 -25.41
N ALA C 151 62.97 23.82 -26.03
CA ALA C 151 63.69 24.60 -27.06
C ALA C 151 64.98 25.19 -26.45
N ALA C 152 64.92 25.73 -25.23
CA ALA C 152 66.07 26.38 -24.55
C ALA C 152 67.17 25.35 -24.25
N VAL C 153 66.78 24.13 -23.83
CA VAL C 153 67.73 23.03 -23.52
C VAL C 153 68.45 22.64 -24.83
N LEU C 154 67.72 22.43 -25.91
CA LEU C 154 68.30 22.08 -27.24
C LEU C 154 69.30 23.16 -27.65
N THR C 155 68.94 24.44 -27.50
CA THR C 155 69.82 25.57 -27.92
C THR C 155 71.10 25.56 -27.06
N ALA C 156 70.96 25.44 -25.74
CA ALA C 156 72.08 25.49 -24.78
C ALA C 156 73.05 24.34 -25.05
N LEU C 157 72.53 23.14 -25.35
CA LEU C 157 73.39 21.97 -25.69
C LEU C 157 74.21 22.28 -26.95
N LYS C 158 73.56 22.80 -27.99
CA LYS C 158 74.24 23.10 -29.29
C LYS C 158 75.28 24.20 -29.06
N GLU C 159 74.94 25.26 -28.31
CA GLU C 159 75.85 26.38 -28.02
C GLU C 159 77.11 25.86 -27.31
N ALA C 160 76.97 24.89 -26.38
CA ALA C 160 78.07 24.36 -25.55
C ALA C 160 78.86 23.29 -26.31
N ASN C 161 78.44 22.89 -27.53
CA ASN C 161 79.07 21.79 -28.28
C ASN C 161 78.97 20.49 -27.46
N ALA C 162 77.90 20.33 -26.68
CA ALA C 162 77.70 19.14 -25.80
C ALA C 162 77.14 17.99 -26.63
N PRO C 163 77.58 16.74 -26.40
CA PRO C 163 77.02 15.60 -27.10
C PRO C 163 75.58 15.33 -26.64
N HIS C 164 74.68 15.19 -27.61
CA HIS C 164 73.23 14.97 -27.36
C HIS C 164 72.58 14.55 -28.67
N GLU C 165 71.39 13.96 -28.59
CA GLU C 165 70.58 13.57 -29.77
C GLU C 165 69.10 13.67 -29.37
N GLU C 166 68.27 14.29 -30.21
CA GLU C 166 66.81 14.10 -30.13
C GLU C 166 66.54 12.69 -30.65
N ILE C 167 65.82 11.87 -29.87
CA ILE C 167 65.60 10.45 -30.16
C ILE C 167 64.10 10.19 -30.28
N ALA C 168 63.74 9.10 -30.96
CA ALA C 168 62.34 8.62 -31.02
C ALA C 168 61.93 8.24 -29.59
N VAL C 169 60.71 8.61 -29.18
CA VAL C 169 60.22 8.26 -27.82
C VAL C 169 60.15 6.73 -27.71
N GLU C 170 59.83 6.03 -28.81
CA GLU C 170 59.74 4.54 -28.81
C GLU C 170 61.12 3.95 -28.47
N SER C 171 62.21 4.69 -28.65
CA SER C 171 63.58 4.20 -28.36
C SER C 171 63.95 4.41 -26.88
N VAL C 172 63.13 5.13 -26.11
CA VAL C 172 63.40 5.32 -24.65
C VAL C 172 63.04 4.01 -23.95
N ASP C 173 64.04 3.33 -23.42
CA ASP C 173 63.86 2.00 -22.77
C ASP C 173 63.12 2.22 -21.45
N TRP C 174 62.46 1.17 -20.99
CA TRP C 174 61.91 1.01 -19.62
C TRP C 174 60.57 1.73 -19.44
N ILE C 175 60.43 2.98 -19.87
CA ILE C 175 59.22 3.82 -19.54
C ILE C 175 57.95 3.12 -20.00
N ASP C 176 56.87 3.33 -19.25
CA ASP C 176 55.53 2.78 -19.58
C ASP C 176 54.49 3.79 -19.11
N PRO C 177 54.43 4.97 -19.75
CA PRO C 177 53.50 6.00 -19.31
C PRO C 177 52.05 5.65 -19.66
N ASP C 178 51.12 6.27 -18.93
CA ASP C 178 49.73 6.46 -19.40
C ASP C 178 49.80 7.09 -20.78
N PRO C 179 49.16 6.49 -21.83
CA PRO C 179 49.16 7.10 -23.16
C PRO C 179 48.72 8.58 -23.20
N ASN C 180 47.76 8.98 -22.36
CA ASN C 180 47.28 10.38 -22.30
C ASN C 180 48.32 11.27 -21.60
N SER C 181 49.37 10.71 -21.00
CA SER C 181 50.44 11.45 -20.26
C SER C 181 51.80 11.23 -20.91
N ARG C 182 51.84 10.62 -22.10
CA ARG C 182 53.10 10.08 -22.68
C ARG C 182 53.90 11.22 -23.29
N PRO C 183 55.23 11.04 -23.43
CA PRO C 183 56.03 12.02 -24.15
C PRO C 183 55.85 11.83 -25.67
N LEU C 184 55.98 12.91 -26.41
CA LEU C 184 56.01 12.87 -27.89
C LEU C 184 57.38 13.30 -28.41
N ARG C 185 58.23 13.88 -27.56
CA ARG C 185 59.64 14.16 -27.91
C ARG C 185 60.54 13.73 -26.75
N ALA C 186 61.77 13.37 -27.08
CA ALA C 186 62.77 12.92 -26.08
C ALA C 186 64.14 13.37 -26.56
N LEU C 187 64.99 13.72 -25.60
CA LEU C 187 66.33 14.27 -25.84
C LEU C 187 67.31 13.48 -24.96
N HIS C 188 68.27 12.80 -25.58
CA HIS C 188 69.38 12.07 -24.92
C HIS C 188 70.55 13.04 -24.70
N ILE C 189 70.92 13.27 -23.44
CA ILE C 189 72.09 14.11 -23.06
C ILE C 189 73.20 13.15 -22.58
N GLU C 190 74.28 13.06 -23.35
CA GLU C 190 75.42 12.17 -23.06
C GLU C 190 76.30 12.82 -21.99
N GLY C 191 76.68 12.06 -20.95
CA GLY C 191 77.63 12.50 -19.93
C GLY C 191 77.02 13.46 -18.93
N GLU C 192 75.69 13.54 -18.88
CA GLU C 192 74.95 14.24 -17.79
C GLU C 192 74.20 13.14 -17.03
N GLY C 193 74.68 12.79 -15.84
CA GLY C 193 74.24 11.57 -15.15
C GLY C 193 73.68 11.88 -13.78
N SER C 194 73.87 10.93 -12.89
CA SER C 194 73.36 11.00 -11.52
C SER C 194 74.31 10.27 -10.59
N VAL C 195 74.20 10.62 -9.32
CA VAL C 195 74.95 9.99 -8.21
C VAL C 195 73.94 9.54 -7.18
N ASP C 196 74.32 8.55 -6.37
CA ASP C 196 73.60 8.17 -5.14
C ASP C 196 74.09 9.14 -4.06
N SER C 197 73.22 10.05 -3.62
CA SER C 197 73.56 11.14 -2.67
C SER C 197 74.07 10.55 -1.35
N GLY C 198 73.52 9.40 -0.92
CA GLY C 198 73.92 8.71 0.32
C GLY C 198 75.33 8.15 0.20
N ILE C 199 75.62 7.48 -0.90
CA ILE C 199 76.96 6.89 -1.19
C ILE C 199 77.96 8.03 -1.38
N LEU C 200 77.56 9.14 -2.00
CA LEU C 200 78.43 10.34 -2.13
C LEU C 200 78.80 10.88 -0.74
N LEU C 201 77.83 11.05 0.15
CA LEU C 201 78.09 11.59 1.51
C LEU C 201 79.05 10.66 2.27
N ALA C 202 78.85 9.35 2.19
CA ALA C 202 79.71 8.32 2.82
C ALA C 202 81.14 8.42 2.25
N ALA C 203 81.28 8.56 0.93
CA ALA C 203 82.59 8.66 0.23
C ALA C 203 83.28 9.98 0.63
N LEU C 204 82.54 11.07 0.78
CA LEU C 204 83.09 12.38 1.20
C LEU C 204 83.61 12.27 2.65
N GLU C 205 82.83 11.69 3.55
CA GLU C 205 83.22 11.54 4.98
C GLU C 205 84.51 10.69 5.06
N ARG C 206 84.54 9.56 4.36
CA ARG C 206 85.69 8.61 4.31
C ARG C 206 86.92 9.34 3.75
N SER C 207 86.74 10.09 2.67
CA SER C 207 87.84 10.84 1.99
C SER C 207 88.33 11.97 2.91
N PHE C 208 87.43 12.60 3.67
CA PHE C 208 87.75 13.69 4.63
C PHE C 208 88.68 13.13 5.71
N LEU C 209 88.31 11.99 6.29
CA LEU C 209 89.09 11.32 7.37
C LEU C 209 90.43 10.87 6.81
N GLN C 210 90.47 10.32 5.59
CA GLN C 210 91.70 9.81 4.95
C GLN C 210 92.70 10.97 4.80
N ALA C 211 92.23 12.20 4.58
CA ALA C 211 93.08 13.39 4.34
C ALA C 211 93.42 14.10 5.65
N GLY C 212 93.01 13.53 6.80
CA GLY C 212 93.37 14.03 8.14
C GLY C 212 92.33 14.98 8.70
N GLY C 213 91.14 15.08 8.09
CA GLY C 213 90.07 15.94 8.62
C GLY C 213 89.51 15.34 9.88
N ARG C 214 88.96 16.16 10.78
CA ARG C 214 88.29 15.64 12.00
C ARG C 214 86.81 16.04 11.97
N LEU C 215 85.95 15.07 12.24
CA LEU C 215 84.47 15.23 12.31
C LEU C 215 84.09 15.45 13.77
N HIS C 216 83.45 16.59 14.06
CA HIS C 216 82.95 16.93 15.41
C HIS C 216 81.43 17.03 15.34
N PRO C 217 80.69 15.99 15.78
CA PRO C 217 79.24 15.90 15.54
C PRO C 217 78.40 16.80 16.48
N VAL C 218 78.65 18.10 16.41
CA VAL C 218 77.87 19.16 17.12
C VAL C 218 77.54 20.24 16.09
N ASP C 219 76.63 21.14 16.42
CA ASP C 219 76.26 22.30 15.56
C ASP C 219 76.93 23.57 16.09
N ALA C 220 77.35 24.45 15.18
CA ALA C 220 77.73 25.85 15.51
C ALA C 220 76.48 26.57 16.02
N THR C 221 76.59 27.31 17.12
CA THR C 221 75.54 28.24 17.61
C THR C 221 75.90 29.68 17.23
N GLU C 222 77.19 30.01 17.20
CA GLU C 222 77.66 31.41 17.08
C GLU C 222 79.05 31.43 16.44
N ILE C 223 79.26 32.32 15.47
CA ILE C 223 80.61 32.65 14.95
C ILE C 223 81.14 33.83 15.79
N ARG C 224 82.32 33.67 16.36
CA ARG C 224 82.98 34.71 17.18
C ARG C 224 83.98 35.46 16.30
N ALA C 225 83.89 36.78 16.29
CA ALA C 225 84.80 37.68 15.54
C ALA C 225 84.93 39.00 16.31
N SER C 226 86.08 39.66 16.17
CA SER C 226 86.33 41.04 16.64
C SER C 226 87.57 41.58 15.92
N HIS C 227 87.70 42.90 15.86
CA HIS C 227 88.78 43.59 15.09
C HIS C 227 88.76 43.03 13.66
N GLY C 228 87.55 42.86 13.11
CA GLY C 228 87.27 42.47 11.70
C GLY C 228 87.90 41.14 11.29
N ARG C 229 87.99 40.17 12.20
CA ARG C 229 88.64 38.86 11.92
C ARG C 229 87.95 37.76 12.73
N VAL C 230 87.81 36.55 12.17
CA VAL C 230 87.18 35.40 12.88
C VAL C 230 88.13 34.91 13.98
N GLU C 231 87.58 34.53 15.12
CA GLU C 231 88.28 33.91 16.28
C GLU C 231 87.92 32.43 16.37
N GLY C 232 86.70 32.06 15.98
CA GLY C 232 86.24 30.66 15.97
C GLY C 232 84.73 30.53 16.14
N VAL C 233 84.29 29.39 16.67
CA VAL C 233 82.86 28.98 16.70
C VAL C 233 82.48 28.48 18.10
N VAL C 234 81.40 29.00 18.66
CA VAL C 234 80.71 28.40 19.84
C VAL C 234 79.80 27.29 19.31
N THR C 235 79.86 26.10 19.91
CA THR C 235 79.05 24.91 19.51
C THR C 235 77.87 24.75 20.50
N ASP C 236 76.90 23.91 20.16
CA ASP C 236 75.61 23.79 20.90
C ASP C 236 75.78 22.88 22.12
N ASP C 237 77.00 22.37 22.36
CA ASP C 237 77.38 21.67 23.62
C ASP C 237 78.06 22.68 24.57
N GLY C 238 78.10 23.97 24.21
CA GLY C 238 78.62 25.07 25.05
C GLY C 238 80.11 25.33 24.87
N ASP C 239 80.78 24.50 24.05
CA ASP C 239 82.26 24.54 23.85
C ASP C 239 82.63 25.71 22.92
N PHE C 240 83.90 26.10 22.87
CA PHE C 240 84.45 27.09 21.91
C PHE C 240 85.63 26.47 21.16
N LEU C 241 85.57 26.45 19.83
CA LEU C 241 86.64 25.95 18.94
C LEU C 241 87.30 27.15 18.28
N PRO C 242 88.62 27.40 18.49
CA PRO C 242 89.30 28.51 17.83
C PRO C 242 89.62 28.19 16.36
N ALA C 243 89.68 29.22 15.50
CA ALA C 243 90.02 29.08 14.07
C ALA C 243 90.51 30.41 13.48
N GLY C 244 91.40 30.34 12.50
CA GLY C 244 91.77 31.45 11.60
C GLY C 244 90.81 31.56 10.43
N HIS C 245 90.14 30.46 10.06
CA HIS C 245 89.16 30.39 8.94
C HIS C 245 87.89 29.66 9.39
N VAL C 246 86.73 30.27 9.13
CA VAL C 246 85.40 29.60 9.28
C VAL C 246 84.70 29.64 7.91
N VAL C 247 84.37 28.46 7.39
CA VAL C 247 83.60 28.30 6.13
C VAL C 247 82.18 27.87 6.51
N VAL C 248 81.20 28.74 6.25
CA VAL C 248 79.77 28.46 6.57
C VAL C 248 79.13 27.79 5.36
N ALA C 249 78.76 26.53 5.51
CA ALA C 249 78.02 25.72 4.50
C ALA C 249 76.92 24.94 5.22
N ALA C 250 76.07 25.67 5.95
CA ALA C 250 75.01 25.12 6.83
C ALA C 250 73.65 25.15 6.11
N GLY C 251 73.67 25.05 4.78
CA GLY C 251 72.46 25.03 3.94
C GLY C 251 71.57 26.23 4.25
N ALA C 252 70.27 26.01 4.42
CA ALA C 252 69.27 27.11 4.56
C ALA C 252 69.48 27.88 5.88
N ARG C 253 70.34 27.39 6.78
CA ARG C 253 70.60 28.07 8.08
C ARG C 253 71.81 29.04 7.96
N SER C 254 72.48 29.10 6.81
CA SER C 254 73.81 29.74 6.64
C SER C 254 73.74 31.26 6.88
N GLN C 255 72.77 31.99 6.33
CA GLN C 255 72.68 33.47 6.49
C GLN C 255 72.29 33.80 7.94
N ARG C 256 71.35 33.03 8.53
CA ARG C 256 70.89 33.26 9.92
C ARG C 256 72.11 33.21 10.84
N LEU C 257 73.08 32.33 10.55
CA LEU C 257 74.29 32.15 11.38
C LEU C 257 75.20 33.38 11.28
N VAL C 258 75.47 33.87 10.08
CA VAL C 258 76.42 35.01 9.83
C VAL C 258 75.74 36.35 10.16
N ALA C 259 74.40 36.44 10.07
CA ALA C 259 73.65 37.70 10.19
C ALA C 259 73.75 38.28 11.61
N ALA C 260 74.20 37.48 12.59
CA ALA C 260 74.38 37.88 14.00
C ALA C 260 75.57 38.85 14.14
N LEU C 261 76.54 38.82 13.21
CA LEU C 261 77.73 39.71 13.24
C LEU C 261 77.35 41.14 12.85
N PRO C 262 78.06 42.18 13.35
CA PRO C 262 77.66 43.57 13.16
C PRO C 262 77.50 44.00 11.68
N GLY C 263 76.35 44.57 11.33
CA GLY C 263 76.04 45.09 9.98
C GLY C 263 75.48 44.02 9.06
N LEU C 264 75.83 42.75 9.29
CA LEU C 264 75.71 41.66 8.30
C LEU C 264 74.24 41.26 8.09
N ALA C 265 73.34 41.61 9.00
CA ALA C 265 71.87 41.35 8.89
C ALA C 265 71.34 41.89 7.57
N HIS C 266 71.87 43.02 7.08
CA HIS C 266 71.38 43.66 5.84
C HIS C 266 72.46 43.69 4.75
N ARG C 267 73.54 42.94 4.93
CA ARG C 267 74.65 42.85 3.94
C ARG C 267 74.80 41.43 3.39
N ILE C 268 74.24 40.42 4.07
CA ILE C 268 74.19 39.02 3.57
C ILE C 268 72.75 38.71 3.16
N PRO C 269 72.46 38.50 1.86
CA PRO C 269 71.10 38.20 1.42
C PRO C 269 70.50 37.02 2.21
N ARG C 270 69.25 37.16 2.62
CA ARG C 270 68.53 36.07 3.32
C ARG C 270 68.46 34.80 2.46
N ILE C 271 68.45 33.66 3.13
CA ILE C 271 68.27 32.32 2.50
C ILE C 271 67.06 31.66 3.19
N TYR C 272 66.10 31.21 2.40
CA TYR C 272 64.87 30.54 2.90
C TYR C 272 64.95 29.05 2.57
N ASP C 273 63.95 28.27 3.03
CA ASP C 273 63.86 26.79 2.83
C ASP C 273 63.04 26.49 1.58
N GLY C 274 63.70 26.03 0.52
CA GLY C 274 63.06 25.46 -0.69
C GLY C 274 62.71 24.01 -0.41
N VAL C 275 61.62 23.79 0.32
CA VAL C 275 61.26 22.45 0.87
C VAL C 275 60.94 21.54 -0.31
N GLY C 276 61.65 20.42 -0.38
CA GLY C 276 61.54 19.48 -1.51
C GLY C 276 61.22 18.09 -1.01
N VAL C 277 60.26 17.47 -1.68
CA VAL C 277 59.83 16.08 -1.34
C VAL C 277 60.27 15.16 -2.46
N SER C 278 60.85 14.04 -2.07
CA SER C 278 61.26 12.94 -2.98
C SER C 278 60.85 11.62 -2.34
N ALA C 279 61.01 10.53 -3.05
CA ALA C 279 60.64 9.21 -2.50
C ALA C 279 61.57 8.13 -3.05
N LEU C 280 61.82 7.11 -2.23
CA LEU C 280 62.47 5.86 -2.64
C LEU C 280 61.37 4.81 -2.81
N VAL C 281 61.37 4.14 -3.95
CA VAL C 281 60.35 3.15 -4.36
C VAL C 281 61.10 1.87 -4.73
N ASP C 282 60.68 0.74 -4.17
CA ASP C 282 61.12 -0.61 -4.64
C ASP C 282 60.23 -1.00 -5.81
N THR C 283 60.80 -1.08 -7.01
CA THR C 283 60.03 -1.34 -8.24
C THR C 283 59.44 -2.75 -8.18
N TRP C 284 58.26 -2.91 -8.76
CA TRP C 284 57.45 -4.16 -8.82
C TRP C 284 58.32 -5.36 -9.23
N ASP C 285 59.30 -5.18 -10.12
CA ASP C 285 60.11 -6.29 -10.68
C ASP C 285 61.61 -6.08 -10.40
N GLY C 286 61.97 -5.10 -9.56
CA GLY C 286 63.36 -4.78 -9.26
C GLY C 286 64.10 -4.10 -10.41
N SER C 287 63.42 -3.76 -11.51
CA SER C 287 64.03 -3.07 -12.67
C SER C 287 64.15 -1.57 -12.41
N GLY C 288 64.91 -0.90 -13.27
CA GLY C 288 65.02 0.57 -13.30
C GLY C 288 65.54 0.99 -14.67
N PRO C 289 65.43 2.29 -15.03
CA PRO C 289 65.97 2.76 -16.29
C PRO C 289 67.49 2.87 -16.22
N ALA C 290 68.15 2.81 -17.36
CA ALA C 290 69.62 2.88 -17.52
C ALA C 290 70.07 4.35 -17.42
N THR C 291 69.15 5.30 -17.67
CA THR C 291 69.46 6.75 -17.65
C THR C 291 68.58 7.44 -16.61
N VAL C 292 68.98 8.64 -16.21
CA VAL C 292 68.06 9.61 -15.57
C VAL C 292 66.91 9.83 -16.58
N LEU C 293 65.69 9.94 -16.05
CA LEU C 293 64.51 10.36 -16.83
C LEU C 293 64.02 11.65 -16.17
N ARG C 294 63.82 12.71 -16.94
CA ARG C 294 63.37 14.00 -16.36
C ARG C 294 62.54 14.80 -17.36
N THR C 295 61.73 15.69 -16.83
CA THR C 295 61.19 16.87 -17.55
C THR C 295 62.12 18.04 -17.31
N SER C 296 61.94 19.13 -18.06
CA SER C 296 62.53 20.44 -17.70
C SER C 296 61.92 20.91 -16.38
N ASN C 297 62.53 21.92 -15.77
CA ASN C 297 62.03 22.55 -14.53
C ASN C 297 60.62 23.10 -14.79
N ARG C 298 59.73 22.90 -13.82
CA ARG C 298 58.30 23.18 -13.97
C ARG C 298 57.91 24.26 -12.96
N ALA C 299 56.61 24.40 -12.69
CA ALA C 299 56.04 25.53 -11.90
C ALA C 299 56.81 25.70 -10.58
N PHE C 300 57.30 26.91 -10.37
CA PHE C 300 57.99 27.34 -9.13
C PHE C 300 59.12 26.35 -8.78
N ALA C 301 59.88 25.94 -9.79
CA ALA C 301 61.15 25.17 -9.65
C ALA C 301 60.88 23.79 -9.04
N CYS C 302 59.68 23.24 -9.18
CA CYS C 302 59.50 21.78 -9.04
C CYS C 302 59.88 21.13 -10.38
N GLY C 303 59.76 19.83 -10.47
CA GLY C 303 60.13 19.08 -11.69
C GLY C 303 59.87 17.62 -11.45
N LEU C 304 59.86 16.84 -12.52
CA LEU C 304 59.62 15.39 -12.40
C LEU C 304 60.89 14.71 -12.87
N HIS C 305 61.42 13.79 -12.08
CA HIS C 305 62.58 12.99 -12.50
C HIS C 305 62.61 11.67 -11.76
N LEU C 306 63.27 10.71 -12.38
CA LEU C 306 63.58 9.40 -11.78
C LEU C 306 65.09 9.23 -11.90
N VAL C 307 65.76 9.00 -10.78
CA VAL C 307 67.21 8.74 -10.70
C VAL C 307 67.40 7.27 -10.37
N PRO C 308 68.11 6.51 -11.22
CA PRO C 308 68.40 5.10 -10.94
C PRO C 308 69.16 4.95 -9.61
N ARG C 309 68.86 3.87 -8.90
CA ARG C 309 69.62 3.45 -7.69
C ARG C 309 69.95 1.96 -7.85
N ALA C 310 70.95 1.48 -7.12
CA ALA C 310 71.28 0.03 -7.05
C ALA C 310 70.22 -0.70 -6.23
N GLY C 311 70.10 -2.02 -6.42
CA GLY C 311 69.34 -2.92 -5.52
C GLY C 311 67.83 -2.84 -5.67
N GLY C 312 67.32 -2.57 -6.88
CA GLY C 312 65.87 -2.67 -7.16
C GLY C 312 65.08 -1.47 -6.65
N SER C 313 65.78 -0.38 -6.31
CA SER C 313 65.18 0.89 -5.83
C SER C 313 65.24 1.92 -6.97
N VAL C 314 64.26 2.81 -7.03
CA VAL C 314 64.37 4.06 -7.83
C VAL C 314 64.09 5.24 -6.90
N TYR C 315 64.74 6.35 -7.19
CA TYR C 315 64.45 7.65 -6.57
C TYR C 315 63.51 8.41 -7.51
N ILE C 316 62.45 8.98 -6.98
CA ILE C 316 61.56 9.88 -7.76
C ILE C 316 61.50 11.21 -7.02
N GLY C 317 61.52 12.28 -7.79
CA GLY C 317 61.47 13.64 -7.26
C GLY C 317 60.91 14.57 -8.33
N ALA C 318 60.73 15.84 -8.00
CA ALA C 318 60.89 16.36 -6.65
C ALA C 318 60.08 17.64 -6.59
N THR C 319 59.30 17.82 -5.53
CA THR C 319 58.48 19.04 -5.35
C THR C 319 59.40 20.17 -4.88
N ASN C 320 58.88 21.38 -4.93
CA ASN C 320 59.58 22.54 -4.36
C ASN C 320 58.53 23.53 -3.84
N ALA C 321 58.76 24.06 -2.65
CA ALA C 321 57.95 25.16 -2.10
C ALA C 321 58.87 26.01 -1.24
N VAL C 322 59.04 27.28 -1.60
CA VAL C 322 59.78 28.22 -0.73
C VAL C 322 58.91 28.48 0.50
N CYS C 323 59.45 28.20 1.67
CA CYS C 323 58.77 28.39 2.98
C CYS C 323 59.55 29.41 3.80
N LEU C 324 58.85 30.35 4.43
CA LEU C 324 59.46 31.46 5.21
C LEU C 324 59.98 30.91 6.54
N GLU C 325 59.52 29.72 6.97
CA GLU C 325 60.10 28.97 8.11
C GLU C 325 60.36 27.53 7.67
N PRO C 326 61.36 26.85 8.24
CA PRO C 326 61.68 25.49 7.82
C PRO C 326 60.52 24.51 8.13
N ARG C 327 60.44 23.46 7.32
CA ARG C 327 59.44 22.39 7.44
C ARG C 327 60.17 21.08 7.13
N GLY C 328 60.00 20.08 7.99
CA GLY C 328 60.72 18.80 7.89
C GLY C 328 59.80 17.64 7.52
N ALA C 329 58.54 17.88 7.21
CA ALA C 329 57.58 16.83 6.81
C ALA C 329 56.91 17.23 5.50
N ALA C 330 56.64 16.26 4.63
CA ALA C 330 55.92 16.44 3.36
C ALA C 330 54.47 16.80 3.67
N SER C 331 53.86 17.66 2.87
CA SER C 331 52.40 17.82 2.86
C SER C 331 51.78 16.64 2.11
N ILE C 332 50.52 16.35 2.40
CA ILE C 332 49.75 15.35 1.62
C ILE C 332 49.81 15.74 0.15
N GLU C 333 49.57 17.01 -0.15
CA GLU C 333 49.52 17.53 -1.55
C GLU C 333 50.82 17.19 -2.30
N GLU C 334 51.96 17.41 -1.67
CA GLU C 334 53.30 17.17 -2.27
C GLU C 334 53.44 15.69 -2.63
N THR C 335 53.04 14.79 -1.72
CA THR C 335 53.17 13.33 -1.91
C THR C 335 52.27 12.92 -3.08
N VAL C 336 51.00 13.34 -3.08
CA VAL C 336 50.03 12.95 -4.13
C VAL C 336 50.56 13.46 -5.47
N PHE C 337 51.02 14.71 -5.55
CA PHE C 337 51.47 15.31 -6.82
C PHE C 337 52.66 14.52 -7.37
N LEU C 338 53.69 14.29 -6.55
CA LEU C 338 54.90 13.54 -6.97
C LEU C 338 54.50 12.17 -7.49
N PHE C 339 53.72 11.42 -6.71
CA PHE C 339 53.34 10.04 -7.05
C PHE C 339 52.51 10.02 -8.33
N ASN C 340 51.55 10.95 -8.43
CA ASN C 340 50.63 11.00 -9.59
C ASN C 340 51.44 11.27 -10.87
N CYS C 341 52.35 12.24 -10.83
CA CYS C 341 53.20 12.59 -12.00
C CYS C 341 54.06 11.39 -12.42
N ALA C 342 54.72 10.73 -11.47
CA ALA C 342 55.68 9.63 -11.77
C ALA C 342 54.92 8.45 -12.37
N THR C 343 53.78 8.08 -11.79
CA THR C 343 53.00 6.89 -12.21
C THR C 343 52.43 7.11 -13.60
N HIS C 344 51.99 8.33 -13.94
CA HIS C 344 51.35 8.63 -15.25
C HIS C 344 52.41 8.90 -16.33
N GLN C 345 53.41 9.72 -16.01
CA GLN C 345 54.32 10.31 -17.03
C GLN C 345 55.56 9.44 -17.22
N LEU C 346 55.94 8.62 -16.24
CA LEU C 346 57.18 7.80 -16.34
C LEU C 346 56.85 6.31 -16.46
N HIS C 347 56.18 5.71 -15.47
CA HIS C 347 55.96 4.24 -15.49
C HIS C 347 54.78 3.87 -14.60
N ARG C 348 53.73 3.34 -15.21
CA ARG C 348 52.50 2.92 -14.50
C ARG C 348 52.80 1.77 -13.54
N GLY C 349 53.87 1.00 -13.79
CA GLY C 349 54.37 -0.04 -12.87
C GLY C 349 54.69 0.50 -11.49
N LEU C 350 55.05 1.78 -11.39
CA LEU C 350 55.33 2.42 -10.08
C LEU C 350 54.07 2.42 -9.21
N ASN C 351 52.88 2.38 -9.81
CA ASN C 351 51.61 2.44 -9.04
C ASN C 351 51.52 1.24 -8.09
N GLY C 352 51.92 0.05 -8.55
CA GLY C 352 51.87 -1.18 -7.75
C GLY C 352 53.18 -1.44 -7.02
N SER C 353 54.13 -0.52 -7.11
CA SER C 353 55.44 -0.63 -6.44
C SER C 353 55.33 -0.16 -4.98
N GLU C 354 56.23 -0.65 -4.15
CA GLU C 354 56.23 -0.39 -2.70
C GLU C 354 56.98 0.91 -2.41
N LEU C 355 56.31 1.79 -1.67
CA LEU C 355 56.89 3.02 -1.09
C LEU C 355 57.82 2.63 0.05
N ARG C 356 59.11 2.93 -0.06
CA ARG C 356 60.10 2.65 0.99
C ARG C 356 60.25 3.86 1.91
N LYS C 357 60.30 5.08 1.35
CA LYS C 357 60.61 6.28 2.16
C LYS C 357 60.13 7.53 1.41
N VAL C 358 59.45 8.41 2.13
CA VAL C 358 59.21 9.82 1.71
C VAL C 358 60.32 10.65 2.35
N GLN C 359 61.08 11.37 1.56
CA GLN C 359 62.24 12.17 2.00
C GLN C 359 61.87 13.65 1.84
N VAL C 360 62.33 14.46 2.80
CA VAL C 360 62.13 15.93 2.79
C VAL C 360 63.46 16.59 3.10
N GLY C 361 63.87 17.56 2.29
CA GLY C 361 65.06 18.40 2.54
C GLY C 361 64.82 19.83 2.09
N SER C 362 65.65 20.77 2.55
CA SER C 362 65.50 22.23 2.25
C SER C 362 66.57 22.67 1.27
N ARG C 363 66.18 22.94 0.03
CA ARG C 363 67.05 23.64 -0.94
C ARG C 363 67.31 25.03 -0.35
N PRO C 364 68.58 25.46 -0.17
CA PRO C 364 68.86 26.82 0.31
C PRO C 364 68.43 27.82 -0.79
N ALA C 365 67.35 28.57 -0.52
CA ALA C 365 66.67 29.46 -1.49
C ALA C 365 67.06 30.92 -1.22
N PRO C 366 68.03 31.48 -1.97
CA PRO C 366 68.44 32.86 -1.74
C PRO C 366 67.33 33.84 -2.17
N ILE C 367 67.10 34.89 -1.38
CA ILE C 367 66.00 35.87 -1.59
C ILE C 367 66.17 36.59 -2.93
N ASP C 368 67.38 36.70 -3.49
CA ASP C 368 67.63 37.43 -4.76
C ASP C 368 67.89 36.43 -5.90
N GLY C 369 67.78 35.11 -5.63
CA GLY C 369 67.72 34.07 -6.66
C GLY C 369 69.08 33.53 -7.05
N PHE C 370 70.16 33.97 -6.40
CA PHE C 370 71.53 33.56 -6.78
C PHE C 370 72.33 33.16 -5.56
N PRO C 371 73.31 32.25 -5.74
CA PRO C 371 74.08 31.70 -4.63
C PRO C 371 74.92 32.75 -3.89
N LEU C 372 75.37 32.37 -2.70
CA LEU C 372 76.26 33.16 -1.80
C LEU C 372 77.56 32.36 -1.65
N ILE C 373 78.59 32.74 -2.42
CA ILE C 373 79.85 31.95 -2.57
C ILE C 373 81.04 32.90 -2.45
N GLY C 374 81.83 32.74 -1.39
CA GLY C 374 83.15 33.38 -1.30
C GLY C 374 83.36 34.11 0.00
N GLY C 375 84.12 35.20 -0.08
CA GLY C 375 84.63 35.94 1.08
C GLY C 375 83.65 36.97 1.58
N THR C 376 83.99 37.55 2.72
CA THR C 376 83.16 38.42 3.58
C THR C 376 84.03 39.63 3.95
N SER C 377 83.46 40.67 4.57
CA SER C 377 84.22 41.83 5.13
C SER C 377 84.96 41.41 6.42
N VAL C 378 84.63 40.24 6.98
CA VAL C 378 85.34 39.62 8.14
C VAL C 378 86.45 38.70 7.60
N GLU C 379 87.71 39.00 7.96
CA GLU C 379 88.89 38.20 7.56
C GLU C 379 88.70 36.77 8.06
N GLY C 380 88.92 35.78 7.19
CA GLY C 380 88.83 34.34 7.51
C GLY C 380 87.39 33.80 7.50
N LEU C 381 86.38 34.64 7.22
CA LEU C 381 84.96 34.19 7.18
C LEU C 381 84.52 34.01 5.71
N TRP C 382 84.09 32.78 5.39
CA TRP C 382 83.70 32.35 4.03
C TRP C 382 82.29 31.75 4.09
N MET C 383 81.57 31.83 2.97
CA MET C 383 80.21 31.24 2.83
C MET C 383 80.15 30.42 1.55
N LEU C 384 79.46 29.29 1.62
CA LEU C 384 79.11 28.44 0.47
C LEU C 384 77.66 28.00 0.66
N SER C 385 76.70 28.74 0.08
CA SER C 385 75.25 28.48 0.31
C SER C 385 74.38 29.15 -0.77
N GLY C 386 73.06 29.04 -0.59
CA GLY C 386 72.04 29.61 -1.49
C GLY C 386 72.06 28.96 -2.86
N THR C 387 72.40 27.68 -2.95
CA THR C 387 72.59 26.97 -4.24
C THR C 387 71.26 26.37 -4.76
N TYR C 388 70.19 26.40 -3.97
CA TYR C 388 68.82 26.02 -4.42
C TYR C 388 68.83 24.62 -5.05
N ARG C 389 68.67 24.48 -6.38
CA ARG C 389 68.45 23.16 -7.04
C ARG C 389 69.77 22.46 -7.41
N ASP C 390 70.94 23.13 -7.36
CA ASP C 390 72.13 22.56 -8.05
C ASP C 390 73.44 22.84 -7.30
N GLY C 391 73.41 22.98 -5.99
CA GLY C 391 74.62 23.01 -5.14
C GLY C 391 75.38 21.69 -5.16
N LEU C 392 74.66 20.57 -5.11
CA LEU C 392 75.27 19.21 -5.17
C LEU C 392 76.05 19.10 -6.48
N HIS C 393 75.41 19.40 -7.60
CA HIS C 393 76.05 19.38 -8.93
C HIS C 393 77.29 20.29 -8.93
N MET C 394 77.20 21.49 -8.38
CA MET C 394 78.28 22.51 -8.48
C MET C 394 79.38 22.26 -7.44
N SER C 395 79.17 21.34 -6.50
CA SER C 395 80.00 21.16 -5.28
C SER C 395 81.52 21.10 -5.58
N PRO C 396 82.03 20.29 -6.53
CA PRO C 396 83.48 20.22 -6.73
C PRO C 396 84.05 21.58 -7.19
N LEU C 397 83.31 22.30 -8.02
CA LEU C 397 83.71 23.63 -8.53
C LEU C 397 83.69 24.63 -7.39
N LEU C 398 82.62 24.66 -6.60
CA LEU C 398 82.44 25.62 -5.48
C LEU C 398 83.54 25.40 -4.43
N ALA C 399 83.84 24.13 -4.12
CA ALA C 399 84.89 23.76 -3.16
C ALA C 399 86.25 24.32 -3.62
N ARG C 400 86.60 24.07 -4.87
CA ARG C 400 87.88 24.51 -5.47
C ARG C 400 87.95 26.04 -5.50
N HIS C 401 86.83 26.71 -5.76
CA HIS C 401 86.73 28.19 -5.79
C HIS C 401 87.08 28.74 -4.40
N VAL C 402 86.43 28.26 -3.35
CA VAL C 402 86.63 28.81 -1.98
C VAL C 402 88.06 28.51 -1.52
N VAL C 403 88.60 27.33 -1.82
CA VAL C 403 89.98 26.94 -1.40
C VAL C 403 90.99 27.87 -2.10
N SER C 404 90.81 28.14 -3.40
CA SER C 404 91.65 29.11 -4.16
C SER C 404 91.61 30.47 -3.46
N LEU C 405 90.42 30.98 -3.11
CA LEU C 405 90.27 32.29 -2.43
C LEU C 405 91.03 32.27 -1.09
N MET C 406 90.93 31.19 -0.33
CA MET C 406 91.56 31.06 1.00
C MET C 406 93.09 31.07 0.85
N ASP C 407 93.61 30.63 -0.29
CA ASP C 407 95.07 30.58 -0.62
C ASP C 407 95.52 31.89 -1.27
N GLY C 408 94.68 32.92 -1.31
CA GLY C 408 94.98 34.23 -1.92
C GLY C 408 94.81 34.24 -3.43
N GLY C 409 94.22 33.18 -4.02
CA GLY C 409 93.90 33.11 -5.46
C GLY C 409 92.64 33.88 -5.78
N THR C 410 92.22 33.86 -7.05
CA THR C 410 90.97 34.49 -7.53
C THR C 410 89.93 33.41 -7.85
N GLY C 411 90.28 32.13 -7.65
CA GLY C 411 89.36 31.00 -7.86
C GLY C 411 88.84 30.95 -9.27
N VAL C 412 87.52 30.75 -9.41
CA VAL C 412 86.83 30.55 -10.71
C VAL C 412 86.29 31.89 -11.20
N ASP C 413 86.62 32.26 -12.44
CA ASP C 413 86.09 33.46 -13.12
C ASP C 413 84.57 33.34 -13.16
N GLY C 414 83.85 34.42 -12.86
CA GLY C 414 82.39 34.49 -13.06
C GLY C 414 81.59 34.17 -11.81
N LEU C 415 82.27 33.90 -10.68
CA LEU C 415 81.61 33.68 -9.36
C LEU C 415 81.56 35.01 -8.58
N ARG C 416 82.19 36.08 -9.08
CA ARG C 416 82.36 37.37 -8.35
C ARG C 416 81.00 38.00 -8.06
N GLU C 417 80.06 37.92 -9.02
CA GLU C 417 78.69 38.50 -8.86
C GLU C 417 77.96 37.83 -7.70
N PHE C 418 78.37 36.63 -7.30
CA PHE C 418 77.66 35.78 -6.31
C PHE C 418 78.39 35.79 -4.96
N ARG C 419 79.28 36.79 -4.76
CA ARG C 419 79.93 37.08 -3.46
C ARG C 419 78.85 37.23 -2.42
N PRO C 420 79.01 36.67 -1.20
CA PRO C 420 77.92 36.62 -0.22
C PRO C 420 77.55 37.97 0.41
N GLU C 421 78.50 38.90 0.49
CA GLU C 421 78.24 40.24 1.08
C GLU C 421 77.94 41.22 -0.06
N ARG C 422 76.66 41.52 -0.27
CA ARG C 422 76.20 42.22 -1.48
C ARG C 422 74.84 42.85 -1.21
N ASP C 423 74.55 43.93 -1.92
CA ASP C 423 73.16 44.39 -2.16
C ASP C 423 72.41 43.22 -2.82
N LEU C 424 71.11 43.10 -2.58
CA LEU C 424 70.27 42.10 -3.31
C LEU C 424 70.45 42.33 -4.82
N ILE C 425 70.69 41.25 -5.56
CA ILE C 425 70.72 41.27 -7.04
C ILE C 425 69.29 41.53 -7.54
N SER C 426 69.17 42.33 -8.60
CA SER C 426 67.93 42.52 -9.39
C SER C 426 68.15 41.95 -10.78
N ALA C 427 67.99 40.63 -10.96
CA ALA C 427 68.37 39.92 -12.19
C ALA C 427 67.31 40.08 -13.29
N TRP C 428 66.10 40.50 -12.91
CA TRP C 428 64.95 40.68 -13.84
C TRP C 428 64.23 41.99 -13.51
N SER C 429 63.59 42.59 -14.52
CA SER C 429 62.61 43.69 -14.34
C SER C 429 61.41 43.17 -13.55
N ARG C 430 60.74 44.05 -12.82
CA ARG C 430 59.47 43.75 -12.11
C ARG C 430 58.45 43.19 -13.11
N GLU C 431 58.41 43.73 -14.33
CA GLU C 431 57.49 43.29 -15.41
C GLU C 431 57.77 41.83 -15.78
N GLU C 432 59.05 41.46 -15.97
CA GLU C 432 59.47 40.08 -16.31
C GLU C 432 58.99 39.13 -15.20
N ILE C 433 59.20 39.51 -13.94
CA ILE C 433 58.87 38.66 -12.77
C ILE C 433 57.34 38.52 -12.67
N LEU C 434 56.59 39.60 -12.90
CA LEU C 434 55.11 39.55 -12.83
C LEU C 434 54.58 38.65 -13.94
N ASP C 435 55.13 38.71 -15.16
CA ASP C 435 54.77 37.77 -16.25
C ASP C 435 55.06 36.34 -15.79
N ASP C 436 56.23 36.12 -15.17
CA ASP C 436 56.71 34.78 -14.74
C ASP C 436 55.78 34.23 -13.65
N VAL C 437 55.43 35.02 -12.65
CA VAL C 437 54.69 34.50 -11.46
C VAL C 437 53.27 34.07 -11.90
N VAL C 438 52.66 34.80 -12.83
CA VAL C 438 51.29 34.45 -13.33
C VAL C 438 51.40 33.18 -14.17
N ARG C 439 52.40 33.08 -15.03
CA ARG C 439 52.64 31.91 -15.89
C ARG C 439 52.87 30.66 -15.01
N HIS C 440 53.70 30.77 -13.97
CA HIS C 440 54.00 29.67 -13.02
C HIS C 440 52.73 29.29 -12.25
N THR C 441 51.94 30.28 -11.82
CA THR C 441 50.65 30.02 -11.14
C THR C 441 49.76 29.18 -12.05
N MET C 442 49.60 29.58 -13.31
CA MET C 442 48.75 28.88 -14.30
C MET C 442 49.34 27.47 -14.54
N ALA C 443 50.67 27.34 -14.55
CA ALA C 443 51.34 26.04 -14.77
C ALA C 443 50.98 25.05 -13.64
N THR C 444 50.69 25.50 -12.42
CA THR C 444 50.29 24.56 -11.34
C THR C 444 48.97 23.90 -11.73
N GLY C 445 48.13 24.55 -12.53
CA GLY C 445 46.89 23.96 -13.04
C GLY C 445 47.18 22.93 -14.12
N TYR C 446 47.93 23.31 -15.14
CA TYR C 446 48.21 22.44 -16.31
C TYR C 446 49.03 21.23 -15.89
N GLU C 447 49.84 21.33 -14.84
CA GLU C 447 50.71 20.20 -14.40
C GLU C 447 49.92 19.20 -13.55
N PHE C 448 48.75 19.57 -13.06
CA PHE C 448 47.94 18.75 -12.12
C PHE C 448 47.60 17.38 -12.73
N PRO C 449 47.05 17.25 -13.97
CA PRO C 449 46.55 18.34 -14.79
C PRO C 449 45.07 18.57 -14.45
N TRP C 450 44.64 19.81 -14.47
CA TRP C 450 43.22 20.14 -14.23
C TRP C 450 42.38 19.85 -15.47
N ARG C 451 41.07 19.84 -15.27
CA ARG C 451 40.08 19.82 -16.37
C ARG C 451 39.02 20.88 -16.04
N LEU C 452 38.94 21.92 -16.84
CA LEU C 452 38.09 23.11 -16.54
C LEU C 452 37.43 23.57 -17.82
N PRO C 453 36.36 24.40 -17.72
CA PRO C 453 35.76 25.02 -18.89
C PRO C 453 36.85 25.82 -19.63
N LEU C 454 36.79 25.84 -20.95
CA LEU C 454 37.89 26.37 -21.79
C LEU C 454 38.11 27.87 -21.59
N GLU C 455 37.12 28.62 -21.10
CA GLU C 455 37.26 30.10 -20.89
C GLU C 455 37.88 30.40 -19.53
N TRP C 456 37.89 29.43 -18.61
CA TRP C 456 38.31 29.70 -17.21
C TRP C 456 39.78 30.13 -17.15
N PRO C 457 40.73 29.43 -17.81
CA PRO C 457 42.14 29.81 -17.71
C PRO C 457 42.42 31.28 -18.08
N HIS C 458 41.87 31.77 -19.19
CA HIS C 458 42.06 33.19 -19.61
C HIS C 458 41.51 34.10 -18.51
N MET C 459 40.34 33.79 -17.95
CA MET C 459 39.75 34.60 -16.87
C MET C 459 40.69 34.62 -15.65
N MET C 460 41.19 33.45 -15.24
CA MET C 460 42.10 33.33 -14.07
C MET C 460 43.37 34.17 -14.34
N GLU C 461 43.95 34.05 -15.53
CA GLU C 461 45.17 34.80 -15.91
C GLU C 461 44.92 36.30 -15.75
N THR C 462 43.80 36.80 -16.27
CA THR C 462 43.45 38.24 -16.21
C THR C 462 43.33 38.66 -14.75
N PHE C 463 42.71 37.86 -13.88
CA PHE C 463 42.44 38.23 -12.47
C PHE C 463 43.63 37.96 -11.54
N LEU C 464 44.66 37.26 -12.00
CA LEU C 464 45.90 37.03 -11.21
C LEU C 464 46.83 38.24 -11.32
N GLN C 465 46.81 38.95 -12.45
CA GLN C 465 47.81 40.00 -12.76
C GLN C 465 47.77 41.12 -11.70
N GLY C 466 46.57 41.61 -11.39
CA GLY C 466 46.35 42.75 -10.47
C GLY C 466 46.89 42.49 -9.07
N PRO C 467 46.45 41.42 -8.38
CA PRO C 467 46.96 41.12 -7.04
C PRO C 467 48.48 40.95 -6.94
N PHE C 468 49.13 40.34 -7.95
CA PHE C 468 50.61 40.16 -7.93
C PHE C 468 51.28 41.52 -8.16
N ALA C 469 50.76 42.33 -9.09
CA ALA C 469 51.27 43.70 -9.37
C ALA C 469 51.17 44.55 -8.11
N GLU C 470 50.07 44.45 -7.37
CA GLU C 470 49.81 45.20 -6.12
C GLU C 470 50.83 44.78 -5.05
N LEU C 471 51.08 43.47 -4.91
CA LEU C 471 52.03 42.93 -3.92
C LEU C 471 53.44 43.44 -4.24
N ALA C 472 53.89 43.32 -5.49
CA ALA C 472 55.24 43.73 -5.93
C ALA C 472 55.45 45.21 -5.61
N ASP C 473 54.44 46.04 -5.88
CA ASP C 473 54.52 47.51 -5.71
C ASP C 473 54.59 47.86 -4.22
N ARG C 474 53.89 47.09 -3.40
CA ARG C 474 53.79 47.27 -1.92
C ARG C 474 55.11 46.85 -1.23
N LEU C 475 55.80 45.83 -1.75
CA LEU C 475 56.94 45.22 -1.01
C LEU C 475 58.11 46.21 -0.94
N SER C 476 58.38 46.93 -2.04
CA SER C 476 59.59 47.77 -2.21
C SER C 476 59.48 48.57 -3.52
N ASP C 477 60.11 49.75 -3.56
CA ASP C 477 60.22 50.59 -4.78
C ASP C 477 61.40 50.12 -5.63
N THR C 478 62.30 49.28 -5.10
CA THR C 478 63.55 48.91 -5.82
C THR C 478 63.65 47.38 -6.01
N TYR C 479 63.38 46.59 -4.98
CA TYR C 479 63.56 45.11 -5.02
C TYR C 479 62.24 44.43 -5.39
N THR C 480 62.35 43.37 -6.19
CA THR C 480 61.25 42.43 -6.53
C THR C 480 61.71 41.00 -6.25
N PRO C 481 61.02 40.26 -5.36
CA PRO C 481 61.35 38.87 -5.13
C PRO C 481 61.14 38.06 -6.41
N PRO C 482 62.00 37.05 -6.70
CA PRO C 482 61.75 36.14 -7.81
C PRO C 482 60.41 35.42 -7.60
N ALA C 483 59.83 34.91 -8.68
CA ALA C 483 58.48 34.29 -8.71
C ALA C 483 58.32 33.26 -7.57
N ASP C 484 59.31 32.37 -7.39
CA ASP C 484 59.24 31.26 -6.41
C ASP C 484 59.03 31.84 -5.00
N LEU C 485 59.68 32.96 -4.69
CA LEU C 485 59.51 33.65 -3.38
C LEU C 485 58.23 34.51 -3.41
N MET C 486 57.93 35.18 -4.52
CA MET C 486 56.76 36.09 -4.60
C MET C 486 55.49 35.29 -4.30
N THR C 487 55.35 34.07 -4.82
CA THR C 487 54.15 33.25 -4.55
C THR C 487 54.09 32.91 -3.06
N ALA C 488 55.21 32.53 -2.44
CA ALA C 488 55.25 32.24 -0.99
C ALA C 488 54.80 33.48 -0.20
N ILE C 489 55.25 34.67 -0.60
CA ILE C 489 54.92 35.94 0.12
C ILE C 489 53.43 36.25 -0.06
N MET C 490 52.91 36.07 -1.28
CA MET C 490 51.48 36.32 -1.63
C MET C 490 50.58 35.58 -0.64
N PHE C 491 50.90 34.31 -0.31
CA PHE C 491 50.02 33.45 0.51
C PHE C 491 50.51 33.37 1.96
N SER C 492 51.43 34.25 2.38
CA SER C 492 51.91 34.31 3.78
C SER C 492 51.02 35.26 4.59
N GLU C 493 51.19 35.28 5.91
CA GLU C 493 50.43 36.17 6.83
C GLU C 493 50.83 37.63 6.60
N ARG C 494 49.90 38.55 6.86
CA ARG C 494 50.12 40.02 6.76
C ARG C 494 51.39 40.41 7.51
N GLU C 495 51.60 39.87 8.72
CA GLU C 495 52.76 40.17 9.59
C GLU C 495 54.06 39.75 8.88
N GLN C 496 54.06 38.62 8.18
CA GLN C 496 55.25 38.10 7.45
C GLN C 496 55.55 39.02 6.26
N GLN C 497 54.52 39.51 5.57
CA GLN C 497 54.66 40.45 4.43
C GLN C 497 55.26 41.77 4.93
N ASP C 498 54.74 42.27 6.06
CA ASP C 498 55.16 43.57 6.67
C ASP C 498 56.63 43.47 7.09
N GLU C 499 57.03 42.34 7.67
CA GLU C 499 58.43 42.09 8.11
C GLU C 499 59.34 42.11 6.88
N LEU C 500 58.90 41.58 5.74
CA LEU C 500 59.71 41.58 4.50
C LEU C 500 59.82 43.01 3.95
N ILE C 501 58.75 43.80 4.04
CA ILE C 501 58.76 45.22 3.60
C ILE C 501 59.86 45.95 4.39
N ALA C 502 59.92 45.74 5.71
CA ALA C 502 60.91 46.32 6.64
C ALA C 502 62.33 45.83 6.26
N TYR C 503 62.50 44.53 6.02
CA TYR C 503 63.79 43.93 5.60
C TYR C 503 64.29 44.63 4.33
N TYR C 504 63.46 44.72 3.30
CA TYR C 504 63.85 45.33 2.00
C TYR C 504 64.25 46.80 2.23
N ALA C 505 63.52 47.51 3.08
CA ALA C 505 63.77 48.94 3.40
C ALA C 505 65.14 49.07 4.12
N ASP C 506 65.44 48.16 5.06
CA ASP C 506 66.72 48.12 5.82
C ASP C 506 67.88 47.80 4.88
N VAL C 507 67.67 46.92 3.90
CA VAL C 507 68.71 46.59 2.88
C VAL C 507 68.97 47.83 2.01
N HIS C 508 67.91 48.52 1.57
CA HIS C 508 68.05 49.70 0.67
C HIS C 508 68.87 50.77 1.39
N ARG C 509 68.54 51.02 2.67
CA ARG C 509 69.20 51.97 3.59
C ARG C 509 70.69 51.62 3.71
N GLU C 510 71.01 50.33 3.87
CA GLU C 510 72.41 49.85 4.05
C GLU C 510 73.23 50.14 2.79
N TRP C 511 72.67 49.96 1.58
CA TRP C 511 73.46 49.90 0.33
C TRP C 511 73.30 51.16 -0.52
N HIS C 512 72.40 52.08 -0.16
CA HIS C 512 72.09 53.28 -0.99
C HIS C 512 72.11 54.53 -0.12
N VAL D 34 49.64 -21.10 30.85
CA VAL D 34 48.99 -20.64 29.61
C VAL D 34 49.99 -19.82 28.79
N ILE D 35 50.11 -20.12 27.49
CA ILE D 35 50.87 -19.30 26.51
C ILE D 35 49.86 -18.67 25.55
N VAL D 36 49.87 -17.34 25.44
CA VAL D 36 49.14 -16.59 24.38
C VAL D 36 50.16 -16.29 23.27
N VAL D 37 49.90 -16.79 22.05
CA VAL D 37 50.77 -16.51 20.87
C VAL D 37 50.17 -15.32 20.12
N GLY D 38 50.77 -14.15 20.27
CA GLY D 38 50.37 -12.93 19.53
C GLY D 38 50.13 -11.77 20.47
N ASN D 39 50.56 -10.58 20.07
CA ASN D 39 50.61 -9.38 20.93
C ASN D 39 49.85 -8.22 20.26
N GLY D 40 48.84 -8.56 19.46
CA GLY D 40 47.84 -7.60 18.97
C GLY D 40 46.77 -7.40 20.03
N VAL D 41 45.68 -6.74 19.65
CA VAL D 41 44.55 -6.46 20.56
C VAL D 41 43.96 -7.78 21.09
N LEU D 42 43.83 -8.81 20.25
CA LEU D 42 43.12 -10.05 20.65
C LEU D 42 44.00 -10.83 21.65
N GLY D 43 45.29 -11.03 21.34
CA GLY D 43 46.23 -11.73 22.25
C GLY D 43 46.30 -11.04 23.61
N LEU D 44 46.54 -9.73 23.62
CA LEU D 44 46.70 -8.95 24.86
C LEU D 44 45.37 -8.91 25.63
N SER D 45 44.24 -8.80 24.94
CA SER D 45 42.90 -8.72 25.58
C SER D 45 42.61 -10.05 26.28
N VAL D 46 42.87 -11.17 25.62
CA VAL D 46 42.66 -12.53 26.23
C VAL D 46 43.70 -12.71 27.35
N GLY D 47 44.94 -12.27 27.14
CA GLY D 47 46.01 -12.29 28.16
C GLY D 47 45.57 -11.60 29.44
N VAL D 48 45.07 -10.37 29.34
CA VAL D 48 44.58 -9.54 30.47
C VAL D 48 43.45 -10.29 31.18
N GLU D 49 42.48 -10.81 30.42
CA GLU D 49 41.29 -11.47 31.01
C GLU D 49 41.70 -12.73 31.75
N ILE D 50 42.61 -13.54 31.17
CA ILE D 50 43.14 -14.80 31.80
C ILE D 50 43.88 -14.41 33.09
N ALA D 51 44.87 -13.50 32.99
CA ALA D 51 45.73 -13.07 34.11
C ALA D 51 44.86 -12.60 35.28
N ARG D 52 43.83 -11.79 34.99
CA ARG D 52 42.96 -11.17 36.03
C ARG D 52 42.04 -12.20 36.68
N THR D 53 41.55 -13.18 35.94
CA THR D 53 40.47 -14.09 36.40
C THR D 53 41.05 -15.40 36.95
N ARG D 54 42.29 -15.76 36.59
CA ARG D 54 42.99 -16.97 37.06
C ARG D 54 44.33 -16.59 37.67
N PRO D 55 44.36 -15.95 38.86
CA PRO D 55 45.63 -15.59 39.52
C PRO D 55 46.47 -16.82 39.93
N ASP D 56 45.84 -18.01 39.92
CA ASP D 56 46.47 -19.33 40.22
C ASP D 56 47.36 -19.80 39.07
N VAL D 57 47.19 -19.28 37.84
CA VAL D 57 47.90 -19.78 36.63
C VAL D 57 48.94 -18.75 36.16
N ARG D 58 50.05 -19.26 35.64
CA ARG D 58 51.13 -18.46 34.98
C ARG D 58 50.75 -18.23 33.52
N VAL D 59 50.64 -16.98 33.09
CA VAL D 59 50.26 -16.63 31.69
C VAL D 59 51.41 -15.85 31.05
N THR D 60 51.96 -16.40 29.97
CA THR D 60 53.06 -15.82 29.16
C THR D 60 52.52 -15.42 27.79
N LEU D 61 52.78 -14.20 27.34
CA LEU D 61 52.33 -13.71 26.01
C LEU D 61 53.55 -13.48 25.11
N LEU D 62 53.52 -14.11 23.93
CA LEU D 62 54.60 -14.08 22.90
C LEU D 62 54.28 -13.00 21.85
N GLY D 63 55.32 -12.48 21.20
CA GLY D 63 55.24 -11.42 20.18
C GLY D 63 56.24 -10.32 20.45
N LYS D 64 56.67 -9.62 19.40
CA LYS D 64 57.80 -8.66 19.43
C LYS D 64 57.28 -7.23 19.30
N PRO D 65 58.02 -6.23 19.84
CA PRO D 65 57.61 -4.83 19.77
C PRO D 65 57.39 -4.31 18.34
N ALA D 66 58.09 -4.86 17.34
CA ALA D 66 57.98 -4.46 15.93
C ALA D 66 56.56 -4.74 15.41
N ARG D 67 55.88 -5.74 15.98
CA ARG D 67 54.51 -6.16 15.57
C ARG D 67 54.46 -6.23 14.04
N GLN D 68 55.30 -7.07 13.44
CA GLN D 68 55.38 -7.23 11.97
C GLN D 68 53.99 -7.60 11.44
N TYR D 69 53.55 -6.88 10.39
CA TYR D 69 52.24 -7.04 9.70
C TYR D 69 51.06 -6.81 10.65
N GLY D 70 51.30 -6.22 11.82
CA GLY D 70 50.28 -6.07 12.87
C GLY D 70 49.10 -5.22 12.41
N ALA D 71 47.89 -5.78 12.46
CA ALA D 71 46.64 -5.03 12.15
C ALA D 71 46.42 -3.92 13.19
N THR D 72 46.53 -4.25 14.48
CA THR D 72 46.08 -3.37 15.59
C THR D 72 46.79 -2.01 15.52
N PRO D 73 48.14 -1.91 15.42
CA PRO D 73 48.81 -0.61 15.44
C PRO D 73 48.50 0.25 14.19
N ALA D 74 48.02 -0.37 13.11
CA ALA D 74 47.66 0.35 11.86
C ALA D 74 46.19 0.81 11.91
N ALA D 75 45.44 0.45 12.96
CA ALA D 75 44.01 0.76 13.14
C ALA D 75 43.85 2.14 13.81
N GLY D 76 42.75 2.82 13.56
CA GLY D 76 42.46 4.18 14.05
C GLY D 76 42.36 4.26 15.57
N ALA D 77 41.38 3.58 16.17
CA ALA D 77 40.48 2.66 15.52
C ALA D 77 39.04 3.01 15.90
N MET D 78 38.10 2.70 15.01
CA MET D 78 36.66 2.90 15.25
C MET D 78 36.13 1.70 16.04
N LEU D 79 35.29 1.97 17.05
CA LEU D 79 34.48 0.94 17.74
C LEU D 79 33.23 0.72 16.89
N GLY D 80 33.46 0.12 15.71
CA GLY D 80 32.51 0.03 14.59
C GLY D 80 31.63 -1.18 14.76
N ALA D 81 30.35 -0.91 14.98
CA ALA D 81 29.23 -1.86 15.01
C ALA D 81 28.26 -1.49 13.90
N PHE D 82 27.52 -0.41 14.07
CA PHE D 82 26.52 0.09 13.09
C PHE D 82 27.24 0.66 11.86
N GLY D 83 28.39 1.32 12.04
CA GLY D 83 29.19 1.84 10.92
C GLY D 83 29.67 0.75 9.97
N GLU D 84 29.81 -0.49 10.47
CA GLU D 84 30.29 -1.65 9.70
C GLU D 84 29.15 -2.36 8.96
N VAL D 85 27.91 -1.91 9.14
CA VAL D 85 26.74 -2.58 8.50
C VAL D 85 26.79 -2.38 6.99
N THR D 86 26.61 -3.47 6.24
CA THR D 86 26.34 -3.45 4.78
C THR D 86 25.07 -4.25 4.51
N ALA D 87 24.36 -3.92 3.43
CA ALA D 87 23.20 -4.68 2.93
C ALA D 87 23.64 -6.14 2.75
N HIS D 88 24.81 -6.37 2.14
CA HIS D 88 25.33 -7.72 1.79
C HIS D 88 25.57 -8.55 3.05
N ALA D 89 26.18 -7.98 4.09
CA ALA D 89 26.44 -8.66 5.38
C ALA D 89 25.11 -9.10 6.00
N LEU D 90 24.15 -8.18 6.12
CA LEU D 90 22.87 -8.41 6.85
C LEU D 90 21.88 -9.23 6.01
N ALA D 91 22.21 -9.54 4.75
CA ALA D 91 21.41 -10.43 3.89
C ALA D 91 21.71 -11.90 4.22
N SER D 92 22.80 -12.20 4.93
CA SER D 92 23.21 -13.59 5.28
C SER D 92 23.03 -13.84 6.79
N GLU D 93 22.71 -15.07 7.15
CA GLU D 93 22.53 -15.45 8.59
C GLU D 93 23.84 -15.22 9.32
N HIS D 94 24.96 -15.63 8.74
CA HIS D 94 26.31 -15.50 9.33
C HIS D 94 26.64 -14.01 9.53
N GLY D 95 26.30 -13.17 8.56
CA GLY D 95 26.52 -11.71 8.67
C GLY D 95 25.70 -11.09 9.79
N ARG D 96 24.44 -11.51 9.93
CA ARG D 96 23.55 -11.02 11.02
C ARG D 96 24.11 -11.44 12.38
N LYS D 97 24.64 -12.67 12.49
CA LYS D 97 25.25 -13.21 13.75
C LYS D 97 26.47 -12.35 14.11
N LYS D 98 27.33 -12.09 13.14
CA LYS D 98 28.54 -11.24 13.34
C LYS D 98 28.11 -9.87 13.83
N HIS D 99 27.07 -9.29 13.23
CA HIS D 99 26.56 -7.94 13.60
C HIS D 99 26.05 -7.93 15.04
N ALA D 100 25.27 -8.93 15.45
CA ALA D 100 24.74 -9.05 16.82
C ALA D 100 25.90 -8.98 17.81
N LEU D 101 27.00 -9.70 17.54
CA LEU D 101 28.20 -9.75 18.41
C LEU D 101 28.83 -8.36 18.51
N ALA D 102 28.94 -7.64 17.39
CA ALA D 102 29.47 -6.26 17.36
C ALA D 102 28.61 -5.37 18.27
N VAL D 103 27.28 -5.49 18.19
CA VAL D 103 26.37 -4.65 19.02
C VAL D 103 26.58 -4.99 20.50
N GLN D 104 26.75 -6.28 20.83
CA GLN D 104 27.00 -6.75 22.22
C GLN D 104 28.33 -6.19 22.73
N ALA D 105 29.37 -6.24 21.90
CA ALA D 105 30.74 -5.77 22.27
C ALA D 105 30.71 -4.30 22.68
N GLN D 106 29.91 -3.47 22.00
CA GLN D 106 29.86 -2.00 22.22
C GLN D 106 29.51 -1.72 23.70
N ARG D 107 28.64 -2.54 24.29
CA ARG D 107 28.18 -2.37 25.70
C ARG D 107 29.35 -2.55 26.67
N LEU D 108 30.35 -3.36 26.32
CA LEU D 108 31.48 -3.72 27.23
C LEU D 108 32.54 -2.60 27.26
N TRP D 109 32.59 -1.72 26.27
CA TRP D 109 33.78 -0.83 26.07
C TRP D 109 33.96 0.17 27.21
N PRO D 110 32.92 0.88 27.70
CA PRO D 110 33.13 1.90 28.74
C PRO D 110 33.83 1.36 30.01
N GLU D 111 33.40 0.21 30.53
CA GLU D 111 33.98 -0.39 31.76
C GLU D 111 35.32 -1.06 31.44
N TRP D 112 35.48 -1.63 30.24
CA TRP D 112 36.77 -2.21 29.78
C TRP D 112 37.85 -1.11 29.79
N ILE D 113 37.55 0.05 29.21
CA ILE D 113 38.49 1.21 29.14
C ILE D 113 38.80 1.70 30.56
N GLU D 114 37.77 1.84 31.41
CA GLU D 114 37.94 2.26 32.83
C GLU D 114 38.96 1.32 33.51
N SER D 115 38.81 0.01 33.31
CA SER D 115 39.63 -1.06 33.96
C SER D 115 41.07 -1.02 33.42
N LEU D 116 41.28 -0.58 32.18
CA LEU D 116 42.63 -0.52 31.57
C LEU D 116 43.33 0.78 31.97
N GLU D 117 42.61 1.91 31.98
CA GLU D 117 43.17 3.23 32.37
C GLU D 117 43.48 3.22 33.87
N ALA D 118 42.75 2.44 34.66
CA ALA D 118 42.91 2.32 36.13
C ALA D 118 44.35 1.91 36.48
N THR D 119 45.02 1.14 35.62
CA THR D 119 46.39 0.63 35.87
C THR D 119 47.45 1.68 35.51
N GLY D 120 47.04 2.83 34.97
CA GLY D 120 47.96 3.89 34.51
C GLY D 120 47.72 5.20 35.24
N THR D 121 48.31 6.27 34.74
CA THR D 121 48.18 7.66 35.25
C THR D 121 47.78 8.58 34.09
N ALA D 122 47.45 9.83 34.39
CA ALA D 122 47.02 10.86 33.40
C ALA D 122 48.03 10.92 32.24
N ALA D 123 49.33 10.80 32.52
CA ALA D 123 50.44 11.01 31.56
C ALA D 123 50.46 9.90 30.50
N ASP D 124 49.77 8.79 30.72
CA ASP D 124 49.70 7.66 29.75
C ASP D 124 48.76 8.01 28.59
N GLY D 125 47.93 9.03 28.76
CA GLY D 125 46.96 9.47 27.74
C GLY D 125 45.67 8.67 27.81
N ARG D 126 44.69 9.05 26.99
CA ARG D 126 43.31 8.54 27.08
C ARG D 126 43.08 7.53 25.95
N ILE D 127 42.51 6.38 26.27
CA ILE D 127 42.22 5.33 25.25
C ILE D 127 41.13 5.86 24.30
N LYS D 128 40.07 6.46 24.84
CA LYS D 128 38.90 6.92 24.04
C LYS D 128 39.24 8.25 23.37
N THR D 129 39.02 8.38 22.05
CA THR D 129 39.28 9.64 21.30
C THR D 129 37.99 10.28 20.79
N ALA D 130 36.87 9.55 20.78
CA ALA D 130 35.56 10.10 20.35
C ALA D 130 34.45 9.19 20.89
N ASP D 131 33.29 9.77 21.17
CA ASP D 131 32.11 9.02 21.69
C ASP D 131 31.14 8.70 20.56
N ASP D 132 31.09 9.54 19.52
CA ASP D 132 30.04 9.49 18.47
C ASP D 132 30.70 9.38 17.08
N THR D 133 29.90 8.97 16.10
CA THR D 133 30.31 8.77 14.69
C THR D 133 29.29 9.48 13.79
N VAL D 134 29.78 10.17 12.76
CA VAL D 134 28.92 10.67 11.66
C VAL D 134 29.25 9.85 10.41
N VAL D 135 28.23 9.20 9.84
CA VAL D 135 28.34 8.48 8.54
C VAL D 135 27.90 9.45 7.45
N LEU D 136 28.75 9.67 6.46
CA LEU D 136 28.49 10.61 5.35
C LEU D 136 28.14 9.80 4.10
N LEU D 137 27.18 10.29 3.33
CA LEU D 137 26.82 9.73 2.01
C LEU D 137 27.13 10.79 0.96
N ASN D 138 28.09 10.47 0.10
CA ASN D 138 28.47 11.30 -1.07
C ASN D 138 28.31 10.44 -2.32
N THR D 139 28.62 10.97 -3.50
CA THR D 139 28.43 10.21 -4.76
C THR D 139 29.78 9.76 -5.33
N VAL D 140 30.83 9.74 -4.51
CA VAL D 140 32.18 9.27 -4.95
C VAL D 140 32.25 7.77 -4.70
N GLY D 141 31.38 7.04 -5.37
CA GLY D 141 31.23 5.61 -5.15
C GLY D 141 30.08 5.05 -5.95
N HIS D 142 29.93 3.74 -5.86
CA HIS D 142 28.87 2.98 -6.54
C HIS D 142 27.57 3.12 -5.76
N SER D 143 26.50 3.52 -6.43
CA SER D 143 25.14 3.54 -5.84
C SER D 143 24.80 2.15 -5.27
N ALA D 144 25.23 1.08 -5.95
CA ALA D 144 24.89 -0.32 -5.58
C ALA D 144 25.54 -0.71 -4.25
N LEU D 145 26.62 -0.04 -3.84
CA LEU D 145 27.21 -0.23 -2.50
C LEU D 145 26.72 0.88 -1.58
N ASP D 146 27.07 2.14 -1.87
CA ASP D 146 26.92 3.26 -0.91
C ASP D 146 25.43 3.52 -0.60
N ASP D 147 24.54 3.54 -1.60
CA ASP D 147 23.12 3.87 -1.35
C ASP D 147 22.48 2.70 -0.57
N ALA D 148 22.75 1.46 -0.99
CA ALA D 148 22.21 0.24 -0.34
C ALA D 148 22.72 0.18 1.12
N ASN D 149 23.98 0.54 1.34
CA ASN D 149 24.62 0.39 2.67
C ASN D 149 24.08 1.46 3.62
N PHE D 150 23.87 2.68 3.13
CA PHE D 150 23.31 3.79 3.95
C PHE D 150 21.92 3.38 4.47
N ALA D 151 21.08 2.86 3.57
CA ALA D 151 19.73 2.34 3.90
C ALA D 151 19.87 1.21 4.95
N ALA D 152 20.83 0.29 4.79
CA ALA D 152 21.04 -0.86 5.69
C ALA D 152 21.45 -0.39 7.09
N VAL D 153 22.31 0.63 7.17
CA VAL D 153 22.78 1.22 8.47
C VAL D 153 21.58 1.83 9.18
N LEU D 154 20.77 2.64 8.49
CA LEU D 154 19.56 3.27 9.07
C LEU D 154 18.63 2.16 9.63
N THR D 155 18.41 1.09 8.86
CA THR D 155 17.49 0.00 9.26
C THR D 155 18.05 -0.70 10.51
N ALA D 156 19.34 -1.05 10.52
CA ALA D 156 20.00 -1.78 11.61
C ALA D 156 19.95 -0.95 12.90
N LEU D 157 20.16 0.37 12.82
CA LEU D 157 20.08 1.27 13.99
C LEU D 157 18.67 1.22 14.58
N LYS D 158 17.65 1.37 13.72
CA LYS D 158 16.23 1.39 14.16
C LYS D 158 15.87 0.03 14.77
N GLU D 159 16.26 -1.08 14.13
CA GLU D 159 16.01 -2.45 14.61
C GLU D 159 16.60 -2.64 16.02
N ALA D 160 17.80 -2.09 16.28
CA ALA D 160 18.53 -2.26 17.55
C ALA D 160 18.04 -1.27 18.61
N ASN D 161 17.13 -0.36 18.27
CA ASN D 161 16.67 0.72 19.20
C ASN D 161 17.88 1.57 19.60
N ALA D 162 18.86 1.74 18.72
CA ALA D 162 20.11 2.50 19.01
C ALA D 162 19.83 3.99 18.86
N PRO D 163 20.39 4.86 19.73
CA PRO D 163 20.24 6.30 19.57
C PRO D 163 21.03 6.80 18.35
N HIS D 164 20.36 7.55 17.48
CA HIS D 164 20.93 8.07 16.20
C HIS D 164 19.98 9.13 15.65
N GLU D 165 20.45 9.99 14.76
CA GLU D 165 19.55 10.76 13.89
C GLU D 165 20.24 11.16 12.60
N GLU D 166 19.43 11.18 11.55
CA GLU D 166 19.82 11.75 10.25
C GLU D 166 19.85 13.27 10.46
N ILE D 167 20.97 13.90 10.11
CA ILE D 167 21.20 15.35 10.37
C ILE D 167 21.45 16.05 9.05
N ALA D 168 21.23 17.35 9.02
CA ALA D 168 21.58 18.22 7.87
C ALA D 168 23.11 18.17 7.73
N VAL D 169 23.60 18.05 6.51
CA VAL D 169 25.07 18.00 6.26
C VAL D 169 25.69 19.31 6.73
N GLU D 170 24.97 20.44 6.58
CA GLU D 170 25.42 21.78 7.04
C GLU D 170 25.71 21.76 8.54
N SER D 171 25.11 20.84 9.31
CA SER D 171 25.27 20.76 10.78
C SER D 171 26.49 19.92 11.15
N VAL D 172 27.14 19.24 10.19
CA VAL D 172 28.37 18.45 10.49
C VAL D 172 29.51 19.44 10.66
N ASP D 173 30.05 19.53 11.87
CA ASP D 173 31.12 20.49 12.20
C ASP D 173 32.42 20.04 11.51
N TRP D 174 33.31 20.98 11.29
CA TRP D 174 34.75 20.75 10.96
C TRP D 174 34.93 20.46 9.46
N ILE D 175 34.13 19.58 8.85
CA ILE D 175 34.39 19.07 7.47
C ILE D 175 34.43 20.25 6.49
N ASP D 176 35.24 20.11 5.45
CA ASP D 176 35.35 21.10 4.37
C ASP D 176 35.64 20.36 3.07
N PRO D 177 34.66 19.58 2.56
CA PRO D 177 34.88 18.80 1.35
C PRO D 177 34.94 19.69 0.10
N ASP D 178 35.56 19.17 -0.94
CA ASP D 178 35.31 19.62 -2.34
C ASP D 178 33.81 19.55 -2.58
N PRO D 179 33.15 20.65 -3.01
CA PRO D 179 31.73 20.63 -3.31
C PRO D 179 31.28 19.50 -4.25
N ASN D 180 32.09 19.14 -5.25
CA ASN D 180 31.79 18.02 -6.18
C ASN D 180 31.95 16.65 -5.49
N SER D 181 32.49 16.59 -4.27
CA SER D 181 32.76 15.36 -3.50
C SER D 181 31.98 15.38 -2.18
N ARG D 182 31.06 16.33 -2.01
CA ARG D 182 30.46 16.64 -0.68
C ARG D 182 29.39 15.61 -0.37
N PRO D 183 29.07 15.42 0.92
CA PRO D 183 27.93 14.58 1.29
C PRO D 183 26.64 15.35 1.08
N LEU D 184 25.55 14.63 0.78
CA LEU D 184 24.19 15.20 0.72
C LEU D 184 23.32 14.62 1.84
N ARG D 185 23.77 13.55 2.50
CA ARG D 185 23.11 13.00 3.69
C ARG D 185 24.18 12.68 4.73
N ALA D 186 23.79 12.74 6.00
CA ALA D 186 24.68 12.48 7.14
C ALA D 186 23.84 11.86 8.26
N LEU D 187 24.47 10.96 8.99
CA LEU D 187 23.84 10.16 10.06
C LEU D 187 24.72 10.24 11.30
N HIS D 188 24.18 10.80 12.39
CA HIS D 188 24.84 10.85 13.71
C HIS D 188 24.51 9.57 14.50
N ILE D 189 25.52 8.78 14.85
CA ILE D 189 25.39 7.57 15.70
C ILE D 189 25.94 7.92 17.09
N GLU D 190 25.06 7.95 18.08
CA GLU D 190 25.44 8.27 19.49
C GLU D 190 26.06 7.02 20.13
N GLY D 191 27.20 7.18 20.80
CA GLY D 191 27.81 6.12 21.63
C GLY D 191 28.52 5.08 20.79
N GLU D 192 28.80 5.40 19.51
CA GLU D 192 29.69 4.58 18.65
C GLU D 192 30.91 5.47 18.36
N GLY D 193 32.04 5.18 19.00
CA GLY D 193 33.17 6.12 19.02
C GLY D 193 34.44 5.50 18.48
N SER D 194 35.57 5.87 19.07
CA SER D 194 36.90 5.42 18.64
C SER D 194 37.87 5.41 19.81
N VAL D 195 38.93 4.65 19.64
CA VAL D 195 40.06 4.55 20.60
C VAL D 195 41.34 4.86 19.84
N ASP D 196 42.36 5.31 20.56
CA ASP D 196 43.75 5.37 20.06
C ASP D 196 44.35 3.97 20.19
N SER D 197 44.57 3.28 19.07
CA SER D 197 45.03 1.88 19.03
C SER D 197 46.38 1.74 19.74
N GLY D 198 47.25 2.75 19.64
CA GLY D 198 48.58 2.76 20.27
C GLY D 198 48.46 2.85 21.79
N ILE D 199 47.63 3.76 22.27
CA ILE D 199 47.37 3.96 23.73
C ILE D 199 46.65 2.71 24.25
N LEU D 200 45.74 2.10 23.48
CA LEU D 200 45.07 0.83 23.87
C LEU D 200 46.12 -0.27 24.05
N LEU D 201 47.04 -0.45 23.11
CA LEU D 201 48.06 -1.53 23.19
C LEU D 201 48.93 -1.30 24.43
N ALA D 202 49.35 -0.06 24.70
CA ALA D 202 50.18 0.30 25.87
C ALA D 202 49.40 0.01 27.16
N ALA D 203 48.11 0.34 27.22
CA ALA D 203 47.23 0.11 28.38
C ALA D 203 47.03 -1.40 28.59
N LEU D 204 46.89 -2.17 27.52
CA LEU D 204 46.74 -3.65 27.60
C LEU D 204 48.03 -4.27 28.16
N GLU D 205 49.19 -3.87 27.64
CA GLU D 205 50.49 -4.42 28.10
C GLU D 205 50.68 -4.12 29.60
N ARG D 206 50.43 -2.88 29.99
CA ARG D 206 50.57 -2.39 31.40
C ARG D 206 49.61 -3.16 32.30
N SER D 207 48.36 -3.34 31.86
CA SER D 207 47.30 -4.05 32.62
C SER D 207 47.65 -5.54 32.72
N PHE D 208 48.25 -6.10 31.67
CA PHE D 208 48.68 -7.53 31.64
C PHE D 208 49.74 -7.73 32.73
N LEU D 209 50.75 -6.86 32.77
CA LEU D 209 51.87 -6.93 33.75
C LEU D 209 51.31 -6.74 35.16
N GLN D 210 50.39 -5.80 35.36
CA GLN D 210 49.82 -5.48 36.69
C GLN D 210 49.10 -6.73 37.24
N ALA D 211 48.51 -7.56 36.37
CA ALA D 211 47.72 -8.75 36.75
C ALA D 211 48.61 -10.00 36.85
N GLY D 212 49.93 -9.84 36.68
CA GLY D 212 50.93 -10.90 36.88
C GLY D 212 51.27 -11.63 35.60
N GLY D 213 50.86 -11.12 34.44
CA GLY D 213 51.24 -11.69 33.14
C GLY D 213 52.71 -11.44 32.87
N ARG D 214 53.37 -12.31 32.09
CA ARG D 214 54.77 -12.06 31.66
C ARG D 214 54.82 -11.92 30.13
N LEU D 215 55.49 -10.86 29.66
CA LEU D 215 55.72 -10.60 28.21
C LEU D 215 57.08 -11.20 27.83
N HIS D 216 57.09 -12.12 26.87
CA HIS D 216 58.32 -12.75 26.35
C HIS D 216 58.45 -12.36 24.88
N PRO D 217 59.33 -11.37 24.54
CA PRO D 217 59.37 -10.78 23.20
C PRO D 217 60.07 -11.65 22.15
N VAL D 218 59.52 -12.85 21.94
CA VAL D 218 59.94 -13.79 20.86
C VAL D 218 58.69 -14.25 20.14
N ASP D 219 58.85 -14.90 18.99
CA ASP D 219 57.73 -15.47 18.20
C ASP D 219 57.70 -16.98 18.41
N ALA D 220 56.50 -17.56 18.46
CA ALA D 220 56.28 -19.02 18.33
C ALA D 220 56.73 -19.45 16.93
N THR D 221 57.49 -20.54 16.82
CA THR D 221 57.83 -21.20 15.53
C THR D 221 56.94 -22.43 15.35
N GLU D 222 56.61 -23.12 16.44
CA GLU D 222 55.94 -24.44 16.39
C GLU D 222 55.12 -24.65 17.66
N ILE D 223 53.89 -25.13 17.51
CA ILE D 223 53.07 -25.65 18.64
C ILE D 223 53.37 -27.14 18.77
N ARG D 224 53.76 -27.58 19.96
CA ARG D 224 54.08 -29.02 20.21
C ARG D 224 52.86 -29.64 20.87
N ALA D 225 52.42 -30.77 20.33
CA ALA D 225 51.26 -31.55 20.81
C ALA D 225 51.49 -33.03 20.47
N SER D 226 50.97 -33.91 21.32
CA SER D 226 50.92 -35.37 21.08
C SER D 226 49.88 -35.97 22.04
N HIS D 227 49.36 -37.14 21.70
CA HIS D 227 48.25 -37.80 22.42
C HIS D 227 47.11 -36.78 22.59
N GLY D 228 46.83 -36.03 21.50
CA GLY D 228 45.71 -35.10 21.33
C GLY D 228 45.67 -33.98 22.37
N ARG D 229 46.84 -33.50 22.83
CA ARG D 229 46.90 -32.45 23.89
C ARG D 229 48.14 -31.57 23.64
N VAL D 230 48.04 -30.26 23.93
CA VAL D 230 49.19 -29.31 23.77
C VAL D 230 50.22 -29.59 24.87
N GLU D 231 51.50 -29.52 24.52
CA GLU D 231 52.67 -29.64 25.45
C GLU D 231 53.33 -28.27 25.63
N GLY D 232 53.28 -27.41 24.60
CA GLY D 232 53.80 -26.04 24.67
C GLY D 232 54.24 -25.52 23.30
N VAL D 233 55.18 -24.58 23.29
CA VAL D 233 55.57 -23.78 22.10
C VAL D 233 57.09 -23.74 21.98
N VAL D 234 57.61 -24.07 20.80
CA VAL D 234 59.02 -23.76 20.41
C VAL D 234 59.04 -22.30 19.92
N THR D 235 59.98 -21.50 20.41
CA THR D 235 60.13 -20.07 20.05
C THR D 235 61.28 -19.91 19.05
N ASP D 236 61.39 -18.74 18.41
CA ASP D 236 62.32 -18.51 17.27
C ASP D 236 63.73 -18.20 17.79
N ASP D 237 63.93 -18.21 19.12
CA ASP D 237 65.27 -18.19 19.76
C ASP D 237 65.73 -19.62 20.08
N GLY D 238 64.95 -20.63 19.65
CA GLY D 238 65.31 -22.07 19.78
C GLY D 238 64.82 -22.68 21.09
N ASP D 239 64.22 -21.90 21.98
CA ASP D 239 63.78 -22.31 23.33
C ASP D 239 62.48 -23.13 23.22
N PHE D 240 62.11 -23.86 24.28
CA PHE D 240 60.80 -24.54 24.42
C PHE D 240 60.13 -24.09 25.73
N LEU D 241 58.90 -23.56 25.62
CA LEU D 241 58.07 -23.12 26.77
C LEU D 241 56.96 -24.14 26.95
N PRO D 242 56.87 -24.85 28.11
CA PRO D 242 55.77 -25.80 28.34
C PRO D 242 54.46 -25.08 28.70
N ALA D 243 53.31 -25.69 28.37
CA ALA D 243 51.97 -25.13 28.71
C ALA D 243 50.90 -26.22 28.65
N GLY D 244 49.87 -26.08 29.49
CA GLY D 244 48.62 -26.85 29.43
C GLY D 244 47.63 -26.21 28.47
N HIS D 245 47.76 -24.90 28.21
CA HIS D 245 46.89 -24.13 27.28
C HIS D 245 47.73 -23.25 26.36
N VAL D 246 47.47 -23.32 25.04
CA VAL D 246 48.03 -22.38 24.03
C VAL D 246 46.85 -21.71 23.33
N VAL D 247 46.80 -20.37 23.40
CA VAL D 247 45.80 -19.51 22.71
C VAL D 247 46.51 -18.84 21.53
N VAL D 248 46.12 -19.19 20.31
CA VAL D 248 46.72 -18.62 19.07
C VAL D 248 45.92 -17.38 18.67
N ALA D 249 46.56 -16.22 18.77
CA ALA D 249 46.00 -14.91 18.35
C ALA D 249 47.10 -14.14 17.62
N ALA D 250 47.67 -14.78 16.60
CA ALA D 250 48.85 -14.30 15.83
C ALA D 250 48.39 -13.60 14.54
N GLY D 251 47.18 -13.03 14.55
CA GLY D 251 46.61 -12.32 13.39
C GLY D 251 46.64 -13.20 12.16
N ALA D 252 47.09 -12.65 11.03
CA ALA D 252 47.05 -13.33 9.71
C ALA D 252 47.98 -14.56 9.70
N ARG D 253 48.83 -14.76 10.72
CA ARG D 253 49.77 -15.92 10.79
C ARG D 253 49.12 -17.11 11.54
N SER D 254 47.91 -16.94 12.09
CA SER D 254 47.32 -17.86 13.10
C SER D 254 47.09 -19.27 12.52
N GLN D 255 46.49 -19.39 11.34
CA GLN D 255 46.17 -20.73 10.76
C GLN D 255 47.46 -21.41 10.29
N ARG D 256 48.39 -20.65 9.69
CA ARG D 256 49.68 -21.20 9.22
C ARG D 256 50.38 -21.88 10.40
N LEU D 257 50.27 -21.32 11.61
CA LEU D 257 50.92 -21.86 12.83
C LEU D 257 50.28 -23.19 13.23
N VAL D 258 48.95 -23.27 13.28
CA VAL D 258 48.19 -24.47 13.75
C VAL D 258 48.16 -25.54 12.66
N ALA D 259 48.26 -25.16 11.38
CA ALA D 259 48.08 -26.06 10.21
C ALA D 259 49.18 -27.13 10.16
N ALA D 260 50.28 -26.95 10.90
CA ALA D 260 51.42 -27.89 10.99
C ALA D 260 51.00 -29.17 11.75
N LEU D 261 50.01 -29.08 12.65
CA LEU D 261 49.54 -30.23 13.47
C LEU D 261 48.72 -31.19 12.61
N PRO D 262 48.72 -32.51 12.94
CA PRO D 262 48.13 -33.53 12.07
C PRO D 262 46.64 -33.29 11.74
N GLY D 263 46.28 -33.30 10.44
CA GLY D 263 44.90 -33.15 9.96
C GLY D 263 44.47 -31.68 9.82
N LEU D 264 45.07 -30.78 10.61
CA LEU D 264 44.53 -29.42 10.86
C LEU D 264 44.71 -28.53 9.62
N ALA D 265 45.59 -28.89 8.67
CA ALA D 265 45.79 -28.16 7.40
C ALA D 265 44.45 -27.98 6.68
N HIS D 266 43.55 -28.96 6.78
CA HIS D 266 42.25 -28.94 6.04
C HIS D 266 41.06 -28.88 7.01
N ARG D 267 41.31 -28.63 8.30
CA ARG D 267 40.24 -28.54 9.34
C ARG D 267 40.16 -27.14 9.95
N ILE D 268 41.24 -26.34 9.81
CA ILE D 268 41.25 -24.90 10.24
C ILE D 268 41.22 -24.04 8.98
N PRO D 269 40.13 -23.29 8.73
CA PRO D 269 40.05 -22.43 7.53
C PRO D 269 41.28 -21.52 7.43
N ARG D 270 41.83 -21.40 6.22
CA ARG D 270 42.97 -20.49 5.94
C ARG D 270 42.61 -19.04 6.30
N ILE D 271 43.62 -18.30 6.71
CA ILE D 271 43.54 -16.83 7.01
C ILE D 271 44.61 -16.16 6.15
N TYR D 272 44.21 -15.17 5.36
CA TYR D 272 45.12 -14.41 4.46
C TYR D 272 45.32 -12.99 5.03
N ASP D 273 46.18 -12.20 4.37
CA ASP D 273 46.52 -10.82 4.78
C ASP D 273 45.61 -9.84 4.05
N GLY D 274 44.67 -9.23 4.77
CA GLY D 274 43.90 -8.06 4.30
C GLY D 274 44.74 -6.81 4.51
N VAL D 275 45.68 -6.56 3.60
CA VAL D 275 46.71 -5.50 3.77
C VAL D 275 45.99 -4.16 3.74
N GLY D 276 46.18 -3.37 4.77
CA GLY D 276 45.50 -2.09 4.96
C GLY D 276 46.49 -0.97 5.15
N VAL D 277 46.27 0.15 4.47
CA VAL D 277 47.12 1.36 4.60
C VAL D 277 46.32 2.46 5.28
N SER D 278 46.93 3.12 6.24
CA SER D 278 46.38 4.28 6.97
C SER D 278 47.48 5.31 7.13
N ALA D 279 47.15 6.49 7.66
CA ALA D 279 48.16 7.54 7.84
C ALA D 279 47.84 8.39 9.06
N LEU D 280 48.89 8.89 9.69
CA LEU D 280 48.79 9.94 10.73
C LEU D 280 49.20 11.26 10.08
N VAL D 281 48.36 12.27 10.26
CA VAL D 281 48.49 13.61 9.64
C VAL D 281 48.44 14.63 10.78
N ASP D 282 49.41 15.54 10.83
CA ASP D 282 49.35 16.76 11.68
C ASP D 282 48.56 17.81 10.94
N THR D 283 47.37 18.17 11.43
CA THR D 283 46.46 19.08 10.73
C THR D 283 47.09 20.47 10.66
N TRP D 284 46.81 21.20 9.58
CA TRP D 284 47.31 22.55 9.25
C TRP D 284 47.17 23.50 10.46
N ASP D 285 46.11 23.38 11.26
CA ASP D 285 45.81 24.32 12.37
C ASP D 285 45.73 23.57 13.71
N GLY D 286 46.11 22.30 13.76
CA GLY D 286 46.03 21.48 14.99
C GLY D 286 44.61 21.07 15.36
N SER D 287 43.60 21.41 14.55
CA SER D 287 42.18 21.05 14.79
C SER D 287 41.92 19.60 14.37
N GLY D 288 40.75 19.10 14.78
CA GLY D 288 40.23 17.79 14.37
C GLY D 288 38.73 17.77 14.64
N PRO D 289 37.99 16.81 14.05
CA PRO D 289 36.56 16.70 14.32
C PRO D 289 36.34 16.10 15.72
N ALA D 290 35.19 16.40 16.30
CA ALA D 290 34.78 15.93 17.65
C ALA D 290 34.30 14.47 17.54
N THR D 291 33.89 14.04 16.35
CA THR D 291 33.37 12.67 16.10
C THR D 291 34.25 11.95 15.09
N VAL D 292 34.16 10.63 15.08
CA VAL D 292 34.56 9.81 13.91
C VAL D 292 33.78 10.35 12.71
N LEU D 293 34.44 10.42 11.55
CA LEU D 293 33.80 10.69 10.25
C LEU D 293 34.06 9.46 9.38
N ARG D 294 33.02 8.90 8.77
CA ARG D 294 33.22 7.69 7.93
C ARG D 294 32.17 7.62 6.83
N THR D 295 32.52 6.87 5.79
CA THR D 295 31.57 6.28 4.82
C THR D 295 31.24 4.87 5.31
N SER D 296 30.20 4.26 4.74
CA SER D 296 30.00 2.81 4.83
C SER D 296 31.15 2.09 4.14
N ASN D 297 31.27 0.78 4.37
CA ASN D 297 32.31 -0.08 3.78
C ASN D 297 32.15 -0.03 2.25
N ARG D 298 33.29 0.05 1.55
CA ARG D 298 33.31 0.31 0.09
C ARG D 298 33.97 -0.89 -0.60
N ALA D 299 34.41 -0.71 -1.85
CA ALA D 299 34.87 -1.80 -2.75
C ALA D 299 35.87 -2.70 -2.02
N PHE D 300 35.57 -4.00 -1.99
CA PHE D 300 36.45 -5.06 -1.43
C PHE D 300 36.88 -4.67 0.00
N ALA D 301 35.94 -4.16 0.80
CA ALA D 301 36.10 -3.91 2.25
C ALA D 301 37.19 -2.88 2.55
N CYS D 302 37.45 -1.97 1.61
CA CYS D 302 38.11 -0.69 1.97
C CYS D 302 37.03 0.26 2.48
N GLY D 303 37.41 1.49 2.81
CA GLY D 303 36.46 2.49 3.32
C GLY D 303 37.20 3.74 3.67
N LEU D 304 36.47 4.83 3.87
CA LEU D 304 37.11 6.12 4.16
C LEU D 304 36.67 6.53 5.56
N HIS D 305 37.62 6.88 6.40
CA HIS D 305 37.28 7.38 7.75
C HIS D 305 38.40 8.25 8.29
N LEU D 306 38.02 9.12 9.21
CA LEU D 306 38.96 9.93 10.01
C LEU D 306 38.63 9.66 11.48
N VAL D 307 39.64 9.22 12.23
CA VAL D 307 39.53 8.95 13.68
C VAL D 307 40.30 10.05 14.40
N PRO D 308 39.64 10.81 15.29
CA PRO D 308 40.33 11.82 16.08
C PRO D 308 41.48 11.22 16.89
N ARG D 309 42.55 11.99 17.07
CA ARG D 309 43.67 11.66 17.97
C ARG D 309 43.97 12.92 18.80
N ALA D 310 44.66 12.77 19.93
CA ALA D 310 45.13 13.89 20.77
C ALA D 310 46.30 14.60 20.07
N GLY D 311 46.57 15.86 20.42
CA GLY D 311 47.83 16.55 20.11
C GLY D 311 47.93 17.04 18.66
N GLY D 312 46.82 17.41 18.02
CA GLY D 312 46.83 18.04 16.68
C GLY D 312 47.07 17.04 15.55
N SER D 313 46.90 15.76 15.83
CA SER D 313 47.01 14.63 14.86
C SER D 313 45.60 14.16 14.51
N VAL D 314 45.42 13.69 13.26
CA VAL D 314 44.25 12.85 12.88
C VAL D 314 44.77 11.57 12.25
N TYR D 315 44.01 10.51 12.42
CA TYR D 315 44.20 9.23 11.70
C TYR D 315 43.25 9.24 10.51
N ILE D 316 43.75 8.88 9.33
CA ILE D 316 42.88 8.66 8.13
C ILE D 316 43.15 7.25 7.64
N GLY D 317 42.07 6.60 7.22
CA GLY D 317 42.12 5.22 6.75
C GLY D 317 40.92 4.95 5.85
N ALA D 318 40.85 3.75 5.27
CA ALA D 318 41.92 2.78 5.28
C ALA D 318 41.69 1.87 4.07
N THR D 319 42.75 1.55 3.33
CA THR D 319 42.66 0.71 2.12
C THR D 319 42.54 -0.74 2.57
N ASN D 320 42.18 -1.62 1.65
CA ASN D 320 42.18 -3.08 1.90
C ASN D 320 42.49 -3.79 0.60
N ALA D 321 43.38 -4.77 0.66
CA ALA D 321 43.69 -5.66 -0.47
C ALA D 321 44.03 -7.02 0.12
N VAL D 322 43.24 -8.04 -0.19
CA VAL D 322 43.58 -9.42 0.24
C VAL D 322 44.78 -9.86 -0.58
N CYS D 323 45.86 -10.24 0.08
CA CYS D 323 47.12 -10.72 -0.55
C CYS D 323 47.37 -12.16 -0.09
N LEU D 324 47.76 -13.03 -1.03
CA LEU D 324 47.99 -14.48 -0.75
C LEU D 324 49.31 -14.64 0.02
N GLU D 325 50.19 -13.64 -0.01
CA GLU D 325 51.42 -13.57 0.80
C GLU D 325 51.45 -12.22 1.50
N PRO D 326 52.04 -12.13 2.71
CA PRO D 326 52.04 -10.87 3.45
C PRO D 326 52.85 -9.78 2.74
N ARG D 327 52.46 -8.54 2.98
CA ARG D 327 53.15 -7.32 2.46
C ARG D 327 53.15 -6.29 3.59
N GLY D 328 54.31 -5.71 3.87
CA GLY D 328 54.50 -4.78 5.00
C GLY D 328 54.76 -3.35 4.56
N ALA D 329 54.66 -3.04 3.26
CA ALA D 329 54.85 -1.66 2.74
C ALA D 329 53.64 -1.29 1.89
N ALA D 330 53.23 -0.02 1.94
CA ALA D 330 52.13 0.53 1.14
C ALA D 330 52.57 0.56 -0.33
N SER D 331 51.66 0.31 -1.25
CA SER D 331 51.88 0.66 -2.67
C SER D 331 51.66 2.16 -2.83
N ILE D 332 52.27 2.73 -3.87
CA ILE D 332 52.01 4.14 -4.26
C ILE D 332 50.50 4.31 -4.44
N GLU D 333 49.85 3.39 -5.15
CA GLU D 333 48.40 3.46 -5.48
C GLU D 333 47.58 3.62 -4.20
N GLU D 334 47.88 2.82 -3.17
CA GLU D 334 47.14 2.82 -1.88
C GLU D 334 47.26 4.20 -1.23
N THR D 335 48.48 4.77 -1.20
CA THR D 335 48.73 6.08 -0.57
C THR D 335 47.95 7.17 -1.33
N VAL D 336 48.05 7.20 -2.65
CA VAL D 336 47.38 8.23 -3.48
C VAL D 336 45.86 8.11 -3.27
N PHE D 337 45.32 6.90 -3.31
CA PHE D 337 43.85 6.68 -3.18
C PHE D 337 43.36 7.22 -1.82
N LEU D 338 44.02 6.79 -0.73
CA LEU D 338 43.63 7.19 0.63
C LEU D 338 43.66 8.72 0.74
N PHE D 339 44.77 9.33 0.34
CA PHE D 339 44.98 10.79 0.47
C PHE D 339 43.94 11.53 -0.38
N ASN D 340 43.72 11.07 -1.60
CA ASN D 340 42.78 11.74 -2.54
C ASN D 340 41.37 11.71 -1.96
N CYS D 341 40.93 10.57 -1.44
CA CYS D 341 39.57 10.42 -0.85
C CYS D 341 39.42 11.36 0.35
N ALA D 342 40.39 11.37 1.27
CA ALA D 342 40.30 12.13 2.54
C ALA D 342 40.26 13.63 2.23
N THR D 343 41.12 14.10 1.32
CA THR D 343 41.26 15.55 1.00
C THR D 343 40.00 16.04 0.31
N HIS D 344 39.37 15.25 -0.56
CA HIS D 344 38.17 15.66 -1.34
C HIS D 344 36.89 15.51 -0.50
N GLN D 345 36.74 14.36 0.16
CA GLN D 345 35.43 13.95 0.74
C GLN D 345 35.33 14.42 2.20
N LEU D 346 36.44 14.64 2.89
CA LEU D 346 36.39 15.00 4.34
C LEU D 346 36.84 16.44 4.57
N HIS D 347 38.08 16.80 4.22
CA HIS D 347 38.59 18.16 4.53
C HIS D 347 39.74 18.51 3.59
N ARG D 348 39.55 19.53 2.77
CA ARG D 348 40.57 20.02 1.81
C ARG D 348 41.80 20.55 2.56
N GLY D 349 41.63 20.98 3.82
CA GLY D 349 42.73 21.39 4.71
C GLY D 349 43.76 20.30 4.92
N LEU D 350 43.37 19.03 4.79
CA LEU D 350 44.32 17.91 4.91
C LEU D 350 45.36 17.97 3.79
N ASN D 351 45.05 18.59 2.67
CA ASN D 351 45.96 18.66 1.51
C ASN D 351 47.26 19.37 1.91
N GLY D 352 47.15 20.47 2.67
CA GLY D 352 48.31 21.27 3.12
C GLY D 352 48.83 20.81 4.46
N SER D 353 48.27 19.72 5.01
CA SER D 353 48.68 19.17 6.31
C SER D 353 49.91 18.26 6.12
N GLU D 354 50.68 18.09 7.18
CA GLU D 354 51.95 17.34 7.18
C GLU D 354 51.68 15.86 7.41
N LEU D 355 52.20 15.03 6.51
CA LEU D 355 52.21 13.56 6.65
C LEU D 355 53.23 13.18 7.71
N ARG D 356 52.78 12.56 8.81
CA ARG D 356 53.69 12.10 9.89
C ARG D 356 54.07 10.65 9.66
N LYS D 357 53.13 9.79 9.26
CA LYS D 357 53.40 8.34 9.18
C LYS D 357 52.42 7.68 8.22
N VAL D 358 52.94 6.84 7.33
CA VAL D 358 52.14 5.86 6.55
C VAL D 358 52.24 4.55 7.32
N GLN D 359 51.10 3.98 7.69
CA GLN D 359 51.02 2.73 8.48
C GLN D 359 50.45 1.62 7.58
N VAL D 360 50.98 0.41 7.75
CA VAL D 360 50.54 -0.80 7.01
C VAL D 360 50.34 -1.93 8.02
N GLY D 361 49.21 -2.60 7.98
CA GLY D 361 48.92 -3.79 8.81
C GLY D 361 48.06 -4.79 8.06
N SER D 362 48.02 -6.05 8.52
CA SER D 362 47.27 -7.15 7.86
C SER D 362 46.02 -7.49 8.66
N ARG D 363 44.85 -7.12 8.16
CA ARG D 363 43.55 -7.62 8.66
C ARG D 363 43.57 -9.14 8.47
N PRO D 364 43.34 -9.95 9.53
CA PRO D 364 43.27 -11.41 9.35
C PRO D 364 42.00 -11.73 8.56
N ALA D 365 42.18 -12.16 7.30
CA ALA D 365 41.11 -12.37 6.31
C ALA D 365 40.78 -13.85 6.18
N PRO D 366 39.73 -14.35 6.85
CA PRO D 366 39.39 -15.78 6.77
C PRO D 366 38.87 -16.12 5.37
N ILE D 367 39.28 -17.27 4.83
CA ILE D 367 38.96 -17.72 3.45
C ILE D 367 37.44 -17.90 3.30
N ASP D 368 36.69 -18.16 4.37
CA ASP D 368 35.22 -18.40 4.30
C ASP D 368 34.46 -17.18 4.85
N GLY D 369 35.17 -16.10 5.20
CA GLY D 369 34.56 -14.79 5.46
C GLY D 369 34.16 -14.59 6.91
N PHE D 370 34.43 -15.55 7.80
CA PHE D 370 33.98 -15.46 9.22
C PHE D 370 35.11 -15.81 10.17
N PRO D 371 35.07 -15.26 11.39
CA PRO D 371 36.15 -15.42 12.35
C PRO D 371 36.33 -16.87 12.81
N LEU D 372 37.48 -17.14 13.41
CA LEU D 372 37.90 -18.43 14.00
C LEU D 372 38.09 -18.20 15.50
N ILE D 373 37.10 -18.57 16.32
CA ILE D 373 37.03 -18.22 17.76
C ILE D 373 36.64 -19.48 18.55
N GLY D 374 37.54 -19.98 19.38
CA GLY D 374 37.19 -20.98 20.40
C GLY D 374 38.13 -22.17 20.37
N GLY D 375 37.59 -23.34 20.70
CA GLY D 375 38.38 -24.56 20.97
C GLY D 375 38.62 -25.35 19.71
N THR D 376 39.42 -26.40 19.85
CA THR D 376 40.04 -27.22 18.79
C THR D 376 39.86 -28.69 19.19
N SER D 377 40.16 -29.64 18.31
CA SER D 377 40.18 -31.10 18.61
C SER D 377 41.42 -31.45 19.46
N VAL D 378 42.39 -30.54 19.57
CA VAL D 378 43.59 -30.67 20.45
C VAL D 378 43.25 -30.03 21.81
N GLU D 379 43.31 -30.83 22.88
CA GLU D 379 43.04 -30.36 24.26
C GLU D 379 44.02 -29.23 24.61
N GLY D 380 43.50 -28.13 25.14
CA GLY D 380 44.29 -26.95 25.56
C GLY D 380 44.66 -26.02 24.40
N LEU D 381 44.27 -26.32 23.16
CA LEU D 381 44.59 -25.46 21.98
C LEU D 381 43.35 -24.62 21.61
N TRP D 382 43.53 -23.29 21.62
CA TRP D 382 42.46 -22.29 21.37
C TRP D 382 42.92 -21.34 20.26
N MET D 383 41.96 -20.76 19.53
CA MET D 383 42.24 -19.76 18.48
C MET D 383 41.33 -18.55 18.68
N LEU D 384 41.89 -17.36 18.45
CA LEU D 384 41.16 -16.08 18.38
C LEU D 384 41.72 -15.32 17.17
N SER D 385 41.09 -15.43 16.01
CA SER D 385 41.61 -14.84 14.74
C SER D 385 40.54 -14.74 13.66
N GLY D 386 40.96 -14.31 12.47
CA GLY D 386 40.10 -14.14 11.27
C GLY D 386 39.04 -13.08 11.47
N THR D 387 39.34 -12.02 12.23
CA THR D 387 38.35 -10.97 12.58
C THR D 387 38.32 -9.84 11.53
N TYR D 388 39.23 -9.84 10.56
CA TYR D 388 39.17 -8.94 9.37
C TYR D 388 39.10 -7.47 9.84
N ARG D 389 37.95 -6.79 9.67
CA ARG D 389 37.84 -5.33 9.90
C ARG D 389 37.49 -4.97 11.35
N ASP D 390 37.09 -5.92 12.22
CA ASP D 390 36.42 -5.51 13.48
C ASP D 390 36.76 -6.42 14.67
N GLY D 391 37.92 -7.08 14.65
CA GLY D 391 38.45 -7.79 15.83
C GLY D 391 38.73 -6.86 16.99
N LEU D 392 39.31 -5.69 16.72
CA LEU D 392 39.64 -4.69 17.77
C LEU D 392 38.34 -4.30 18.47
N HIS D 393 37.30 -3.92 17.73
CA HIS D 393 35.99 -3.57 18.30
C HIS D 393 35.46 -4.75 19.15
N MET D 394 35.55 -5.98 18.64
CA MET D 394 34.89 -7.15 19.29
C MET D 394 35.76 -7.68 20.46
N SER D 395 36.99 -7.20 20.61
CA SER D 395 38.05 -7.78 21.47
C SER D 395 37.56 -8.08 22.89
N PRO D 396 36.91 -7.17 23.65
CA PRO D 396 36.54 -7.49 25.03
C PRO D 396 35.54 -8.66 25.08
N LEU D 397 34.62 -8.72 24.12
CA LEU D 397 33.60 -9.80 24.03
C LEU D 397 34.29 -11.11 23.66
N LEU D 398 35.16 -11.10 22.64
CA LEU D 398 35.87 -12.32 22.16
C LEU D 398 36.76 -12.87 23.29
N ALA D 399 37.46 -11.99 24.00
CA ALA D 399 38.37 -12.36 25.11
C ALA D 399 37.55 -13.08 26.20
N ARG D 400 36.43 -12.49 26.61
CA ARG D 400 35.55 -13.02 27.68
C ARG D 400 34.97 -14.37 27.24
N HIS D 401 34.63 -14.51 25.96
CA HIS D 401 34.10 -15.77 25.38
C HIS D 401 35.14 -16.89 25.54
N VAL D 402 36.37 -16.67 25.08
CA VAL D 402 37.42 -17.73 25.08
C VAL D 402 37.79 -18.06 26.53
N VAL D 403 37.87 -17.07 27.42
CA VAL D 403 38.22 -17.29 28.86
C VAL D 403 37.13 -18.14 29.52
N SER D 404 35.85 -17.84 29.27
CA SER D 404 34.71 -18.65 29.74
C SER D 404 34.88 -20.10 29.27
N LEU D 405 35.16 -20.32 27.98
CA LEU D 405 35.35 -21.69 27.42
C LEU D 405 36.50 -22.39 28.14
N MET D 406 37.60 -21.68 28.39
CA MET D 406 38.82 -22.27 29.03
C MET D 406 38.49 -22.69 30.47
N ASP D 407 37.53 -22.01 31.10
CA ASP D 407 37.09 -22.27 32.51
C ASP D 407 35.96 -23.30 32.54
N GLY D 408 35.63 -23.94 31.42
CA GLY D 408 34.55 -24.94 31.31
C GLY D 408 33.17 -24.31 31.16
N GLY D 409 33.08 -23.00 30.93
CA GLY D 409 31.82 -22.29 30.63
C GLY D 409 31.40 -22.48 29.18
N THR D 410 30.29 -21.86 28.78
CA THR D 410 29.77 -21.88 27.39
C THR D 410 29.99 -20.51 26.73
N GLY D 411 30.56 -19.55 27.44
CA GLY D 411 30.85 -18.20 26.93
C GLY D 411 29.60 -17.52 26.37
N VAL D 412 29.71 -16.94 25.17
CA VAL D 412 28.64 -16.14 24.52
C VAL D 412 27.86 -17.05 23.56
N ASP D 413 26.53 -17.07 23.70
CA ASP D 413 25.62 -18.01 23.00
C ASP D 413 25.79 -18.03 21.47
N GLY D 414 26.23 -16.95 20.81
CA GLY D 414 26.06 -16.79 19.36
C GLY D 414 27.30 -17.15 18.54
N LEU D 415 28.35 -17.66 19.19
CA LEU D 415 29.73 -17.70 18.62
C LEU D 415 30.02 -19.11 18.08
N ARG D 416 29.12 -20.07 18.28
CA ARG D 416 29.37 -21.53 18.02
C ARG D 416 29.67 -21.78 16.53
N GLU D 417 28.97 -21.08 15.64
CA GLU D 417 29.14 -21.22 14.17
C GLU D 417 30.56 -20.80 13.75
N PHE D 418 31.27 -20.03 14.58
CA PHE D 418 32.60 -19.44 14.26
C PHE D 418 33.72 -20.20 14.98
N ARG D 419 33.42 -21.41 15.48
CA ARG D 419 34.42 -22.36 16.03
C ARG D 419 35.51 -22.56 14.98
N PRO D 420 36.80 -22.57 15.37
CA PRO D 420 37.90 -22.55 14.40
C PRO D 420 38.09 -23.84 13.60
N GLU D 421 37.69 -24.98 14.15
CA GLU D 421 37.84 -26.30 13.49
C GLU D 421 36.51 -26.63 12.81
N ARG D 422 36.44 -26.42 11.50
CA ARG D 422 35.16 -26.44 10.76
C ARG D 422 35.43 -26.67 9.28
N ASP D 423 34.45 -27.26 8.60
CA ASP D 423 34.30 -27.14 7.14
C ASP D 423 34.20 -25.64 6.82
N LEU D 424 34.69 -25.22 5.66
CA LEU D 424 34.51 -23.82 5.19
C LEU D 424 33.01 -23.51 5.19
N ILE D 425 32.66 -22.35 5.75
CA ILE D 425 31.28 -21.81 5.69
C ILE D 425 30.98 -21.40 4.25
N SER D 426 29.77 -21.65 3.78
CA SER D 426 29.21 -21.14 2.51
C SER D 426 28.06 -20.19 2.84
N ALA D 427 28.37 -18.94 3.18
CA ALA D 427 27.38 -17.96 3.72
C ALA D 427 26.54 -17.37 2.59
N TRP D 428 26.99 -17.49 1.34
CA TRP D 428 26.30 -16.94 0.14
C TRP D 428 26.30 -17.98 -0.99
N SER D 429 25.29 -17.93 -1.86
CA SER D 429 25.26 -18.66 -3.15
C SER D 429 26.39 -18.15 -4.05
N ARG D 430 26.87 -19.01 -4.94
CA ARG D 430 27.86 -18.65 -5.99
C ARG D 430 27.32 -17.46 -6.81
N GLU D 431 26.02 -17.46 -7.11
CA GLU D 431 25.35 -16.39 -7.87
C GLU D 431 25.45 -15.05 -7.12
N GLU D 432 25.17 -15.04 -5.82
CA GLU D 432 25.25 -13.82 -4.96
C GLU D 432 26.68 -13.28 -5.02
N ILE D 433 27.67 -14.16 -4.87
CA ILE D 433 29.11 -13.77 -4.83
C ILE D 433 29.52 -13.22 -6.20
N LEU D 434 29.08 -13.84 -7.29
CA LEU D 434 29.44 -13.38 -8.65
C LEU D 434 28.82 -12.00 -8.90
N ASP D 435 27.58 -11.77 -8.47
CA ASP D 435 26.95 -10.42 -8.54
C ASP D 435 27.82 -9.43 -7.74
N ASP D 436 28.23 -9.83 -6.54
CA ASP D 436 28.99 -8.98 -5.59
C ASP D 436 30.37 -8.63 -6.19
N VAL D 437 31.09 -9.60 -6.75
CA VAL D 437 32.50 -9.37 -7.20
C VAL D 437 32.49 -8.38 -8.38
N VAL D 438 31.50 -8.48 -9.27
CA VAL D 438 31.42 -7.56 -10.44
C VAL D 438 31.06 -6.16 -9.94
N ARG D 439 30.11 -6.06 -9.02
CA ARG D 439 29.67 -4.78 -8.42
C ARG D 439 30.87 -4.11 -7.71
N HIS D 440 31.64 -4.86 -6.93
CA HIS D 440 32.82 -4.35 -6.19
C HIS D 440 33.91 -3.94 -7.18
N THR D 441 34.11 -4.70 -8.26
CA THR D 441 35.09 -4.35 -9.32
C THR D 441 34.70 -2.99 -9.90
N MET D 442 33.44 -2.81 -10.27
CA MET D 442 32.92 -1.55 -10.86
C MET D 442 33.08 -0.42 -9.82
N ALA D 443 32.84 -0.71 -8.54
CA ALA D 443 32.96 0.29 -7.45
C ALA D 443 34.40 0.83 -7.37
N THR D 444 35.43 0.07 -7.72
CA THR D 444 36.82 0.59 -7.69
C THR D 444 36.94 1.75 -8.70
N GLY D 445 36.13 1.74 -9.76
CA GLY D 445 36.10 2.84 -10.74
C GLY D 445 35.38 4.04 -10.17
N TYR D 446 34.16 3.85 -9.69
CA TYR D 446 33.30 4.95 -9.19
C TYR D 446 33.93 5.61 -7.96
N GLU D 447 34.72 4.88 -7.18
CA GLU D 447 35.33 5.43 -5.94
C GLU D 447 36.59 6.25 -6.25
N PHE D 448 37.15 6.10 -7.44
CA PHE D 448 38.45 6.73 -7.83
C PHE D 448 38.38 8.25 -7.71
N PRO D 449 37.38 8.99 -8.26
CA PRO D 449 36.37 8.50 -9.16
C PRO D 449 36.88 8.64 -10.59
N TRP D 450 36.56 7.69 -11.45
CA TRP D 450 36.96 7.76 -12.88
C TRP D 450 36.05 8.73 -13.63
N ARG D 451 36.48 9.09 -14.82
CA ARG D 451 35.65 9.80 -15.82
C ARG D 451 35.82 9.07 -17.15
N LEU D 452 34.75 8.44 -17.64
CA LEU D 452 34.76 7.51 -18.78
C LEU D 452 33.62 7.86 -19.72
N PRO D 453 33.68 7.41 -20.99
CA PRO D 453 32.51 7.49 -21.87
C PRO D 453 31.34 6.74 -21.20
N LEU D 454 30.13 7.23 -21.39
CA LEU D 454 28.96 6.72 -20.62
C LEU D 454 28.61 5.27 -20.96
N GLU D 455 29.05 4.73 -22.09
CA GLU D 455 28.74 3.34 -22.51
C GLU D 455 29.78 2.38 -21.92
N TRP D 456 30.93 2.87 -21.46
CA TRP D 456 32.06 1.99 -21.08
C TRP D 456 31.69 1.14 -19.86
N PRO D 457 31.10 1.70 -18.77
CA PRO D 457 30.78 0.90 -17.60
C PRO D 457 29.91 -0.34 -17.90
N HIS D 458 28.84 -0.18 -18.67
CA HIS D 458 27.95 -1.32 -19.04
C HIS D 458 28.78 -2.36 -19.81
N MET D 459 29.63 -1.93 -20.74
CA MET D 459 30.49 -2.86 -21.51
C MET D 459 31.42 -3.62 -20.54
N MET D 460 32.07 -2.92 -19.62
CA MET D 460 33.01 -3.54 -18.65
C MET D 460 32.23 -4.55 -17.79
N GLU D 461 31.06 -4.18 -17.29
CA GLU D 461 30.20 -5.06 -16.46
C GLU D 461 29.91 -6.35 -17.24
N THR D 462 29.50 -6.25 -18.49
CA THR D 462 29.15 -7.42 -19.33
C THR D 462 30.40 -8.30 -19.49
N PHE D 463 31.58 -7.73 -19.71
CA PHE D 463 32.81 -8.50 -19.98
C PHE D 463 33.50 -9.00 -18.70
N LEU D 464 33.09 -8.52 -17.52
CA LEU D 464 33.65 -9.02 -16.24
C LEU D 464 32.94 -10.31 -15.80
N GLN D 465 31.67 -10.48 -16.16
CA GLN D 465 30.81 -11.57 -15.63
C GLN D 465 31.39 -12.93 -16.00
N GLY D 466 31.75 -13.11 -17.28
CA GLY D 466 32.24 -14.40 -17.83
C GLY D 466 33.50 -14.89 -17.14
N PRO D 467 34.59 -14.10 -17.14
CA PRO D 467 35.83 -14.50 -16.46
C PRO D 467 35.68 -14.85 -14.97
N PHE D 468 34.85 -14.12 -14.21
CA PHE D 468 34.64 -14.42 -12.77
C PHE D 468 33.81 -15.72 -12.63
N ALA D 469 32.79 -15.91 -13.46
CA ALA D 469 31.96 -17.14 -13.48
C ALA D 469 32.86 -18.35 -13.79
N GLU D 470 33.78 -18.21 -14.74
CA GLU D 470 34.74 -19.26 -15.17
C GLU D 470 35.67 -19.60 -14.01
N LEU D 471 36.19 -18.59 -13.32
CA LEU D 471 37.11 -18.78 -12.18
C LEU D 471 36.38 -19.54 -11.06
N ALA D 472 35.18 -19.09 -10.66
CA ALA D 472 34.39 -19.69 -9.57
C ALA D 472 34.14 -21.17 -9.88
N ASP D 473 33.81 -21.49 -11.13
CA ASP D 473 33.46 -22.86 -11.57
C ASP D 473 34.70 -23.74 -11.54
N ARG D 474 35.86 -23.18 -11.87
CA ARG D 474 37.17 -23.86 -11.93
C ARG D 474 37.71 -24.15 -10.52
N LEU D 475 37.44 -23.29 -9.54
CA LEU D 475 38.10 -23.38 -8.22
C LEU D 475 37.59 -24.63 -7.48
N SER D 476 36.29 -24.92 -7.56
CA SER D 476 35.61 -25.95 -6.72
C SER D 476 34.16 -26.11 -7.18
N ASP D 477 33.60 -27.32 -7.02
CA ASP D 477 32.17 -27.63 -7.29
C ASP D 477 31.32 -27.26 -6.07
N THR D 478 31.92 -26.99 -4.90
CA THR D 478 31.15 -26.77 -3.64
C THR D 478 31.47 -25.40 -3.03
N TYR D 479 32.75 -25.01 -2.94
CA TYR D 479 33.16 -23.76 -2.25
C TYR D 479 33.31 -22.62 -3.26
N THR D 480 32.89 -21.43 -2.83
CA THR D 480 33.12 -20.14 -3.54
C THR D 480 33.77 -19.15 -2.60
N PRO D 481 34.98 -18.64 -2.92
CA PRO D 481 35.59 -17.60 -2.10
C PRO D 481 34.73 -16.34 -2.10
N PRO D 482 34.63 -15.62 -0.97
CA PRO D 482 33.96 -14.32 -0.95
C PRO D 482 34.67 -13.36 -1.93
N ALA D 483 33.95 -12.32 -2.38
CA ALA D 483 34.40 -11.38 -3.43
C ALA D 483 35.82 -10.87 -3.15
N ASP D 484 36.11 -10.46 -1.91
CA ASP D 484 37.40 -9.84 -1.51
C ASP D 484 38.54 -10.81 -1.83
N LEU D 485 38.32 -12.11 -1.59
CA LEU D 485 39.33 -13.15 -1.91
C LEU D 485 39.26 -13.51 -3.40
N MET D 486 38.07 -13.59 -3.98
CA MET D 486 37.91 -14.01 -5.39
C MET D 486 38.69 -13.04 -6.30
N THR D 487 38.66 -11.73 -6.03
CA THR D 487 39.40 -10.75 -6.86
C THR D 487 40.90 -11.01 -6.70
N ALA D 488 41.39 -11.25 -5.48
CA ALA D 488 42.82 -11.56 -5.24
C ALA D 488 43.22 -12.82 -6.03
N ILE D 489 42.36 -13.84 -6.07
CA ILE D 489 42.68 -15.13 -6.77
C ILE D 489 42.68 -14.86 -8.28
N MET D 490 41.71 -14.09 -8.79
CA MET D 490 41.60 -13.74 -10.23
C MET D 490 42.94 -13.18 -10.74
N PHE D 491 43.60 -12.32 -9.97
CA PHE D 491 44.81 -11.59 -10.42
C PHE D 491 46.09 -12.23 -9.84
N SER D 492 46.00 -13.43 -9.27
CA SER D 492 47.17 -14.19 -8.75
C SER D 492 47.77 -15.04 -9.88
N GLU D 493 48.96 -15.61 -9.65
CA GLU D 493 49.65 -16.51 -10.63
C GLU D 493 48.86 -17.81 -10.80
N ARG D 494 48.97 -18.42 -11.98
CA ARG D 494 48.32 -19.71 -12.31
C ARG D 494 48.64 -20.74 -11.22
N GLU D 495 49.90 -20.80 -10.77
CA GLU D 495 50.38 -21.76 -9.74
C GLU D 495 49.63 -21.54 -8.43
N GLN D 496 49.38 -20.27 -8.06
CA GLN D 496 48.67 -19.92 -6.80
C GLN D 496 47.20 -20.34 -6.92
N GLN D 497 46.59 -20.18 -8.09
CA GLN D 497 45.19 -20.59 -8.36
C GLN D 497 45.09 -22.13 -8.25
N ASP D 498 46.04 -22.83 -8.84
CA ASP D 498 46.08 -24.33 -8.88
C ASP D 498 46.23 -24.85 -7.44
N GLU D 499 47.07 -24.23 -6.64
CA GLU D 499 47.30 -24.61 -5.22
C GLU D 499 45.98 -24.43 -4.45
N LEU D 500 45.20 -23.38 -4.74
CA LEU D 500 43.90 -23.15 -4.05
C LEU D 500 42.89 -24.21 -4.49
N ILE D 501 42.90 -24.61 -5.77
CA ILE D 501 42.00 -25.68 -6.29
C ILE D 501 42.27 -26.95 -5.49
N ALA D 502 43.55 -27.30 -5.28
CA ALA D 502 44.02 -28.46 -4.50
C ALA D 502 43.56 -28.33 -3.04
N TYR D 503 43.77 -27.16 -2.42
CA TYR D 503 43.34 -26.87 -1.02
C TYR D 503 41.83 -27.14 -0.88
N TYR D 504 41.00 -26.57 -1.76
CA TYR D 504 39.53 -26.72 -1.68
C TYR D 504 39.15 -28.20 -1.81
N ALA D 505 39.84 -28.92 -2.71
CA ALA D 505 39.60 -30.37 -2.96
C ALA D 505 39.95 -31.18 -1.70
N ASP D 506 41.08 -30.85 -1.05
CA ASP D 506 41.56 -31.50 0.20
C ASP D 506 40.58 -31.20 1.36
N VAL D 507 40.03 -29.99 1.43
CA VAL D 507 39.02 -29.63 2.46
C VAL D 507 37.75 -30.46 2.21
N HIS D 508 37.29 -30.57 0.97
CA HIS D 508 36.04 -31.30 0.64
C HIS D 508 36.18 -32.76 1.07
N ARG D 509 37.33 -33.36 0.73
CA ARG D 509 37.74 -34.75 1.07
C ARG D 509 37.71 -34.94 2.59
N GLU D 510 38.24 -33.98 3.34
CA GLU D 510 38.32 -34.04 4.82
C GLU D 510 36.92 -34.06 5.44
N TRP D 511 35.98 -33.28 4.92
CA TRP D 511 34.69 -32.99 5.62
C TRP D 511 33.50 -33.72 5.00
N HIS D 512 33.63 -34.32 3.81
CA HIS D 512 32.48 -34.94 3.08
C HIS D 512 32.80 -36.41 2.74
N GLN E 31 -30.43 -33.27 79.62
CA GLN E 31 -31.41 -32.76 78.63
C GLN E 31 -31.96 -33.91 77.78
N THR E 32 -33.02 -33.63 77.02
CA THR E 32 -33.69 -34.61 76.10
C THR E 32 -33.47 -34.13 74.66
N ASP E 33 -32.58 -34.81 73.93
CA ASP E 33 -31.93 -34.28 72.72
C ASP E 33 -32.94 -34.12 71.57
N VAL E 34 -32.75 -33.05 70.79
CA VAL E 34 -33.49 -32.81 69.52
C VAL E 34 -32.47 -32.83 68.38
N ILE E 35 -32.77 -33.57 67.31
CA ILE E 35 -31.99 -33.54 66.04
C ILE E 35 -32.87 -32.91 64.95
N VAL E 36 -32.37 -31.82 64.34
CA VAL E 36 -32.99 -31.22 63.13
C VAL E 36 -32.22 -31.78 61.92
N VAL E 37 -32.92 -32.48 61.02
CA VAL E 37 -32.30 -33.03 59.78
C VAL E 37 -32.56 -32.02 58.66
N GLY E 38 -31.54 -31.25 58.28
CA GLY E 38 -31.62 -30.29 57.18
C GLY E 38 -31.19 -28.91 57.61
N ASN E 39 -30.44 -28.24 56.73
CA ASN E 39 -29.76 -26.96 57.03
C ASN E 39 -30.16 -25.91 56.00
N GLY E 40 -31.38 -26.01 55.47
CA GLY E 40 -32.01 -24.92 54.72
C GLY E 40 -32.68 -23.97 55.67
N VAL E 41 -33.51 -23.07 55.12
CA VAL E 41 -34.22 -22.04 55.91
C VAL E 41 -35.12 -22.72 56.95
N LEU E 42 -35.81 -23.80 56.61
CA LEU E 42 -36.83 -24.39 57.54
C LEU E 42 -36.09 -25.09 58.71
N GLY E 43 -35.08 -25.92 58.44
CA GLY E 43 -34.29 -26.59 59.48
C GLY E 43 -33.65 -25.59 60.44
N LEU E 44 -32.96 -24.60 59.89
CA LEU E 44 -32.24 -23.59 60.71
C LEU E 44 -33.23 -22.71 61.47
N SER E 45 -34.37 -22.37 60.86
CA SER E 45 -35.39 -21.51 61.50
C SER E 45 -35.99 -22.25 62.71
N VAL E 46 -36.32 -23.53 62.55
CA VAL E 46 -36.88 -24.36 63.66
C VAL E 46 -35.75 -24.55 64.70
N GLY E 47 -34.52 -24.81 64.25
CA GLY E 47 -33.33 -24.93 65.12
C GLY E 47 -33.17 -23.74 66.03
N VAL E 48 -33.19 -22.52 65.46
CA VAL E 48 -33.06 -21.25 66.20
C VAL E 48 -34.19 -21.14 67.22
N GLU E 49 -35.44 -21.42 66.80
CA GLU E 49 -36.62 -21.25 67.68
C GLU E 49 -36.53 -22.23 68.84
N ILE E 50 -36.16 -23.50 68.61
CA ILE E 50 -36.00 -24.54 69.65
C ILE E 50 -34.90 -24.10 70.62
N ALA E 51 -33.71 -23.80 70.10
CA ALA E 51 -32.52 -23.42 70.89
C ALA E 51 -32.87 -22.24 71.81
N ARG E 52 -33.55 -21.23 71.28
CA ARG E 52 -33.87 -19.98 72.03
C ARG E 52 -34.94 -20.22 73.10
N THR E 53 -35.92 -21.09 72.86
CA THR E 53 -37.15 -21.21 73.70
C THR E 53 -37.02 -22.36 74.69
N ARG E 54 -36.10 -23.32 74.46
CA ARG E 54 -36.05 -24.61 75.18
C ARG E 54 -34.67 -24.81 75.78
N PRO E 55 -34.33 -24.12 76.90
CA PRO E 55 -33.04 -24.30 77.57
C PRO E 55 -32.82 -25.71 78.11
N ASP E 56 -33.90 -26.48 78.24
CA ASP E 56 -33.92 -27.89 78.74
C ASP E 56 -33.40 -28.85 77.67
N VAL E 57 -33.37 -28.47 76.39
CA VAL E 57 -33.02 -29.39 75.27
C VAL E 57 -31.65 -29.02 74.69
N ARG E 58 -30.88 -30.04 74.35
CA ARG E 58 -29.68 -29.99 73.47
C ARG E 58 -30.16 -30.16 72.03
N VAL E 59 -29.91 -29.19 71.15
CA VAL E 59 -30.41 -29.24 69.74
C VAL E 59 -29.21 -29.31 68.78
N THR E 60 -29.16 -30.38 68.00
CA THR E 60 -28.12 -30.66 66.98
C THR E 60 -28.76 -30.57 65.59
N LEU E 61 -28.16 -29.80 64.67
CA LEU E 61 -28.69 -29.63 63.29
C LEU E 61 -27.72 -30.27 62.30
N LEU E 62 -28.24 -31.18 61.47
CA LEU E 62 -27.49 -31.97 60.47
C LEU E 62 -27.59 -31.28 59.09
N GLY E 63 -26.60 -31.53 58.24
CA GLY E 63 -26.52 -30.94 56.89
C GLY E 63 -25.14 -30.35 56.64
N LYS E 64 -24.74 -30.30 55.37
CA LYS E 64 -23.35 -29.97 54.96
C LYS E 64 -23.31 -28.59 54.32
N PRO E 65 -22.15 -27.90 54.36
CA PRO E 65 -22.01 -26.58 53.74
C PRO E 65 -22.34 -26.54 52.23
N ALA E 66 -22.14 -27.64 51.52
CA ALA E 66 -22.41 -27.74 50.07
C ALA E 66 -23.92 -27.56 49.81
N ARG E 67 -24.77 -27.91 50.78
CA ARG E 67 -26.25 -27.79 50.66
C ARG E 67 -26.68 -28.36 49.31
N GLN E 68 -26.38 -29.65 49.07
CA GLN E 68 -26.71 -30.34 47.80
C GLN E 68 -28.23 -30.20 47.54
N TYR E 69 -28.58 -29.77 46.33
CA TYR E 69 -29.97 -29.57 45.83
C TYR E 69 -30.72 -28.51 46.63
N GLY E 70 -30.01 -27.72 47.46
CA GLY E 70 -30.64 -26.78 48.41
C GLY E 70 -31.48 -25.72 47.73
N ALA E 71 -32.76 -25.63 48.05
CA ALA E 71 -33.66 -24.58 47.54
C ALA E 71 -33.22 -23.20 48.05
N THR E 72 -32.95 -23.08 49.36
CA THR E 72 -32.78 -21.78 50.05
C THR E 72 -31.64 -20.97 49.41
N PRO E 73 -30.42 -21.52 49.20
CA PRO E 73 -29.31 -20.73 48.67
C PRO E 73 -29.54 -20.29 47.23
N ALA E 74 -30.45 -20.95 46.49
CA ALA E 74 -30.77 -20.61 45.09
C ALA E 74 -31.88 -19.56 45.03
N ALA E 75 -32.47 -19.17 46.18
CA ALA E 75 -33.61 -18.24 46.27
C ALA E 75 -33.11 -16.79 46.34
N GLY E 76 -33.91 -15.85 45.88
CA GLY E 76 -33.52 -14.42 45.80
C GLY E 76 -33.26 -13.77 47.17
N ALA E 77 -34.28 -13.70 48.04
CA ALA E 77 -35.58 -14.29 47.84
C ALA E 77 -36.66 -13.23 48.13
N MET E 78 -37.80 -13.39 47.48
CA MET E 78 -38.98 -12.51 47.69
C MET E 78 -39.74 -12.99 48.92
N LEU E 79 -40.18 -12.07 49.77
CA LEU E 79 -41.13 -12.34 50.87
C LEU E 79 -42.54 -12.28 50.24
N GLY E 80 -42.81 -13.28 49.41
CA GLY E 80 -43.94 -13.33 48.47
C GLY E 80 -45.16 -13.92 49.16
N ALA E 81 -46.17 -13.06 49.30
CA ALA E 81 -47.53 -13.39 49.78
C ALA E 81 -48.49 -13.03 48.64
N PHE E 82 -48.74 -11.74 48.43
CA PHE E 82 -49.66 -11.24 47.38
C PHE E 82 -49.06 -11.49 45.97
N GLY E 83 -47.74 -11.38 45.81
CA GLY E 83 -47.08 -11.63 44.52
C GLY E 83 -47.25 -13.09 44.07
N GLU E 84 -47.48 -14.02 45.01
CA GLU E 84 -47.63 -15.46 44.74
C GLU E 84 -49.08 -15.82 44.41
N VAL E 85 -50.01 -14.86 44.46
CA VAL E 85 -51.44 -15.14 44.18
C VAL E 85 -51.62 -15.50 42.71
N THR E 86 -52.36 -16.57 42.46
CA THR E 86 -52.91 -16.95 41.12
C THR E 86 -54.41 -17.16 41.27
N ALA E 87 -55.15 -16.95 40.18
CA ALA E 87 -56.60 -17.23 40.11
C ALA E 87 -56.82 -18.69 40.53
N HIS E 88 -56.00 -19.62 40.00
CA HIS E 88 -56.13 -21.07 40.21
C HIS E 88 -55.95 -21.45 41.70
N ALA E 89 -54.95 -20.87 42.38
CA ALA E 89 -54.68 -21.12 43.82
C ALA E 89 -55.91 -20.69 44.64
N LEU E 90 -56.39 -19.46 44.42
CA LEU E 90 -57.48 -18.85 45.24
C LEU E 90 -58.86 -19.40 44.85
N ALA E 91 -58.95 -20.24 43.82
CA ALA E 91 -60.20 -20.94 43.42
C ALA E 91 -60.42 -22.17 44.32
N SER E 92 -59.40 -22.64 45.05
CA SER E 92 -59.50 -23.83 45.93
C SER E 92 -59.47 -23.41 47.42
N GLU E 93 -60.17 -24.17 48.27
CA GLU E 93 -60.21 -23.91 49.72
C GLU E 93 -58.78 -24.04 50.27
N HIS E 94 -58.05 -25.09 49.88
CA HIS E 94 -56.67 -25.35 50.35
C HIS E 94 -55.76 -24.19 49.92
N GLY E 95 -55.93 -23.69 48.68
CA GLY E 95 -55.13 -22.55 48.17
C GLY E 95 -55.40 -21.29 48.97
N ARG E 96 -56.65 -21.02 49.32
CA ARG E 96 -57.03 -19.83 50.13
C ARG E 96 -56.41 -19.95 51.54
N LYS E 97 -56.42 -21.15 52.12
CA LYS E 97 -55.84 -21.42 53.47
C LYS E 97 -54.32 -21.14 53.43
N LYS E 98 -53.63 -21.67 52.41
CA LYS E 98 -52.18 -21.46 52.21
C LYS E 98 -51.91 -19.95 52.11
N HIS E 99 -52.74 -19.21 51.35
CA HIS E 99 -52.58 -17.75 51.14
C HIS E 99 -52.71 -16.99 52.47
N ALA E 100 -53.72 -17.32 53.28
CA ALA E 100 -53.93 -16.68 54.61
C ALA E 100 -52.63 -16.80 55.44
N LEU E 101 -52.01 -17.99 55.44
CA LEU E 101 -50.77 -18.26 56.21
C LEU E 101 -49.62 -17.38 55.69
N ALA E 102 -49.48 -17.24 54.37
CA ALA E 102 -48.46 -16.37 53.74
C ALA E 102 -48.66 -14.93 54.23
N VAL E 103 -49.92 -14.46 54.28
CA VAL E 103 -50.19 -13.06 54.72
C VAL E 103 -49.80 -12.91 56.20
N GLN E 104 -50.10 -13.93 57.02
CA GLN E 104 -49.76 -13.93 58.47
C GLN E 104 -48.23 -13.90 58.64
N ALA E 105 -47.50 -14.70 57.86
CA ALA E 105 -46.02 -14.82 57.94
C ALA E 105 -45.37 -13.44 57.73
N GLN E 106 -45.89 -12.62 56.81
CA GLN E 106 -45.31 -11.31 56.44
C GLN E 106 -45.16 -10.42 57.70
N ARG E 107 -46.13 -10.51 58.62
CA ARG E 107 -46.17 -9.68 59.85
C ARG E 107 -44.99 -10.03 60.76
N LEU E 108 -44.49 -11.26 60.72
CA LEU E 108 -43.41 -11.74 61.62
C LEU E 108 -42.03 -11.28 61.16
N TRP E 109 -41.85 -10.89 59.89
CA TRP E 109 -40.50 -10.72 59.30
C TRP E 109 -39.70 -9.58 59.94
N PRO E 110 -40.27 -8.37 60.18
CA PRO E 110 -39.48 -7.27 60.74
C PRO E 110 -38.76 -7.61 62.06
N GLU E 111 -39.47 -8.21 63.01
CA GLU E 111 -38.91 -8.56 64.35
C GLU E 111 -38.01 -9.80 64.23
N TRP E 112 -38.34 -10.74 63.34
CA TRP E 112 -37.51 -11.94 63.09
C TRP E 112 -36.12 -11.48 62.59
N ILE E 113 -36.08 -10.58 61.61
CA ILE E 113 -34.82 -10.04 61.02
C ILE E 113 -34.04 -9.29 62.13
N GLU E 114 -34.72 -8.45 62.90
CA GLU E 114 -34.09 -7.70 64.03
C GLU E 114 -33.38 -8.69 64.96
N SER E 115 -34.05 -9.79 65.32
CA SER E 115 -33.57 -10.81 66.28
C SER E 115 -32.38 -11.58 65.70
N LEU E 116 -32.31 -11.74 64.37
CA LEU E 116 -31.21 -12.49 63.71
C LEU E 116 -30.00 -11.57 63.52
N GLU E 117 -30.22 -10.31 63.12
CA GLU E 117 -29.13 -9.33 62.90
C GLU E 117 -28.49 -8.97 64.25
N ALA E 118 -29.28 -9.03 65.34
CA ALA E 118 -28.85 -8.69 66.71
C ALA E 118 -27.64 -9.55 67.12
N THR E 119 -27.52 -10.78 66.61
CA THR E 119 -26.44 -11.73 66.97
C THR E 119 -25.17 -11.43 66.16
N GLY E 120 -25.21 -10.48 65.23
CA GLY E 120 -24.09 -10.15 64.34
C GLY E 120 -23.65 -8.71 64.51
N THR E 121 -22.85 -8.22 63.57
CA THR E 121 -22.33 -6.83 63.49
C THR E 121 -22.62 -6.28 62.09
N ALA E 122 -22.38 -4.98 61.88
CA ALA E 122 -22.61 -4.27 60.60
C ALA E 122 -21.95 -5.03 59.44
N ALA E 123 -20.77 -5.61 59.67
CA ALA E 123 -19.92 -6.25 58.63
C ALA E 123 -20.55 -7.54 58.09
N ASP E 124 -21.55 -8.09 58.79
CA ASP E 124 -22.25 -9.33 58.37
C ASP E 124 -23.25 -9.00 57.25
N GLY E 125 -23.57 -7.73 57.04
CA GLY E 125 -24.50 -7.28 55.99
C GLY E 125 -25.95 -7.35 56.44
N ARG E 126 -26.85 -6.87 55.60
CA ARG E 126 -28.28 -6.67 55.95
C ARG E 126 -29.10 -7.79 55.32
N ILE E 127 -30.00 -8.41 56.10
CA ILE E 127 -30.88 -9.49 55.61
C ILE E 127 -31.85 -8.92 54.59
N LYS E 128 -32.47 -7.78 54.88
CA LYS E 128 -33.53 -7.16 54.03
C LYS E 128 -32.86 -6.41 52.87
N THR E 129 -33.29 -6.65 51.62
CA THR E 129 -32.73 -5.96 50.42
C THR E 129 -33.77 -5.04 49.76
N ALA E 130 -35.05 -5.16 50.10
CA ALA E 130 -36.12 -4.29 49.56
C ALA E 130 -37.35 -4.37 50.45
N ASP E 131 -38.13 -3.31 50.53
CA ASP E 131 -39.37 -3.24 51.36
C ASP E 131 -40.60 -3.46 50.47
N ASP E 132 -40.53 -3.11 49.19
CA ASP E 132 -41.71 -3.06 48.29
C ASP E 132 -41.46 -3.90 47.03
N THR E 133 -42.54 -4.23 46.33
CA THR E 133 -42.55 -5.06 45.10
C THR E 133 -43.36 -4.33 44.04
N VAL E 134 -42.87 -4.32 42.80
CA VAL E 134 -43.69 -3.91 41.63
C VAL E 134 -43.96 -5.17 40.79
N VAL E 135 -45.23 -5.48 40.57
CA VAL E 135 -45.70 -6.57 39.67
C VAL E 135 -45.95 -5.94 38.30
N LEU E 136 -45.30 -6.48 37.26
CA LEU E 136 -45.40 -5.96 35.89
C LEU E 136 -46.27 -6.90 35.07
N LEU E 137 -47.10 -6.34 34.20
CA LEU E 137 -47.91 -7.09 33.23
C LEU E 137 -47.44 -6.71 31.83
N ASN E 138 -46.87 -7.70 31.12
CA ASN E 138 -46.47 -7.57 29.71
C ASN E 138 -47.22 -8.65 28.92
N THR E 139 -46.98 -8.75 27.61
CA THR E 139 -47.71 -9.71 26.75
C THR E 139 -46.78 -10.87 26.35
N VAL E 140 -45.68 -11.08 27.07
CA VAL E 140 -44.75 -12.21 26.81
C VAL E 140 -45.23 -13.40 27.65
N GLY E 141 -46.45 -13.83 27.37
CA GLY E 141 -47.10 -14.88 28.14
C GLY E 141 -48.53 -15.08 27.70
N HIS E 142 -49.16 -16.06 28.31
CA HIS E 142 -50.54 -16.45 28.04
C HIS E 142 -51.47 -15.48 28.76
N SER E 143 -52.43 -14.90 28.04
CA SER E 143 -53.51 -14.08 28.62
C SER E 143 -54.24 -14.89 29.72
N ALA E 144 -54.42 -16.20 29.51
CA ALA E 144 -55.21 -17.07 30.41
C ALA E 144 -54.48 -17.27 31.75
N LEU E 145 -53.17 -17.05 31.81
CA LEU E 145 -52.42 -17.02 33.09
C LEU E 145 -52.21 -15.58 33.53
N ASP E 146 -51.48 -14.79 32.74
CA ASP E 146 -50.97 -13.46 33.18
C ASP E 146 -52.14 -12.50 33.42
N ASP E 147 -53.13 -12.41 32.54
CA ASP E 147 -54.23 -11.42 32.71
C ASP E 147 -55.08 -11.87 33.91
N ALA E 148 -55.43 -13.16 34.00
CA ALA E 148 -56.24 -13.74 35.09
C ALA E 148 -55.51 -13.53 36.43
N ASN E 149 -54.18 -13.71 36.45
CA ASN E 149 -53.40 -13.67 37.70
C ASN E 149 -53.24 -12.23 38.16
N PHE E 150 -53.06 -11.28 37.25
CA PHE E 150 -52.94 -9.84 37.59
C PHE E 150 -54.24 -9.39 38.28
N ALA E 151 -55.39 -9.77 37.71
CA ALA E 151 -56.73 -9.51 38.29
C ALA E 151 -56.82 -10.16 39.68
N ALA E 152 -56.35 -11.40 39.84
CA ALA E 152 -56.44 -12.15 41.13
C ALA E 152 -55.58 -11.48 42.20
N VAL E 153 -54.40 -10.97 41.84
CA VAL E 153 -53.48 -10.25 42.77
C VAL E 153 -54.19 -8.97 43.25
N LEU E 154 -54.73 -8.18 42.32
CA LEU E 154 -55.48 -6.92 42.64
C LEU E 154 -56.61 -7.26 43.62
N THR E 155 -57.39 -8.31 43.35
CA THR E 155 -58.56 -8.69 44.18
C THR E 155 -58.08 -9.08 45.58
N ALA E 156 -57.06 -9.92 45.69
CA ALA E 156 -56.52 -10.43 46.98
C ALA E 156 -56.01 -9.26 47.82
N LEU E 157 -55.32 -8.29 47.20
CA LEU E 157 -54.81 -7.09 47.91
C LEU E 157 -56.00 -6.30 48.48
N LYS E 158 -57.02 -6.06 47.66
CA LYS E 158 -58.21 -5.25 48.08
C LYS E 158 -58.95 -6.00 49.20
N GLU E 159 -59.13 -7.31 49.07
CA GLU E 159 -59.83 -8.15 50.09
C GLU E 159 -59.09 -8.06 51.43
N ALA E 160 -57.75 -8.03 51.41
CA ALA E 160 -56.90 -8.01 52.62
C ALA E 160 -56.78 -6.58 53.19
N ASN E 161 -57.29 -5.57 52.50
CA ASN E 161 -57.08 -4.14 52.85
C ASN E 161 -55.57 -3.84 52.91
N ALA E 162 -54.78 -4.48 52.04
CA ALA E 162 -53.31 -4.33 51.98
C ALA E 162 -52.97 -3.05 51.24
N PRO E 163 -51.94 -2.28 51.67
CA PRO E 163 -51.54 -1.08 50.95
C PRO E 163 -50.89 -1.43 49.59
N HIS E 164 -51.39 -0.81 48.53
CA HIS E 164 -50.94 -1.06 47.14
C HIS E 164 -51.50 0.06 46.25
N GLU E 165 -50.93 0.25 45.07
CA GLU E 165 -51.62 1.00 44.00
C GLU E 165 -51.11 0.56 42.64
N GLU E 166 -52.04 0.57 41.70
CA GLU E 166 -51.73 0.45 40.27
C GLU E 166 -51.08 1.77 39.86
N ILE E 167 -49.91 1.69 39.24
CA ILE E 167 -49.08 2.88 38.89
C ILE E 167 -48.84 2.90 37.38
N ALA E 168 -48.54 4.08 36.85
CA ALA E 168 -48.12 4.25 35.45
C ALA E 168 -46.80 3.49 35.26
N VAL E 169 -46.66 2.74 34.16
CA VAL E 169 -45.41 1.98 33.89
C VAL E 169 -44.25 2.96 33.77
N GLU E 170 -44.48 4.14 33.21
CA GLU E 170 -43.45 5.20 33.06
C GLU E 170 -42.90 5.61 34.43
N SER E 171 -43.65 5.39 35.52
CA SER E 171 -43.23 5.75 36.89
C SER E 171 -42.37 4.63 37.53
N VAL E 172 -42.25 3.45 36.89
CA VAL E 172 -41.40 2.36 37.44
C VAL E 172 -39.95 2.74 37.15
N ASP E 173 -39.18 2.99 38.20
CA ASP E 173 -37.76 3.43 38.08
C ASP E 173 -36.93 2.25 37.56
N TRP E 174 -35.81 2.56 36.93
CA TRP E 174 -34.67 1.64 36.64
C TRP E 174 -34.94 0.80 35.39
N ILE E 175 -36.13 0.19 35.24
CA ILE E 175 -36.38 -0.81 34.15
C ILE E 175 -36.10 -0.19 32.78
N ASP E 176 -35.63 -1.02 31.85
CA ASP E 176 -35.36 -0.60 30.46
C ASP E 176 -35.66 -1.80 29.56
N PRO E 177 -36.94 -2.20 29.44
CA PRO E 177 -37.29 -3.36 28.63
C PRO E 177 -37.15 -3.09 27.13
N ASP E 178 -37.01 -4.16 26.37
CA ASP E 178 -37.34 -4.16 24.92
C ASP E 178 -38.76 -3.63 24.77
N PRO E 179 -39.01 -2.58 23.96
CA PRO E 179 -40.37 -2.08 23.76
C PRO E 179 -41.41 -3.15 23.39
N ASN E 180 -41.02 -4.15 22.60
CA ASN E 180 -41.94 -5.26 22.19
C ASN E 180 -42.19 -6.23 23.37
N SER E 181 -41.46 -6.09 24.48
CA SER E 181 -41.54 -6.96 25.67
C SER E 181 -41.95 -6.15 26.91
N ARG E 182 -42.37 -4.89 26.72
CA ARG E 182 -42.51 -3.91 27.83
C ARG E 182 -43.80 -4.18 28.58
N PRO E 183 -43.90 -3.75 29.85
CA PRO E 183 -45.16 -3.82 30.58
C PRO E 183 -46.08 -2.68 30.13
N LEU E 184 -47.38 -2.91 30.19
CA LEU E 184 -48.39 -1.84 29.96
C LEU E 184 -49.18 -1.58 31.25
N ARG E 185 -49.06 -2.44 32.26
CA ARG E 185 -49.62 -2.19 33.61
C ARG E 185 -48.59 -2.57 34.67
N ALA E 186 -48.68 -1.92 35.83
CA ALA E 186 -47.73 -2.13 36.95
C ALA E 186 -48.49 -1.89 38.25
N LEU E 187 -48.13 -2.68 39.25
CA LEU E 187 -48.80 -2.69 40.56
C LEU E 187 -47.72 -2.59 41.64
N HIS E 188 -47.76 -1.53 42.44
CA HIS E 188 -46.87 -1.31 43.61
C HIS E 188 -47.50 -1.95 44.86
N ILE E 189 -46.82 -2.92 45.45
CA ILE E 189 -47.22 -3.60 46.71
C ILE E 189 -46.31 -3.08 47.82
N GLU E 190 -46.88 -2.32 48.77
CA GLU E 190 -46.13 -1.73 49.90
C GLU E 190 -45.91 -2.81 50.97
N GLY E 191 -44.69 -2.94 51.48
CA GLY E 191 -44.37 -3.82 52.62
C GLY E 191 -44.30 -5.27 52.23
N GLU E 192 -44.19 -5.57 50.93
CA GLU E 192 -43.88 -6.92 50.41
C GLU E 192 -42.50 -6.81 49.76
N GLY E 193 -41.46 -7.32 50.39
CA GLY E 193 -40.07 -7.03 50.00
C GLY E 193 -39.28 -8.27 49.70
N SER E 194 -37.99 -8.24 50.03
CA SER E 194 -37.06 -9.35 49.75
C SER E 194 -35.94 -9.37 50.79
N VAL E 195 -35.31 -10.53 50.89
CA VAL E 195 -34.14 -10.76 51.76
C VAL E 195 -33.03 -11.34 50.87
N ASP E 196 -31.79 -11.18 51.31
CA ASP E 196 -30.63 -11.92 50.75
C ASP E 196 -30.61 -13.30 51.41
N SER E 197 -30.91 -14.35 50.65
CA SER E 197 -31.02 -15.74 51.15
C SER E 197 -29.70 -16.19 51.77
N GLY E 198 -28.55 -15.76 51.22
CA GLY E 198 -27.22 -16.10 51.73
C GLY E 198 -26.96 -15.47 53.08
N ILE E 199 -27.27 -14.18 53.21
CA ILE E 199 -27.11 -13.42 54.48
C ILE E 199 -28.11 -13.98 55.51
N LEU E 200 -29.32 -14.35 55.08
CA LEU E 200 -30.30 -15.02 55.98
C LEU E 200 -29.73 -16.33 56.53
N LEU E 201 -29.18 -17.19 55.68
CA LEU E 201 -28.63 -18.50 56.11
C LEU E 201 -27.48 -18.27 57.11
N ALA E 202 -26.59 -17.33 56.83
CA ALA E 202 -25.44 -16.98 57.70
C ALA E 202 -25.96 -16.47 59.05
N ALA E 203 -26.98 -15.61 59.06
CA ALA E 203 -27.59 -15.03 60.27
C ALA E 203 -28.28 -16.13 61.08
N LEU E 204 -28.94 -17.09 60.42
CA LEU E 204 -29.61 -18.23 61.08
C LEU E 204 -28.56 -19.11 61.76
N GLU E 205 -27.49 -19.46 61.06
CA GLU E 205 -26.41 -20.33 61.60
C GLU E 205 -25.79 -19.66 62.84
N ARG E 206 -25.45 -18.38 62.72
CA ARG E 206 -24.82 -17.58 63.81
C ARG E 206 -25.77 -17.49 65.00
N SER E 207 -27.06 -17.24 64.75
CA SER E 207 -28.10 -17.12 65.80
C SER E 207 -28.32 -18.49 66.47
N PHE E 208 -28.25 -19.57 65.70
CA PHE E 208 -28.39 -20.95 66.21
C PHE E 208 -27.26 -21.23 67.22
N LEU E 209 -26.02 -20.92 66.82
CA LEU E 209 -24.81 -21.14 67.68
C LEU E 209 -24.91 -20.28 68.93
N GLN E 210 -25.34 -19.01 68.80
CA GLN E 210 -25.42 -18.06 69.92
C GLN E 210 -26.39 -18.60 70.98
N ALA E 211 -27.44 -19.32 70.56
CA ALA E 211 -28.51 -19.85 71.44
C ALA E 211 -28.15 -21.24 71.95
N GLY E 212 -26.95 -21.75 71.63
CA GLY E 212 -26.42 -23.01 72.18
C GLY E 212 -26.68 -24.19 71.28
N GLY E 213 -27.13 -23.97 70.05
CA GLY E 213 -27.30 -25.07 69.07
C GLY E 213 -25.97 -25.59 68.62
N ARG E 214 -25.87 -26.86 68.21
CA ARG E 214 -24.63 -27.41 67.64
C ARG E 214 -24.86 -27.82 66.18
N LEU E 215 -23.98 -27.39 65.28
CA LEU E 215 -23.99 -27.76 63.84
C LEU E 215 -23.07 -28.97 63.65
N HIS E 216 -23.62 -30.07 63.15
CA HIS E 216 -22.87 -31.32 62.87
C HIS E 216 -22.93 -31.57 61.37
N PRO E 217 -21.84 -31.24 60.62
CA PRO E 217 -21.87 -31.21 59.16
C PRO E 217 -21.81 -32.60 58.51
N VAL E 218 -22.80 -33.43 58.82
CA VAL E 218 -23.01 -34.76 58.20
C VAL E 218 -24.48 -34.84 57.79
N ASP E 219 -24.83 -35.83 56.98
CA ASP E 219 -26.23 -36.07 56.54
C ASP E 219 -26.79 -37.26 57.33
N ALA E 220 -28.07 -37.20 57.67
CA ALA E 220 -28.85 -38.37 58.13
C ALA E 220 -28.93 -39.39 56.98
N THR E 221 -28.68 -40.67 57.25
CA THR E 221 -28.91 -41.78 56.30
C THR E 221 -30.21 -42.49 56.67
N GLU E 222 -30.53 -42.57 57.96
CA GLU E 222 -31.65 -43.40 58.47
C GLU E 222 -32.17 -42.80 59.77
N ILE E 223 -33.50 -42.71 59.90
CA ILE E 223 -34.18 -42.41 61.19
C ILE E 223 -34.45 -43.75 61.86
N ARG E 224 -33.99 -43.91 63.11
CA ARG E 224 -34.18 -45.16 63.87
C ARG E 224 -35.37 -44.95 64.81
N ALA E 225 -36.31 -45.89 64.78
CA ALA E 225 -37.51 -45.91 65.64
C ALA E 225 -37.89 -47.35 65.96
N SER E 226 -38.48 -47.56 67.14
CA SER E 226 -39.15 -48.83 67.53
C SER E 226 -40.07 -48.54 68.71
N HIS E 227 -41.05 -49.41 68.95
CA HIS E 227 -42.12 -49.20 69.96
C HIS E 227 -42.74 -47.82 69.70
N GLY E 228 -42.97 -47.49 68.43
CA GLY E 228 -43.68 -46.29 67.91
C GLY E 228 -43.08 -44.97 68.38
N ARG E 229 -41.76 -44.91 68.52
CA ARG E 229 -41.06 -43.71 69.06
C ARG E 229 -39.69 -43.58 68.38
N VAL E 230 -39.22 -42.35 68.13
CA VAL E 230 -37.87 -42.11 67.54
C VAL E 230 -36.82 -42.43 68.62
N GLU E 231 -35.71 -43.05 68.19
CA GLU E 231 -34.51 -43.34 69.01
C GLU E 231 -33.36 -42.42 68.60
N GLY E 232 -33.31 -42.03 67.33
CA GLY E 232 -32.30 -41.08 66.82
C GLY E 232 -32.03 -41.29 65.34
N VAL E 233 -30.83 -40.92 64.90
CA VAL E 233 -30.44 -40.80 63.47
C VAL E 233 -29.08 -41.49 63.25
N VAL E 234 -29.00 -42.39 62.27
CA VAL E 234 -27.72 -42.87 61.70
C VAL E 234 -27.25 -41.81 60.68
N THR E 235 -25.99 -41.40 60.76
CA THR E 235 -25.39 -40.37 59.88
C THR E 235 -24.52 -41.07 58.83
N ASP E 236 -24.11 -40.34 57.78
CA ASP E 236 -23.43 -40.92 56.60
C ASP E 236 -21.93 -41.08 56.88
N ASP E 237 -21.47 -40.75 58.09
CA ASP E 237 -20.11 -41.08 58.59
C ASP E 237 -20.17 -42.38 59.43
N GLY E 238 -21.34 -43.05 59.47
CA GLY E 238 -21.53 -44.37 60.12
C GLY E 238 -21.92 -44.25 61.59
N ASP E 239 -21.99 -43.04 62.12
CA ASP E 239 -22.24 -42.75 63.55
C ASP E 239 -23.75 -42.92 63.84
N PHE E 240 -24.12 -43.03 65.12
CA PHE E 240 -25.53 -42.98 65.59
C PHE E 240 -25.67 -41.87 66.64
N LEU E 241 -26.58 -40.93 66.41
CA LEU E 241 -26.90 -39.82 67.34
C LEU E 241 -28.25 -40.11 67.98
N PRO E 242 -28.34 -40.29 69.32
CA PRO E 242 -29.62 -40.52 69.98
C PRO E 242 -30.44 -39.23 70.10
N ALA E 243 -31.78 -39.35 70.11
CA ALA E 243 -32.68 -38.19 70.27
C ALA E 243 -34.07 -38.65 70.72
N GLY E 244 -34.75 -37.81 71.51
CA GLY E 244 -36.18 -37.93 71.82
C GLY E 244 -37.05 -37.31 70.73
N HIS E 245 -36.50 -36.34 69.98
CA HIS E 245 -37.22 -35.61 68.90
C HIS E 245 -36.33 -35.53 67.64
N VAL E 246 -36.89 -35.90 66.48
CA VAL E 246 -36.25 -35.70 65.15
C VAL E 246 -37.21 -34.86 64.31
N VAL E 247 -36.74 -33.70 63.85
CA VAL E 247 -37.48 -32.77 62.95
C VAL E 247 -36.87 -32.91 61.56
N VAL E 248 -37.62 -33.42 60.60
CA VAL E 248 -37.15 -33.62 59.20
C VAL E 248 -37.50 -32.35 58.41
N ALA E 249 -36.47 -31.62 58.00
CA ALA E 249 -36.57 -30.42 57.14
C ALA E 249 -35.45 -30.50 56.10
N ALA E 250 -35.42 -31.62 55.37
CA ALA E 250 -34.36 -31.99 54.40
C ALA E 250 -34.80 -31.62 52.99
N GLY E 251 -35.66 -30.62 52.85
CA GLY E 251 -36.17 -30.16 51.55
C GLY E 251 -36.76 -31.32 50.77
N ALA E 252 -36.42 -31.43 49.49
CA ALA E 252 -37.01 -32.45 48.57
C ALA E 252 -36.63 -33.88 49.00
N ARG E 253 -35.70 -34.06 49.95
CA ARG E 253 -35.29 -35.41 50.43
C ARG E 253 -36.14 -35.88 51.62
N SER E 254 -37.04 -35.03 52.13
CA SER E 254 -37.71 -35.19 53.45
C SER E 254 -38.57 -36.47 53.48
N GLN E 255 -39.42 -36.70 52.46
CA GLN E 255 -40.33 -37.87 52.46
C GLN E 255 -39.54 -39.15 52.22
N ARG E 256 -38.56 -39.11 51.32
CA ARG E 256 -37.71 -40.28 51.00
C ARG E 256 -37.05 -40.78 52.30
N LEU E 257 -36.67 -39.86 53.19
CA LEU E 257 -35.99 -40.21 54.48
C LEU E 257 -36.97 -40.94 55.41
N VAL E 258 -38.18 -40.42 55.58
CA VAL E 258 -39.19 -40.96 56.54
C VAL E 258 -39.89 -42.19 55.93
N ALA E 259 -39.94 -42.32 54.60
CA ALA E 259 -40.70 -43.38 53.88
C ALA E 259 -40.15 -44.77 54.20
N ALA E 260 -38.92 -44.88 54.72
CA ALA E 260 -38.28 -46.15 55.13
C ALA E 260 -38.98 -46.76 56.36
N LEU E 261 -39.61 -45.94 57.20
CA LEU E 261 -40.29 -46.40 58.45
C LEU E 261 -41.60 -47.11 58.11
N PRO E 262 -42.05 -48.07 58.95
CA PRO E 262 -43.19 -48.94 58.61
C PRO E 262 -44.48 -48.18 58.27
N GLY E 263 -45.08 -48.47 57.11
CA GLY E 263 -46.34 -47.89 56.63
C GLY E 263 -46.18 -46.54 55.96
N LEU E 264 -45.12 -45.80 56.27
CA LEU E 264 -45.02 -44.34 56.00
C LEU E 264 -44.83 -44.06 54.50
N ALA E 265 -44.39 -45.05 53.71
CA ALA E 265 -44.24 -44.91 52.24
C ALA E 265 -45.56 -44.45 51.62
N HIS E 266 -46.70 -44.84 52.18
CA HIS E 266 -48.03 -44.54 51.61
C HIS E 266 -48.85 -43.64 52.55
N ARG E 267 -48.24 -43.11 53.61
CA ARG E 267 -48.92 -42.25 54.61
C ARG E 267 -48.32 -40.84 54.64
N ILE E 268 -47.09 -40.67 54.13
CA ILE E 268 -46.46 -39.33 53.96
C ILE E 268 -46.44 -39.02 52.47
N PRO E 269 -47.19 -38.01 52.00
CA PRO E 269 -47.21 -37.65 50.58
C PRO E 269 -45.79 -37.49 50.04
N ARG E 270 -45.53 -38.03 48.87
CA ARG E 270 -44.23 -37.86 48.17
C ARG E 270 -43.94 -36.37 47.95
N ILE E 271 -42.64 -36.06 47.99
CA ILE E 271 -42.10 -34.71 47.69
C ILE E 271 -41.07 -34.90 46.59
N TYR E 272 -41.26 -34.19 45.48
CA TYR E 272 -40.36 -34.25 44.31
C TYR E 272 -39.50 -33.00 44.28
N ASP E 273 -38.57 -32.96 43.32
CA ASP E 273 -37.63 -31.81 43.12
C ASP E 273 -38.23 -30.85 42.10
N GLY E 274 -38.69 -29.68 42.57
CA GLY E 274 -39.04 -28.54 41.72
C GLY E 274 -37.76 -27.79 41.37
N VAL E 275 -37.03 -28.30 40.39
CA VAL E 275 -35.65 -27.82 40.06
C VAL E 275 -35.79 -26.40 39.53
N GLY E 276 -35.08 -25.47 40.16
CA GLY E 276 -35.17 -24.04 39.86
C GLY E 276 -33.80 -23.48 39.56
N VAL E 277 -33.71 -22.68 38.50
CA VAL E 277 -32.45 -22.02 38.08
C VAL E 277 -32.61 -20.53 38.30
N SER E 278 -31.58 -19.91 38.90
CA SER E 278 -31.47 -18.46 39.11
C SER E 278 -30.06 -18.03 38.79
N ALA E 279 -29.78 -16.74 38.82
CA ALA E 279 -28.43 -16.23 38.53
C ALA E 279 -28.14 -14.98 39.34
N LEU E 280 -26.86 -14.81 39.68
CA LEU E 280 -26.33 -13.53 40.21
C LEU E 280 -25.59 -12.84 39.06
N VAL E 281 -25.92 -11.58 38.86
CA VAL E 281 -25.40 -10.73 37.74
C VAL E 281 -24.80 -9.47 38.36
N ASP E 282 -23.57 -9.14 37.99
CA ASP E 282 -22.96 -7.81 38.31
C ASP E 282 -23.41 -6.84 37.23
N THR E 283 -24.24 -5.85 37.58
CA THR E 283 -24.87 -4.94 36.61
C THR E 283 -23.77 -4.08 35.97
N TRP E 284 -23.97 -3.74 34.70
CA TRP E 284 -23.06 -2.95 33.83
C TRP E 284 -22.57 -1.68 34.56
N ASP E 285 -23.41 -1.04 35.37
CA ASP E 285 -23.08 0.26 36.03
C ASP E 285 -23.17 0.14 37.56
N GLY E 286 -23.30 -1.07 38.10
CA GLY E 286 -23.42 -1.30 39.55
C GLY E 286 -24.77 -0.88 40.12
N SER E 287 -25.71 -0.45 39.28
CA SER E 287 -27.08 -0.04 39.71
C SER E 287 -27.97 -1.27 39.95
N GLY E 288 -29.12 -1.04 40.56
CA GLY E 288 -30.19 -2.03 40.73
C GLY E 288 -31.49 -1.29 41.04
N PRO E 289 -32.65 -1.96 40.92
CA PRO E 289 -33.92 -1.34 41.28
C PRO E 289 -34.05 -1.26 42.80
N ALA E 290 -34.84 -0.30 43.27
CA ALA E 290 -35.11 -0.05 44.70
C ALA E 290 -36.13 -1.08 45.22
N THR E 291 -36.92 -1.67 44.32
CA THR E 291 -37.97 -2.66 44.69
C THR E 291 -37.68 -4.00 44.02
N VAL E 292 -38.29 -5.06 44.55
CA VAL E 292 -38.48 -6.32 43.78
C VAL E 292 -39.22 -5.95 42.49
N LEU E 293 -38.84 -6.57 41.39
CA LEU E 293 -39.60 -6.51 40.11
C LEU E 293 -40.02 -7.94 39.79
N ARG E 294 -41.30 -8.17 39.52
CA ARG E 294 -41.77 -9.56 39.24
C ARG E 294 -42.96 -9.55 38.29
N THR E 295 -43.15 -10.69 37.62
CA THR E 295 -44.44 -11.08 37.02
C THR E 295 -45.19 -11.93 38.05
N SER E 296 -46.47 -12.18 37.80
CA SER E 296 -47.22 -13.26 38.49
C SER E 296 -46.59 -14.60 38.12
N ASN E 297 -46.94 -15.66 38.84
CA ASN E 297 -46.45 -17.03 38.59
C ASN E 297 -46.90 -17.44 37.19
N ARG E 298 -46.02 -18.11 36.46
CA ARG E 298 -46.18 -18.39 35.01
C ARG E 298 -46.21 -19.91 34.82
N ALA E 299 -46.01 -20.38 33.59
CA ALA E 299 -46.23 -21.79 33.18
C ALA E 299 -45.52 -22.73 34.16
N PHE E 300 -46.30 -23.66 34.73
CA PHE E 300 -45.81 -24.72 35.64
C PHE E 300 -44.94 -24.12 36.75
N ALA E 301 -45.40 -23.01 37.33
CA ALA E 301 -44.87 -22.38 38.55
C ALA E 301 -43.43 -21.90 38.35
N CYS E 302 -43.03 -21.59 37.12
CA CYS E 302 -41.88 -20.69 36.91
C CYS E 302 -42.38 -19.24 37.04
N GLY E 303 -41.50 -18.28 36.84
CA GLY E 303 -41.83 -16.86 36.97
C GLY E 303 -40.61 -16.03 36.70
N LEU E 304 -40.79 -14.74 36.50
CA LEU E 304 -39.67 -13.84 36.21
C LEU E 304 -39.61 -12.83 37.35
N HIS E 305 -38.43 -12.66 37.93
CA HIS E 305 -38.27 -11.63 38.98
C HIS E 305 -36.81 -11.21 39.08
N LEU E 306 -36.63 -10.02 39.61
CA LEU E 306 -35.31 -9.48 39.97
C LEU E 306 -35.40 -9.07 41.44
N VAL E 307 -34.51 -9.62 42.26
CA VAL E 307 -34.41 -9.29 43.70
C VAL E 307 -33.13 -8.46 43.88
N PRO E 308 -33.24 -7.23 44.43
CA PRO E 308 -32.07 -6.41 44.71
C PRO E 308 -31.08 -7.12 45.63
N ARG E 309 -29.79 -6.89 45.41
CA ARG E 309 -28.70 -7.33 46.32
C ARG E 309 -27.79 -6.13 46.56
N ALA E 310 -26.99 -6.18 47.63
CA ALA E 310 -25.97 -5.14 47.93
C ALA E 310 -24.79 -5.31 46.97
N GLY E 311 -23.99 -4.25 46.77
CA GLY E 311 -22.65 -4.35 46.15
C GLY E 311 -22.66 -4.51 44.63
N GLY E 312 -23.65 -3.95 43.93
CA GLY E 312 -23.66 -3.90 42.46
C GLY E 312 -24.06 -5.23 41.81
N SER E 313 -24.65 -6.13 42.60
CA SER E 313 -25.20 -7.43 42.16
C SER E 313 -26.74 -7.32 42.08
N VAL E 314 -27.35 -8.06 41.15
CA VAL E 314 -28.81 -8.36 41.20
C VAL E 314 -28.97 -9.87 41.11
N TYR E 315 -30.05 -10.36 41.71
CA TYR E 315 -30.52 -11.75 41.56
C TYR E 315 -31.61 -11.75 40.50
N ILE E 316 -31.55 -12.68 39.55
CA ILE E 316 -32.65 -12.89 38.59
C ILE E 316 -33.09 -14.34 38.70
N GLY E 317 -34.39 -14.56 38.62
CA GLY E 317 -34.98 -15.89 38.75
C GLY E 317 -36.35 -15.89 38.09
N ALA E 318 -37.00 -17.07 38.05
CA ALA E 318 -36.42 -18.35 38.40
C ALA E 318 -37.23 -19.40 37.64
N THR E 319 -36.58 -20.39 37.06
CA THR E 319 -37.24 -21.46 36.29
C THR E 319 -37.82 -22.46 37.29
N ASN E 320 -38.67 -23.34 36.80
CA ASN E 320 -39.20 -24.46 37.62
C ASN E 320 -39.48 -25.63 36.70
N ALA E 321 -39.05 -26.80 37.09
CA ALA E 321 -39.38 -28.06 36.40
C ALA E 321 -39.45 -29.15 37.47
N VAL E 322 -40.62 -29.75 37.63
CA VAL E 322 -40.77 -30.88 38.58
C VAL E 322 -40.04 -32.06 37.93
N CYS E 323 -39.08 -32.63 38.64
CA CYS E 323 -38.28 -33.79 38.18
C CYS E 323 -38.51 -34.95 39.15
N LEU E 324 -38.70 -36.16 38.61
CA LEU E 324 -38.99 -37.36 39.43
C LEU E 324 -37.71 -37.84 40.11
N GLU E 325 -36.54 -37.39 39.65
CA GLU E 325 -35.23 -37.62 40.31
C GLU E 325 -34.52 -36.28 40.42
N PRO E 326 -33.67 -36.09 41.45
CA PRO E 326 -33.01 -34.80 41.65
C PRO E 326 -32.04 -34.48 40.53
N ARG E 327 -31.83 -33.18 40.32
CA ARG E 327 -30.85 -32.66 39.34
C ARG E 327 -30.22 -31.42 39.96
N GLY E 328 -28.90 -31.35 39.94
CA GLY E 328 -28.14 -30.27 40.60
C GLY E 328 -27.43 -29.36 39.64
N ALA E 329 -27.67 -29.49 38.34
CA ALA E 329 -27.12 -28.60 37.29
C ALA E 329 -28.25 -28.06 36.43
N ALA E 330 -28.12 -26.82 36.00
CA ALA E 330 -29.07 -26.14 35.10
C ALA E 330 -28.98 -26.81 33.73
N SER E 331 -30.10 -26.93 33.04
CA SER E 331 -30.10 -27.28 31.60
C SER E 331 -29.72 -26.00 30.83
N ILE E 332 -29.20 -26.17 29.63
CA ILE E 332 -28.93 -25.03 28.71
C ILE E 332 -30.24 -24.27 28.53
N GLU E 333 -31.35 -24.99 28.29
CA GLU E 333 -32.68 -24.40 28.04
C GLU E 333 -33.08 -23.45 29.17
N GLU E 334 -32.91 -23.87 30.42
CA GLU E 334 -33.28 -23.08 31.63
C GLU E 334 -32.49 -21.79 31.65
N THR E 335 -31.18 -21.86 31.39
CA THR E 335 -30.28 -20.67 31.43
C THR E 335 -30.72 -19.68 30.34
N VAL E 336 -30.91 -20.17 29.11
CA VAL E 336 -31.29 -19.31 27.96
C VAL E 336 -32.64 -18.66 28.27
N PHE E 337 -33.62 -19.43 28.75
CA PHE E 337 -34.98 -18.91 29.01
C PHE E 337 -34.91 -17.78 30.06
N LEU E 338 -34.26 -18.05 31.19
CA LEU E 338 -34.17 -17.06 32.30
C LEU E 338 -33.50 -15.78 31.78
N PHE E 339 -32.35 -15.92 31.12
CA PHE E 339 -31.58 -14.75 30.63
C PHE E 339 -32.39 -13.97 29.61
N ASN E 340 -33.03 -14.68 28.68
CA ASN E 340 -33.80 -14.05 27.60
C ASN E 340 -34.94 -13.23 28.18
N CYS E 341 -35.69 -13.81 29.13
CA CYS E 341 -36.83 -13.13 29.78
C CYS E 341 -36.33 -11.87 30.51
N ALA E 342 -35.27 -11.96 31.30
CA ALA E 342 -34.79 -10.85 32.16
C ALA E 342 -34.29 -9.70 31.27
N THR E 343 -33.53 -10.02 30.22
CA THR E 343 -32.91 -8.98 29.36
C THR E 343 -33.99 -8.25 28.56
N HIS E 344 -35.05 -8.94 28.12
CA HIS E 344 -36.13 -8.34 27.30
C HIS E 344 -37.16 -7.62 28.17
N GLN E 345 -37.61 -8.27 29.24
CA GLN E 345 -38.82 -7.85 29.99
C GLN E 345 -38.44 -6.91 31.14
N LEU E 346 -37.21 -6.97 31.65
CA LEU E 346 -36.81 -6.15 32.83
C LEU E 346 -35.80 -5.07 32.44
N HIS E 347 -34.63 -5.43 31.92
CA HIS E 347 -33.58 -4.43 31.63
C HIS E 347 -32.59 -4.96 30.59
N ARG E 348 -32.55 -4.32 29.44
CA ARG E 348 -31.64 -4.69 28.32
C ARG E 348 -30.18 -4.52 28.74
N GLY E 349 -29.90 -3.66 29.73
CA GLY E 349 -28.56 -3.48 30.33
C GLY E 349 -28.02 -4.78 30.90
N LEU E 350 -28.89 -5.70 31.32
CA LEU E 350 -28.44 -7.02 31.85
C LEU E 350 -27.73 -7.81 30.75
N ASN E 351 -28.02 -7.53 29.48
CA ASN E 351 -27.41 -8.28 28.35
C ASN E 351 -25.89 -8.12 28.38
N GLY E 352 -25.39 -6.90 28.63
CA GLY E 352 -23.95 -6.58 28.68
C GLY E 352 -23.38 -6.72 30.07
N SER E 353 -24.18 -7.18 31.03
CA SER E 353 -23.75 -7.37 32.43
C SER E 353 -23.05 -8.72 32.57
N GLU E 354 -22.19 -8.83 33.59
CA GLU E 354 -21.35 -10.02 33.82
C GLU E 354 -22.14 -11.04 34.64
N LEU E 355 -22.17 -12.27 34.14
CA LEU E 355 -22.70 -13.45 34.87
C LEU E 355 -21.71 -13.83 35.96
N ARG E 356 -22.13 -13.77 37.22
CA ARG E 356 -21.27 -14.18 38.36
C ARG E 356 -21.53 -15.65 38.70
N LYS E 357 -22.78 -16.09 38.71
CA LYS E 357 -23.11 -17.45 39.19
C LYS E 357 -24.46 -17.87 38.63
N VAL E 358 -24.52 -19.10 38.11
CA VAL E 358 -25.79 -19.81 37.83
C VAL E 358 -26.04 -20.70 39.05
N GLN E 359 -27.21 -20.55 39.67
CA GLN E 359 -27.59 -21.28 40.90
C GLN E 359 -28.71 -22.24 40.55
N VAL E 360 -28.69 -23.42 41.18
CA VAL E 360 -29.70 -24.49 40.98
C VAL E 360 -30.09 -24.99 42.38
N GLY E 361 -31.39 -25.06 42.65
CA GLY E 361 -31.92 -25.66 43.88
C GLY E 361 -33.22 -26.38 43.63
N SER E 362 -33.63 -27.26 44.56
CA SER E 362 -34.87 -28.08 44.43
C SER E 362 -35.94 -27.54 45.37
N ARG E 363 -36.96 -26.88 44.82
CA ARG E 363 -38.20 -26.54 45.56
C ARG E 363 -38.81 -27.87 45.99
N PRO E 364 -39.09 -28.08 47.30
CA PRO E 364 -39.77 -29.31 47.70
C PRO E 364 -41.21 -29.29 47.18
N ALA E 365 -41.50 -30.15 46.20
CA ALA E 365 -42.76 -30.17 45.43
C ALA E 365 -43.65 -31.30 45.92
N PRO E 366 -44.64 -31.03 46.80
CA PRO E 366 -45.50 -32.09 47.30
C PRO E 366 -46.43 -32.61 46.18
N ILE E 367 -46.60 -33.92 46.12
CA ILE E 367 -47.38 -34.62 45.05
C ILE E 367 -48.86 -34.18 45.09
N ASP E 368 -49.38 -33.71 46.23
CA ASP E 368 -50.80 -33.30 46.37
C ASP E 368 -50.91 -31.77 46.43
N GLY E 369 -49.78 -31.06 46.27
CA GLY E 369 -49.79 -29.60 46.04
C GLY E 369 -49.75 -28.79 47.33
N PHE E 370 -49.66 -29.41 48.50
CA PHE E 370 -49.70 -28.68 49.79
C PHE E 370 -48.58 -29.14 50.71
N PRO E 371 -48.12 -28.23 51.60
CA PRO E 371 -47.01 -28.52 52.49
C PRO E 371 -47.29 -29.65 53.48
N LEU E 372 -46.21 -30.17 54.06
CA LEU E 372 -46.18 -31.24 55.08
C LEU E 372 -45.57 -30.64 56.35
N ILE E 373 -46.41 -30.25 57.31
CA ILE E 373 -46.00 -29.45 58.51
C ILE E 373 -46.65 -30.07 59.75
N GLY E 374 -45.84 -30.61 60.65
CA GLY E 374 -46.29 -30.98 62.00
C GLY E 374 -45.88 -32.40 62.36
N GLY E 375 -46.71 -33.04 63.17
CA GLY E 375 -46.39 -34.32 63.84
C GLY E 375 -46.76 -35.50 62.97
N THR E 376 -46.37 -36.67 63.44
CA THR E 376 -46.52 -37.97 62.76
C THR E 376 -47.07 -39.00 63.75
N SER E 377 -47.35 -40.21 63.28
CA SER E 377 -47.79 -41.37 64.10
C SER E 377 -46.63 -41.92 64.94
N VAL E 378 -45.38 -41.53 64.62
CA VAL E 378 -44.16 -41.90 65.39
C VAL E 378 -43.90 -40.79 66.42
N GLU E 379 -43.91 -41.14 67.72
CA GLU E 379 -43.67 -40.16 68.82
C GLU E 379 -42.29 -39.52 68.61
N GLY E 380 -42.21 -38.21 68.71
CA GLY E 380 -40.97 -37.43 68.57
C GLY E 380 -40.55 -37.18 67.12
N LEU E 381 -41.30 -37.67 66.12
CA LEU E 381 -40.96 -37.47 64.69
C LEU E 381 -41.84 -36.35 64.11
N TRP E 382 -41.20 -35.31 63.59
CA TRP E 382 -41.84 -34.09 63.03
C TRP E 382 -41.31 -33.85 61.60
N MET E 383 -42.11 -33.18 60.78
CA MET E 383 -41.74 -32.80 59.40
C MET E 383 -42.06 -31.32 59.17
N LEU E 384 -41.16 -30.63 58.46
CA LEU E 384 -41.36 -29.27 57.94
C LEU E 384 -40.84 -29.28 56.49
N SER E 385 -41.72 -29.48 55.51
CA SER E 385 -41.31 -29.62 54.09
C SER E 385 -42.49 -29.44 53.12
N GLY E 386 -42.23 -29.67 51.84
CA GLY E 386 -43.21 -29.57 50.74
C GLY E 386 -43.71 -28.15 50.55
N THR E 387 -42.88 -27.13 50.81
CA THR E 387 -43.29 -25.70 50.77
C THR E 387 -43.12 -25.10 49.35
N TYR E 388 -42.51 -25.84 48.41
CA TYR E 388 -42.47 -25.45 46.97
C TYR E 388 -41.88 -24.04 46.82
N ARG E 389 -42.68 -23.03 46.45
CA ARG E 389 -42.18 -21.68 46.07
C ARG E 389 -42.06 -20.74 47.28
N ASP E 390 -42.59 -21.07 48.47
CA ASP E 390 -42.75 -20.01 49.51
C ASP E 390 -42.52 -20.52 50.95
N GLY E 391 -41.73 -21.57 51.13
CA GLY E 391 -41.26 -22.00 52.46
C GLY E 391 -40.38 -20.96 53.12
N LEU E 392 -39.47 -20.31 52.37
CA LEU E 392 -38.57 -19.27 52.92
C LEU E 392 -39.44 -18.15 53.46
N HIS E 393 -40.39 -17.63 52.68
CA HIS E 393 -41.31 -16.57 53.14
C HIS E 393 -42.05 -17.03 54.41
N MET E 394 -42.54 -18.27 54.45
CA MET E 394 -43.42 -18.73 55.55
C MET E 394 -42.59 -19.16 56.77
N SER E 395 -41.26 -19.24 56.64
CA SER E 395 -40.34 -19.91 57.60
C SER E 395 -40.57 -19.45 59.04
N PRO E 396 -40.67 -18.15 59.40
CA PRO E 396 -40.79 -17.80 60.82
C PRO E 396 -42.11 -18.33 61.40
N LEU E 397 -43.18 -18.31 60.61
CA LEU E 397 -44.52 -18.81 61.03
C LEU E 397 -44.46 -20.34 61.18
N LEU E 398 -43.91 -21.05 60.18
CA LEU E 398 -43.84 -22.53 60.18
C LEU E 398 -42.98 -23.00 61.36
N ALA E 399 -41.86 -22.34 61.60
CA ALA E 399 -40.91 -22.67 62.69
C ALA E 399 -41.64 -22.56 64.02
N ARG E 400 -42.32 -21.44 64.25
CA ARG E 400 -43.04 -21.15 65.53
C ARG E 400 -44.16 -22.17 65.71
N HIS E 401 -44.83 -22.56 64.63
CA HIS E 401 -45.90 -23.58 64.68
C HIS E 401 -45.35 -24.91 65.18
N VAL E 402 -44.28 -25.43 64.56
CA VAL E 402 -43.76 -26.78 64.89
C VAL E 402 -43.19 -26.75 66.32
N VAL E 403 -42.53 -25.66 66.72
CA VAL E 403 -41.92 -25.54 68.08
C VAL E 403 -43.04 -25.52 69.13
N SER E 404 -44.11 -24.78 68.88
CA SER E 404 -45.32 -24.79 69.74
C SER E 404 -45.85 -26.21 69.89
N LEU E 405 -46.01 -26.95 68.80
CA LEU E 405 -46.51 -28.36 68.83
C LEU E 405 -45.57 -29.22 69.67
N MET E 406 -44.26 -29.04 69.54
CA MET E 406 -43.25 -29.85 70.26
C MET E 406 -43.33 -29.57 71.77
N ASP E 407 -43.77 -28.36 72.14
CA ASP E 407 -43.92 -27.90 73.55
C ASP E 407 -45.34 -28.24 74.08
N GLY E 408 -46.14 -29.00 73.34
CA GLY E 408 -47.51 -29.37 73.72
C GLY E 408 -48.54 -28.28 73.43
N GLY E 409 -48.16 -27.23 72.70
CA GLY E 409 -49.07 -26.15 72.26
C GLY E 409 -49.89 -26.57 71.05
N THR E 410 -50.70 -25.67 70.52
CA THR E 410 -51.53 -25.89 69.31
C THR E 410 -50.97 -25.09 68.12
N GLY E 411 -49.89 -24.35 68.33
CA GLY E 411 -49.23 -23.53 67.29
C GLY E 411 -50.20 -22.59 66.59
N VAL E 412 -50.16 -22.56 65.26
CA VAL E 412 -50.92 -21.60 64.41
C VAL E 412 -52.20 -22.29 63.94
N ASP E 413 -53.34 -21.65 64.14
CA ASP E 413 -54.66 -22.10 63.62
C ASP E 413 -54.56 -22.20 62.09
N GLY E 414 -55.06 -23.28 61.49
CA GLY E 414 -55.20 -23.40 60.02
C GLY E 414 -54.08 -24.20 59.38
N LEU E 415 -53.05 -24.61 60.15
CA LEU E 415 -51.94 -25.44 59.61
C LEU E 415 -52.19 -26.93 59.85
N ARG E 416 -53.25 -27.27 60.60
CA ARG E 416 -53.68 -28.67 60.88
C ARG E 416 -54.00 -29.40 59.58
N GLU E 417 -54.59 -28.73 58.60
CA GLU E 417 -54.96 -29.32 57.29
C GLU E 417 -53.70 -29.84 56.56
N PHE E 418 -52.52 -29.33 56.90
CA PHE E 418 -51.25 -29.59 56.17
C PHE E 418 -50.36 -30.53 56.99
N ARG E 419 -50.95 -31.24 57.96
CA ARG E 419 -50.28 -32.31 58.75
C ARG E 419 -49.66 -33.31 57.79
N PRO E 420 -48.43 -33.76 58.05
CA PRO E 420 -47.65 -34.52 57.07
C PRO E 420 -48.15 -35.94 56.80
N GLU E 421 -48.80 -36.56 57.79
CA GLU E 421 -49.28 -37.96 57.69
C GLU E 421 -50.76 -37.89 57.32
N ARG E 422 -51.05 -38.13 56.04
CA ARG E 422 -52.39 -37.84 55.47
C ARG E 422 -52.56 -38.64 54.19
N ASP E 423 -53.82 -38.94 53.87
CA ASP E 423 -54.25 -39.26 52.50
C ASP E 423 -53.83 -38.08 51.61
N LEU E 424 -53.51 -38.33 50.35
CA LEU E 424 -53.27 -37.24 49.37
C LEU E 424 -54.49 -36.31 49.35
N ILE E 425 -54.26 -35.01 49.42
CA ILE E 425 -55.30 -33.98 49.25
C ILE E 425 -55.76 -33.99 47.78
N SER E 426 -57.06 -33.83 47.55
CA SER E 426 -57.65 -33.58 46.20
C SER E 426 -58.25 -32.17 46.20
N ALA E 427 -57.43 -31.16 45.97
CA ALA E 427 -57.83 -29.74 46.15
C ALA E 427 -58.60 -29.25 44.91
N TRP E 428 -58.53 -29.97 43.78
CA TRP E 428 -59.18 -29.59 42.51
C TRP E 428 -59.82 -30.82 41.86
N SER E 429 -60.89 -30.60 41.09
CA SER E 429 -61.49 -31.61 40.20
C SER E 429 -60.47 -31.98 39.12
N ARG E 430 -60.56 -33.20 38.59
CA ARG E 430 -59.78 -33.67 37.43
C ARG E 430 -59.99 -32.73 36.25
N GLU E 431 -61.23 -32.25 36.06
CA GLU E 431 -61.59 -31.32 34.97
C GLU E 431 -60.81 -29.99 35.12
N GLU E 432 -60.77 -29.42 36.33
CA GLU E 432 -60.04 -28.16 36.62
C GLU E 432 -58.56 -28.35 36.26
N ILE E 433 -57.98 -29.47 36.68
CA ILE E 433 -56.52 -29.75 36.47
C ILE E 433 -56.26 -29.94 34.98
N LEU E 434 -57.15 -30.64 34.26
CA LEU E 434 -56.96 -30.88 32.81
C LEU E 434 -57.05 -29.55 32.06
N ASP E 435 -57.98 -28.66 32.43
CA ASP E 435 -58.04 -27.29 31.85
C ASP E 435 -56.70 -26.58 32.12
N ASP E 436 -56.21 -26.68 33.36
CA ASP E 436 -54.98 -25.98 33.83
C ASP E 436 -53.76 -26.51 33.05
N VAL E 437 -53.60 -27.82 32.90
CA VAL E 437 -52.37 -28.41 32.33
C VAL E 437 -52.26 -28.01 30.86
N VAL E 438 -53.38 -27.95 30.13
CA VAL E 438 -53.36 -27.57 28.69
C VAL E 438 -53.01 -26.07 28.58
N ARG E 439 -53.61 -25.26 29.43
CA ARG E 439 -53.35 -23.79 29.48
C ARG E 439 -51.86 -23.53 29.79
N HIS E 440 -51.30 -24.24 30.78
CA HIS E 440 -49.87 -24.10 31.18
C HIS E 440 -48.97 -24.60 30.05
N THR E 441 -49.33 -25.69 29.37
CA THR E 441 -48.56 -26.20 28.22
C THR E 441 -48.50 -25.10 27.14
N MET E 442 -49.64 -24.52 26.79
CA MET E 442 -49.71 -23.44 25.76
C MET E 442 -48.89 -22.24 26.24
N ALA E 443 -48.93 -21.92 27.54
CA ALA E 443 -48.18 -20.78 28.12
C ALA E 443 -46.66 -20.97 27.91
N THR E 444 -46.13 -22.20 27.85
CA THR E 444 -44.69 -22.39 27.59
C THR E 444 -44.35 -21.84 26.20
N GLY E 445 -45.29 -21.84 25.27
CA GLY E 445 -45.11 -21.25 23.94
C GLY E 445 -45.13 -19.74 24.00
N TYR E 446 -46.20 -19.18 24.58
CA TYR E 446 -46.40 -17.72 24.64
C TYR E 446 -45.31 -17.04 25.47
N GLU E 447 -44.71 -17.74 26.44
CA GLU E 447 -43.70 -17.13 27.33
C GLU E 447 -42.32 -17.13 26.66
N PHE E 448 -42.13 -17.93 25.60
CA PHE E 448 -40.81 -18.12 24.95
C PHE E 448 -40.23 -16.79 24.45
N PRO E 449 -40.94 -15.93 23.69
CA PRO E 449 -42.24 -16.18 23.10
C PRO E 449 -42.02 -16.80 21.72
N TRP E 450 -42.89 -17.72 21.33
CA TRP E 450 -42.82 -18.32 19.98
C TRP E 450 -43.39 -17.36 18.93
N ARG E 451 -43.12 -17.68 17.68
CA ARG E 451 -43.78 -17.06 16.52
C ARG E 451 -44.21 -18.20 15.60
N LEU E 452 -45.51 -18.37 15.43
CA LEU E 452 -46.13 -19.52 14.76
C LEU E 452 -47.21 -19.03 13.79
N PRO E 453 -47.62 -19.84 12.81
CA PRO E 453 -48.81 -19.54 12.02
C PRO E 453 -50.01 -19.40 12.98
N LEU E 454 -50.93 -18.51 12.64
CA LEU E 454 -51.99 -18.08 13.58
C LEU E 454 -52.96 -19.21 13.92
N GLU E 455 -53.09 -20.25 13.09
CA GLU E 455 -54.03 -21.37 13.33
C GLU E 455 -53.38 -22.44 14.21
N TRP E 456 -52.06 -22.43 14.36
CA TRP E 456 -51.34 -23.54 15.02
C TRP E 456 -51.73 -23.65 16.49
N PRO E 457 -51.77 -22.55 17.28
CA PRO E 457 -52.13 -22.67 18.69
C PRO E 457 -53.46 -23.37 18.95
N HIS E 458 -54.52 -22.99 18.23
CA HIS E 458 -55.87 -23.63 18.40
C HIS E 458 -55.73 -25.12 18.09
N MET E 459 -55.02 -25.49 17.04
CA MET E 459 -54.82 -26.92 16.67
C MET E 459 -54.10 -27.64 17.82
N MET E 460 -53.01 -27.06 18.34
N MET E 460 -53.02 -27.06 18.34
CA MET E 460 -52.22 -27.68 19.44
CA MET E 460 -52.24 -27.73 19.42
C MET E 460 -53.12 -27.85 20.67
C MET E 460 -53.11 -27.84 20.68
N GLU E 461 -53.89 -26.82 21.03
CA GLU E 461 -54.82 -26.87 22.19
C GLU E 461 -55.77 -28.06 22.03
N THR E 462 -56.38 -28.21 20.86
CA THR E 462 -57.36 -29.30 20.59
C THR E 462 -56.65 -30.64 20.76
N PHE E 463 -55.41 -30.79 20.27
CA PHE E 463 -54.69 -32.09 20.26
C PHE E 463 -53.98 -32.38 21.60
N LEU E 464 -53.88 -31.40 22.50
CA LEU E 464 -53.28 -31.63 23.85
C LEU E 464 -54.31 -32.24 24.81
N GLN E 465 -55.59 -31.95 24.62
CA GLN E 465 -56.65 -32.31 25.60
C GLN E 465 -56.72 -33.82 25.80
N GLY E 466 -56.78 -34.57 24.69
CA GLY E 466 -56.96 -36.03 24.68
C GLY E 466 -55.84 -36.78 25.41
N PRO E 467 -54.56 -36.58 25.04
CA PRO E 467 -53.46 -37.24 25.74
C PRO E 467 -53.39 -36.97 27.25
N PHE E 468 -53.67 -35.75 27.70
CA PHE E 468 -53.64 -35.43 29.15
C PHE E 468 -54.84 -36.10 29.84
N ALA E 469 -56.03 -36.09 29.22
CA ALA E 469 -57.24 -36.76 29.75
C ALA E 469 -56.97 -38.26 29.90
N GLU E 470 -56.30 -38.87 28.91
CA GLU E 470 -55.95 -40.32 28.89
C GLU E 470 -54.98 -40.63 30.04
N LEU E 471 -53.97 -39.78 30.23
CA LEU E 471 -52.96 -39.98 31.30
C LEU E 471 -53.65 -39.90 32.67
N ALA E 472 -54.46 -38.86 32.91
CA ALA E 472 -55.16 -38.63 34.20
C ALA E 472 -56.03 -39.86 34.54
N ASP E 473 -56.72 -40.39 33.53
CA ASP E 473 -57.66 -41.53 33.72
C ASP E 473 -56.87 -42.81 34.03
N ARG E 474 -55.70 -42.96 33.43
CA ARG E 474 -54.80 -44.13 33.57
C ARG E 474 -54.11 -44.12 34.94
N LEU E 475 -53.79 -42.95 35.51
CA LEU E 475 -52.93 -42.88 36.72
C LEU E 475 -53.68 -43.44 37.92
N SER E 476 -54.97 -43.14 38.04
CA SER E 476 -55.79 -43.42 39.25
C SER E 476 -57.25 -43.07 38.98
N ASP E 477 -58.17 -43.80 39.63
CA ASP E 477 -59.63 -43.50 39.60
C ASP E 477 -59.97 -42.43 40.63
N THR E 478 -59.07 -42.08 41.55
CA THR E 478 -59.40 -41.15 42.67
C THR E 478 -58.46 -39.93 42.66
N TYR E 479 -57.14 -40.14 42.51
CA TYR E 479 -56.14 -39.03 42.63
C TYR E 479 -55.82 -38.46 41.24
N THR E 480 -55.65 -37.15 41.18
CA THR E 480 -55.13 -36.40 40.00
C THR E 480 -53.95 -35.54 40.42
N PRO E 481 -52.75 -35.76 39.84
CA PRO E 481 -51.61 -34.90 40.14
C PRO E 481 -51.90 -33.47 39.69
N PRO E 482 -51.46 -32.44 40.45
CA PRO E 482 -51.53 -31.06 39.98
C PRO E 482 -50.76 -30.91 38.66
N ALA E 483 -51.10 -29.88 37.87
CA ALA E 483 -50.59 -29.67 36.50
C ALA E 483 -49.04 -29.78 36.46
N ASP E 484 -48.34 -29.16 37.41
CA ASP E 484 -46.86 -29.09 37.45
C ASP E 484 -46.29 -30.50 37.51
N LEU E 485 -46.94 -31.40 38.26
CA LEU E 485 -46.53 -32.83 38.35
C LEU E 485 -47.06 -33.60 37.13
N MET E 486 -48.28 -33.32 36.68
CA MET E 486 -48.90 -34.07 35.57
C MET E 486 -48.02 -33.93 34.32
N THR E 487 -47.50 -32.73 34.04
CA THR E 487 -46.63 -32.53 32.84
C THR E 487 -45.35 -33.36 33.01
N ALA E 488 -44.73 -33.37 34.19
CA ALA E 488 -43.52 -34.17 34.45
C ALA E 488 -43.83 -35.65 34.21
N ILE E 489 -45.00 -36.15 34.64
CA ILE E 489 -45.36 -37.58 34.48
C ILE E 489 -45.60 -37.87 32.99
N MET E 490 -46.29 -36.98 32.28
CA MET E 490 -46.58 -37.12 30.83
C MET E 490 -45.28 -37.42 30.07
N PHE E 491 -44.18 -36.73 30.38
CA PHE E 491 -42.91 -36.81 29.61
C PHE E 491 -41.88 -37.70 30.34
N SER E 492 -42.30 -38.48 31.33
CA SER E 492 -41.42 -39.45 32.04
C SER E 492 -41.47 -40.79 31.30
N GLU E 493 -40.57 -41.71 31.66
CA GLU E 493 -40.51 -43.08 31.09
C GLU E 493 -41.74 -43.89 31.51
N ARG E 494 -42.14 -44.85 30.66
CA ARG E 494 -43.27 -45.77 30.92
C ARG E 494 -43.13 -46.40 32.31
N GLU E 495 -41.92 -46.84 32.67
CA GLU E 495 -41.63 -47.52 33.98
C GLU E 495 -41.92 -46.54 35.13
N GLN E 496 -41.58 -45.25 34.96
CA GLN E 496 -41.80 -44.21 36.00
C GLN E 496 -43.30 -43.96 36.16
N GLN E 497 -44.05 -43.96 35.06
CA GLN E 497 -45.52 -43.77 35.06
C GLN E 497 -46.17 -44.94 35.79
N ASP E 498 -45.72 -46.17 35.48
CA ASP E 498 -46.28 -47.43 36.03
C ASP E 498 -46.02 -47.44 37.54
N GLU E 499 -44.83 -47.02 37.98
CA GLU E 499 -44.46 -46.97 39.42
C GLU E 499 -45.39 -45.99 40.13
N LEU E 500 -45.75 -44.86 39.50
CA LEU E 500 -46.67 -43.86 40.10
C LEU E 500 -48.08 -44.45 40.18
N ILE E 501 -48.51 -45.21 39.17
CA ILE E 501 -49.86 -45.87 39.17
C ILE E 501 -49.92 -46.78 40.40
N ALA E 502 -48.86 -47.57 40.65
CA ALA E 502 -48.71 -48.49 41.80
C ALA E 502 -48.73 -47.69 43.10
N TYR E 503 -47.96 -46.59 43.20
CA TYR E 503 -47.93 -45.69 44.38
C TYR E 503 -49.35 -45.22 44.70
N TYR E 504 -50.07 -44.67 43.72
CA TYR E 504 -51.43 -44.11 43.94
C TYR E 504 -52.36 -45.24 44.44
N ALA E 505 -52.23 -46.43 43.87
CA ALA E 505 -53.05 -47.62 44.23
C ALA E 505 -52.75 -48.04 45.68
N ASP E 506 -51.47 -48.03 46.08
CA ASP E 506 -51.00 -48.37 47.45
C ASP E 506 -51.49 -47.31 48.45
N VAL E 507 -51.50 -46.02 48.06
CA VAL E 507 -52.05 -44.93 48.92
C VAL E 507 -53.56 -45.16 49.10
N HIS E 508 -54.30 -45.48 48.04
CA HIS E 508 -55.77 -45.64 48.11
C HIS E 508 -56.10 -46.78 49.09
N ARG E 509 -55.38 -47.89 48.94
CA ARG E 509 -55.46 -49.12 49.77
C ARG E 509 -55.21 -48.77 51.25
N GLU E 510 -54.19 -47.94 51.52
CA GLU E 510 -53.81 -47.54 52.90
C GLU E 510 -54.94 -46.74 53.55
N TRP E 511 -55.59 -45.83 52.81
CA TRP E 511 -56.48 -44.80 53.42
C TRP E 511 -57.96 -45.10 53.22
N HIS E 512 -58.32 -46.11 52.42
CA HIS E 512 -59.73 -46.41 52.06
C HIS E 512 -60.02 -47.91 52.26
N GLN F 31 23.57 -14.64 34.70
CA GLN F 31 23.31 -16.10 34.80
C GLN F 31 23.21 -16.69 33.39
N THR F 32 23.13 -18.01 33.29
CA THR F 32 22.62 -18.77 32.12
C THR F 32 21.22 -19.35 32.44
N ASP F 33 20.63 -18.92 33.55
CA ASP F 33 19.24 -19.28 33.96
C ASP F 33 18.25 -18.73 32.95
N VAL F 34 17.16 -19.45 32.71
CA VAL F 34 16.02 -19.01 31.85
C VAL F 34 14.77 -18.88 32.71
N ILE F 35 14.07 -17.75 32.60
CA ILE F 35 12.72 -17.56 33.21
C ILE F 35 11.70 -17.47 32.07
N VAL F 36 10.69 -18.33 32.09
CA VAL F 36 9.49 -18.25 31.22
C VAL F 36 8.40 -17.56 32.02
N VAL F 37 7.91 -16.41 31.55
CA VAL F 37 6.80 -15.66 32.19
C VAL F 37 5.51 -16.08 31.51
N GLY F 38 4.71 -16.93 32.18
CA GLY F 38 3.39 -17.35 31.67
C GLY F 38 3.27 -18.85 31.61
N ASN F 39 2.09 -19.34 31.98
CA ASN F 39 1.84 -20.80 32.21
C ASN F 39 0.63 -21.24 31.39
N GLY F 40 0.42 -20.59 30.24
CA GLY F 40 -0.49 -21.11 29.20
C GLY F 40 0.23 -22.10 28.33
N VAL F 41 -0.37 -22.47 27.20
CA VAL F 41 0.20 -23.44 26.25
C VAL F 41 1.54 -22.93 25.73
N LEU F 42 1.69 -21.64 25.44
CA LEU F 42 2.94 -21.13 24.79
C LEU F 42 4.08 -21.13 25.81
N GLY F 43 3.86 -20.62 27.02
CA GLY F 43 4.90 -20.63 28.09
C GLY F 43 5.36 -22.03 28.41
N LEU F 44 4.42 -22.94 28.66
CA LEU F 44 4.74 -24.33 29.04
C LEU F 44 5.40 -25.05 27.87
N SER F 45 4.96 -24.81 26.64
CA SER F 45 5.49 -25.49 25.44
C SER F 45 6.95 -25.06 25.23
N VAL F 46 7.24 -23.77 25.33
CA VAL F 46 8.62 -23.23 25.20
C VAL F 46 9.44 -23.72 26.39
N GLY F 47 8.86 -23.73 27.60
CA GLY F 47 9.49 -24.26 28.83
C GLY F 47 9.97 -25.68 28.64
N VAL F 48 9.09 -26.56 28.17
CA VAL F 48 9.39 -28.00 27.90
C VAL F 48 10.55 -28.08 26.89
N GLU F 49 10.47 -27.33 25.79
CA GLU F 49 11.47 -27.42 24.69
C GLU F 49 12.84 -26.94 25.20
N ILE F 50 12.88 -25.85 25.97
CA ILE F 50 14.13 -25.29 26.56
C ILE F 50 14.71 -26.32 27.53
N ALA F 51 13.91 -26.79 28.49
CA ALA F 51 14.31 -27.76 29.53
C ALA F 51 14.91 -29.01 28.86
N ARG F 52 14.26 -29.53 27.82
CA ARG F 52 14.65 -30.80 27.14
C ARG F 52 15.93 -30.62 26.35
N THR F 53 16.16 -29.45 25.73
CA THR F 53 17.27 -29.25 24.76
C THR F 53 18.49 -28.62 25.44
N ARG F 54 18.33 -28.00 26.61
CA ARG F 54 19.43 -27.42 27.41
C ARG F 54 19.41 -28.00 28.83
N PRO F 55 19.79 -29.30 29.02
CA PRO F 55 19.76 -29.92 30.35
C PRO F 55 20.76 -29.29 31.33
N ASP F 56 21.72 -28.52 30.79
CA ASP F 56 22.80 -27.82 31.55
C ASP F 56 22.25 -26.57 32.25
N VAL F 57 21.07 -26.04 31.82
CA VAL F 57 20.55 -24.73 32.32
C VAL F 57 19.32 -24.96 33.21
N ARG F 58 19.16 -24.07 34.20
CA ARG F 58 17.98 -23.95 35.08
C ARG F 58 16.88 -23.15 34.35
N VAL F 59 15.72 -23.76 34.13
CA VAL F 59 14.52 -23.10 33.55
C VAL F 59 13.43 -23.04 34.63
N THR F 60 12.98 -21.84 34.96
CA THR F 60 11.90 -21.54 35.92
C THR F 60 10.71 -20.96 35.16
N LEU F 61 9.50 -21.48 35.38
CA LEU F 61 8.27 -21.00 34.71
C LEU F 61 7.35 -20.37 35.74
N LEU F 62 6.97 -19.12 35.49
CA LEU F 62 6.12 -18.28 36.37
C LEU F 62 4.66 -18.36 35.91
N GLY F 63 3.74 -18.13 36.85
CA GLY F 63 2.29 -18.19 36.61
C GLY F 63 1.61 -19.04 37.67
N LYS F 64 0.33 -18.73 37.92
CA LYS F 64 -0.44 -19.27 39.07
C LYS F 64 -1.47 -20.28 38.56
N PRO F 65 -1.88 -21.25 39.41
CA PRO F 65 -2.89 -22.24 39.01
C PRO F 65 -4.24 -21.63 38.58
N ALA F 66 -4.60 -20.46 39.08
CA ALA F 66 -5.85 -19.75 38.74
C ALA F 66 -5.86 -19.39 37.25
N ARG F 67 -4.67 -19.18 36.65
CA ARG F 67 -4.54 -18.81 35.20
C ARG F 67 -5.54 -17.71 34.90
N GLN F 68 -5.43 -16.57 35.57
CA GLN F 68 -6.35 -15.42 35.39
C GLN F 68 -6.33 -15.01 33.91
N TYR F 69 -7.53 -14.86 33.33
CA TYR F 69 -7.78 -14.46 31.90
C TYR F 69 -7.18 -15.46 30.92
N GLY F 70 -6.78 -16.65 31.38
CA GLY F 70 -6.05 -17.65 30.57
C GLY F 70 -6.86 -18.10 29.35
N ALA F 71 -6.32 -17.91 28.15
CA ALA F 71 -6.93 -18.41 26.89
C ALA F 71 -6.96 -19.93 26.88
N THR F 72 -5.84 -20.58 27.21
CA THR F 72 -5.62 -22.03 26.97
C THR F 72 -6.69 -22.86 27.69
N PRO F 73 -6.96 -22.66 29.01
CA PRO F 73 -7.93 -23.52 29.70
C PRO F 73 -9.38 -23.31 29.21
N ALA F 74 -9.66 -22.19 28.53
CA ALA F 74 -11.01 -21.88 27.97
C ALA F 74 -11.14 -22.47 26.56
N ALA F 75 -10.09 -23.04 26.00
CA ALA F 75 -10.03 -23.58 24.61
C ALA F 75 -10.50 -25.03 24.59
N GLY F 76 -11.05 -25.49 23.47
CA GLY F 76 -11.64 -26.83 23.31
C GLY F 76 -10.62 -27.96 23.45
N ALA F 77 -9.62 -28.04 22.56
CA ALA F 77 -9.35 -27.06 21.53
C ALA F 77 -9.17 -27.77 20.19
N MET F 78 -9.48 -27.07 19.11
CA MET F 78 -9.30 -27.58 17.73
C MET F 78 -7.85 -27.35 17.30
N LEU F 79 -7.24 -28.35 16.67
CA LEU F 79 -5.95 -28.21 15.96
C LEU F 79 -6.26 -27.65 14.56
N GLY F 80 -6.68 -26.39 14.57
CA GLY F 80 -7.30 -25.69 13.45
C GLY F 80 -6.24 -25.05 12.58
N ALA F 81 -6.16 -25.56 11.35
CA ALA F 81 -5.34 -25.04 10.23
C ALA F 81 -6.31 -24.68 9.09
N PHE F 82 -6.85 -25.68 8.39
CA PHE F 82 -7.79 -25.48 7.26
C PHE F 82 -9.14 -24.95 7.77
N GLY F 83 -9.60 -25.38 8.95
CA GLY F 83 -10.85 -24.87 9.56
C GLY F 83 -10.79 -23.37 9.85
N GLU F 84 -9.59 -22.83 10.05
CA GLU F 84 -9.37 -21.39 10.38
C GLU F 84 -9.27 -20.53 9.11
N VAL F 85 -9.32 -21.14 7.92
CA VAL F 85 -9.20 -20.39 6.64
C VAL F 85 -10.42 -19.49 6.45
N THR F 86 -10.17 -18.22 6.13
CA THR F 86 -11.18 -17.25 5.63
C THR F 86 -10.68 -16.66 4.31
N ALA F 87 -11.62 -16.24 3.45
CA ALA F 87 -11.31 -15.51 2.21
C ALA F 87 -10.44 -14.30 2.56
N HIS F 88 -10.82 -13.55 3.61
CA HIS F 88 -10.15 -12.29 4.02
C HIS F 88 -8.70 -12.54 4.44
N ALA F 89 -8.43 -13.59 5.23
CA ALA F 89 -7.07 -13.97 5.66
C ALA F 89 -6.19 -14.26 4.44
N LEU F 90 -6.67 -15.12 3.54
CA LEU F 90 -5.88 -15.63 2.38
C LEU F 90 -5.81 -14.58 1.24
N ALA F 91 -6.51 -13.45 1.37
CA ALA F 91 -6.41 -12.32 0.42
C ALA F 91 -5.17 -11.48 0.72
N SER F 92 -4.54 -11.63 1.90
CA SER F 92 -3.34 -10.83 2.28
C SER F 92 -2.10 -11.73 2.31
N GLU F 93 -0.94 -11.15 2.00
CA GLU F 93 0.35 -11.88 2.02
C GLU F 93 0.62 -12.38 3.45
N HIS F 94 0.41 -11.52 4.46
CA HIS F 94 0.64 -11.88 5.88
C HIS F 94 -0.30 -13.03 6.28
N GLY F 95 -1.56 -12.98 5.84
CA GLY F 95 -2.54 -14.06 6.13
C GLY F 95 -2.12 -15.38 5.50
N ARG F 96 -1.61 -15.36 4.27
CA ARG F 96 -1.15 -16.59 3.57
C ARG F 96 0.07 -17.18 4.32
N LYS F 97 0.97 -16.31 4.80
CA LYS F 97 2.19 -16.73 5.57
C LYS F 97 1.75 -17.41 6.87
N LYS F 98 0.82 -16.79 7.60
CA LYS F 98 0.26 -17.34 8.86
C LYS F 98 -0.35 -18.71 8.57
N HIS F 99 -1.09 -18.86 7.48
CA HIS F 99 -1.76 -20.14 7.11
C HIS F 99 -0.72 -21.24 6.86
N ALA F 100 0.34 -20.93 6.11
CA ALA F 100 1.42 -21.91 5.82
C ALA F 100 1.96 -22.48 7.15
N LEU F 101 2.19 -21.60 8.14
CA LEU F 101 2.73 -21.98 9.47
C LEU F 101 1.76 -22.92 10.19
N ALA F 102 0.46 -22.63 10.14
CA ALA F 102 -0.60 -23.49 10.75
C ALA F 102 -0.53 -24.88 10.11
N VAL F 103 -0.36 -24.95 8.79
CA VAL F 103 -0.31 -26.27 8.09
C VAL F 103 0.95 -27.02 8.54
N GLN F 104 2.08 -26.32 8.70
CA GLN F 104 3.37 -26.90 9.16
C GLN F 104 3.21 -27.44 10.60
N ALA F 105 2.56 -26.68 11.47
CA ALA F 105 2.37 -27.04 12.90
C ALA F 105 1.64 -28.39 13.01
N GLN F 106 0.64 -28.64 12.15
CA GLN F 106 -0.19 -29.86 12.21
C GLN F 106 0.69 -31.12 12.13
N ARG F 107 1.77 -31.07 11.35
CA ARG F 107 2.68 -32.22 11.13
C ARG F 107 3.39 -32.59 12.45
N LEU F 108 3.61 -31.62 13.34
CA LEU F 108 4.37 -31.84 14.60
C LEU F 108 3.53 -32.50 15.69
N TRP F 109 2.20 -32.45 15.59
CA TRP F 109 1.31 -32.80 16.74
C TRP F 109 1.41 -34.27 17.15
N PRO F 110 1.40 -35.27 16.23
CA PRO F 110 1.44 -36.67 16.63
C PRO F 110 2.63 -37.03 17.55
N GLU F 111 3.84 -36.61 17.19
CA GLU F 111 5.08 -36.93 17.96
C GLU F 111 5.15 -36.04 19.22
N TRP F 112 4.66 -34.80 19.14
CA TRP F 112 4.59 -33.89 20.31
C TRP F 112 3.72 -34.54 21.39
N ILE F 113 2.53 -35.02 21.03
CA ILE F 113 1.57 -35.68 21.96
C ILE F 113 2.22 -36.95 22.54
N GLU F 114 2.84 -37.78 21.69
CA GLU F 114 3.55 -39.02 22.13
C GLU F 114 4.56 -38.65 23.23
N SER F 115 5.35 -37.60 23.01
CA SER F 115 6.45 -37.14 23.90
C SER F 115 5.89 -36.60 25.23
N LEU F 116 4.67 -36.04 25.22
CA LEU F 116 4.03 -35.47 26.43
C LEU F 116 3.35 -36.58 27.23
N GLU F 117 2.66 -37.50 26.56
CA GLU F 117 1.95 -38.62 27.23
C GLU F 117 2.98 -39.60 27.81
N ALA F 118 4.17 -39.68 27.21
CA ALA F 118 5.28 -40.57 27.63
C ALA F 118 5.65 -40.31 29.10
N THR F 119 5.50 -39.07 29.58
CA THR F 119 5.89 -38.65 30.95
C THR F 119 4.80 -39.01 31.96
N GLY F 120 3.66 -39.55 31.51
CA GLY F 120 2.50 -39.87 32.37
C GLY F 120 2.15 -41.32 32.35
N THR F 121 1.00 -41.66 32.93
CA THR F 121 0.45 -43.05 32.98
C THR F 121 -0.98 -43.03 32.41
N ALA F 122 -1.59 -44.20 32.23
CA ALA F 122 -2.92 -44.38 31.61
C ALA F 122 -3.94 -43.45 32.29
N ALA F 123 -3.85 -43.30 33.63
CA ALA F 123 -4.90 -42.61 34.43
C ALA F 123 -4.88 -41.10 34.18
N ASP F 124 -3.83 -40.57 33.54
CA ASP F 124 -3.73 -39.12 33.23
C ASP F 124 -4.65 -38.77 32.04
N GLY F 125 -5.08 -39.78 31.28
CA GLY F 125 -6.02 -39.57 30.15
C GLY F 125 -5.31 -39.12 28.89
N ARG F 126 -6.07 -38.94 27.81
CA ARG F 126 -5.51 -38.83 26.44
C ARG F 126 -5.60 -37.37 26.01
N ILE F 127 -4.52 -36.83 25.46
CA ILE F 127 -4.48 -35.42 24.98
C ILE F 127 -5.44 -35.30 23.78
N LYS F 128 -5.36 -36.22 22.82
CA LYS F 128 -6.14 -36.16 21.54
C LYS F 128 -7.57 -36.61 21.80
N THR F 129 -8.58 -35.84 21.35
CA THR F 129 -10.01 -36.19 21.53
C THR F 129 -10.69 -36.47 20.18
N ALA F 130 -10.09 -36.08 19.06
CA ALA F 130 -10.63 -36.38 17.71
C ALA F 130 -9.51 -36.24 16.69
N ASP F 131 -9.58 -37.00 15.60
CA ASP F 131 -8.59 -36.98 14.50
C ASP F 131 -9.09 -36.12 13.35
N ASP F 132 -10.40 -35.99 13.18
CA ASP F 132 -11.02 -35.38 11.97
C ASP F 132 -11.98 -34.26 12.37
N THR F 133 -12.32 -33.40 11.40
CA THR F 133 -13.22 -32.24 11.58
C THR F 133 -14.26 -32.27 10.47
N VAL F 134 -15.51 -31.97 10.79
CA VAL F 134 -16.56 -31.68 9.77
C VAL F 134 -16.88 -30.18 9.87
N VAL F 135 -16.72 -29.46 8.75
CA VAL F 135 -17.12 -28.04 8.62
C VAL F 135 -18.54 -28.04 8.04
N LEU F 136 -19.48 -27.39 8.72
CA LEU F 136 -20.89 -27.34 8.32
C LEU F 136 -21.20 -25.95 7.74
N LEU F 137 -22.01 -25.90 6.70
CA LEU F 137 -22.52 -24.65 6.12
C LEU F 137 -24.03 -24.62 6.29
N ASN F 138 -24.50 -23.67 7.09
CA ASN F 138 -25.94 -23.38 7.29
C ASN F 138 -26.19 -21.93 6.89
N THR F 139 -27.42 -21.46 7.01
CA THR F 139 -27.77 -20.07 6.59
C THR F 139 -27.99 -19.18 7.80
N VAL F 140 -27.50 -19.58 8.98
CA VAL F 140 -27.61 -18.74 10.22
C VAL F 140 -26.37 -17.85 10.28
N GLY F 141 -26.25 -16.99 9.28
CA GLY F 141 -25.06 -16.16 9.12
C GLY F 141 -25.11 -15.38 7.83
N HIS F 142 -24.10 -14.54 7.65
CA HIS F 142 -23.96 -13.67 6.47
C HIS F 142 -23.40 -14.51 5.32
N SER F 143 -24.05 -14.48 4.16
CA SER F 143 -23.51 -15.08 2.91
C SER F 143 -22.11 -14.52 2.63
N ALA F 144 -21.86 -13.25 2.90
CA ALA F 144 -20.60 -12.54 2.59
C ALA F 144 -19.44 -13.08 3.45
N LEU F 145 -19.73 -13.69 4.60
CA LEU F 145 -18.69 -14.40 5.39
C LEU F 145 -18.78 -15.90 5.11
N ASP F 146 -19.91 -16.54 5.44
CA ASP F 146 -20.00 -18.02 5.48
C ASP F 146 -19.84 -18.62 4.08
N ASP F 147 -20.47 -18.05 3.03
CA ASP F 147 -20.37 -18.66 1.67
C ASP F 147 -18.94 -18.47 1.16
N ALA F 148 -18.39 -17.26 1.30
CA ALA F 148 -17.01 -16.90 0.87
C ALA F 148 -16.00 -17.81 1.60
N ASN F 149 -16.22 -18.04 2.89
CA ASN F 149 -15.24 -18.76 3.74
C ASN F 149 -15.29 -20.25 3.42
N PHE F 150 -16.47 -20.82 3.18
CA PHE F 150 -16.62 -22.25 2.80
C PHE F 150 -15.84 -22.51 1.51
N ALA F 151 -16.02 -21.64 0.52
CA ALA F 151 -15.30 -21.69 -0.77
C ALA F 151 -13.78 -21.60 -0.51
N ALA F 152 -13.34 -20.70 0.38
CA ALA F 152 -11.90 -20.45 0.67
C ALA F 152 -11.29 -21.69 1.32
N VAL F 153 -12.01 -22.35 2.23
CA VAL F 153 -11.56 -23.59 2.92
C VAL F 153 -11.36 -24.70 1.86
N LEU F 154 -12.35 -24.91 0.99
CA LEU F 154 -12.29 -25.92 -0.10
C LEU F 154 -11.05 -25.64 -0.96
N THR F 155 -10.82 -24.38 -1.35
CA THR F 155 -9.70 -24.00 -2.24
C THR F 155 -8.37 -24.28 -1.53
N ALA F 156 -8.23 -23.88 -0.27
CA ALA F 156 -6.97 -24.04 0.51
C ALA F 156 -6.66 -25.54 0.67
N LEU F 157 -7.67 -26.37 0.93
CA LEU F 157 -7.48 -27.84 1.06
C LEU F 157 -6.95 -28.39 -0.28
N LYS F 158 -7.58 -28.03 -1.40
CA LYS F 158 -7.19 -28.53 -2.74
C LYS F 158 -5.78 -28.05 -3.08
N GLU F 159 -5.46 -26.78 -2.81
CA GLU F 159 -4.12 -26.20 -3.08
C GLU F 159 -3.05 -26.97 -2.29
N ALA F 160 -3.34 -27.38 -1.05
CA ALA F 160 -2.39 -28.07 -0.15
C ALA F 160 -2.32 -29.58 -0.47
N ASN F 161 -3.17 -30.09 -1.37
CA ASN F 161 -3.32 -31.54 -1.63
C ASN F 161 -3.66 -32.27 -0.32
N ALA F 162 -4.43 -31.62 0.57
CA ALA F 162 -4.84 -32.17 1.89
C ALA F 162 -5.99 -33.15 1.70
N PRO F 163 -6.02 -34.29 2.43
CA PRO F 163 -7.13 -35.21 2.33
C PRO F 163 -8.42 -34.60 2.93
N HIS F 164 -9.51 -34.63 2.16
CA HIS F 164 -10.82 -34.05 2.52
C HIS F 164 -11.85 -34.58 1.55
N GLU F 165 -13.13 -34.49 1.92
CA GLU F 165 -14.26 -34.85 1.05
C GLU F 165 -15.43 -33.93 1.42
N GLU F 166 -16.09 -33.35 0.41
CA GLU F 166 -17.45 -32.79 0.60
C GLU F 166 -18.39 -33.99 0.73
N ILE F 167 -19.18 -34.05 1.80
CA ILE F 167 -20.03 -35.21 2.13
C ILE F 167 -21.49 -34.77 2.19
N ALA F 168 -22.40 -35.71 2.02
CA ALA F 168 -23.85 -35.48 2.23
C ALA F 168 -24.06 -35.12 3.70
N VAL F 169 -24.89 -34.11 3.97
CA VAL F 169 -25.17 -33.70 5.37
C VAL F 169 -25.83 -34.86 6.10
N GLU F 170 -26.65 -35.66 5.42
CA GLU F 170 -27.31 -36.85 6.01
C GLU F 170 -26.26 -37.84 6.52
N SER F 171 -25.03 -37.81 6.01
CA SER F 171 -23.95 -38.75 6.42
C SER F 171 -23.20 -38.22 7.64
N VAL F 172 -23.46 -36.99 8.10
CA VAL F 172 -22.82 -36.45 9.33
C VAL F 172 -23.50 -37.11 10.53
N ASP F 173 -22.76 -37.93 11.26
CA ASP F 173 -23.31 -38.70 12.40
C ASP F 173 -23.59 -37.70 13.55
N TRP F 174 -24.51 -38.09 14.42
CA TRP F 174 -24.72 -37.50 15.76
C TRP F 174 -25.59 -36.22 15.67
N ILE F 175 -25.29 -35.28 14.76
CA ILE F 175 -25.96 -33.94 14.76
C ILE F 175 -27.49 -34.09 14.68
N ASP F 176 -28.20 -33.17 15.32
CA ASP F 176 -29.68 -33.12 15.28
C ASP F 176 -30.10 -31.66 15.33
N PRO F 177 -29.83 -30.88 14.26
CA PRO F 177 -30.16 -29.47 14.26
C PRO F 177 -31.67 -29.22 14.16
N ASP F 178 -32.09 -28.04 14.60
CA ASP F 178 -33.36 -27.41 14.15
C ASP F 178 -33.36 -27.41 12.62
N PRO F 179 -34.38 -27.98 11.95
CA PRO F 179 -34.44 -27.96 10.49
C PRO F 179 -34.23 -26.57 9.86
N ASN F 180 -34.76 -25.51 10.48
CA ASN F 180 -34.59 -24.11 9.97
C ASN F 180 -33.16 -23.61 10.19
N SER F 181 -32.32 -24.33 10.93
CA SER F 181 -30.92 -23.96 11.26
C SER F 181 -29.94 -25.00 10.73
N ARG F 182 -30.41 -25.94 9.90
CA ARG F 182 -29.63 -27.15 9.52
C ARG F 182 -28.58 -26.79 8.48
N PRO F 183 -27.50 -27.58 8.38
CA PRO F 183 -26.54 -27.40 7.30
C PRO F 183 -27.10 -28.01 6.00
N LEU F 184 -26.70 -27.45 4.86
CA LEU F 184 -27.01 -28.02 3.54
C LEU F 184 -25.73 -28.48 2.84
N ARG F 185 -24.56 -28.11 3.36
CA ARG F 185 -23.26 -28.64 2.87
C ARG F 185 -22.38 -28.99 4.07
N ALA F 186 -21.50 -29.97 3.86
CA ALA F 186 -20.60 -30.46 4.92
C ALA F 186 -19.30 -30.92 4.28
N LEU F 187 -18.21 -30.65 4.96
CA LEU F 187 -16.85 -30.92 4.47
C LEU F 187 -16.10 -31.69 5.56
N HIS F 188 -15.67 -32.92 5.24
CA HIS F 188 -14.84 -33.78 6.10
C HIS F 188 -13.37 -33.45 5.85
N ILE F 189 -12.66 -33.01 6.90
CA ILE F 189 -11.19 -32.72 6.86
C ILE F 189 -10.50 -33.85 7.64
N GLU F 190 -9.74 -34.68 6.93
CA GLU F 190 -9.01 -35.83 7.54
C GLU F 190 -7.74 -35.31 8.20
N GLY F 191 -7.47 -35.74 9.44
CA GLY F 191 -6.21 -35.46 10.14
C GLY F 191 -6.15 -34.05 10.69
N GLU F 192 -7.28 -33.36 10.77
CA GLU F 192 -7.43 -32.07 11.47
C GLU F 192 -8.36 -32.33 12.66
N GLY F 193 -7.81 -32.40 13.87
CA GLY F 193 -8.55 -32.93 15.03
C GLY F 193 -8.64 -31.95 16.17
N SER F 194 -8.61 -32.47 17.39
CA SER F 194 -8.75 -31.66 18.63
C SER F 194 -8.00 -32.34 19.77
N VAL F 195 -7.70 -31.53 20.77
CA VAL F 195 -7.05 -31.99 22.04
C VAL F 195 -7.93 -31.49 23.18
N ASP F 196 -7.82 -32.16 24.33
CA ASP F 196 -8.38 -31.65 25.60
C ASP F 196 -7.35 -30.66 26.18
N SER F 197 -7.69 -29.37 26.19
CA SER F 197 -6.79 -28.28 26.63
C SER F 197 -6.34 -28.49 28.08
N GLY F 198 -7.22 -29.03 28.93
CA GLY F 198 -6.92 -29.30 30.36
C GLY F 198 -5.90 -30.43 30.51
N ILE F 199 -6.11 -31.52 29.78
CA ILE F 199 -5.19 -32.68 29.77
C ILE F 199 -3.85 -32.25 29.14
N LEU F 200 -3.89 -31.41 28.10
CA LEU F 200 -2.65 -30.86 27.49
C LEU F 200 -1.85 -30.05 28.53
N LEU F 201 -2.49 -29.14 29.26
CA LEU F 201 -1.80 -28.30 30.26
C LEU F 201 -1.17 -29.19 31.34
N ALA F 202 -1.89 -30.20 31.84
CA ALA F 202 -1.40 -31.15 32.87
C ALA F 202 -0.19 -31.92 32.32
N ALA F 203 -0.26 -32.39 31.06
CA ALA F 203 0.83 -33.13 30.40
C ALA F 203 2.05 -32.23 30.20
N LEU F 204 1.84 -30.95 29.86
CA LEU F 204 2.94 -29.96 29.67
C LEU F 204 3.64 -29.72 31.02
N GLU F 205 2.87 -29.51 32.09
CA GLU F 205 3.46 -29.23 33.44
C GLU F 205 4.31 -30.43 33.88
N ARG F 206 3.75 -31.64 33.74
CA ARG F 206 4.40 -32.90 34.12
C ARG F 206 5.67 -33.11 33.28
N SER F 207 5.60 -32.84 31.99
CA SER F 207 6.73 -32.98 31.03
C SER F 207 7.80 -31.93 31.33
N PHE F 208 7.40 -30.75 31.76
CA PHE F 208 8.33 -29.66 32.14
C PHE F 208 9.15 -30.13 33.36
N LEU F 209 8.49 -30.67 34.37
CA LEU F 209 9.15 -31.18 35.60
C LEU F 209 10.07 -32.36 35.24
N GLN F 210 9.61 -33.27 34.37
CA GLN F 210 10.39 -34.47 33.95
C GLN F 210 11.70 -34.03 33.31
N ALA F 211 11.72 -32.89 32.60
CA ALA F 211 12.89 -32.37 31.87
C ALA F 211 13.76 -31.47 32.76
N GLY F 212 13.41 -31.33 34.04
CA GLY F 212 14.20 -30.58 35.04
C GLY F 212 13.77 -29.13 35.18
N GLY F 213 12.62 -28.77 34.64
CA GLY F 213 12.05 -27.43 34.84
C GLY F 213 11.55 -27.26 36.25
N ARG F 214 11.50 -26.05 36.77
CA ARG F 214 10.88 -25.75 38.09
C ARG F 214 9.70 -24.78 37.90
N LEU F 215 8.57 -25.09 38.53
CA LEU F 215 7.33 -24.27 38.53
C LEU F 215 7.34 -23.38 39.77
N HIS F 216 7.29 -22.07 39.57
CA HIS F 216 7.24 -21.08 40.67
C HIS F 216 5.91 -20.33 40.56
N PRO F 217 4.90 -20.68 41.39
CA PRO F 217 3.53 -20.17 41.23
C PRO F 217 3.34 -18.72 41.71
N VAL F 218 4.09 -17.80 41.11
CA VAL F 218 3.95 -16.33 41.31
C VAL F 218 3.90 -15.68 39.93
N ASP F 219 3.52 -14.42 39.87
CA ASP F 219 3.49 -13.63 38.62
C ASP F 219 4.72 -12.71 38.57
N ALA F 220 5.26 -12.48 37.38
CA ALA F 220 6.22 -11.39 37.11
C ALA F 220 5.49 -10.06 37.31
N THR F 221 6.09 -9.10 38.01
CA THR F 221 5.61 -7.70 38.08
C THR F 221 6.45 -6.82 37.15
N GLU F 222 7.73 -7.13 36.99
CA GLU F 222 8.69 -6.23 36.29
C GLU F 222 9.81 -7.08 35.70
N ILE F 223 10.18 -6.80 34.45
CA ILE F 223 11.43 -7.32 33.82
C ILE F 223 12.53 -6.30 34.10
N ARG F 224 13.63 -6.75 34.68
CA ARG F 224 14.79 -5.86 35.00
C ARG F 224 15.82 -6.04 33.89
N ALA F 225 16.27 -4.91 33.33
CA ALA F 225 17.31 -4.87 32.28
C ALA F 225 18.13 -3.57 32.45
N SER F 226 19.40 -3.63 32.07
CA SER F 226 20.29 -2.45 31.94
C SER F 226 21.48 -2.85 31.08
N HIS F 227 22.17 -1.86 30.49
CA HIS F 227 23.27 -2.08 29.51
C HIS F 227 22.75 -3.05 28.43
N GLY F 228 21.50 -2.81 27.99
CA GLY F 228 20.81 -3.50 26.87
C GLY F 228 20.72 -5.02 27.02
N ARG F 229 20.57 -5.51 28.24
CA ARG F 229 20.56 -6.99 28.51
C ARG F 229 19.63 -7.26 29.70
N VAL F 230 18.91 -8.40 29.69
CA VAL F 230 18.01 -8.80 30.81
C VAL F 230 18.88 -9.22 32.00
N GLU F 231 18.45 -8.84 33.21
CA GLU F 231 19.05 -9.23 34.51
C GLU F 231 18.15 -10.24 35.22
N GLY F 232 16.84 -10.15 35.02
CA GLY F 232 15.86 -11.10 35.58
C GLY F 232 14.50 -10.47 35.77
N VAL F 233 13.73 -10.99 36.73
CA VAL F 233 12.29 -10.68 36.93
C VAL F 233 12.03 -10.41 38.41
N VAL F 234 11.36 -9.29 38.71
CA VAL F 234 10.72 -9.04 40.04
C VAL F 234 9.37 -9.75 40.01
N THR F 235 9.05 -10.53 41.05
CA THR F 235 7.78 -11.29 41.16
C THR F 235 6.85 -10.55 42.14
N ASP F 236 5.57 -10.94 42.18
CA ASP F 236 4.51 -10.18 42.90
C ASP F 236 4.51 -10.58 44.39
N ASP F 237 5.44 -11.44 44.81
CA ASP F 237 5.74 -11.73 46.25
C ASP F 237 6.93 -10.87 46.71
N GLY F 238 7.41 -9.96 45.86
CA GLY F 238 8.47 -8.96 46.18
C GLY F 238 9.87 -9.48 45.90
N ASP F 239 10.01 -10.74 45.48
CA ASP F 239 11.30 -11.42 45.26
C ASP F 239 11.92 -10.95 43.95
N PHE F 240 13.22 -11.20 43.74
CA PHE F 240 13.93 -11.00 42.45
C PHE F 240 14.59 -12.31 42.02
N LEU F 241 14.27 -12.79 40.83
CA LEU F 241 14.85 -14.01 40.22
C LEU F 241 15.82 -13.58 39.11
N PRO F 242 17.13 -13.89 39.21
CA PRO F 242 18.07 -13.53 38.16
C PRO F 242 17.96 -14.47 36.94
N ALA F 243 18.27 -13.97 35.74
CA ALA F 243 18.24 -14.76 34.50
C ALA F 243 19.11 -14.10 33.42
N GLY F 244 19.69 -14.92 32.56
CA GLY F 244 20.32 -14.52 31.29
C GLY F 244 19.29 -14.43 30.17
N HIS F 245 18.18 -15.18 30.29
CA HIS F 245 17.08 -15.22 29.29
C HIS F 245 15.72 -15.09 29.98
N VAL F 246 14.88 -14.19 29.49
CA VAL F 246 13.44 -14.06 29.90
C VAL F 246 12.60 -14.23 28.63
N VAL F 247 11.71 -15.22 28.63
CA VAL F 247 10.74 -15.50 27.55
C VAL F 247 9.36 -15.08 28.05
N VAL F 248 8.79 -14.04 27.46
CA VAL F 248 7.45 -13.50 27.85
C VAL F 248 6.38 -14.22 27.02
N ALA F 249 5.57 -15.03 27.70
CA ALA F 249 4.42 -15.76 27.12
C ALA F 249 3.24 -15.64 28.08
N ALA F 250 2.91 -14.41 28.44
CA ALA F 250 1.92 -14.04 29.47
C ALA F 250 0.57 -13.74 28.80
N GLY F 251 0.30 -14.32 27.63
CA GLY F 251 -0.95 -14.11 26.88
C GLY F 251 -1.19 -12.64 26.67
N ALA F 252 -2.42 -12.17 26.90
CA ALA F 252 -2.84 -10.79 26.63
C ALA F 252 -2.08 -9.78 27.51
N ARG F 253 -1.33 -10.22 28.52
CA ARG F 253 -0.56 -9.32 29.42
C ARG F 253 0.87 -9.08 28.89
N SER F 254 1.26 -9.75 27.80
CA SER F 254 2.69 -9.88 27.37
C SER F 254 3.29 -8.52 27.01
N GLN F 255 2.61 -7.69 26.20
CA GLN F 255 3.17 -6.39 25.75
C GLN F 255 3.18 -5.41 26.93
N ARG F 256 2.13 -5.40 27.74
CA ARG F 256 2.04 -4.49 28.92
C ARG F 256 3.26 -4.73 29.81
N LEU F 257 3.73 -5.97 29.92
CA LEU F 257 4.89 -6.34 30.78
C LEU F 257 6.18 -5.75 30.20
N VAL F 258 6.42 -5.91 28.89
CA VAL F 258 7.68 -5.48 28.20
C VAL F 258 7.65 -3.97 27.94
N ALA F 259 6.47 -3.35 27.83
CA ALA F 259 6.29 -1.94 27.43
C ALA F 259 6.90 -0.98 28.47
N ALA F 260 7.16 -1.46 29.69
CA ALA F 260 7.79 -0.68 30.79
C ALA F 260 9.26 -0.37 30.48
N LEU F 261 9.93 -1.20 29.66
CA LEU F 261 11.37 -1.04 29.30
C LEU F 261 11.54 0.11 28.30
N PRO F 262 12.70 0.81 28.30
CA PRO F 262 12.87 2.04 27.52
C PRO F 262 12.59 1.89 26.01
N GLY F 263 11.71 2.74 25.47
CA GLY F 263 11.36 2.78 24.03
C GLY F 263 10.29 1.76 23.63
N LEU F 264 10.15 0.68 24.39
CA LEU F 264 9.43 -0.54 23.94
C LEU F 264 7.92 -0.32 23.90
N ALA F 265 7.39 0.71 24.57
CA ALA F 265 5.96 1.08 24.55
C ALA F 265 5.50 1.28 23.11
N HIS F 266 6.38 1.77 22.22
CA HIS F 266 6.01 2.11 20.82
C HIS F 266 6.77 1.23 19.83
N ARG F 267 7.46 0.19 20.31
CA ARG F 267 8.27 -0.73 19.45
C ARG F 267 7.74 -2.17 19.53
N ILE F 268 6.96 -2.49 20.57
CA ILE F 268 6.26 -3.81 20.68
C ILE F 268 4.77 -3.55 20.46
N PRO F 269 4.17 -4.05 19.36
CA PRO F 269 2.75 -3.86 19.09
C PRO F 269 1.91 -4.25 20.32
N ARG F 270 0.92 -3.43 20.65
CA ARG F 270 -0.02 -3.71 21.75
C ARG F 270 -0.75 -5.04 21.50
N ILE F 271 -1.10 -5.71 22.60
CA ILE F 271 -1.90 -6.97 22.59
C ILE F 271 -3.09 -6.70 23.51
N TYR F 272 -4.29 -6.89 22.99
CA TYR F 272 -5.55 -6.68 23.73
C TYR F 272 -6.16 -8.04 24.07
N ASP F 273 -7.27 -8.02 24.84
CA ASP F 273 -8.00 -9.24 25.29
C ASP F 273 -9.11 -9.56 24.29
N GLY F 274 -8.93 -10.63 23.50
CA GLY F 274 -10.00 -11.23 22.71
C GLY F 274 -10.83 -12.15 23.61
N VAL F 275 -11.73 -11.56 24.37
CA VAL F 275 -12.48 -12.27 25.45
C VAL F 275 -13.39 -13.30 24.78
N GLY F 276 -13.22 -14.56 25.17
CA GLY F 276 -13.91 -15.69 24.57
C GLY F 276 -14.67 -16.48 25.62
N VAL F 277 -15.89 -16.85 25.32
CA VAL F 277 -16.76 -17.65 26.22
C VAL F 277 -16.98 -19.01 25.57
N SER F 278 -16.84 -20.07 26.36
CA SER F 278 -17.07 -21.48 25.96
C SER F 278 -17.80 -22.15 27.13
N ALA F 279 -18.21 -23.41 26.93
CA ALA F 279 -18.92 -24.14 28.00
C ALA F 279 -18.62 -25.62 27.90
N LEU F 280 -18.62 -26.27 29.08
CA LEU F 280 -18.60 -27.75 29.19
C LEU F 280 -20.03 -28.20 29.53
N VAL F 281 -20.52 -29.16 28.77
CA VAL F 281 -21.93 -29.65 28.84
C VAL F 281 -21.85 -31.16 29.00
N ASP F 282 -22.56 -31.70 30.01
CA ASP F 282 -22.80 -33.16 30.13
C ASP F 282 -24.01 -33.50 29.25
N THR F 283 -23.80 -34.26 28.19
CA THR F 283 -24.85 -34.56 27.19
C THR F 283 -25.94 -35.41 27.85
N TRP F 284 -27.17 -35.20 27.42
CA TRP F 284 -28.41 -35.87 27.90
C TRP F 284 -28.22 -37.40 27.99
N ASP F 285 -27.47 -38.01 27.07
CA ASP F 285 -27.31 -39.50 26.99
C ASP F 285 -25.84 -39.90 27.11
N GLY F 286 -24.94 -38.98 27.46
CA GLY F 286 -23.50 -39.25 27.56
C GLY F 286 -22.81 -39.43 26.21
N SER F 287 -23.53 -39.23 25.10
CA SER F 287 -22.96 -39.35 23.73
C SER F 287 -22.19 -38.07 23.35
N GLY F 288 -21.45 -38.16 22.25
CA GLY F 288 -20.77 -37.02 21.61
C GLY F 288 -20.41 -37.39 20.19
N PRO F 289 -20.07 -36.41 19.33
CA PRO F 289 -19.67 -36.72 17.96
C PRO F 289 -18.24 -37.29 17.97
N ALA F 290 -17.92 -38.07 16.95
CA ALA F 290 -16.61 -38.72 16.74
C ALA F 290 -15.62 -37.70 16.17
N THR F 291 -16.12 -36.60 15.56
CA THR F 291 -15.26 -35.56 14.97
C THR F 291 -15.54 -34.21 15.64
N VAL F 292 -14.61 -33.28 15.49
CA VAL F 292 -14.90 -31.84 15.67
C VAL F 292 -16.06 -31.50 14.72
N LEU F 293 -16.99 -30.66 15.18
CA LEU F 293 -18.04 -30.05 14.34
C LEU F 293 -17.82 -28.53 14.41
N ARG F 294 -17.73 -27.85 13.27
CA ARG F 294 -17.49 -26.40 13.29
C ARG F 294 -18.11 -25.71 12.08
N THR F 295 -18.37 -24.42 12.24
CA THR F 295 -18.54 -23.47 11.11
C THR F 295 -17.17 -22.86 10.82
N SER F 296 -17.06 -22.18 9.68
CA SER F 296 -15.98 -21.20 9.42
C SER F 296 -16.03 -20.09 10.46
N ASN F 297 -14.96 -19.31 10.55
CA ASN F 297 -14.87 -18.14 11.45
C ASN F 297 -15.96 -17.15 11.05
N ARG F 298 -16.62 -16.56 12.04
CA ARG F 298 -17.83 -15.74 11.84
C ARG F 298 -17.53 -14.32 12.34
N ALA F 299 -18.58 -13.51 12.58
CA ALA F 299 -18.47 -12.06 12.83
C ALA F 299 -17.42 -11.79 13.92
N PHE F 300 -16.44 -10.94 13.58
CA PHE F 300 -15.39 -10.47 14.49
C PHE F 300 -14.70 -11.66 15.16
N ALA F 301 -14.41 -12.71 14.40
CA ALA F 301 -13.58 -13.85 14.80
C ALA F 301 -14.21 -14.64 15.96
N CYS F 302 -15.53 -14.60 16.09
CA CYS F 302 -16.24 -15.67 16.83
C CYS F 302 -16.45 -16.85 15.88
N GLY F 303 -17.10 -17.90 16.35
CA GLY F 303 -17.33 -19.11 15.54
C GLY F 303 -18.07 -20.12 16.37
N LEU F 304 -18.66 -21.11 15.73
CA LEU F 304 -19.43 -22.13 16.45
C LEU F 304 -18.70 -23.45 16.26
N HIS F 305 -18.46 -24.16 17.34
CA HIS F 305 -17.81 -25.49 17.25
C HIS F 305 -18.17 -26.33 18.48
N LEU F 306 -18.09 -27.63 18.28
CA LEU F 306 -18.18 -28.62 19.36
C LEU F 306 -16.92 -29.48 19.28
N VAL F 307 -16.17 -29.54 20.37
CA VAL F 307 -14.95 -30.37 20.50
C VAL F 307 -15.28 -31.54 21.41
N PRO F 308 -15.14 -32.79 20.94
CA PRO F 308 -15.34 -33.96 21.77
C PRO F 308 -14.47 -33.94 23.03
N ARG F 309 -15.00 -34.46 24.12
CA ARG F 309 -14.26 -34.72 25.38
C ARG F 309 -14.59 -36.14 25.83
N ALA F 310 -13.75 -36.72 26.70
CA ALA F 310 -14.01 -38.05 27.32
C ALA F 310 -15.10 -37.91 28.38
N GLY F 311 -15.77 -39.02 28.73
CA GLY F 311 -16.60 -39.10 29.96
C GLY F 311 -17.96 -38.41 29.86
N GLY F 312 -18.58 -38.38 28.68
CA GLY F 312 -19.96 -37.90 28.51
C GLY F 312 -20.08 -36.38 28.52
N SER F 313 -18.95 -35.68 28.34
CA SER F 313 -18.86 -34.20 28.26
C SER F 313 -18.64 -33.81 26.80
N VAL F 314 -19.16 -32.65 26.40
CA VAL F 314 -18.73 -31.96 25.15
C VAL F 314 -18.34 -30.53 25.51
N TYR F 315 -17.39 -30.01 24.75
CA TYR F 315 -17.01 -28.58 24.79
C TYR F 315 -17.77 -27.88 23.65
N ILE F 316 -18.39 -26.74 23.94
CA ILE F 316 -19.00 -25.89 22.89
C ILE F 316 -18.37 -24.51 23.01
N GLY F 317 -18.09 -23.91 21.86
CA GLY F 317 -17.46 -22.60 21.78
C GLY F 317 -17.78 -21.95 20.45
N ALA F 318 -17.34 -20.72 20.25
CA ALA F 318 -16.73 -19.87 21.27
C ALA F 318 -16.93 -18.43 20.79
N THR F 319 -17.33 -17.54 21.70
CA THR F 319 -17.58 -16.13 21.36
C THR F 319 -16.21 -15.43 21.28
N ASN F 320 -16.22 -14.22 20.74
CA ASN F 320 -15.01 -13.36 20.73
C ASN F 320 -15.46 -11.91 20.79
N ALA F 321 -14.83 -11.12 21.65
CA ALA F 321 -15.02 -9.66 21.72
C ALA F 321 -13.68 -9.06 22.13
N VAL F 322 -13.10 -8.24 21.26
CA VAL F 322 -11.86 -7.51 21.64
C VAL F 322 -12.25 -6.45 22.66
N CYS F 323 -11.62 -6.49 23.82
CA CYS F 323 -11.86 -5.53 24.93
C CYS F 323 -10.54 -4.79 25.21
N LEU F 324 -10.63 -3.48 25.42
CA LEU F 324 -9.42 -2.62 25.65
C LEU F 324 -8.91 -2.82 27.09
N GLU F 325 -9.74 -3.39 27.97
CA GLU F 325 -9.33 -3.81 29.32
C GLU F 325 -9.80 -5.25 29.52
N PRO F 326 -9.08 -6.06 30.33
CA PRO F 326 -9.43 -7.45 30.49
C PRO F 326 -10.77 -7.63 31.20
N ARG F 327 -11.43 -8.75 30.90
CA ARG F 327 -12.71 -9.14 31.55
C ARG F 327 -12.64 -10.64 31.76
N GLY F 328 -12.98 -11.10 32.97
CA GLY F 328 -12.84 -12.51 33.37
C GLY F 328 -14.18 -13.21 33.57
N ALA F 329 -15.28 -12.56 33.28
CA ALA F 329 -16.65 -13.14 33.41
C ALA F 329 -17.39 -12.97 32.08
N ALA F 330 -18.20 -13.96 31.73
CA ALA F 330 -19.04 -13.94 30.51
C ALA F 330 -20.13 -12.88 30.70
N SER F 331 -20.50 -12.21 29.63
CA SER F 331 -21.75 -11.40 29.62
C SER F 331 -22.91 -12.38 29.44
N ILE F 332 -24.10 -11.95 29.87
CA ILE F 332 -25.35 -12.71 29.62
C ILE F 332 -25.46 -12.94 28.11
N GLU F 333 -25.23 -11.89 27.31
CA GLU F 333 -25.39 -11.93 25.84
C GLU F 333 -24.52 -13.06 25.24
N GLU F 334 -23.26 -13.16 25.67
CA GLU F 334 -22.30 -14.17 25.17
C GLU F 334 -22.82 -15.57 25.46
N THR F 335 -23.31 -15.81 26.67
CA THR F 335 -23.81 -17.15 27.09
C THR F 335 -25.03 -17.51 26.24
N VAL F 336 -26.00 -16.60 26.12
CA VAL F 336 -27.24 -16.85 25.35
C VAL F 336 -26.87 -17.13 23.89
N PHE F 337 -25.99 -16.33 23.30
CA PHE F 337 -25.63 -16.47 21.87
C PHE F 337 -25.00 -17.85 21.65
N LEU F 338 -23.99 -18.22 22.46
CA LEU F 338 -23.27 -19.51 22.32
C LEU F 338 -24.29 -20.66 22.43
N PHE F 339 -25.11 -20.64 23.48
CA PHE F 339 -26.06 -21.74 23.77
C PHE F 339 -27.08 -21.83 22.63
N ASN F 340 -27.61 -20.69 22.20
CA ASN F 340 -28.65 -20.64 21.14
C ASN F 340 -28.09 -21.23 19.84
N CYS F 341 -26.88 -20.84 19.45
CA CYS F 341 -26.24 -21.33 18.20
C CYS F 341 -26.02 -22.85 18.30
N ALA F 342 -25.49 -23.35 19.40
CA ALA F 342 -25.12 -24.78 19.56
C ALA F 342 -26.38 -25.64 19.52
N THR F 343 -27.42 -25.22 20.24
CA THR F 343 -28.67 -26.01 20.38
C THR F 343 -29.41 -26.07 19.03
N HIS F 344 -29.39 -24.99 18.24
CA HIS F 344 -30.13 -24.92 16.96
C HIS F 344 -29.32 -25.56 15.82
N GLN F 345 -28.03 -25.23 15.74
CA GLN F 345 -27.22 -25.50 14.53
C GLN F 345 -26.51 -26.86 14.67
N LEU F 346 -26.27 -27.35 15.89
CA LEU F 346 -25.50 -28.60 16.09
C LEU F 346 -26.41 -29.72 16.62
N HIS F 347 -27.01 -29.57 17.78
CA HIS F 347 -27.81 -30.68 18.39
C HIS F 347 -28.81 -30.13 19.39
N ARG F 348 -30.11 -30.30 19.09
CA ARG F 348 -31.20 -29.85 19.97
C ARG F 348 -31.18 -30.59 21.30
N GLY F 349 -30.57 -31.79 21.35
CA GLY F 349 -30.34 -32.55 22.59
C GLY F 349 -29.53 -31.77 23.61
N LEU F 350 -28.69 -30.85 23.17
CA LEU F 350 -27.91 -29.98 24.09
C LEU F 350 -28.83 -29.10 24.91
N ASN F 351 -30.04 -28.81 24.43
CA ASN F 351 -30.99 -27.93 25.14
C ASN F 351 -31.34 -28.52 26.51
N GLY F 352 -31.56 -29.82 26.57
CA GLY F 352 -31.91 -30.55 27.81
C GLY F 352 -30.69 -31.08 28.53
N SER F 353 -29.50 -30.78 28.04
CA SER F 353 -28.21 -31.23 28.63
C SER F 353 -27.83 -30.28 29.78
N GLU F 354 -27.03 -30.79 30.71
CA GLU F 354 -26.64 -30.10 31.94
C GLU F 354 -25.40 -29.25 31.66
N LEU F 355 -25.50 -27.97 32.01
CA LEU F 355 -24.37 -27.02 31.98
C LEU F 355 -23.45 -27.32 33.16
N ARG F 356 -22.21 -27.71 32.88
CA ARG F 356 -21.21 -28.01 33.93
C ARG F 356 -20.38 -26.77 34.23
N LYS F 357 -19.97 -26.01 33.21
CA LYS F 357 -19.05 -24.87 33.43
C LYS F 357 -19.16 -23.89 32.27
N VAL F 358 -19.27 -22.60 32.60
CA VAL F 358 -19.05 -21.48 31.64
C VAL F 358 -17.59 -21.06 31.82
N GLN F 359 -16.82 -21.07 30.75
CA GLN F 359 -15.37 -20.74 30.75
C GLN F 359 -15.17 -19.43 30.00
N VAL F 360 -14.24 -18.62 30.49
CA VAL F 360 -13.88 -17.32 29.90
C VAL F 360 -12.35 -17.25 29.86
N GLY F 361 -11.80 -16.89 28.71
CA GLY F 361 -10.35 -16.64 28.56
C GLY F 361 -10.09 -15.53 27.56
N SER F 362 -8.88 -14.97 27.56
CA SER F 362 -8.48 -13.85 26.68
C SER F 362 -7.56 -14.33 25.58
N ARG F 363 -8.06 -14.41 24.35
CA ARG F 363 -7.21 -14.61 23.15
C ARG F 363 -6.28 -13.41 23.08
N PRO F 364 -4.94 -13.60 23.01
CA PRO F 364 -4.05 -12.45 22.86
C PRO F 364 -4.23 -11.85 21.47
N ALA F 365 -4.83 -10.66 21.41
CA ALA F 365 -5.28 -9.98 20.17
C ALA F 365 -4.29 -8.90 19.79
N PRO F 366 -3.34 -9.16 18.86
CA PRO F 366 -2.36 -8.14 18.46
C PRO F 366 -3.04 -7.00 17.70
N ILE F 367 -2.66 -5.76 17.99
CA ILE F 367 -3.27 -4.53 17.41
C ILE F 367 -3.10 -4.50 15.89
N ASP F 368 -2.08 -5.17 15.33
CA ASP F 368 -1.80 -5.15 13.87
C ASP F 368 -2.20 -6.49 13.24
N GLY F 369 -2.79 -7.41 14.03
CA GLY F 369 -3.45 -8.62 13.49
C GLY F 369 -2.52 -9.81 13.34
N PHE F 370 -1.25 -9.71 13.75
CA PHE F 370 -0.27 -10.80 13.57
C PHE F 370 0.50 -11.06 14.85
N PRO F 371 0.95 -12.30 15.05
CA PRO F 371 1.64 -12.70 16.28
C PRO F 371 2.95 -11.96 16.51
N LEU F 372 3.43 -12.03 17.76
CA LEU F 372 4.70 -11.45 18.23
C LEU F 372 5.58 -12.61 18.71
N ILE F 373 6.49 -13.08 17.87
CA ILE F 373 7.28 -14.32 18.10
C ILE F 373 8.76 -14.04 17.82
N GLY F 374 9.60 -14.11 18.84
CA GLY F 374 11.07 -14.13 18.67
C GLY F 374 11.76 -13.12 19.54
N GLY F 375 12.87 -12.57 19.05
CA GLY F 375 13.81 -11.77 19.83
C GLY F 375 13.45 -10.31 19.84
N THR F 376 14.21 -9.54 20.62
CA THR F 376 13.97 -8.15 21.03
C THR F 376 15.32 -7.42 20.87
N SER F 377 15.33 -6.09 20.97
CA SER F 377 16.56 -5.25 21.02
C SER F 377 17.27 -5.39 22.38
N VAL F 378 16.61 -5.99 23.38
CA VAL F 378 17.20 -6.33 24.70
C VAL F 378 17.75 -7.75 24.63
N GLU F 379 19.07 -7.91 24.85
CA GLU F 379 19.74 -9.24 24.82
C GLU F 379 19.08 -10.14 25.88
N GLY F 380 18.75 -11.37 25.50
CA GLY F 380 18.12 -12.38 26.37
C GLY F 380 16.62 -12.20 26.56
N LEU F 381 15.99 -11.19 25.96
CA LEU F 381 14.52 -10.95 26.09
C LEU F 381 13.81 -11.47 24.82
N TRP F 382 12.87 -12.39 25.02
CA TRP F 382 12.11 -13.09 23.96
C TRP F 382 10.60 -12.93 24.24
N MET F 383 9.79 -13.00 23.20
CA MET F 383 8.30 -12.94 23.31
C MET F 383 7.70 -14.07 22.48
N LEU F 384 6.65 -14.68 23.01
CA LEU F 384 5.79 -15.65 22.31
C LEU F 384 4.35 -15.28 22.67
N SER F 385 3.68 -14.48 21.84
CA SER F 385 2.32 -13.97 22.15
C SER F 385 1.60 -13.46 20.88
N GLY F 386 0.42 -12.86 21.10
CA GLY F 386 -0.42 -12.28 20.03
C GLY F 386 -0.94 -13.32 19.06
N THR F 387 -1.19 -14.56 19.52
CA THR F 387 -1.57 -15.68 18.63
C THR F 387 -3.09 -15.77 18.43
N TYR F 388 -3.88 -14.96 19.16
CA TYR F 388 -5.34 -14.80 18.92
C TYR F 388 -6.03 -16.18 18.94
N ARG F 389 -6.49 -16.71 17.80
CA ARG F 389 -7.37 -17.91 17.78
C ARG F 389 -6.55 -19.22 17.69
N ASP F 390 -5.23 -19.19 17.42
CA ASP F 390 -4.57 -20.44 16.99
C ASP F 390 -3.13 -20.57 17.51
N GLY F 391 -2.81 -19.94 18.64
CA GLY F 391 -1.53 -20.17 19.36
C GLY F 391 -1.41 -21.60 19.87
N LEU F 392 -2.50 -22.16 20.42
CA LEU F 392 -2.50 -23.55 20.95
C LEU F 392 -2.13 -24.49 19.80
N HIS F 393 -2.83 -24.38 18.66
CA HIS F 393 -2.52 -25.22 17.47
C HIS F 393 -1.04 -25.03 17.07
N MET F 394 -0.54 -23.80 17.04
CA MET F 394 0.81 -23.51 16.49
C MET F 394 1.91 -23.81 17.52
N SER F 395 1.54 -24.10 18.79
CA SER F 395 2.45 -24.12 19.96
C SER F 395 3.71 -24.95 19.71
N PRO F 396 3.68 -26.21 19.22
CA PRO F 396 4.91 -26.98 19.08
C PRO F 396 5.88 -26.32 18.09
N LEU F 397 5.34 -25.74 17.01
CA LEU F 397 6.14 -25.04 15.97
C LEU F 397 6.74 -23.77 16.57
N LEU F 398 5.91 -22.96 17.24
CA LEU F 398 6.35 -21.67 17.84
C LEU F 398 7.45 -21.92 18.89
N ALA F 399 7.26 -22.94 19.72
CA ALA F 399 8.22 -23.31 20.79
C ALA F 399 9.58 -23.65 20.15
N ARG F 400 9.57 -24.52 19.14
CA ARG F 400 10.79 -24.99 18.45
C ARG F 400 11.48 -23.82 17.76
N HIS F 401 10.71 -22.89 17.20
CA HIS F 401 11.23 -21.67 16.55
C HIS F 401 12.02 -20.83 17.56
N VAL F 402 11.42 -20.50 18.70
CA VAL F 402 12.06 -19.58 19.68
C VAL F 402 13.30 -20.28 20.27
N VAL F 403 13.24 -21.59 20.53
CA VAL F 403 14.37 -22.36 21.11
C VAL F 403 15.55 -22.36 20.11
N SER F 404 15.26 -22.58 18.83
CA SER F 404 16.27 -22.48 17.75
C SER F 404 16.93 -21.10 17.77
N LEU F 405 16.14 -20.02 17.83
CA LEU F 405 16.66 -18.62 17.86
C LEU F 405 17.57 -18.45 19.09
N MET F 406 17.16 -18.99 20.25
CA MET F 406 17.92 -18.83 21.52
C MET F 406 19.27 -19.54 21.40
N ASP F 407 19.35 -20.60 20.60
CA ASP F 407 20.56 -21.43 20.35
C ASP F 407 21.39 -20.86 19.20
N GLY F 408 21.05 -19.69 18.67
CA GLY F 408 21.75 -19.04 17.54
C GLY F 408 21.33 -19.59 16.18
N GLY F 409 20.27 -20.40 16.13
CA GLY F 409 19.69 -20.92 14.87
C GLY F 409 18.82 -19.87 14.20
N THR F 410 18.19 -20.24 13.07
CA THR F 410 17.25 -19.37 12.32
C THR F 410 15.81 -19.87 12.49
N GLY F 411 15.62 -20.94 13.26
CA GLY F 411 14.29 -21.52 13.54
C GLY F 411 13.53 -21.86 12.29
N VAL F 412 12.26 -21.46 12.23
CA VAL F 412 11.33 -21.78 11.12
C VAL F 412 11.31 -20.61 10.14
N ASP F 413 11.56 -20.90 8.85
CA ASP F 413 11.47 -19.90 7.75
C ASP F 413 10.05 -19.33 7.75
N GLY F 414 9.90 -18.01 7.64
CA GLY F 414 8.58 -17.38 7.45
C GLY F 414 8.00 -16.80 8.73
N LEU F 415 8.60 -17.06 9.89
CA LEU F 415 8.16 -16.50 11.19
C LEU F 415 8.95 -15.24 11.53
N ARG F 416 10.00 -14.92 10.75
CA ARG F 416 10.81 -13.68 10.92
C ARG F 416 9.95 -12.43 10.74
N GLU F 417 8.97 -12.47 9.83
CA GLU F 417 8.01 -11.35 9.58
C GLU F 417 7.23 -11.01 10.85
N PHE F 418 7.11 -11.93 11.80
CA PHE F 418 6.24 -11.79 13.01
C PHE F 418 7.11 -11.54 14.25
N ARG F 419 8.35 -11.09 14.04
CA ARG F 419 9.29 -10.60 15.10
C ARG F 419 8.54 -9.58 15.95
N PRO F 420 8.68 -9.63 17.29
CA PRO F 420 7.86 -8.80 18.18
C PRO F 420 8.19 -7.31 18.17
N GLU F 421 9.43 -6.95 17.86
CA GLU F 421 9.88 -5.54 17.88
C GLU F 421 9.81 -5.02 16.44
N ARG F 422 8.75 -4.26 16.14
CA ARG F 422 8.39 -3.92 14.75
C ARG F 422 7.49 -2.70 14.76
N ASP F 423 7.54 -1.96 13.66
CA ASP F 423 6.45 -1.05 13.26
C ASP F 423 5.17 -1.89 13.16
N LEU F 424 4.01 -1.32 13.43
CA LEU F 424 2.72 -2.01 13.20
C LEU F 424 2.65 -2.45 11.74
N ILE F 425 2.27 -3.70 11.51
CA ILE F 425 2.00 -4.25 10.15
C ILE F 425 0.74 -3.57 9.61
N SER F 426 0.74 -3.23 8.32
CA SER F 426 -0.46 -2.80 7.55
C SER F 426 -0.76 -3.87 6.50
N ALA F 427 -1.44 -4.94 6.87
CA ALA F 427 -1.64 -6.14 6.02
C ALA F 427 -2.78 -5.90 5.01
N TRP F 428 -3.61 -4.89 5.24
CA TRP F 428 -4.79 -4.55 4.39
C TRP F 428 -4.87 -3.03 4.18
N SER F 429 -5.42 -2.62 3.03
CA SER F 429 -5.81 -1.22 2.76
C SER F 429 -6.92 -0.81 3.73
N ARG F 430 -7.00 0.49 4.02
CA ARG F 430 -8.08 1.09 4.83
C ARG F 430 -9.44 0.72 4.20
N GLU F 431 -9.51 0.75 2.87
CA GLU F 431 -10.75 0.42 2.11
C GLU F 431 -11.17 -1.03 2.39
N GLU F 432 -10.23 -1.99 2.34
CA GLU F 432 -10.51 -3.42 2.59
C GLU F 432 -11.08 -3.57 4.01
N ILE F 433 -10.46 -2.91 4.98
CA ILE F 433 -10.85 -3.01 6.41
C ILE F 433 -12.24 -2.39 6.61
N LEU F 434 -12.51 -1.25 5.98
CA LEU F 434 -13.83 -0.58 6.11
C LEU F 434 -14.92 -1.47 5.49
N ASP F 435 -14.65 -2.11 4.34
CA ASP F 435 -15.60 -3.09 3.75
C ASP F 435 -15.83 -4.22 4.76
N ASP F 436 -14.76 -4.72 5.37
CA ASP F 436 -14.78 -5.88 6.30
C ASP F 436 -15.59 -5.51 7.56
N VAL F 437 -15.36 -4.35 8.15
CA VAL F 437 -15.97 -3.99 9.46
C VAL F 437 -17.49 -3.86 9.29
N VAL F 438 -17.95 -3.32 8.16
CA VAL F 438 -19.42 -3.16 7.91
C VAL F 438 -20.03 -4.55 7.70
N ARG F 439 -19.37 -5.38 6.91
CA ARG F 439 -19.82 -6.77 6.63
C ARG F 439 -19.92 -7.57 7.95
N HIS F 440 -18.90 -7.47 8.82
CA HIS F 440 -18.86 -8.16 10.12
C HIS F 440 -19.96 -7.60 11.04
N THR F 441 -20.18 -6.29 11.03
CA THR F 441 -21.26 -5.67 11.82
C THR F 441 -22.60 -6.28 11.39
N MET F 442 -22.87 -6.33 10.10
CA MET F 442 -24.12 -6.88 9.55
C MET F 442 -24.22 -8.38 9.91
N ALA F 443 -23.09 -9.10 9.89
CA ALA F 443 -23.05 -10.54 10.22
C ALA F 443 -23.51 -10.78 11.67
N THR F 444 -23.32 -9.83 12.60
CA THR F 444 -23.80 -10.02 13.99
C THR F 444 -25.34 -10.12 13.98
N GLY F 445 -26.00 -9.49 13.00
CA GLY F 445 -27.46 -9.59 12.84
C GLY F 445 -27.85 -10.93 12.27
N TYR F 446 -27.26 -11.32 11.15
CA TYR F 446 -27.61 -12.57 10.43
C TYR F 446 -27.27 -13.79 11.28
N GLU F 447 -26.28 -13.71 12.18
CA GLU F 447 -25.85 -14.88 13.00
C GLU F 447 -26.79 -15.05 14.20
N PHE F 448 -27.57 -14.03 14.56
CA PHE F 448 -28.40 -14.02 15.78
C PHE F 448 -29.39 -15.19 15.80
N PRO F 449 -30.20 -15.47 14.75
CA PRO F 449 -30.38 -14.62 13.57
C PRO F 449 -31.54 -13.67 13.85
N TRP F 450 -31.42 -12.46 13.35
CA TRP F 450 -32.51 -11.45 13.49
C TRP F 450 -33.65 -11.75 12.51
N ARG F 451 -34.78 -11.11 12.75
CA ARG F 451 -35.91 -11.06 11.80
C ARG F 451 -36.35 -9.60 11.71
N LEU F 452 -36.15 -8.97 10.56
CA LEU F 452 -36.47 -7.52 10.41
C LEU F 452 -37.05 -7.27 9.05
N PRO F 453 -37.66 -6.08 8.86
CA PRO F 453 -38.18 -5.69 7.55
C PRO F 453 -37.06 -5.80 6.51
N LEU F 454 -37.42 -6.19 5.30
CA LEU F 454 -36.41 -6.54 4.27
C LEU F 454 -35.59 -5.32 3.81
N GLU F 455 -36.06 -4.10 4.01
CA GLU F 455 -35.33 -2.86 3.60
C GLU F 455 -34.35 -2.44 4.71
N TRP F 456 -34.49 -2.93 5.92
CA TRP F 456 -33.71 -2.42 7.08
C TRP F 456 -32.23 -2.73 6.90
N PRO F 457 -31.81 -3.96 6.54
CA PRO F 457 -30.38 -4.25 6.38
C PRO F 457 -29.64 -3.30 5.42
N HIS F 458 -30.20 -3.05 4.24
CA HIS F 458 -29.57 -2.13 3.25
C HIS F 458 -29.44 -0.74 3.88
N MET F 459 -30.47 -0.26 4.59
CA MET F 459 -30.42 1.06 5.26
C MET F 459 -29.30 1.06 6.32
N MET F 460 -29.22 0.02 7.15
N MET F 460 -29.21 0.02 7.14
CA MET F 460 -28.18 -0.07 8.22
CA MET F 460 -28.17 0.00 8.20
C MET F 460 -26.79 -0.06 7.56
C MET F 460 -26.79 -0.08 7.56
N GLU F 461 -26.60 -0.86 6.49
CA GLU F 461 -25.31 -0.94 5.76
C GLU F 461 -24.91 0.46 5.29
N THR F 462 -25.83 1.21 4.68
CA THR F 462 -25.54 2.56 4.14
C THR F 462 -25.15 3.48 5.31
N PHE F 463 -25.81 3.39 6.46
CA PHE F 463 -25.58 4.31 7.61
C PHE F 463 -24.40 3.88 8.49
N LEU F 464 -23.87 2.66 8.31
CA LEU F 464 -22.66 2.20 9.05
C LEU F 464 -21.39 2.71 8.38
N GLN F 465 -21.39 2.90 7.07
CA GLN F 465 -20.16 3.16 6.28
C GLN F 465 -19.50 4.46 6.75
N GLY F 466 -20.29 5.54 6.87
CA GLY F 466 -19.81 6.89 7.23
C GLY F 466 -19.12 6.94 8.59
N PRO F 467 -19.79 6.52 9.68
CA PRO F 467 -19.16 6.51 11.00
C PRO F 467 -17.85 5.71 11.09
N PHE F 468 -17.75 4.56 10.43
CA PHE F 468 -16.49 3.75 10.47
C PHE F 468 -15.41 4.45 9.65
N ALA F 469 -15.75 5.02 8.49
CA ALA F 469 -14.81 5.79 7.63
C ALA F 469 -14.26 6.99 8.43
N GLU F 470 -15.13 7.68 9.18
CA GLU F 470 -14.79 8.87 10.00
C GLU F 470 -13.82 8.43 11.12
N LEU F 471 -14.09 7.31 11.78
CA LEU F 471 -13.25 6.79 12.88
C LEU F 471 -11.87 6.45 12.33
N ALA F 472 -11.79 5.69 11.23
CA ALA F 472 -10.51 5.24 10.62
C ALA F 472 -9.67 6.47 10.27
N ASP F 473 -10.29 7.51 9.73
CA ASP F 473 -9.58 8.73 9.26
C ASP F 473 -9.06 9.52 10.47
N ARG F 474 -9.82 9.50 11.56
CA ARG F 474 -9.52 10.22 12.83
C ARG F 474 -8.38 9.54 13.59
N LEU F 475 -8.28 8.20 13.53
CA LEU F 475 -7.34 7.46 14.42
C LEU F 475 -5.90 7.76 14.02
N SER F 476 -5.62 7.81 12.72
CA SER F 476 -4.24 7.85 12.17
C SER F 476 -4.29 8.09 10.65
N ASP F 477 -3.27 8.77 10.11
CA ASP F 477 -3.11 8.98 8.65
C ASP F 477 -2.41 7.76 8.03
N THR F 478 -1.84 6.84 8.83
CA THR F 478 -1.04 5.71 8.29
C THR F 478 -1.60 4.36 8.74
N TYR F 479 -1.95 4.19 10.02
CA TYR F 479 -2.38 2.87 10.57
C TYR F 479 -3.91 2.77 10.55
N THR F 480 -4.40 1.57 10.25
CA THR F 480 -5.83 1.19 10.38
C THR F 480 -5.94 -0.09 11.22
N PRO F 481 -6.66 -0.05 12.36
CA PRO F 481 -6.87 -1.27 13.15
C PRO F 481 -7.68 -2.27 12.31
N PRO F 482 -7.40 -3.59 12.43
CA PRO F 482 -8.24 -4.61 11.82
C PRO F 482 -9.67 -4.51 12.36
N ALA F 483 -10.64 -5.03 11.61
CA ALA F 483 -12.09 -4.90 11.92
C ALA F 483 -12.39 -5.26 13.38
N ASP F 484 -11.83 -6.36 13.89
CA ASP F 484 -12.14 -6.89 15.25
C ASP F 484 -11.77 -5.82 16.28
N LEU F 485 -10.67 -5.11 16.07
CA LEU F 485 -10.25 -4.00 16.97
C LEU F 485 -11.03 -2.72 16.63
N MET F 486 -11.27 -2.44 15.36
CA MET F 486 -11.96 -1.19 14.94
C MET F 486 -13.35 -1.14 15.60
N THR F 487 -14.09 -2.26 15.65
CA THR F 487 -15.43 -2.27 16.29
C THR F 487 -15.27 -1.98 17.79
N ALA F 488 -14.30 -2.58 18.46
CA ALA F 488 -14.05 -2.32 19.90
C ALA F 488 -13.77 -0.82 20.10
N ILE F 489 -12.98 -0.19 19.22
CA ILE F 489 -12.61 1.25 19.37
C ILE F 489 -13.85 2.11 19.13
N MET F 490 -14.65 1.77 18.11
CA MET F 490 -15.89 2.50 17.76
C MET F 490 -16.78 2.66 19.01
N PHE F 491 -16.92 1.60 19.81
CA PHE F 491 -17.87 1.57 20.96
C PHE F 491 -17.14 1.80 22.29
N SER F 492 -15.88 2.26 22.26
CA SER F 492 -15.11 2.59 23.48
C SER F 492 -15.37 4.06 23.87
N GLU F 493 -14.94 4.47 25.05
CA GLU F 493 -15.06 5.86 25.56
C GLU F 493 -14.17 6.80 24.72
N ARG F 494 -14.58 8.07 24.61
CA ARG F 494 -13.84 9.14 23.89
C ARG F 494 -12.38 9.15 24.38
N GLU F 495 -12.15 9.05 25.69
CA GLU F 495 -10.81 9.08 26.32
C GLU F 495 -9.96 7.90 25.81
N GLN F 496 -10.58 6.72 25.65
CA GLN F 496 -9.87 5.51 25.16
C GLN F 496 -9.50 5.69 23.68
N GLN F 497 -10.37 6.31 22.89
CA GLN F 497 -10.12 6.58 21.45
C GLN F 497 -8.96 7.58 21.34
N ASP F 498 -8.97 8.63 22.15
CA ASP F 498 -7.96 9.71 22.16
C ASP F 498 -6.59 9.11 22.52
N GLU F 499 -6.56 8.22 23.52
CA GLU F 499 -5.32 7.55 23.97
C GLU F 499 -4.77 6.70 22.80
N LEU F 500 -5.63 6.05 22.02
CA LEU F 500 -5.18 5.23 20.85
C LEU F 500 -4.64 6.15 19.76
N ILE F 501 -5.25 7.32 19.54
CA ILE F 501 -4.78 8.31 18.53
C ILE F 501 -3.34 8.69 18.91
N ALA F 502 -3.08 8.98 20.19
CA ALA F 502 -1.76 9.33 20.76
C ALA F 502 -0.79 8.17 20.57
N TYR F 503 -1.20 6.93 20.90
CA TYR F 503 -0.39 5.69 20.72
C TYR F 503 0.07 5.59 19.26
N TYR F 504 -0.86 5.67 18.31
CA TYR F 504 -0.56 5.51 16.87
C TYR F 504 0.43 6.61 16.44
N ALA F 505 0.25 7.83 16.94
CA ALA F 505 1.12 8.99 16.62
C ALA F 505 2.53 8.74 17.16
N ASP F 506 2.65 8.22 18.39
CA ASP F 506 3.93 7.88 19.06
C ASP F 506 4.63 6.73 18.31
N VAL F 507 3.87 5.75 17.80
CA VAL F 507 4.44 4.63 16.99
C VAL F 507 4.99 5.21 15.68
N HIS F 508 4.24 6.09 15.02
CA HIS F 508 4.65 6.65 13.69
C HIS F 508 5.98 7.41 13.88
N ARG F 509 6.04 8.23 14.92
CA ARG F 509 7.22 9.04 15.34
C ARG F 509 8.42 8.12 15.58
N GLU F 510 8.22 6.98 16.26
CA GLU F 510 9.30 6.02 16.59
C GLU F 510 9.88 5.41 15.31
N TRP F 511 9.06 5.07 14.33
CA TRP F 511 9.47 4.19 13.19
C TRP F 511 9.67 4.99 11.90
N HIS F 512 9.32 6.27 11.85
CA HIS F 512 9.36 7.09 10.60
C HIS F 512 10.06 8.43 10.88
N GLN G 31 -74.53 -39.09 -36.61
CA GLN G 31 -74.22 -38.13 -35.52
C GLN G 31 -72.75 -38.27 -35.14
N THR G 32 -71.87 -37.60 -35.88
CA THR G 32 -70.39 -37.70 -35.76
C THR G 32 -69.83 -36.39 -35.18
N ASP G 33 -70.71 -35.49 -34.73
CA ASP G 33 -70.34 -34.20 -34.08
C ASP G 33 -69.61 -34.49 -32.75
N VAL G 34 -68.64 -33.65 -32.40
CA VAL G 34 -67.92 -33.72 -31.10
C VAL G 34 -68.20 -32.45 -30.30
N ILE G 35 -68.57 -32.60 -29.03
CA ILE G 35 -68.66 -31.46 -28.07
C ILE G 35 -67.56 -31.64 -27.02
N VAL G 36 -66.71 -30.61 -26.88
CA VAL G 36 -65.73 -30.51 -25.76
C VAL G 36 -66.36 -29.62 -24.69
N VAL G 37 -66.55 -30.16 -23.49
CA VAL G 37 -67.08 -29.38 -22.34
C VAL G 37 -65.88 -28.86 -21.53
N GLY G 38 -65.58 -27.57 -21.66
CA GLY G 38 -64.52 -26.92 -20.86
C GLY G 38 -63.52 -26.20 -21.75
N ASN G 39 -63.08 -25.02 -21.32
CA ASN G 39 -62.28 -24.07 -22.15
C ASN G 39 -61.00 -23.70 -21.39
N GLY G 40 -60.49 -24.61 -20.56
CA GLY G 40 -59.14 -24.51 -19.99
C GLY G 40 -58.14 -25.06 -20.98
N VAL G 41 -56.91 -25.29 -20.52
CA VAL G 41 -55.84 -25.85 -21.38
C VAL G 41 -56.26 -27.23 -21.91
N LEU G 42 -56.90 -28.07 -21.10
CA LEU G 42 -57.20 -29.47 -21.50
C LEU G 42 -58.29 -29.47 -22.56
N GLY G 43 -59.40 -28.76 -22.34
CA GLY G 43 -60.50 -28.68 -23.32
C GLY G 43 -60.02 -28.13 -24.65
N LEU G 44 -59.33 -26.99 -24.63
CA LEU G 44 -58.85 -26.32 -25.86
C LEU G 44 -57.80 -27.18 -26.56
N SER G 45 -56.93 -27.85 -25.81
CA SER G 45 -55.85 -28.70 -26.38
C SER G 45 -56.48 -29.89 -27.11
N VAL G 46 -57.46 -30.55 -26.49
CA VAL G 46 -58.17 -31.71 -27.11
C VAL G 46 -59.00 -31.17 -28.29
N GLY G 47 -59.65 -30.01 -28.14
CA GLY G 47 -60.38 -29.32 -29.22
C GLY G 47 -59.54 -29.13 -30.46
N VAL G 48 -58.35 -28.53 -30.28
CA VAL G 48 -57.37 -28.28 -31.38
C VAL G 48 -57.00 -29.61 -32.04
N GLU G 49 -56.67 -30.63 -31.26
CA GLU G 49 -56.18 -31.93 -31.79
C GLU G 49 -57.31 -32.61 -32.60
N ILE G 50 -58.54 -32.59 -32.08
CA ILE G 50 -59.73 -33.17 -32.78
C ILE G 50 -59.98 -32.41 -34.09
N ALA G 51 -60.09 -31.08 -34.01
CA ALA G 51 -60.36 -30.19 -35.16
C ALA G 51 -59.33 -30.44 -36.26
N ARG G 52 -58.05 -30.53 -35.91
CA ARG G 52 -56.93 -30.65 -36.87
C ARG G 52 -56.90 -32.04 -37.51
N THR G 53 -57.26 -33.10 -36.77
CA THR G 53 -57.06 -34.51 -37.23
C THR G 53 -58.34 -35.06 -37.85
N ARG G 54 -59.51 -34.46 -37.58
CA ARG G 54 -60.81 -34.86 -38.20
C ARG G 54 -61.46 -33.64 -38.86
N PRO G 55 -60.92 -33.14 -40.01
CA PRO G 55 -61.48 -31.96 -40.67
C PRO G 55 -62.91 -32.19 -41.20
N ASP G 56 -63.32 -33.45 -41.31
CA ASP G 56 -64.65 -33.89 -41.80
C ASP G 56 -65.72 -33.69 -40.73
N VAL G 57 -65.35 -33.53 -39.45
CA VAL G 57 -66.34 -33.52 -38.32
C VAL G 57 -66.43 -32.10 -37.73
N ARG G 58 -67.63 -31.78 -37.23
CA ARG G 58 -67.97 -30.57 -36.47
C ARG G 58 -67.53 -30.72 -35.00
N VAL G 59 -66.63 -29.85 -34.54
CA VAL G 59 -66.18 -29.85 -33.12
C VAL G 59 -66.58 -28.51 -32.51
N THR G 60 -67.40 -28.55 -31.45
CA THR G 60 -67.90 -27.40 -30.69
C THR G 60 -67.30 -27.45 -29.28
N LEU G 61 -66.73 -26.33 -28.81
CA LEU G 61 -66.13 -26.25 -27.46
C LEU G 61 -66.96 -25.28 -26.60
N LEU G 62 -67.40 -25.75 -25.44
CA LEU G 62 -68.24 -25.00 -24.45
C LEU G 62 -67.35 -24.38 -23.37
N GLY G 63 -67.84 -23.30 -22.75
CA GLY G 63 -67.14 -22.57 -21.67
C GLY G 63 -67.14 -21.08 -21.91
N LYS G 64 -67.07 -20.28 -20.84
CA LYS G 64 -67.26 -18.81 -20.85
C LYS G 64 -65.93 -18.10 -20.58
N PRO G 65 -65.77 -16.86 -21.11
CA PRO G 65 -64.51 -16.12 -20.98
C PRO G 65 -64.07 -15.86 -19.54
N ALA G 66 -65.00 -15.79 -18.58
CA ALA G 66 -64.69 -15.56 -17.14
C ALA G 66 -63.86 -16.72 -16.59
N ARG G 67 -64.02 -17.93 -17.15
CA ARG G 67 -63.29 -19.15 -16.70
C ARG G 67 -63.34 -19.23 -15.17
N GLN G 68 -64.55 -19.29 -14.61
CA GLN G 68 -64.76 -19.33 -13.13
C GLN G 68 -63.99 -20.52 -12.55
N TYR G 69 -63.22 -20.27 -11.48
CA TYR G 69 -62.37 -21.24 -10.74
C TYR G 69 -61.31 -21.86 -11.64
N GLY G 70 -61.06 -21.28 -12.82
CA GLY G 70 -60.15 -21.87 -13.82
C GLY G 70 -58.72 -21.99 -13.30
N ALA G 71 -58.17 -23.20 -13.32
CA ALA G 71 -56.77 -23.47 -12.95
C ALA G 71 -55.82 -22.79 -13.95
N THR G 72 -56.07 -22.95 -15.26
CA THR G 72 -55.11 -22.58 -16.33
C THR G 72 -54.74 -21.09 -16.23
N PRO G 73 -55.69 -20.13 -16.18
CA PRO G 73 -55.33 -18.71 -16.18
C PRO G 73 -54.59 -18.27 -14.91
N ALA G 74 -54.69 -19.04 -13.82
CA ALA G 74 -54.00 -18.75 -12.54
C ALA G 74 -52.59 -19.38 -12.52
N ALA G 75 -52.23 -20.13 -13.56
CA ALA G 75 -50.94 -20.86 -13.67
C ALA G 75 -49.90 -19.93 -14.31
N GLY G 76 -48.63 -20.18 -13.98
CA GLY G 76 -47.48 -19.35 -14.40
C GLY G 76 -47.28 -19.34 -15.91
N ALA G 77 -46.95 -20.50 -16.48
CA ALA G 77 -46.98 -21.81 -15.84
C ALA G 77 -45.68 -22.52 -16.14
N MET G 78 -45.25 -23.37 -15.21
CA MET G 78 -44.05 -24.22 -15.40
C MET G 78 -44.43 -25.46 -16.23
N LEU G 79 -43.59 -25.83 -17.19
CA LEU G 79 -43.67 -27.15 -17.88
C LEU G 79 -42.92 -28.14 -16.98
N GLY G 80 -43.54 -28.43 -15.84
CA GLY G 80 -42.91 -29.12 -14.70
C GLY G 80 -43.04 -30.61 -14.87
N ALA G 81 -41.88 -31.25 -15.01
CA ALA G 81 -41.69 -32.72 -15.07
C ALA G 81 -40.74 -33.09 -13.93
N PHE G 82 -39.47 -32.77 -14.08
CA PHE G 82 -38.42 -33.08 -13.07
C PHE G 82 -38.57 -32.18 -11.84
N GLY G 83 -38.99 -30.92 -12.01
CA GLY G 83 -39.23 -30.01 -10.88
C GLY G 83 -40.36 -30.50 -9.98
N GLU G 84 -41.28 -31.32 -10.51
CA GLU G 84 -42.44 -31.86 -9.77
C GLU G 84 -42.08 -33.15 -9.02
N VAL G 85 -40.86 -33.66 -9.16
CA VAL G 85 -40.46 -34.94 -8.53
C VAL G 85 -40.40 -34.76 -7.01
N THR G 86 -41.01 -35.69 -6.29
CA THR G 86 -40.86 -35.87 -4.82
C THR G 86 -40.43 -37.32 -4.56
N ALA G 87 -39.72 -37.54 -3.46
CA ALA G 87 -39.37 -38.89 -2.96
C ALA G 87 -40.67 -39.70 -2.81
N HIS G 88 -41.71 -39.10 -2.23
CA HIS G 88 -43.00 -39.76 -1.92
C HIS G 88 -43.70 -40.22 -3.21
N ALA G 89 -43.74 -39.38 -4.25
CA ALA G 89 -44.34 -39.72 -5.57
C ALA G 89 -43.63 -40.94 -6.16
N LEU G 90 -42.30 -40.90 -6.23
CA LEU G 90 -41.47 -41.93 -6.91
C LEU G 90 -41.33 -43.21 -6.06
N ALA G 91 -41.82 -43.20 -4.82
CA ALA G 91 -41.85 -44.40 -3.94
C ALA G 91 -43.03 -45.29 -4.32
N SER G 92 -44.03 -44.80 -5.06
CA SER G 92 -45.25 -45.56 -5.44
C SER G 92 -45.24 -45.89 -6.94
N GLU G 93 -45.79 -47.03 -7.32
CA GLU G 93 -45.89 -47.45 -8.74
C GLU G 93 -46.71 -46.39 -9.51
N HIS G 94 -47.84 -45.95 -8.96
CA HIS G 94 -48.74 -44.96 -9.62
C HIS G 94 -47.97 -43.63 -9.79
N GLY G 95 -47.21 -43.22 -8.78
CA GLY G 95 -46.39 -41.98 -8.87
C GLY G 95 -45.32 -42.08 -9.94
N ARG G 96 -44.67 -43.23 -10.07
CA ARG G 96 -43.64 -43.45 -11.13
C ARG G 96 -44.30 -43.40 -12.51
N LYS G 97 -45.50 -43.96 -12.66
CA LYS G 97 -46.28 -43.94 -13.94
C LYS G 97 -46.62 -42.49 -14.30
N LYS G 98 -47.12 -41.71 -13.34
CA LYS G 98 -47.45 -40.27 -13.53
C LYS G 98 -46.18 -39.54 -13.98
N HIS G 99 -45.03 -39.81 -13.35
CA HIS G 99 -43.74 -39.16 -13.67
C HIS G 99 -43.32 -39.48 -15.10
N ALA G 100 -43.40 -40.74 -15.52
CA ALA G 100 -43.04 -41.18 -16.89
C ALA G 100 -43.85 -40.34 -17.88
N LEU G 101 -45.14 -40.15 -17.65
CA LEU G 101 -46.04 -39.37 -18.54
C LEU G 101 -45.60 -37.92 -18.62
N ALA G 102 -45.23 -37.31 -17.49
CA ALA G 102 -44.70 -35.93 -17.44
C ALA G 102 -43.45 -35.83 -18.30
N VAL G 103 -42.55 -36.82 -18.21
CA VAL G 103 -41.28 -36.80 -19.00
C VAL G 103 -41.64 -36.92 -20.49
N GLN G 104 -42.61 -37.76 -20.85
CA GLN G 104 -43.07 -37.98 -22.24
C GLN G 104 -43.67 -36.67 -22.78
N ALA G 105 -44.50 -36.00 -21.99
CA ALA G 105 -45.16 -34.74 -22.38
C ALA G 105 -44.13 -33.68 -22.75
N GLN G 106 -43.02 -33.58 -22.01
CA GLN G 106 -41.97 -32.53 -22.18
C GLN G 106 -41.42 -32.63 -23.61
N ARG G 107 -41.31 -33.83 -24.18
CA ARG G 107 -40.77 -34.04 -25.54
C ARG G 107 -41.68 -33.40 -26.59
N LEU G 108 -42.99 -33.30 -26.32
CA LEU G 108 -44.00 -32.81 -27.28
C LEU G 108 -44.02 -31.27 -27.32
N TRP G 109 -43.54 -30.58 -26.29
CA TRP G 109 -43.80 -29.12 -26.11
C TRP G 109 -43.18 -28.27 -27.22
N PRO G 110 -41.90 -28.48 -27.63
CA PRO G 110 -41.30 -27.63 -28.65
C PRO G 110 -42.12 -27.56 -29.97
N GLU G 111 -42.54 -28.70 -30.51
CA GLU G 111 -43.31 -28.78 -31.78
C GLU G 111 -44.76 -28.36 -31.55
N TRP G 112 -45.33 -28.62 -30.38
CA TRP G 112 -46.70 -28.17 -30.01
C TRP G 112 -46.74 -26.64 -30.05
N ILE G 113 -45.76 -25.98 -29.41
CA ILE G 113 -45.66 -24.49 -29.37
C ILE G 113 -45.47 -23.96 -30.80
N GLU G 114 -44.57 -24.57 -31.58
CA GLU G 114 -44.34 -24.18 -33.00
C GLU G 114 -45.68 -24.20 -33.75
N SER G 115 -46.48 -25.25 -33.58
CA SER G 115 -47.76 -25.49 -34.30
C SER G 115 -48.82 -24.47 -33.86
N LEU G 116 -48.75 -23.98 -32.62
CA LEU G 116 -49.73 -23.00 -32.08
C LEU G 116 -49.33 -21.59 -32.49
N GLU G 117 -48.04 -21.26 -32.43
CA GLU G 117 -47.52 -19.93 -32.80
C GLU G 117 -47.64 -19.75 -34.32
N ALA G 118 -47.60 -20.83 -35.09
CA ALA G 118 -47.71 -20.86 -36.57
C ALA G 118 -49.02 -20.19 -37.02
N THR G 119 -50.09 -20.28 -36.21
CA THR G 119 -51.43 -19.72 -36.56
C THR G 119 -51.48 -18.23 -36.23
N GLY G 120 -50.44 -17.66 -35.63
CA GLY G 120 -50.40 -16.25 -35.22
C GLY G 120 -49.27 -15.49 -35.90
N THR G 121 -48.97 -14.29 -35.42
CA THR G 121 -47.82 -13.44 -35.84
C THR G 121 -47.04 -13.02 -34.59
N ALA G 122 -45.87 -12.39 -34.78
CA ALA G 122 -44.97 -11.93 -33.70
C ALA G 122 -45.75 -11.12 -32.65
N ALA G 123 -46.71 -10.29 -33.09
CA ALA G 123 -47.45 -9.32 -32.26
C ALA G 123 -48.39 -10.02 -31.28
N ASP G 124 -48.66 -11.31 -31.46
CA ASP G 124 -49.51 -12.12 -30.54
C ASP G 124 -48.75 -12.43 -29.24
N GLY G 125 -47.43 -12.24 -29.25
CA GLY G 125 -46.57 -12.56 -28.10
C GLY G 125 -46.11 -13.99 -28.20
N ARG G 126 -45.18 -14.36 -27.33
CA ARG G 126 -44.50 -15.68 -27.36
C ARG G 126 -45.10 -16.54 -26.25
N ILE G 127 -45.43 -17.78 -26.55
CA ILE G 127 -45.99 -18.74 -25.55
C ILE G 127 -44.89 -19.05 -24.52
N LYS G 128 -43.67 -19.31 -24.97
CA LYS G 128 -42.54 -19.71 -24.11
C LYS G 128 -41.96 -18.47 -23.42
N THR G 129 -41.78 -18.52 -22.09
CA THR G 129 -41.18 -17.39 -21.31
C THR G 129 -39.82 -17.77 -20.72
N ALA G 130 -39.47 -19.05 -20.69
CA ALA G 130 -38.15 -19.55 -20.26
C ALA G 130 -37.94 -20.96 -20.80
N ASP G 131 -36.68 -21.32 -21.08
CA ASP G 131 -36.30 -22.66 -21.58
C ASP G 131 -35.87 -23.58 -20.44
N ASP G 132 -35.33 -22.98 -19.37
CA ASP G 132 -34.61 -23.72 -18.30
C ASP G 132 -35.22 -23.36 -16.95
N THR G 133 -34.93 -24.20 -15.95
CA THR G 133 -35.40 -24.06 -14.56
C THR G 133 -34.20 -24.20 -13.63
N VAL G 134 -34.13 -23.37 -12.61
CA VAL G 134 -33.19 -23.57 -11.49
C VAL G 134 -34.03 -23.96 -10.26
N VAL G 135 -33.73 -25.13 -9.67
CA VAL G 135 -34.32 -25.59 -8.40
C VAL G 135 -33.37 -25.15 -7.29
N LEU G 136 -33.89 -24.43 -6.31
CA LEU G 136 -33.11 -23.88 -5.17
C LEU G 136 -33.41 -24.71 -3.93
N LEU G 137 -32.39 -24.97 -3.13
CA LEU G 137 -32.53 -25.63 -1.83
C LEU G 137 -32.09 -24.64 -0.75
N ASN G 138 -33.06 -24.26 0.07
CA ASN G 138 -32.82 -23.39 1.26
C ASN G 138 -33.33 -24.16 2.48
N THR G 139 -33.24 -23.57 3.68
CA THR G 139 -33.63 -24.27 4.92
C THR G 139 -34.95 -23.69 5.46
N VAL G 140 -35.74 -23.01 4.62
CA VAL G 140 -37.07 -22.48 5.02
C VAL G 140 -38.11 -23.56 4.74
N GLY G 141 -37.95 -24.69 5.42
CA GLY G 141 -38.77 -25.86 5.16
C GLY G 141 -38.29 -27.05 5.95
N HIS G 142 -39.04 -28.13 5.84
CA HIS G 142 -38.79 -29.41 6.54
C HIS G 142 -37.69 -30.16 5.78
N SER G 143 -36.65 -30.57 6.49
CA SER G 143 -35.60 -31.46 5.92
C SER G 143 -36.26 -32.73 5.34
N ALA G 144 -37.29 -33.25 5.97
CA ALA G 144 -37.96 -34.52 5.59
C ALA G 144 -38.68 -34.38 4.24
N LEU G 145 -39.03 -33.16 3.83
CA LEU G 145 -39.56 -32.92 2.46
C LEU G 145 -38.41 -32.39 1.57
N ASP G 146 -37.86 -31.22 1.89
CA ASP G 146 -36.97 -30.48 0.95
C ASP G 146 -35.66 -31.26 0.69
N ASP G 147 -35.02 -31.84 1.71
CA ASP G 147 -33.73 -32.55 1.49
C ASP G 147 -34.02 -33.84 0.70
N ALA G 148 -35.04 -34.60 1.09
CA ALA G 148 -35.44 -35.86 0.42
C ALA G 148 -35.81 -35.58 -1.04
N ASN G 149 -36.52 -34.46 -1.28
CA ASN G 149 -37.05 -34.14 -2.64
C ASN G 149 -35.91 -33.70 -3.54
N PHE G 150 -34.95 -32.92 -3.03
CA PHE G 150 -33.79 -32.46 -3.82
C PHE G 150 -32.99 -33.68 -4.32
N ALA G 151 -32.75 -34.63 -3.41
CA ALA G 151 -32.07 -35.91 -3.74
C ALA G 151 -32.89 -36.67 -4.80
N ALA G 152 -34.23 -36.72 -4.67
CA ALA G 152 -35.12 -37.46 -5.59
C ALA G 152 -35.08 -36.84 -6.99
N VAL G 153 -35.05 -35.50 -7.07
CA VAL G 153 -34.99 -34.75 -8.37
C VAL G 153 -33.67 -35.10 -9.06
N LEU G 154 -32.55 -35.03 -8.34
CA LEU G 154 -31.21 -35.36 -8.90
C LEU G 154 -31.23 -36.79 -9.44
N THR G 155 -31.78 -37.73 -8.68
CA THR G 155 -31.82 -39.17 -9.08
C THR G 155 -32.67 -39.33 -10.36
N ALA G 156 -33.86 -38.73 -10.38
CA ALA G 156 -34.81 -38.84 -11.51
C ALA G 156 -34.20 -38.26 -12.78
N LEU G 157 -33.49 -37.13 -12.68
CA LEU G 157 -32.80 -36.50 -13.84
C LEU G 157 -31.75 -37.49 -14.39
N LYS G 158 -30.93 -38.06 -13.52
CA LYS G 158 -29.85 -39.00 -13.94
C LYS G 158 -30.47 -40.25 -14.56
N GLU G 159 -31.52 -40.80 -13.96
CA GLU G 159 -32.23 -42.01 -14.47
C GLU G 159 -32.77 -41.75 -15.88
N ALA G 160 -33.29 -40.54 -16.15
CA ALA G 160 -33.92 -40.17 -17.43
C ALA G 160 -32.86 -39.76 -18.47
N ASN G 161 -31.57 -39.69 -18.10
CA ASN G 161 -30.51 -39.18 -18.99
C ASN G 161 -30.84 -37.73 -19.40
N ALA G 162 -31.48 -36.96 -18.52
CA ALA G 162 -31.89 -35.55 -18.80
C ALA G 162 -30.69 -34.63 -18.60
N PRO G 163 -30.51 -33.60 -19.46
CA PRO G 163 -29.43 -32.63 -19.26
C PRO G 163 -29.71 -31.75 -18.05
N HIS G 164 -28.72 -31.64 -17.16
CA HIS G 164 -28.84 -30.85 -15.90
C HIS G 164 -27.45 -30.70 -15.31
N GLU G 165 -27.28 -29.74 -14.40
CA GLU G 165 -26.00 -29.51 -13.67
C GLU G 165 -26.36 -28.96 -12.28
N GLU G 166 -25.76 -29.49 -11.23
CA GLU G 166 -25.70 -28.79 -9.93
C GLU G 166 -24.73 -27.63 -10.10
N ILE G 167 -25.15 -26.43 -9.77
CA ILE G 167 -24.38 -25.18 -10.01
C ILE G 167 -24.13 -24.48 -8.68
N ALA G 168 -23.11 -23.63 -8.64
CA ALA G 168 -22.84 -22.75 -7.49
C ALA G 168 -24.03 -21.79 -7.36
N VAL G 169 -24.50 -21.56 -6.13
CA VAL G 169 -25.63 -20.62 -5.89
C VAL G 169 -25.22 -19.22 -6.36
N GLU G 170 -23.94 -18.86 -6.19
CA GLU G 170 -23.42 -17.53 -6.61
C GLU G 170 -23.59 -17.37 -8.14
N SER G 171 -23.71 -18.45 -8.89
CA SER G 171 -23.87 -18.40 -10.37
C SER G 171 -25.34 -18.23 -10.76
N VAL G 172 -26.28 -18.32 -9.82
CA VAL G 172 -27.73 -18.09 -10.15
C VAL G 172 -27.92 -16.58 -10.30
N ASP G 173 -28.23 -16.14 -11.51
CA ASP G 173 -28.37 -14.70 -11.84
C ASP G 173 -29.67 -14.19 -11.18
N TRP G 174 -29.71 -12.90 -10.94
CA TRP G 174 -30.92 -12.10 -10.61
C TRP G 174 -31.28 -12.21 -9.12
N ILE G 175 -31.30 -13.42 -8.53
CA ILE G 175 -31.86 -13.62 -7.16
C ILE G 175 -31.14 -12.72 -6.15
N ASP G 176 -31.87 -12.27 -5.13
CA ASP G 176 -31.32 -11.45 -4.04
C ASP G 176 -32.08 -11.81 -2.76
N PRO G 177 -31.89 -13.05 -2.25
CA PRO G 177 -32.62 -13.47 -1.07
C PRO G 177 -32.11 -12.79 0.21
N ASP G 178 -32.97 -12.77 1.21
CA ASP G 178 -32.55 -12.61 2.62
C ASP G 178 -31.46 -13.65 2.90
N PRO G 179 -30.26 -13.26 3.39
CA PRO G 179 -29.22 -14.23 3.70
C PRO G 179 -29.67 -15.40 4.60
N ASN G 180 -30.56 -15.13 5.57
CA ASN G 180 -31.08 -16.19 6.48
C ASN G 180 -32.08 -17.10 5.75
N SER G 181 -32.49 -16.77 4.52
CA SER G 181 -33.47 -17.52 3.71
C SER G 181 -32.83 -18.02 2.41
N ARG G 182 -31.52 -17.89 2.26
CA ARG G 182 -30.83 -18.05 0.95
C ARG G 182 -30.67 -19.52 0.63
N PRO G 183 -30.53 -19.88 -0.66
CA PRO G 183 -30.21 -21.25 -1.02
C PRO G 183 -28.72 -21.53 -0.78
N LEU G 184 -28.40 -22.77 -0.48
CA LEU G 184 -26.99 -23.24 -0.40
C LEU G 184 -26.70 -24.27 -1.50
N ARG G 185 -27.72 -24.77 -2.17
CA ARG G 185 -27.55 -25.63 -3.37
C ARG G 185 -28.54 -25.19 -4.45
N ALA G 186 -28.14 -25.42 -5.71
CA ALA G 186 -28.95 -25.03 -6.87
C ALA G 186 -28.71 -26.04 -7.98
N LEU G 187 -29.77 -26.33 -8.72
CA LEU G 187 -29.79 -27.35 -9.78
C LEU G 187 -30.38 -26.71 -11.04
N HIS G 188 -29.60 -26.64 -12.12
CA HIS G 188 -30.02 -26.17 -13.46
C HIS G 188 -30.59 -27.34 -14.25
N ILE G 189 -31.86 -27.27 -14.64
CA ILE G 189 -32.54 -28.26 -15.48
C ILE G 189 -32.71 -27.65 -16.88
N GLU G 190 -31.99 -28.21 -17.86
CA GLU G 190 -31.99 -27.72 -19.26
C GLU G 190 -33.26 -28.23 -19.96
N GLY G 191 -33.99 -27.34 -20.65
CA GLY G 191 -35.14 -27.71 -21.50
C GLY G 191 -36.38 -28.01 -20.68
N GLU G 192 -36.42 -27.60 -19.41
CA GLU G 192 -37.64 -27.60 -18.57
C GLU G 192 -37.94 -26.12 -18.30
N GLY G 193 -38.96 -25.58 -18.97
CA GLY G 193 -39.18 -24.13 -19.04
C GLY G 193 -40.54 -23.76 -18.50
N SER G 194 -41.06 -22.67 -19.07
CA SER G 194 -42.37 -22.12 -18.69
C SER G 194 -43.02 -21.48 -19.91
N VAL G 195 -44.32 -21.35 -19.80
CA VAL G 195 -45.17 -20.68 -20.82
C VAL G 195 -45.94 -19.58 -20.11
N ASP G 196 -46.38 -18.57 -20.86
CA ASP G 196 -47.39 -17.59 -20.41
C ASP G 196 -48.74 -18.24 -20.64
N SER G 197 -49.44 -18.60 -19.55
CA SER G 197 -50.72 -19.35 -19.58
C SER G 197 -51.77 -18.56 -20.39
N GLY G 198 -51.75 -17.22 -20.28
CA GLY G 198 -52.70 -16.34 -21.01
C GLY G 198 -52.44 -16.37 -22.50
N ILE G 199 -51.18 -16.25 -22.91
CA ILE G 199 -50.77 -16.30 -24.34
C ILE G 199 -51.03 -17.72 -24.88
N LEU G 200 -50.80 -18.76 -24.07
CA LEU G 200 -51.13 -20.16 -24.47
C LEU G 200 -52.63 -20.28 -24.76
N LEU G 201 -53.49 -19.79 -23.86
CA LEU G 201 -54.97 -19.91 -24.04
C LEU G 201 -55.38 -19.17 -25.33
N ALA G 202 -54.86 -17.97 -25.57
CA ALA G 202 -55.13 -17.16 -26.78
C ALA G 202 -54.68 -17.92 -28.04
N ALA G 203 -53.50 -18.54 -28.01
CA ALA G 203 -52.93 -19.30 -29.15
C ALA G 203 -53.76 -20.57 -29.39
N LEU G 204 -54.26 -21.22 -28.33
CA LEU G 204 -55.12 -22.42 -28.45
C LEU G 204 -56.46 -22.02 -29.10
N GLU G 205 -57.09 -20.94 -28.64
CA GLU G 205 -58.40 -20.46 -29.19
C GLU G 205 -58.22 -20.14 -30.68
N ARG G 206 -57.17 -19.39 -31.02
CA ARG G 206 -56.84 -18.97 -32.41
C ARG G 206 -56.62 -20.21 -33.27
N SER G 207 -55.85 -21.18 -32.77
CA SER G 207 -55.52 -22.43 -33.50
C SER G 207 -56.78 -23.29 -33.66
N PHE G 208 -57.67 -23.28 -32.66
CA PHE G 208 -58.95 -24.03 -32.69
C PHE G 208 -59.81 -23.49 -33.84
N LEU G 209 -59.95 -22.17 -33.92
CA LEU G 209 -60.77 -21.49 -34.96
C LEU G 209 -60.13 -21.74 -36.33
N GLN G 210 -58.80 -21.67 -36.44
CA GLN G 210 -58.08 -21.87 -37.72
C GLN G 210 -58.37 -23.28 -38.26
N ALA G 211 -58.57 -24.27 -37.39
CA ALA G 211 -58.77 -25.69 -37.76
C ALA G 211 -60.26 -25.99 -37.95
N GLY G 212 -61.12 -24.98 -37.86
CA GLY G 212 -62.57 -25.08 -38.14
C GLY G 212 -63.39 -25.38 -36.90
N GLY G 213 -62.80 -25.27 -35.70
CA GLY G 213 -63.56 -25.47 -34.45
C GLY G 213 -64.51 -24.32 -34.22
N ARG G 214 -65.62 -24.56 -33.52
CA ARG G 214 -66.57 -23.47 -33.17
C ARG G 214 -66.63 -23.32 -31.65
N LEU G 215 -66.52 -22.08 -31.18
CA LEU G 215 -66.58 -21.70 -29.75
C LEU G 215 -68.01 -21.27 -29.45
N HIS G 216 -68.66 -21.96 -28.50
CA HIS G 216 -70.02 -21.62 -28.03
C HIS G 216 -69.94 -21.22 -26.56
N PRO G 217 -69.95 -19.90 -26.25
CA PRO G 217 -69.66 -19.41 -24.90
C PRO G 217 -70.81 -19.61 -23.90
N VAL G 218 -71.20 -20.86 -23.68
CA VAL G 218 -72.21 -21.28 -22.66
C VAL G 218 -71.59 -22.46 -21.90
N ASP G 219 -72.19 -22.83 -20.78
CA ASP G 219 -71.76 -23.99 -19.96
C ASP G 219 -72.70 -25.16 -20.22
N ALA G 220 -72.19 -26.39 -20.24
CA ALA G 220 -72.97 -27.63 -20.17
C ALA G 220 -73.66 -27.67 -18.79
N THR G 221 -74.95 -28.00 -18.73
CA THR G 221 -75.68 -28.29 -17.47
C THR G 221 -75.83 -29.80 -17.31
N GLU G 222 -75.97 -30.54 -18.41
CA GLU G 222 -76.34 -31.99 -18.36
C GLU G 222 -75.80 -32.69 -19.61
N ILE G 223 -75.21 -33.86 -19.43
CA ILE G 223 -74.88 -34.80 -20.54
C ILE G 223 -76.08 -35.73 -20.71
N ARG G 224 -76.60 -35.81 -21.93
CA ARG G 224 -77.76 -36.68 -22.26
C ARG G 224 -77.22 -37.96 -22.88
N ALA G 225 -77.67 -39.09 -22.35
CA ALA G 225 -77.31 -40.44 -22.84
C ALA G 225 -78.48 -41.41 -22.57
N SER G 226 -78.61 -42.42 -23.42
CA SER G 226 -79.54 -43.56 -23.23
C SER G 226 -79.10 -44.69 -24.16
N HIS G 227 -79.49 -45.92 -23.84
CA HIS G 227 -79.05 -47.15 -24.55
C HIS G 227 -77.51 -47.13 -24.61
N GLY G 228 -76.88 -46.75 -23.47
CA GLY G 228 -75.43 -46.77 -23.22
C GLY G 228 -74.61 -45.96 -24.21
N ARG G 229 -75.14 -44.84 -24.71
CA ARG G 229 -74.45 -44.01 -25.72
C ARG G 229 -74.81 -42.53 -25.53
N VAL G 230 -73.87 -41.60 -25.75
CA VAL G 230 -74.11 -40.14 -25.61
C VAL G 230 -75.00 -39.68 -26.76
N GLU G 231 -75.93 -38.77 -26.47
CA GLU G 231 -76.83 -38.09 -27.44
C GLU G 231 -76.40 -36.62 -27.61
N GLY G 232 -75.87 -36.01 -26.55
CA GLY G 232 -75.36 -34.63 -26.58
C GLY G 232 -75.41 -33.95 -25.22
N VAL G 233 -75.52 -32.62 -25.23
CA VAL G 233 -75.34 -31.75 -24.03
C VAL G 233 -76.47 -30.72 -23.97
N VAL G 234 -77.14 -30.61 -22.82
CA VAL G 234 -78.02 -29.46 -22.47
C VAL G 234 -77.11 -28.35 -21.95
N THR G 235 -77.27 -27.12 -22.45
CA THR G 235 -76.47 -25.95 -22.05
C THR G 235 -77.29 -25.07 -21.09
N ASP G 236 -76.65 -24.10 -20.42
CA ASP G 236 -77.26 -23.32 -19.32
C ASP G 236 -78.10 -22.17 -19.89
N ASP G 237 -78.20 -22.06 -21.22
CA ASP G 237 -79.17 -21.16 -21.91
C ASP G 237 -80.42 -21.97 -22.30
N GLY G 238 -80.52 -23.23 -21.88
CA GLY G 238 -81.70 -24.10 -22.06
C GLY G 238 -81.67 -24.89 -23.37
N ASP G 239 -80.66 -24.67 -24.20
CA ASP G 239 -80.53 -25.28 -25.56
C ASP G 239 -80.07 -26.74 -25.43
N PHE G 240 -80.21 -27.53 -26.49
CA PHE G 240 -79.65 -28.91 -26.60
C PHE G 240 -78.77 -29.01 -27.86
N LEU G 241 -77.52 -29.41 -27.68
CA LEU G 241 -76.55 -29.64 -28.78
C LEU G 241 -76.36 -31.15 -28.95
N PRO G 242 -76.69 -31.74 -30.12
CA PRO G 242 -76.48 -33.17 -30.33
C PRO G 242 -75.00 -33.50 -30.60
N ALA G 243 -74.55 -34.71 -30.26
CA ALA G 243 -73.17 -35.19 -30.50
C ALA G 243 -73.08 -36.71 -30.45
N GLY G 244 -72.18 -37.28 -31.24
CA GLY G 244 -71.73 -38.67 -31.12
C GLY G 244 -70.62 -38.83 -30.08
N HIS G 245 -69.88 -37.76 -29.79
CA HIS G 245 -68.77 -37.74 -28.80
C HIS G 245 -68.89 -36.51 -27.89
N VAL G 246 -68.81 -36.73 -26.57
CA VAL G 246 -68.69 -35.63 -25.56
C VAL G 246 -67.39 -35.90 -24.78
N VAL G 247 -66.48 -34.92 -24.81
CA VAL G 247 -65.21 -34.93 -24.03
C VAL G 247 -65.38 -33.95 -22.87
N VAL G 248 -65.40 -34.45 -21.63
CA VAL G 248 -65.55 -33.61 -20.42
C VAL G 248 -64.15 -33.20 -19.94
N ALA G 249 -63.85 -31.92 -20.02
CA ALA G 249 -62.60 -31.29 -19.53
C ALA G 249 -62.97 -29.98 -18.81
N ALA G 250 -63.87 -30.09 -17.83
CA ALA G 250 -64.47 -28.95 -17.11
C ALA G 250 -63.76 -28.75 -15.75
N GLY G 251 -62.48 -29.11 -15.69
CA GLY G 251 -61.65 -28.95 -14.48
C GLY G 251 -62.31 -29.60 -13.28
N ALA G 252 -62.36 -28.89 -12.15
CA ALA G 252 -62.83 -29.46 -10.85
C ALA G 252 -64.33 -29.78 -10.90
N ARG G 253 -65.05 -29.35 -11.95
CA ARG G 253 -66.51 -29.60 -12.09
C ARG G 253 -66.77 -30.91 -12.88
N SER G 254 -65.73 -31.58 -13.39
CA SER G 254 -65.83 -32.66 -14.40
C SER G 254 -66.59 -33.88 -13.86
N GLN G 255 -66.28 -34.36 -12.65
CA GLN G 255 -66.94 -35.58 -12.08
C GLN G 255 -68.39 -35.25 -11.73
N ARG G 256 -68.64 -34.07 -11.16
CA ARG G 256 -70.01 -33.64 -10.77
C ARG G 256 -70.91 -33.72 -12.00
N LEU G 257 -70.38 -33.36 -13.18
CA LEU G 257 -71.13 -33.34 -14.46
C LEU G 257 -71.50 -34.77 -14.88
N VAL G 258 -70.54 -35.70 -14.87
CA VAL G 258 -70.73 -37.10 -15.35
C VAL G 258 -71.48 -37.95 -14.29
N ALA G 259 -71.37 -37.59 -13.01
CA ALA G 259 -71.90 -38.40 -11.87
C ALA G 259 -73.44 -38.46 -11.92
N ALA G 260 -74.10 -37.59 -12.69
CA ALA G 260 -75.57 -37.54 -12.86
C ALA G 260 -76.06 -38.75 -13.66
N LEU G 261 -75.21 -39.37 -14.49
CA LEU G 261 -75.59 -40.55 -15.31
C LEU G 261 -75.69 -41.80 -14.45
N PRO G 262 -76.55 -42.80 -14.81
CA PRO G 262 -76.83 -43.94 -13.94
C PRO G 262 -75.58 -44.75 -13.52
N GLY G 263 -75.41 -44.97 -12.21
CA GLY G 263 -74.31 -45.77 -11.62
C GLY G 263 -73.05 -44.94 -11.39
N LEU G 264 -72.85 -43.88 -12.17
CA LEU G 264 -71.53 -43.21 -12.34
C LEU G 264 -71.14 -42.42 -11.07
N ALA G 265 -72.09 -42.11 -10.18
CA ALA G 265 -71.85 -41.41 -8.90
C ALA G 265 -70.76 -42.15 -8.09
N HIS G 266 -70.72 -43.48 -8.18
CA HIS G 266 -69.76 -44.30 -7.39
C HIS G 266 -68.79 -45.05 -8.31
N ARG G 267 -68.73 -44.71 -9.59
CA ARG G 267 -67.82 -45.34 -10.58
C ARG G 267 -66.82 -44.33 -11.15
N ILE G 268 -67.09 -43.03 -11.01
CA ILE G 268 -66.14 -41.95 -11.40
C ILE G 268 -65.60 -41.31 -10.11
N PRO G 269 -64.30 -41.47 -9.79
CA PRO G 269 -63.73 -40.88 -8.58
C PRO G 269 -64.04 -39.39 -8.49
N ARG G 270 -64.43 -38.93 -7.30
CA ARG G 270 -64.70 -37.49 -7.05
C ARG G 270 -63.45 -36.64 -7.33
N ILE G 271 -63.68 -35.41 -7.76
CA ILE G 271 -62.63 -34.38 -7.99
C ILE G 271 -63.01 -33.16 -7.14
N TYR G 272 -62.08 -32.69 -6.31
CA TYR G 272 -62.28 -31.51 -5.43
C TYR G 272 -61.46 -30.34 -5.98
N ASP G 273 -61.58 -29.16 -5.35
CA ASP G 273 -60.89 -27.91 -5.73
C ASP G 273 -59.59 -27.76 -4.96
N GLY G 274 -58.46 -27.95 -5.64
CA GLY G 274 -57.10 -27.63 -5.12
C GLY G 274 -56.86 -26.14 -5.31
N VAL G 275 -57.42 -25.32 -4.42
CA VAL G 275 -57.47 -23.84 -4.59
C VAL G 275 -56.04 -23.33 -4.49
N GLY G 276 -55.62 -22.61 -5.51
CA GLY G 276 -54.23 -22.13 -5.63
C GLY G 276 -54.20 -20.64 -5.84
N VAL G 277 -53.33 -19.98 -5.09
CA VAL G 277 -53.17 -18.51 -5.17
C VAL G 277 -51.81 -18.23 -5.80
N SER G 278 -51.81 -17.31 -6.76
CA SER G 278 -50.60 -16.78 -7.42
C SER G 278 -50.73 -15.28 -7.54
N ALA G 279 -49.70 -14.60 -7.99
CA ALA G 279 -49.74 -13.13 -8.13
C ALA G 279 -48.89 -12.69 -9.32
N LEU G 280 -49.32 -11.61 -9.96
CA LEU G 280 -48.52 -10.88 -10.96
C LEU G 280 -47.98 -9.63 -10.26
N VAL G 281 -46.67 -9.43 -10.38
CA VAL G 281 -45.91 -8.35 -9.73
C VAL G 281 -45.15 -7.60 -10.83
N ASP G 282 -45.28 -6.27 -10.87
CA ASP G 282 -44.39 -5.41 -11.69
C ASP G 282 -43.12 -5.16 -10.89
N THR G 283 -41.99 -5.67 -11.36
CA THR G 283 -40.72 -5.60 -10.61
C THR G 283 -40.27 -4.13 -10.54
N TRP G 284 -39.62 -3.78 -9.44
CA TRP G 284 -39.12 -2.42 -9.09
C TRP G 284 -38.35 -1.81 -10.26
N ASP G 285 -37.61 -2.60 -11.05
CA ASP G 285 -36.73 -2.08 -12.14
C ASP G 285 -37.12 -2.69 -13.49
N GLY G 286 -38.25 -3.40 -13.57
CA GLY G 286 -38.69 -4.06 -14.81
C GLY G 286 -37.88 -5.29 -15.17
N SER G 287 -36.94 -5.72 -14.33
CA SER G 287 -36.10 -6.93 -14.56
C SER G 287 -36.87 -8.21 -14.19
N GLY G 288 -36.32 -9.34 -14.61
CA GLY G 288 -36.81 -10.67 -14.23
C GLY G 288 -35.70 -11.69 -14.45
N PRO G 289 -35.78 -12.90 -13.88
CA PRO G 289 -34.79 -13.93 -14.11
C PRO G 289 -34.94 -14.53 -15.51
N ALA G 290 -33.86 -15.08 -16.04
CA ALA G 290 -33.78 -15.72 -17.38
C ALA G 290 -34.41 -17.11 -17.33
N THR G 291 -34.48 -17.72 -16.14
CA THR G 291 -35.01 -19.09 -15.95
C THR G 291 -36.19 -19.05 -14.97
N VAL G 292 -36.99 -20.10 -14.98
CA VAL G 292 -37.88 -20.43 -13.84
C VAL G 292 -36.98 -20.55 -12.61
N LEU G 293 -37.46 -20.06 -11.47
CA LEU G 293 -36.84 -20.28 -10.15
C LEU G 293 -37.87 -21.03 -9.32
N ARG G 294 -37.52 -22.15 -8.72
CA ARG G 294 -38.49 -22.92 -7.91
C ARG G 294 -37.79 -23.68 -6.78
N THR G 295 -38.57 -24.01 -5.76
CA THR G 295 -38.27 -25.09 -4.80
C THR G 295 -38.93 -26.36 -5.30
N SER G 296 -38.59 -27.50 -4.71
CA SER G 296 -39.40 -28.73 -4.86
C SER G 296 -40.78 -28.49 -4.23
N ASN G 297 -41.73 -29.38 -4.51
CA ASN G 297 -43.09 -29.35 -3.94
C ASN G 297 -42.98 -29.42 -2.41
N ARG G 298 -43.78 -28.61 -1.74
CA ARG G 298 -43.68 -28.41 -0.28
C ARG G 298 -44.99 -28.88 0.36
N ALA G 299 -45.25 -28.48 1.61
CA ALA G 299 -46.35 -29.00 2.45
C ALA G 299 -47.68 -28.99 1.67
N PHE G 300 -48.32 -30.15 1.60
CA PHE G 300 -49.65 -30.35 0.98
C PHE G 300 -49.68 -29.75 -0.43
N ALA G 301 -48.61 -29.99 -1.20
CA ALA G 301 -48.52 -29.70 -2.65
C ALA G 301 -48.62 -28.20 -2.93
N CYS G 302 -48.26 -27.35 -1.97
CA CYS G 302 -47.88 -25.96 -2.30
C CYS G 302 -46.40 -25.98 -2.76
N GLY G 303 -45.86 -24.81 -3.07
CA GLY G 303 -44.49 -24.69 -3.57
C GLY G 303 -44.19 -23.24 -3.82
N LEU G 304 -42.93 -22.91 -3.97
CA LEU G 304 -42.53 -21.52 -4.26
C LEU G 304 -41.91 -21.51 -5.64
N HIS G 305 -42.34 -20.62 -6.50
CA HIS G 305 -41.73 -20.47 -7.82
C HIS G 305 -41.96 -19.07 -8.37
N LEU G 306 -41.08 -18.67 -9.25
CA LEU G 306 -41.21 -17.43 -10.03
C LEU G 306 -41.08 -17.83 -11.50
N VAL G 307 -42.09 -17.48 -12.29
CA VAL G 307 -42.13 -17.74 -13.76
C VAL G 307 -41.94 -16.40 -14.46
N PRO G 308 -40.90 -16.26 -15.30
CA PRO G 308 -40.71 -15.02 -16.06
C PRO G 308 -41.91 -14.72 -16.94
N ARG G 309 -42.21 -13.43 -17.09
CA ARG G 309 -43.23 -12.92 -18.06
C ARG G 309 -42.58 -11.78 -18.84
N ALA G 310 -43.14 -11.45 -20.01
CA ALA G 310 -42.73 -10.27 -20.81
C ALA G 310 -43.19 -8.99 -20.13
N GLY G 311 -42.56 -7.85 -20.44
CA GLY G 311 -43.05 -6.51 -20.12
C GLY G 311 -42.88 -6.11 -18.66
N GLY G 312 -41.84 -6.57 -17.98
CA GLY G 312 -41.49 -6.08 -16.62
C GLY G 312 -42.34 -6.68 -15.53
N SER G 313 -43.06 -7.77 -15.84
CA SER G 313 -43.93 -8.53 -14.90
C SER G 313 -43.22 -9.82 -14.51
N VAL G 314 -43.44 -10.29 -13.29
CA VAL G 314 -43.13 -11.69 -12.90
C VAL G 314 -44.39 -12.31 -12.32
N TYR G 315 -44.51 -13.61 -12.53
CA TYR G 315 -45.53 -14.45 -11.88
C TYR G 315 -44.87 -15.10 -10.67
N ILE G 316 -45.53 -15.06 -9.52
CA ILE G 316 -45.07 -15.80 -8.31
C ILE G 316 -46.21 -16.70 -7.89
N GLY G 317 -45.86 -17.90 -7.48
CA GLY G 317 -46.82 -18.90 -7.02
C GLY G 317 -46.12 -19.89 -6.09
N ALA G 318 -46.86 -20.83 -5.53
CA ALA G 318 -48.31 -20.89 -5.63
C ALA G 318 -48.78 -21.71 -4.43
N THR G 319 -49.81 -21.25 -3.74
CA THR G 319 -50.37 -21.97 -2.57
C THR G 319 -51.22 -23.12 -3.09
N ASN G 320 -51.58 -24.02 -2.20
CA ASN G 320 -52.54 -25.09 -2.51
C ASN G 320 -53.32 -25.42 -1.25
N ALA G 321 -54.63 -25.56 -1.38
CA ALA G 321 -55.50 -26.06 -0.30
C ALA G 321 -56.62 -26.85 -0.96
N VAL G 322 -56.72 -28.13 -0.69
CA VAL G 322 -57.90 -28.93 -1.13
C VAL G 322 -59.10 -28.45 -0.32
N CYS G 323 -60.13 -28.00 -1.01
CA CYS G 323 -61.39 -27.50 -0.42
C CYS G 323 -62.54 -28.39 -0.89
N LEU G 324 -63.42 -28.77 0.03
CA LEU G 324 -64.56 -29.68 -0.26
C LEU G 324 -65.64 -28.93 -1.04
N GLU G 325 -65.61 -27.59 -1.03
CA GLU G 325 -66.45 -26.74 -1.93
C GLU G 325 -65.55 -25.73 -2.61
N PRO G 326 -65.89 -25.27 -3.84
CA PRO G 326 -65.04 -24.34 -4.56
C PRO G 326 -64.95 -22.98 -3.82
N ARG G 327 -63.83 -22.30 -4.03
CA ARG G 327 -63.55 -20.96 -3.46
C ARG G 327 -62.84 -20.17 -4.55
N GLY G 328 -63.30 -18.94 -4.81
CA GLY G 328 -62.79 -18.10 -5.90
C GLY G 328 -62.01 -16.89 -5.40
N ALA G 329 -61.75 -16.77 -4.10
CA ALA G 329 -60.98 -15.65 -3.52
C ALA G 329 -59.86 -16.20 -2.64
N ALA G 330 -58.71 -15.55 -2.64
CA ALA G 330 -57.55 -15.89 -1.79
C ALA G 330 -57.92 -15.59 -0.34
N SER G 331 -57.44 -16.39 0.59
CA SER G 331 -57.43 -16.05 2.03
C SER G 331 -56.30 -15.05 2.27
N ILE G 332 -56.43 -14.26 3.33
CA ILE G 332 -55.32 -13.38 3.79
C ILE G 332 -54.07 -14.25 3.99
N GLU G 333 -54.22 -15.39 4.66
CA GLU G 333 -53.08 -16.29 5.00
C GLU G 333 -52.32 -16.69 3.73
N GLU G 334 -53.03 -17.06 2.68
CA GLU G 334 -52.44 -17.50 1.39
C GLU G 334 -51.59 -16.37 0.80
N THR G 335 -52.12 -15.15 0.79
CA THR G 335 -51.44 -13.98 0.20
C THR G 335 -50.17 -13.70 1.01
N VAL G 336 -50.27 -13.63 2.34
CA VAL G 336 -49.12 -13.31 3.21
C VAL G 336 -48.05 -14.39 3.01
N PHE G 337 -48.43 -15.66 3.01
CA PHE G 337 -47.45 -16.77 2.89
C PHE G 337 -46.71 -16.66 1.56
N LEU G 338 -47.43 -16.54 0.44
CA LEU G 338 -46.83 -16.45 -0.91
C LEU G 338 -45.85 -15.27 -0.95
N PHE G 339 -46.30 -14.09 -0.53
CA PHE G 339 -45.50 -12.86 -0.61
C PHE G 339 -44.26 -12.99 0.28
N ASN G 340 -44.44 -13.51 1.49
CA ASN G 340 -43.34 -13.63 2.47
C ASN G 340 -42.27 -14.58 1.92
N CYS G 341 -42.66 -15.72 1.36
CA CYS G 341 -41.72 -16.71 0.80
C CYS G 341 -40.94 -16.09 -0.38
N ALA G 342 -41.64 -15.43 -1.30
CA ALA G 342 -41.01 -14.89 -2.54
C ALA G 342 -40.02 -13.79 -2.17
N THR G 343 -40.39 -12.88 -1.27
CA THR G 343 -39.57 -11.71 -0.91
C THR G 343 -38.31 -12.17 -0.17
N HIS G 344 -38.39 -13.21 0.66
CA HIS G 344 -37.25 -13.69 1.47
C HIS G 344 -36.36 -14.65 0.66
N GLN G 345 -36.97 -15.60 -0.03
CA GLN G 345 -36.26 -16.78 -0.59
C GLN G 345 -35.82 -16.50 -2.03
N LEU G 346 -36.48 -15.58 -2.75
CA LEU G 346 -36.16 -15.33 -4.18
C LEU G 346 -35.53 -13.95 -4.36
N HIS G 347 -36.22 -12.87 -4.02
CA HIS G 347 -35.70 -11.51 -4.30
C HIS G 347 -36.35 -10.47 -3.38
N ARG G 348 -35.56 -9.86 -2.53
CA ARG G 348 -36.03 -8.82 -1.58
C ARG G 348 -36.54 -7.59 -2.33
N GLY G 349 -36.09 -7.37 -3.57
CA GLY G 349 -36.61 -6.32 -4.46
C GLY G 349 -38.10 -6.44 -4.70
N LEU G 350 -38.66 -7.65 -4.61
CA LEU G 350 -40.12 -7.87 -4.78
C LEU G 350 -40.88 -7.15 -3.67
N ASN G 351 -40.26 -6.91 -2.51
CA ASN G 351 -40.95 -6.26 -1.36
C ASN G 351 -41.43 -4.86 -1.77
N GLY G 352 -40.61 -4.10 -2.49
CA GLY G 352 -40.94 -2.74 -2.94
C GLY G 352 -41.58 -2.73 -4.32
N SER G 353 -41.85 -3.90 -4.88
CA SER G 353 -42.48 -4.04 -6.22
C SER G 353 -44.00 -3.92 -6.08
N GLU G 354 -44.65 -3.52 -7.16
CA GLU G 354 -46.11 -3.26 -7.19
C GLU G 354 -46.86 -4.56 -7.48
N LEU G 355 -47.83 -4.86 -6.62
CA LEU G 355 -48.81 -5.94 -6.81
C LEU G 355 -49.79 -5.53 -7.92
N ARG G 356 -49.83 -6.28 -9.01
CA ARG G 356 -50.77 -6.02 -10.12
C ARG G 356 -52.03 -6.84 -9.93
N LYS G 357 -51.92 -8.11 -9.53
CA LYS G 357 -53.11 -9.00 -9.48
C LYS G 357 -52.81 -10.17 -8.55
N VAL G 358 -53.77 -10.48 -7.68
CA VAL G 358 -53.84 -11.77 -6.95
C VAL G 358 -54.78 -12.66 -7.76
N GLN G 359 -54.31 -13.84 -8.16
CA GLN G 359 -55.04 -14.78 -9.02
C GLN G 359 -55.38 -16.01 -8.18
N VAL G 360 -56.58 -16.55 -8.40
CA VAL G 360 -57.07 -17.78 -7.74
C VAL G 360 -57.63 -18.71 -8.80
N GLY G 361 -57.22 -19.98 -8.78
CA GLY G 361 -57.80 -21.04 -9.63
C GLY G 361 -57.84 -22.37 -8.90
N SER G 362 -58.64 -23.32 -9.40
CA SER G 362 -58.84 -24.64 -8.74
C SER G 362 -58.12 -25.73 -9.52
N ARG G 363 -57.03 -26.25 -8.95
CA ARG G 363 -56.39 -27.49 -9.44
C ARG G 363 -57.43 -28.60 -9.29
N PRO G 364 -57.79 -29.35 -10.34
CA PRO G 364 -58.72 -30.49 -10.19
C PRO G 364 -58.01 -31.58 -9.37
N ALA G 365 -58.49 -31.78 -8.12
CA ALA G 365 -57.86 -32.65 -7.10
C ALA G 365 -58.61 -33.97 -7.01
N PRO G 366 -58.15 -35.06 -7.66
CA PRO G 366 -58.84 -36.35 -7.61
C PRO G 366 -58.74 -36.97 -6.20
N ILE G 367 -59.83 -37.54 -5.71
CA ILE G 367 -59.92 -38.08 -4.32
C ILE G 367 -58.92 -39.23 -4.12
N ASP G 368 -58.48 -39.93 -5.17
CA ASP G 368 -57.54 -41.08 -5.06
C ASP G 368 -56.14 -40.66 -5.54
N GLY G 369 -55.94 -39.39 -5.90
CA GLY G 369 -54.61 -38.80 -6.11
C GLY G 369 -54.10 -38.92 -7.52
N PHE G 370 -54.90 -39.46 -8.44
CA PHE G 370 -54.45 -39.69 -9.83
C PHE G 370 -55.50 -39.20 -10.83
N PRO G 371 -55.04 -38.81 -12.03
CA PRO G 371 -55.93 -38.22 -13.03
C PRO G 371 -57.00 -39.19 -13.53
N LEU G 372 -58.02 -38.62 -14.18
CA LEU G 372 -59.16 -39.32 -14.84
C LEU G 372 -59.08 -39.01 -16.33
N ILE G 373 -58.52 -39.94 -17.11
CA ILE G 373 -58.17 -39.73 -18.54
C ILE G 373 -58.65 -40.94 -19.35
N GLY G 374 -59.60 -40.72 -20.24
CA GLY G 374 -59.95 -41.70 -21.27
C GLY G 374 -61.43 -41.99 -21.34
N GLY G 375 -61.76 -43.23 -21.68
CA GLY G 375 -63.11 -43.67 -22.00
C GLY G 375 -63.90 -44.07 -20.78
N THR G 376 -65.18 -44.34 -21.01
CA THR G 376 -66.25 -44.51 -20.01
C THR G 376 -67.06 -45.76 -20.46
N SER G 377 -67.97 -46.26 -19.63
CA SER G 377 -68.93 -47.34 -20.00
C SER G 377 -70.01 -46.80 -20.95
N VAL G 378 -70.13 -45.48 -21.08
CA VAL G 378 -71.03 -44.80 -22.05
C VAL G 378 -70.26 -44.55 -23.36
N GLU G 379 -70.73 -45.13 -24.46
CA GLU G 379 -70.12 -44.96 -25.80
C GLU G 379 -70.11 -43.48 -26.15
N GLY G 380 -68.96 -42.98 -26.62
CA GLY G 380 -68.77 -41.57 -27.03
C GLY G 380 -68.53 -40.61 -25.87
N LEU G 381 -68.50 -41.09 -24.61
CA LEU G 381 -68.25 -40.22 -23.43
C LEU G 381 -66.81 -40.40 -22.96
N TRP G 382 -66.07 -39.28 -22.93
CA TRP G 382 -64.63 -39.22 -22.59
C TRP G 382 -64.43 -38.19 -21.47
N MET G 383 -63.38 -38.39 -20.68
CA MET G 383 -63.01 -37.44 -19.58
C MET G 383 -61.52 -37.14 -19.69
N LEU G 384 -61.17 -35.88 -19.43
CA LEU G 384 -59.78 -35.40 -19.29
C LEU G 384 -59.75 -34.46 -18.08
N SER G 385 -59.42 -34.96 -16.89
CA SER G 385 -59.50 -34.16 -15.64
C SER G 385 -58.70 -34.80 -14.49
N GLY G 386 -58.79 -34.19 -13.31
CA GLY G 386 -58.09 -34.63 -12.08
C GLY G 386 -56.59 -34.54 -12.20
N THR G 387 -56.08 -33.55 -12.95
CA THR G 387 -54.63 -33.43 -13.25
C THR G 387 -53.89 -32.61 -12.17
N TYR G 388 -54.61 -32.00 -11.22
CA TYR G 388 -54.00 -31.37 -10.01
C TYR G 388 -52.92 -30.35 -10.44
N ARG G 389 -51.62 -30.61 -10.22
CA ARG G 389 -50.55 -29.59 -10.41
C ARG G 389 -50.01 -29.55 -11.85
N ASP G 390 -50.33 -30.52 -12.72
CA ASP G 390 -49.53 -30.68 -13.97
C ASP G 390 -50.37 -31.12 -15.17
N GLY G 391 -51.65 -30.79 -15.20
CA GLY G 391 -52.51 -30.95 -16.41
C GLY G 391 -52.05 -30.07 -17.56
N LEU G 392 -51.70 -28.82 -17.27
CA LEU G 392 -51.20 -27.86 -18.30
C LEU G 392 -49.96 -28.46 -18.95
N HIS G 393 -48.98 -28.88 -18.14
CA HIS G 393 -47.75 -29.54 -18.64
C HIS G 393 -48.11 -30.76 -19.50
N MET G 394 -49.03 -31.59 -19.06
CA MET G 394 -49.33 -32.89 -19.73
C MET G 394 -50.25 -32.71 -20.94
N SER G 395 -50.82 -31.51 -21.13
CA SER G 395 -51.94 -31.23 -22.06
C SER G 395 -51.69 -31.79 -23.48
N PRO G 396 -50.53 -31.58 -24.16
CA PRO G 396 -50.37 -32.09 -25.53
C PRO G 396 -50.43 -33.62 -25.56
N LEU G 397 -49.87 -34.29 -24.56
CA LEU G 397 -49.86 -35.76 -24.45
C LEU G 397 -51.28 -36.25 -24.18
N LEU G 398 -51.99 -35.64 -23.24
CA LEU G 398 -53.36 -36.04 -22.85
C LEU G 398 -54.31 -35.88 -24.04
N ALA G 399 -54.18 -34.77 -24.77
CA ALA G 399 -55.00 -34.47 -25.97
C ALA G 399 -54.80 -35.60 -27.01
N ARG G 400 -53.55 -35.92 -27.32
CA ARG G 400 -53.18 -36.95 -28.32
C ARG G 400 -53.68 -38.32 -27.88
N HIS G 401 -53.62 -38.61 -26.57
CA HIS G 401 -54.10 -39.88 -25.98
C HIS G 401 -55.60 -40.03 -26.24
N VAL G 402 -56.40 -39.03 -25.89
CA VAL G 402 -57.88 -39.13 -26.01
C VAL G 402 -58.27 -39.20 -27.49
N VAL G 403 -57.61 -38.45 -28.37
CA VAL G 403 -57.90 -38.45 -29.83
C VAL G 403 -57.59 -39.84 -30.41
N SER G 404 -56.47 -40.45 -30.04
CA SER G 404 -56.12 -41.84 -30.43
C SER G 404 -57.24 -42.80 -30.01
N LEU G 405 -57.70 -42.71 -28.75
CA LEU G 405 -58.78 -43.58 -28.22
C LEU G 405 -60.05 -43.38 -29.05
N MET G 406 -60.39 -42.14 -29.39
CA MET G 406 -61.62 -41.80 -30.14
C MET G 406 -61.54 -42.39 -31.56
N ASP G 407 -60.34 -42.56 -32.10
CA ASP G 407 -60.06 -43.12 -33.45
C ASP G 407 -59.91 -44.66 -33.38
N GLY G 408 -60.20 -45.28 -32.24
CA GLY G 408 -60.09 -46.74 -32.04
C GLY G 408 -58.65 -47.19 -31.75
N GLY G 409 -57.73 -46.25 -31.51
CA GLY G 409 -56.34 -46.56 -31.11
C GLY G 409 -56.26 -46.91 -29.64
N THR G 410 -55.04 -47.16 -29.14
CA THR G 410 -54.76 -47.45 -27.71
C THR G 410 -54.04 -46.25 -27.08
N GLY G 411 -53.81 -45.18 -27.84
CA GLY G 411 -53.20 -43.93 -27.35
C GLY G 411 -51.84 -44.18 -26.75
N VAL G 412 -51.59 -43.60 -25.58
CA VAL G 412 -50.27 -43.62 -24.89
C VAL G 412 -50.26 -44.78 -23.88
N ASP G 413 -49.23 -45.63 -23.96
CA ASP G 413 -48.96 -46.73 -23.00
C ASP G 413 -48.84 -46.11 -21.61
N GLY G 414 -49.47 -46.72 -20.60
CA GLY G 414 -49.26 -46.34 -19.19
C GLY G 414 -50.30 -45.38 -18.65
N LEU G 415 -51.30 -45.01 -19.48
CA LEU G 415 -52.43 -44.16 -19.04
C LEU G 415 -53.61 -45.04 -18.60
N ARG G 416 -53.54 -46.36 -18.79
CA ARG G 416 -54.68 -47.29 -18.58
C ARG G 416 -55.12 -47.30 -17.11
N GLU G 417 -54.16 -47.22 -16.17
CA GLU G 417 -54.46 -47.19 -14.71
C GLU G 417 -55.30 -45.96 -14.35
N PHE G 418 -55.27 -44.92 -15.18
CA PHE G 418 -55.87 -43.59 -14.88
C PHE G 418 -57.17 -43.41 -15.68
N ARG G 419 -57.74 -44.52 -16.20
CA ARG G 419 -59.08 -44.56 -16.84
C ARG G 419 -60.08 -43.98 -15.86
N PRO G 420 -61.03 -43.15 -16.30
CA PRO G 420 -61.89 -42.39 -15.37
C PRO G 420 -62.93 -43.24 -14.62
N GLU G 421 -63.36 -44.35 -15.22
CA GLU G 421 -64.37 -45.25 -14.58
C GLU G 421 -63.62 -46.37 -13.86
N ARG G 422 -63.48 -46.27 -12.55
CA ARG G 422 -62.57 -47.13 -11.77
C ARG G 422 -62.99 -47.13 -10.30
N ASP G 423 -62.68 -48.21 -9.61
CA ASP G 423 -62.56 -48.22 -8.14
C ASP G 423 -61.52 -47.15 -7.77
N LEU G 424 -61.65 -46.52 -6.61
CA LEU G 424 -60.60 -45.60 -6.10
C LEU G 424 -59.27 -46.36 -6.05
N ILE G 425 -58.21 -45.74 -6.56
CA ILE G 425 -56.82 -46.27 -6.46
C ILE G 425 -56.38 -46.17 -4.99
N SER G 426 -55.66 -47.19 -4.52
CA SER G 426 -54.94 -47.18 -3.22
C SER G 426 -53.45 -47.23 -3.50
N ALA G 427 -52.84 -46.08 -3.78
CA ALA G 427 -51.44 -46.00 -4.27
C ALA G 427 -50.43 -46.14 -3.13
N TRP G 428 -50.88 -45.96 -1.89
CA TRP G 428 -50.03 -46.04 -0.67
C TRP G 428 -50.75 -46.82 0.42
N SER G 429 -49.99 -47.46 1.31
CA SER G 429 -50.49 -48.03 2.58
C SER G 429 -51.03 -46.90 3.46
N ARG G 430 -51.99 -47.20 4.33
CA ARG G 430 -52.51 -46.26 5.35
C ARG G 430 -51.34 -45.75 6.21
N GLU G 431 -50.39 -46.62 6.54
CA GLU G 431 -49.19 -46.27 7.35
C GLU G 431 -48.36 -45.21 6.62
N GLU G 432 -48.09 -45.39 5.32
CA GLU G 432 -47.31 -44.42 4.49
C GLU G 432 -48.00 -43.06 4.52
N ILE G 433 -49.32 -43.05 4.34
CA ILE G 433 -50.13 -41.80 4.27
C ILE G 433 -50.12 -41.13 5.65
N LEU G 434 -50.25 -41.88 6.73
CA LEU G 434 -50.25 -41.31 8.09
C LEU G 434 -48.87 -40.70 8.38
N ASP G 435 -47.77 -41.35 8.00
CA ASP G 435 -46.41 -40.77 8.12
C ASP G 435 -46.37 -39.45 7.32
N ASP G 436 -46.91 -39.47 6.10
CA ASP G 436 -46.87 -38.31 5.17
C ASP G 436 -47.67 -37.14 5.76
N VAL G 437 -48.88 -37.37 6.26
CA VAL G 437 -49.78 -36.27 6.68
C VAL G 437 -49.17 -35.55 7.90
N VAL G 438 -48.52 -36.29 8.81
CA VAL G 438 -47.89 -35.68 10.02
C VAL G 438 -46.67 -34.88 9.56
N ARG G 439 -45.86 -35.43 8.67
CA ARG G 439 -44.66 -34.76 8.12
C ARG G 439 -45.07 -33.46 7.41
N HIS G 440 -46.12 -33.49 6.59
CA HIS G 440 -46.64 -32.31 5.85
C HIS G 440 -47.20 -31.28 6.84
N THR G 441 -47.90 -31.74 7.89
CA THR G 441 -48.42 -30.83 8.93
C THR G 441 -47.23 -30.09 9.58
N MET G 442 -46.19 -30.82 9.97
CA MET G 442 -44.98 -30.23 10.62
C MET G 442 -44.30 -29.28 9.62
N ALA G 443 -44.29 -29.62 8.32
CA ALA G 443 -43.66 -28.79 7.27
C ALA G 443 -44.37 -27.42 7.19
N THR G 444 -45.65 -27.31 7.50
CA THR G 444 -46.35 -25.99 7.48
C THR G 444 -45.70 -25.09 8.52
N GLY G 445 -45.15 -25.64 9.60
CA GLY G 445 -44.41 -24.86 10.61
C GLY G 445 -43.06 -24.41 10.08
N TYR G 446 -42.26 -25.35 9.59
CA TYR G 446 -40.87 -25.08 9.14
C TYR G 446 -40.88 -24.14 7.93
N GLU G 447 -41.94 -24.16 7.11
CA GLU G 447 -41.99 -23.34 5.87
C GLU G 447 -42.41 -21.89 6.22
N PHE G 448 -42.96 -21.66 7.40
CA PHE G 448 -43.54 -20.33 7.79
C PHE G 448 -42.48 -19.23 7.71
N PRO G 449 -41.26 -19.34 8.29
CA PRO G 449 -40.84 -20.40 9.20
C PRO G 449 -41.17 -19.98 10.62
N TRP G 450 -41.58 -20.91 11.46
CA TRP G 450 -41.87 -20.64 12.87
C TRP G 450 -40.56 -20.52 13.67
N ARG G 451 -40.69 -19.98 14.88
CA ARG G 451 -39.62 -19.99 15.89
C ARG G 451 -40.25 -20.43 17.21
N LEU G 452 -39.87 -21.59 17.71
CA LEU G 452 -40.49 -22.16 18.93
C LEU G 452 -39.45 -22.86 19.77
N PRO G 453 -39.78 -23.18 21.04
CA PRO G 453 -38.88 -23.93 21.90
C PRO G 453 -38.50 -25.24 21.20
N LEU G 454 -37.26 -25.69 21.38
CA LEU G 454 -36.71 -26.81 20.58
C LEU G 454 -37.41 -28.14 20.86
N GLU G 455 -38.09 -28.30 22.00
CA GLU G 455 -38.80 -29.56 22.36
C GLU G 455 -40.21 -29.58 21.76
N TRP G 456 -40.74 -28.42 21.34
CA TRP G 456 -42.16 -28.33 20.94
C TRP G 456 -42.43 -29.19 19.69
N PRO G 457 -41.61 -29.12 18.63
CA PRO G 457 -41.88 -29.92 17.43
C PRO G 457 -42.04 -31.43 17.69
N HIS G 458 -41.14 -32.04 18.46
CA HIS G 458 -41.24 -33.48 18.79
C HIS G 458 -42.56 -33.73 19.52
N MET G 459 -42.95 -32.87 20.46
CA MET G 459 -44.22 -33.03 21.20
C MET G 459 -45.40 -32.95 20.21
N MET G 460 -45.40 -31.97 19.31
CA MET G 460 -46.50 -31.79 18.32
C MET G 460 -46.57 -33.04 17.43
N GLU G 461 -45.43 -33.54 16.96
CA GLU G 461 -45.36 -34.75 16.09
C GLU G 461 -46.03 -35.93 16.82
N THR G 462 -45.68 -36.15 18.08
CA THR G 462 -46.22 -37.28 18.89
C THR G 462 -47.73 -37.11 19.02
N PHE G 463 -48.24 -35.89 19.25
CA PHE G 463 -49.68 -35.65 19.51
C PHE G 463 -50.51 -35.52 18.21
N LEU G 464 -49.86 -35.41 17.05
CA LEU G 464 -50.58 -35.38 15.75
C LEU G 464 -50.92 -36.80 15.29
N GLN G 465 -50.11 -37.79 15.64
CA GLN G 465 -50.21 -39.17 15.08
C GLN G 465 -51.58 -39.77 15.41
N GLY G 466 -52.01 -39.69 16.67
CA GLY G 466 -53.25 -40.32 17.18
C GLY G 466 -54.50 -39.80 16.47
N PRO G 467 -54.75 -38.47 16.45
CA PRO G 467 -55.92 -37.94 15.77
C PRO G 467 -56.01 -38.29 14.26
N PHE G 468 -54.89 -38.30 13.54
CA PHE G 468 -54.90 -38.66 12.09
C PHE G 468 -55.16 -40.16 11.94
N ALA G 469 -54.57 -41.00 12.79
CA ALA G 469 -54.77 -42.48 12.78
C ALA G 469 -56.25 -42.77 13.05
N GLU G 470 -56.87 -42.05 13.99
CA GLU G 470 -58.30 -42.20 14.38
C GLU G 470 -59.19 -41.83 13.19
N LEU G 471 -58.87 -40.72 12.51
CA LEU G 471 -59.67 -40.24 11.35
C LEU G 471 -59.59 -41.28 10.22
N ALA G 472 -58.39 -41.75 9.87
CA ALA G 472 -58.16 -42.71 8.77
C ALA G 472 -58.98 -43.99 9.04
N ASP G 473 -58.97 -44.45 10.30
CA ASP G 473 -59.64 -45.72 10.70
C ASP G 473 -61.16 -45.55 10.63
N ARG G 474 -61.64 -44.36 10.95
CA ARG G 474 -63.09 -44.00 10.98
C ARG G 474 -63.64 -43.85 9.55
N LEU G 475 -62.84 -43.36 8.59
CA LEU G 475 -63.36 -42.96 7.26
C LEU G 475 -63.79 -44.23 6.49
N SER G 476 -63.01 -45.31 6.58
CA SER G 476 -63.18 -46.53 5.74
C SER G 476 -62.23 -47.62 6.21
N ASP G 477 -62.62 -48.89 6.05
CA ASP G 477 -61.76 -50.06 6.32
C ASP G 477 -60.85 -50.35 5.13
N THR G 478 -61.09 -49.74 3.95
CA THR G 478 -60.33 -50.09 2.72
C THR G 478 -59.64 -48.85 2.13
N TYR G 479 -60.32 -47.71 2.03
CA TYR G 479 -59.78 -46.50 1.36
C TYR G 479 -59.14 -45.57 2.39
N THR G 480 -58.02 -44.95 2.00
CA THR G 480 -57.35 -43.85 2.76
C THR G 480 -57.14 -42.67 1.82
N PRO G 481 -57.70 -41.48 2.15
CA PRO G 481 -57.44 -40.29 1.35
C PRO G 481 -55.97 -39.93 1.39
N PRO G 482 -55.39 -39.45 0.27
CA PRO G 482 -54.03 -38.91 0.29
C PRO G 482 -53.93 -37.75 1.29
N ALA G 483 -52.72 -37.47 1.76
CA ALA G 483 -52.43 -36.47 2.83
C ALA G 483 -53.15 -35.13 2.53
N ASP G 484 -53.04 -34.62 1.28
CA ASP G 484 -53.58 -33.29 0.89
C ASP G 484 -55.09 -33.27 1.15
N LEU G 485 -55.80 -34.37 0.90
CA LEU G 485 -57.25 -34.49 1.18
C LEU G 485 -57.47 -34.80 2.67
N MET G 486 -56.66 -35.67 3.27
CA MET G 486 -56.86 -36.09 4.67
C MET G 486 -56.81 -34.85 5.59
N THR G 487 -55.90 -33.90 5.34
CA THR G 487 -55.82 -32.67 6.18
C THR G 487 -57.11 -31.86 5.99
N ALA G 488 -57.61 -31.71 4.76
CA ALA G 488 -58.87 -30.98 4.50
C ALA G 488 -60.03 -31.66 5.26
N ILE G 489 -60.07 -32.99 5.27
CA ILE G 489 -61.18 -33.75 5.95
C ILE G 489 -61.04 -33.57 7.47
N MET G 490 -59.81 -33.64 8.00
CA MET G 490 -59.54 -33.48 9.47
C MET G 490 -60.18 -32.18 9.96
N PHE G 491 -60.07 -31.09 9.21
CA PHE G 491 -60.51 -29.74 9.66
C PHE G 491 -61.86 -29.36 9.05
N SER G 492 -62.59 -30.30 8.45
CA SER G 492 -63.94 -30.07 7.90
C SER G 492 -64.99 -30.32 8.98
N GLU G 493 -66.25 -29.96 8.72
CA GLU G 493 -67.40 -30.17 9.65
C GLU G 493 -67.69 -31.67 9.79
N ARG G 494 -68.21 -32.06 10.94
CA ARG G 494 -68.62 -33.46 11.25
C ARG G 494 -69.51 -34.00 10.13
N GLU G 495 -70.46 -33.20 9.64
CA GLU G 495 -71.43 -33.58 8.58
C GLU G 495 -70.66 -33.90 7.28
N GLN G 496 -69.62 -33.13 6.96
CA GLN G 496 -68.80 -33.34 5.73
C GLN G 496 -68.01 -34.64 5.86
N GLN G 497 -67.49 -34.94 7.05
CA GLN G 497 -66.75 -36.19 7.33
C GLN G 497 -67.70 -37.40 7.17
N ASP G 498 -68.90 -37.28 7.73
CA ASP G 498 -69.94 -38.35 7.72
C ASP G 498 -70.35 -38.63 6.26
N GLU G 499 -70.52 -37.58 5.46
CA GLU G 499 -70.89 -37.70 4.03
C GLU G 499 -69.78 -38.46 3.29
N LEU G 500 -68.51 -38.21 3.62
CA LEU G 500 -67.37 -38.91 2.97
C LEU G 500 -67.36 -40.38 3.39
N ILE G 501 -67.67 -40.67 4.66
CA ILE G 501 -67.75 -42.08 5.16
C ILE G 501 -68.78 -42.83 4.30
N ALA G 502 -69.93 -42.23 4.07
CA ALA G 502 -71.05 -42.77 3.24
C ALA G 502 -70.57 -42.96 1.79
N TYR G 503 -69.92 -41.95 1.21
CA TYR G 503 -69.36 -42.00 -0.17
C TYR G 503 -68.42 -43.21 -0.30
N TYR G 504 -67.45 -43.35 0.61
CA TYR G 504 -66.46 -44.45 0.56
C TYR G 504 -67.19 -45.80 0.65
N ALA G 505 -68.20 -45.89 1.50
CA ALA G 505 -69.01 -47.13 1.71
C ALA G 505 -69.77 -47.47 0.42
N ASP G 506 -70.35 -46.47 -0.25
CA ASP G 506 -71.10 -46.62 -1.53
C ASP G 506 -70.14 -47.04 -2.66
N VAL G 507 -68.92 -46.52 -2.67
CA VAL G 507 -67.89 -46.93 -3.67
C VAL G 507 -67.51 -48.40 -3.41
N HIS G 508 -67.29 -48.79 -2.15
CA HIS G 508 -66.86 -50.18 -1.81
C HIS G 508 -67.92 -51.16 -2.29
N ARG G 509 -69.19 -50.84 -2.00
CA ARG G 509 -70.41 -51.60 -2.38
C ARG G 509 -70.46 -51.76 -3.91
N GLU G 510 -70.17 -50.69 -4.65
CA GLU G 510 -70.23 -50.69 -6.14
C GLU G 510 -69.17 -51.64 -6.71
N TRP G 511 -67.97 -51.68 -6.14
CA TRP G 511 -66.79 -52.32 -6.80
C TRP G 511 -66.42 -53.67 -6.15
N HIS G 512 -67.04 -54.04 -5.02
CA HIS G 512 -66.66 -55.26 -4.26
C HIS G 512 -67.91 -56.08 -3.93
N VAL H 34 -70.28 28.41 -10.80
CA VAL H 34 -69.23 27.84 -9.92
C VAL H 34 -68.78 26.50 -10.50
N ILE H 35 -67.46 26.29 -10.60
CA ILE H 35 -66.85 24.98 -10.96
C ILE H 35 -66.11 24.45 -9.72
N VAL H 36 -66.47 23.24 -9.28
CA VAL H 36 -65.71 22.48 -8.25
C VAL H 36 -64.81 21.50 -9.00
N VAL H 37 -63.49 21.61 -8.82
CA VAL H 37 -62.51 20.68 -9.45
C VAL H 37 -62.19 19.59 -8.41
N GLY H 38 -62.74 18.40 -8.60
CA GLY H 38 -62.47 17.23 -7.75
C GLY H 38 -63.74 16.62 -7.21
N ASN H 39 -63.78 15.28 -7.18
CA ASN H 39 -65.00 14.50 -6.90
C ASN H 39 -64.73 13.52 -5.75
N GLY H 40 -63.84 13.89 -4.84
CA GLY H 40 -63.69 13.23 -3.54
C GLY H 40 -64.69 13.78 -2.56
N VAL H 41 -64.52 13.45 -1.29
CA VAL H 41 -65.44 13.90 -0.21
C VAL H 41 -65.45 15.43 -0.14
N LEU H 42 -64.31 16.11 -0.28
CA LEU H 42 -64.24 17.58 -0.09
C LEU H 42 -64.94 18.28 -1.26
N GLY H 43 -64.64 17.93 -2.51
CA GLY H 43 -65.29 18.52 -3.70
C GLY H 43 -66.80 18.33 -3.65
N LEU H 44 -67.25 17.10 -3.43
CA LEU H 44 -68.70 16.77 -3.43
C LEU H 44 -69.38 17.45 -2.23
N SER H 45 -68.72 17.51 -1.08
CA SER H 45 -69.32 18.11 0.15
C SER H 45 -69.51 19.62 -0.08
N VAL H 46 -68.52 20.30 -0.65
CA VAL H 46 -68.61 21.76 -0.95
C VAL H 46 -69.65 21.93 -2.08
N GLY H 47 -69.64 21.05 -3.09
CA GLY H 47 -70.64 21.04 -4.18
C GLY H 47 -72.06 21.01 -3.65
N VAL H 48 -72.37 20.07 -2.76
CA VAL H 48 -73.71 19.88 -2.13
C VAL H 48 -74.08 21.16 -1.38
N GLU H 49 -73.15 21.70 -0.57
CA GLU H 49 -73.43 22.88 0.29
C GLU H 49 -73.72 24.09 -0.60
N ILE H 50 -72.93 24.31 -1.66
CA ILE H 50 -73.11 25.44 -2.61
C ILE H 50 -74.47 25.27 -3.30
N ALA H 51 -74.73 24.10 -3.92
CA ALA H 51 -75.95 23.82 -4.68
C ALA H 51 -77.18 24.08 -3.81
N ARG H 52 -77.16 23.62 -2.55
CA ARG H 52 -78.33 23.70 -1.64
C ARG H 52 -78.56 25.13 -1.17
N THR H 53 -77.50 25.93 -0.95
CA THR H 53 -77.60 27.25 -0.27
C THR H 53 -77.66 28.38 -1.30
N ARG H 54 -77.24 28.15 -2.54
CA ARG H 54 -77.26 29.14 -3.63
C ARG H 54 -78.01 28.57 -4.84
N PRO H 55 -79.35 28.43 -4.79
CA PRO H 55 -80.12 27.98 -5.95
C PRO H 55 -80.07 28.95 -7.14
N ASP H 56 -79.58 30.18 -6.90
CA ASP H 56 -79.34 31.26 -7.90
C ASP H 56 -78.12 30.95 -8.78
N VAL H 57 -77.21 30.06 -8.37
CA VAL H 57 -75.93 29.79 -9.10
C VAL H 57 -75.98 28.39 -9.73
N ARG H 58 -75.36 28.28 -10.92
CA ARG H 58 -75.12 26.98 -11.60
C ARG H 58 -73.79 26.40 -11.10
N VAL H 59 -73.83 25.20 -10.49
CA VAL H 59 -72.60 24.56 -9.92
C VAL H 59 -72.32 23.27 -10.68
N THR H 60 -71.13 23.20 -11.29
CA THR H 60 -70.61 22.05 -12.08
C THR H 60 -69.44 21.44 -11.31
N LEU H 61 -69.45 20.11 -11.11
CA LEU H 61 -68.36 19.39 -10.40
C LEU H 61 -67.63 18.48 -11.39
N LEU H 62 -66.31 18.64 -11.47
CA LEU H 62 -65.40 17.90 -12.38
C LEU H 62 -64.77 16.71 -11.63
N GLY H 63 -64.38 15.69 -12.40
CA GLY H 63 -63.77 14.45 -11.87
C GLY H 63 -64.45 13.23 -12.46
N LYS H 64 -63.72 12.11 -12.54
CA LYS H 64 -64.11 10.89 -13.27
C LYS H 64 -64.47 9.78 -12.30
N PRO H 65 -65.33 8.82 -12.71
CA PRO H 65 -65.72 7.71 -11.84
C PRO H 65 -64.55 6.85 -11.33
N ALA H 66 -63.45 6.76 -12.10
CA ALA H 66 -62.24 5.98 -11.74
C ALA H 66 -61.62 6.55 -10.45
N ARG H 67 -61.79 7.86 -10.20
CA ARG H 67 -61.21 8.56 -9.02
C ARG H 67 -59.74 8.13 -8.86
N GLN H 68 -58.93 8.39 -9.88
CA GLN H 68 -57.49 8.01 -9.88
C GLN H 68 -56.81 8.63 -8.66
N TYR H 69 -56.06 7.80 -7.92
CA TYR H 69 -55.31 8.15 -6.68
C TYR H 69 -56.24 8.67 -5.58
N GLY H 70 -57.54 8.46 -5.70
CA GLY H 70 -58.55 9.03 -4.78
C GLY H 70 -58.36 8.54 -3.36
N ALA H 71 -58.18 9.45 -2.41
CA ALA H 71 -58.11 9.14 -0.97
C ALA H 71 -59.46 8.57 -0.48
N THR H 72 -60.56 9.25 -0.81
CA THR H 72 -61.88 8.99 -0.19
C THR H 72 -62.31 7.54 -0.38
N PRO H 73 -62.30 6.96 -1.61
CA PRO H 73 -62.78 5.59 -1.80
C PRO H 73 -61.90 4.53 -1.12
N ALA H 74 -60.66 4.88 -0.78
CA ALA H 74 -59.70 3.97 -0.09
C ALA H 74 -59.86 4.08 1.44
N ALA H 75 -60.71 4.99 1.92
CA ALA H 75 -60.93 5.27 3.35
C ALA H 75 -62.02 4.34 3.90
N GLY H 76 -61.99 4.05 5.19
CA GLY H 76 -62.90 3.11 5.87
C GLY H 76 -64.35 3.58 5.85
N ALA H 77 -64.65 4.72 6.49
CA ALA H 77 -63.69 5.62 7.08
C ALA H 77 -64.11 5.94 8.52
N MET H 78 -63.14 6.23 9.37
CA MET H 78 -63.37 6.63 10.77
C MET H 78 -63.69 8.13 10.80
N LEU H 79 -64.69 8.52 11.60
CA LEU H 79 -64.96 9.95 11.93
C LEU H 79 -64.04 10.29 13.09
N GLY H 80 -62.74 10.35 12.77
CA GLY H 80 -61.62 10.37 13.74
C GLY H 80 -61.33 11.80 14.16
N ALA H 81 -61.56 12.05 15.44
CA ALA H 81 -61.25 13.28 16.18
C ALA H 81 -60.28 12.90 17.30
N PHE H 82 -60.80 12.26 18.35
CA PHE H 82 -60.00 11.85 19.53
C PHE H 82 -59.08 10.69 19.15
N GLY H 83 -59.50 9.78 18.28
CA GLY H 83 -58.65 8.66 17.79
C GLY H 83 -57.42 9.15 17.06
N GLU H 84 -57.47 10.35 16.47
CA GLU H 84 -56.36 10.95 15.69
C GLU H 84 -55.39 11.72 16.59
N VAL H 85 -55.66 11.81 17.89
CA VAL H 85 -54.80 12.60 18.83
C VAL H 85 -53.44 11.89 18.97
N THR H 86 -52.36 12.66 18.85
CA THR H 86 -50.98 12.25 19.22
C THR H 86 -50.41 13.30 20.17
N ALA H 87 -49.49 12.90 21.05
CA ALA H 87 -48.71 13.80 21.92
C ALA H 87 -48.06 14.87 21.04
N HIS H 88 -47.45 14.47 19.91
CA HIS H 88 -46.69 15.35 19.00
C HIS H 88 -47.60 16.43 18.39
N ALA H 89 -48.80 16.05 17.93
CA ALA H 89 -49.79 16.99 17.33
C ALA H 89 -50.18 18.03 18.39
N LEU H 90 -50.56 17.61 19.59
CA LEU H 90 -51.12 18.49 20.65
C LEU H 90 -50.00 19.28 21.37
N ALA H 91 -48.73 19.01 21.06
CA ALA H 91 -47.58 19.79 21.58
C ALA H 91 -47.42 21.09 20.78
N SER H 92 -48.02 21.21 19.59
CA SER H 92 -47.89 22.40 18.71
C SER H 92 -49.21 23.17 18.66
N GLU H 93 -49.13 24.49 18.51
CA GLU H 93 -50.32 25.37 18.42
C GLU H 93 -51.14 24.96 17.20
N HIS H 94 -50.50 24.71 16.05
CA HIS H 94 -51.17 24.33 14.78
C HIS H 94 -51.87 22.99 14.97
N GLY H 95 -51.24 22.03 15.66
CA GLY H 95 -51.83 20.72 15.94
C GLY H 95 -53.07 20.84 16.83
N ARG H 96 -53.01 21.70 17.85
CA ARG H 96 -54.17 21.93 18.76
C ARG H 96 -55.32 22.56 17.97
N LYS H 97 -55.03 23.49 17.06
CA LYS H 97 -56.05 24.16 16.19
C LYS H 97 -56.72 23.11 15.31
N LYS H 98 -55.93 22.25 14.66
CA LYS H 98 -56.45 21.15 13.80
C LYS H 98 -57.37 20.25 14.64
N HIS H 99 -56.97 19.92 15.86
CA HIS H 99 -57.74 19.04 16.76
C HIS H 99 -59.09 19.69 17.13
N ALA H 100 -59.09 20.97 17.48
CA ALA H 100 -60.33 21.72 17.82
C ALA H 100 -61.32 21.59 16.67
N LEU H 101 -60.86 21.75 15.43
CA LEU H 101 -61.72 21.67 14.22
C LEU H 101 -62.31 20.27 14.08
N ALA H 102 -61.51 19.22 14.31
CA ALA H 102 -61.98 17.82 14.27
C ALA H 102 -63.10 17.64 15.31
N VAL H 103 -62.94 18.19 16.52
CA VAL H 103 -63.96 18.03 17.59
C VAL H 103 -65.25 18.77 17.15
N GLN H 104 -65.11 19.94 16.53
CA GLN H 104 -66.27 20.74 16.02
C GLN H 104 -66.99 19.97 14.91
N ALA H 105 -66.24 19.37 13.99
CA ALA H 105 -66.79 18.62 12.83
C ALA H 105 -67.68 17.48 13.32
N GLN H 106 -67.30 16.78 14.40
CA GLN H 106 -68.01 15.60 14.92
C GLN H 106 -69.47 15.95 15.22
N ARG H 107 -69.72 17.18 15.71
CA ARG H 107 -71.08 17.65 16.10
C ARG H 107 -71.98 17.73 14.86
N LEU H 108 -71.41 17.99 13.68
CA LEU H 108 -72.19 18.22 12.42
C LEU H 108 -72.63 16.89 11.79
N TRP H 109 -72.00 15.75 12.13
CA TRP H 109 -72.16 14.50 11.32
C TRP H 109 -73.58 13.94 11.39
N PRO H 110 -74.24 13.84 12.56
CA PRO H 110 -75.58 13.23 12.62
C PRO H 110 -76.60 13.88 11.67
N GLU H 111 -76.69 15.21 11.65
CA GLU H 111 -77.66 15.95 10.79
C GLU H 111 -77.19 15.97 9.34
N TRP H 112 -75.87 16.00 9.10
CA TRP H 112 -75.29 15.92 7.73
C TRP H 112 -75.71 14.59 7.10
N ILE H 113 -75.55 13.49 7.82
CA ILE H 113 -75.91 12.11 7.33
C ILE H 113 -77.42 12.05 7.09
N GLU H 114 -78.23 12.57 8.02
CA GLU H 114 -79.71 12.61 7.88
C GLU H 114 -80.06 13.31 6.55
N SER H 115 -79.43 14.45 6.27
CA SER H 115 -79.70 15.31 5.09
C SER H 115 -79.27 14.61 3.80
N LEU H 116 -78.25 13.74 3.85
CA LEU H 116 -77.75 13.02 2.64
C LEU H 116 -78.60 11.77 2.39
N GLU H 117 -78.96 11.04 3.45
CA GLU H 117 -79.79 9.81 3.32
C GLU H 117 -81.22 10.20 2.90
N ALA H 118 -81.66 11.41 3.26
CA ALA H 118 -83.01 11.95 2.95
C ALA H 118 -83.26 11.94 1.43
N THR H 119 -82.21 12.09 0.61
CA THR H 119 -82.31 12.16 -0.87
C THR H 119 -82.37 10.76 -1.47
N GLY H 120 -82.25 9.70 -0.65
CA GLY H 120 -82.23 8.31 -1.13
C GLY H 120 -83.34 7.49 -0.53
N THR H 121 -83.26 6.16 -0.68
CA THR H 121 -84.22 5.17 -0.13
C THR H 121 -83.43 4.11 0.64
N ALA H 122 -84.12 3.22 1.36
CA ALA H 122 -83.53 2.14 2.18
C ALA H 122 -82.50 1.35 1.36
N ALA H 123 -82.77 1.11 0.08
CA ALA H 123 -81.98 0.22 -0.81
C ALA H 123 -80.61 0.83 -1.13
N ASP H 124 -80.41 2.12 -0.86
CA ASP H 124 -79.11 2.82 -1.10
C ASP H 124 -78.10 2.43 0.01
N GLY H 125 -78.59 1.88 1.11
CA GLY H 125 -77.73 1.49 2.25
C GLY H 125 -77.47 2.66 3.19
N ARG H 126 -76.81 2.39 4.31
CA ARG H 126 -76.66 3.34 5.43
C ARG H 126 -75.25 3.92 5.40
N ILE H 127 -75.12 5.24 5.52
CA ILE H 127 -73.80 5.92 5.54
C ILE H 127 -73.06 5.51 6.80
N LYS H 128 -73.72 5.53 7.96
CA LYS H 128 -73.09 5.26 9.28
C LYS H 128 -72.92 3.75 9.46
N THR H 129 -71.73 3.27 9.83
CA THR H 129 -71.46 1.82 10.07
C THR H 129 -71.15 1.54 11.53
N ALA H 130 -70.85 2.55 12.34
CA ALA H 130 -70.59 2.38 13.79
C ALA H 130 -70.73 3.74 14.48
N ASP H 131 -71.15 3.73 15.74
CA ASP H 131 -71.35 4.96 16.55
C ASP H 131 -70.14 5.20 17.46
N ASP H 132 -69.44 4.13 17.86
CA ASP H 132 -68.40 4.19 18.92
C ASP H 132 -67.08 3.60 18.39
N THR H 133 -65.99 3.90 19.09
CA THR H 133 -64.62 3.47 18.74
C THR H 133 -63.98 2.89 20.01
N VAL H 134 -63.26 1.78 19.88
CA VAL H 134 -62.37 1.27 20.95
C VAL H 134 -60.93 1.45 20.46
N VAL H 135 -60.13 2.18 21.26
CA VAL H 135 -58.67 2.34 21.02
C VAL H 135 -57.97 1.27 21.85
N LEU H 136 -57.14 0.45 21.21
CA LEU H 136 -56.42 -0.66 21.85
C LEU H 136 -54.96 -0.25 22.02
N LEU H 137 -54.37 -0.61 23.16
CA LEU H 137 -52.93 -0.43 23.42
C LEU H 137 -52.31 -1.82 23.57
N ASN H 138 -51.43 -2.16 22.64
CA ASN H 138 -50.64 -3.41 22.65
C ASN H 138 -49.15 -3.00 22.61
N THR H 139 -48.24 -3.98 22.61
CA THR H 139 -46.78 -3.67 22.64
C THR H 139 -46.15 -3.94 21.27
N VAL H 140 -46.95 -3.99 20.20
CA VAL H 140 -46.43 -4.19 18.83
C VAL H 140 -46.16 -2.81 18.25
N GLY H 141 -45.24 -2.10 18.88
CA GLY H 141 -44.95 -0.71 18.53
C GLY H 141 -43.96 -0.09 19.49
N HIS H 142 -43.59 1.15 19.18
CA HIS H 142 -42.64 1.94 19.97
C HIS H 142 -43.40 2.52 21.17
N SER H 143 -42.87 2.32 22.38
CA SER H 143 -43.38 2.97 23.61
C SER H 143 -43.42 4.50 23.40
N ALA H 144 -42.44 5.08 22.71
CA ALA H 144 -42.29 6.55 22.52
C ALA H 144 -43.43 7.11 21.66
N LEU H 145 -44.08 6.27 20.84
CA LEU H 145 -45.30 6.69 20.10
C LEU H 145 -46.53 6.19 20.86
N ASP H 146 -46.69 4.87 20.98
CA ASP H 146 -47.97 4.26 21.42
C ASP H 146 -48.30 4.64 22.88
N ASP H 147 -47.33 4.59 23.80
CA ASP H 147 -47.62 4.88 25.23
C ASP H 147 -47.93 6.38 25.36
N ALA H 148 -47.13 7.24 24.74
CA ALA H 148 -47.29 8.72 24.77
C ALA H 148 -48.65 9.08 24.16
N ASN H 149 -49.04 8.41 23.07
CA ASN H 149 -50.27 8.77 22.32
C ASN H 149 -51.50 8.32 23.10
N PHE H 150 -51.46 7.16 23.75
CA PHE H 150 -52.58 6.65 24.57
C PHE H 150 -52.88 7.65 25.69
N ALA H 151 -51.82 8.11 26.37
CA ALA H 151 -51.91 9.14 27.44
C ALA H 151 -52.51 10.43 26.85
N ALA H 152 -52.07 10.85 25.65
CA ALA H 152 -52.53 12.10 25.00
C ALA H 152 -54.02 12.01 24.65
N VAL H 153 -54.48 10.85 24.18
CA VAL H 153 -55.92 10.61 23.82
C VAL H 153 -56.75 10.72 25.09
N LEU H 154 -56.37 10.06 26.18
CA LEU H 154 -57.07 10.11 27.49
C LEU H 154 -57.18 11.59 27.93
N THR H 155 -56.08 12.35 27.84
CA THR H 155 -56.05 13.76 28.31
C THR H 155 -57.00 14.60 27.44
N ALA H 156 -56.93 14.46 26.12
CA ALA H 156 -57.74 15.25 25.16
C ALA H 156 -59.23 14.97 25.37
N LEU H 157 -59.61 13.70 25.62
CA LEU H 157 -61.01 13.34 25.90
C LEU H 157 -61.49 14.06 27.16
N LYS H 158 -60.70 14.00 28.23
CA LYS H 158 -61.07 14.61 29.54
C LYS H 158 -61.16 16.14 29.37
N GLU H 159 -60.20 16.76 28.68
CA GLU H 159 -60.17 18.22 28.42
C GLU H 159 -61.45 18.64 27.68
N ALA H 160 -61.93 17.84 26.73
CA ALA H 160 -63.09 18.16 25.87
C ALA H 160 -64.40 17.81 26.58
N ASN H 161 -64.37 17.22 27.76
CA ASN H 161 -65.57 16.73 28.48
C ASN H 161 -66.30 15.70 27.60
N ALA H 162 -65.56 14.92 26.79
CA ALA H 162 -66.14 13.92 25.85
C ALA H 162 -66.51 12.67 26.63
N PRO H 163 -67.64 11.99 26.30
CA PRO H 163 -67.97 10.73 26.96
C PRO H 163 -67.02 9.61 26.49
N HIS H 164 -66.43 8.89 27.44
CA HIS H 164 -65.45 7.80 27.20
C HIS H 164 -65.26 7.03 28.50
N GLU H 165 -64.73 5.81 28.41
CA GLU H 165 -64.16 5.15 29.59
C GLU H 165 -63.10 4.13 29.18
N GLU H 166 -62.09 4.04 30.03
CA GLU H 166 -61.09 2.97 29.96
C GLU H 166 -61.80 1.70 30.42
N ILE H 167 -61.73 0.64 29.62
CA ILE H 167 -62.49 -0.62 29.86
C ILE H 167 -61.49 -1.77 29.98
N ALA H 168 -61.92 -2.85 30.62
CA ALA H 168 -61.15 -4.12 30.67
C ALA H 168 -61.06 -4.65 29.24
N VAL H 169 -59.88 -5.12 28.84
CA VAL H 169 -59.69 -5.66 27.47
C VAL H 169 -60.61 -6.87 27.27
N GLU H 170 -60.84 -7.66 28.33
CA GLU H 170 -61.73 -8.84 28.31
C GLU H 170 -63.16 -8.41 27.91
N SER H 171 -63.53 -7.14 28.11
CA SER H 171 -64.88 -6.63 27.81
C SER H 171 -64.99 -6.19 26.34
N VAL H 172 -63.88 -6.13 25.59
CA VAL H 172 -63.93 -5.75 24.15
C VAL H 172 -64.48 -6.97 23.40
N ASP H 173 -65.66 -6.82 22.81
CA ASP H 173 -66.34 -7.93 22.10
C ASP H 173 -65.59 -8.21 20.80
N TRP H 174 -65.72 -9.42 20.29
CA TRP H 174 -65.39 -9.83 18.90
C TRP H 174 -63.89 -10.13 18.76
N ILE H 175 -62.99 -9.28 19.26
CA ILE H 175 -61.52 -9.39 18.97
C ILE H 175 -61.01 -10.76 19.43
N ASP H 176 -60.02 -11.28 18.70
CA ASP H 176 -59.35 -12.55 19.02
C ASP H 176 -57.89 -12.42 18.61
N PRO H 177 -57.10 -11.58 19.31
CA PRO H 177 -55.71 -11.38 18.94
C PRO H 177 -54.85 -12.60 19.29
N ASP H 178 -53.71 -12.70 18.61
CA ASP H 178 -52.55 -13.47 19.13
C ASP H 178 -52.25 -12.99 20.54
N PRO H 179 -52.20 -13.87 21.56
CA PRO H 179 -51.85 -13.46 22.92
C PRO H 179 -50.56 -12.62 23.03
N ASN H 180 -49.53 -12.93 22.23
CA ASN H 180 -48.26 -12.16 22.22
C ASN H 180 -48.44 -10.79 21.57
N SER H 181 -49.59 -10.52 20.93
CA SER H 181 -49.89 -9.25 20.20
C SER H 181 -51.11 -8.56 20.83
N ARG H 182 -51.57 -9.03 21.99
CA ARG H 182 -52.90 -8.66 22.54
C ARG H 182 -52.80 -7.27 23.18
N PRO H 183 -53.93 -6.56 23.30
CA PRO H 183 -53.95 -5.31 24.04
C PRO H 183 -53.98 -5.61 25.54
N LEU H 184 -53.40 -4.71 26.33
CA LEU H 184 -53.51 -4.76 27.81
C LEU H 184 -54.31 -3.58 28.35
N ARG H 185 -54.57 -2.57 27.51
CA ARG H 185 -55.49 -1.46 27.84
C ARG H 185 -56.39 -1.19 26.64
N ALA H 186 -57.59 -0.69 26.92
CA ALA H 186 -58.61 -0.38 25.91
C ALA H 186 -59.41 0.83 26.39
N LEU H 187 -59.80 1.65 25.44
CA LEU H 187 -60.51 2.91 25.69
C LEU H 187 -61.73 2.97 24.78
N HIS H 188 -62.92 3.02 25.37
CA HIS H 188 -64.21 3.19 24.65
C HIS H 188 -64.49 4.69 24.48
N ILE H 189 -64.60 5.15 23.23
CA ILE H 189 -64.97 6.55 22.88
C ILE H 189 -66.40 6.52 22.35
N GLU H 190 -67.32 7.13 23.10
CA GLU H 190 -68.75 7.19 22.74
C GLU H 190 -68.97 8.28 21.70
N GLY H 191 -69.69 7.99 20.62
CA GLY H 191 -70.12 8.98 19.61
C GLY H 191 -69.00 9.35 18.67
N GLU H 192 -67.92 8.55 18.63
CA GLU H 192 -66.87 8.65 17.59
C GLU H 192 -66.95 7.37 16.77
N GLY H 193 -67.49 7.45 15.56
CA GLY H 193 -67.88 6.25 14.80
C GLY H 193 -67.22 6.19 13.45
N SER H 194 -67.94 5.67 12.47
CA SER H 194 -67.42 5.46 11.10
C SER H 194 -68.56 5.54 10.10
N VAL H 195 -68.18 5.78 8.86
CA VAL H 195 -69.09 5.79 7.69
C VAL H 195 -68.53 4.82 6.65
N ASP H 196 -69.39 4.32 5.78
CA ASP H 196 -68.99 3.62 4.54
C ASP H 196 -68.66 4.69 3.50
N SER H 197 -67.38 4.85 3.16
CA SER H 197 -66.88 5.91 2.26
C SER H 197 -67.55 5.80 0.88
N GLY H 198 -67.83 4.58 0.42
CA GLY H 198 -68.48 4.33 -0.89
C GLY H 198 -69.92 4.80 -0.87
N ILE H 199 -70.66 4.45 0.18
CA ILE H 199 -72.08 4.85 0.36
C ILE H 199 -72.13 6.37 0.57
N LEU H 200 -71.16 6.95 1.30
CA LEU H 200 -71.06 8.43 1.47
C LEU H 200 -70.91 9.09 0.10
N LEU H 201 -69.97 8.63 -0.74
CA LEU H 201 -69.73 9.24 -2.07
C LEU H 201 -71.01 9.16 -2.93
N ALA H 202 -71.69 8.02 -2.93
CA ALA H 202 -72.95 7.80 -3.68
C ALA H 202 -74.03 8.77 -3.16
N ALA H 203 -74.16 8.93 -1.84
CA ALA H 203 -75.14 9.83 -1.19
C ALA H 203 -74.81 11.29 -1.52
N LEU H 204 -73.53 11.65 -1.56
CA LEU H 204 -73.10 13.04 -1.91
C LEU H 204 -73.46 13.32 -3.38
N GLU H 205 -73.15 12.40 -4.30
CA GLU H 205 -73.44 12.58 -5.74
C GLU H 205 -74.96 12.76 -5.94
N ARG H 206 -75.75 11.88 -5.33
CA ARG H 206 -77.23 11.87 -5.43
C ARG H 206 -77.79 13.19 -4.85
N SER H 207 -77.26 13.62 -3.70
CA SER H 207 -77.69 14.86 -3.01
C SER H 207 -77.29 16.08 -3.84
N PHE H 208 -76.13 16.03 -4.51
CA PHE H 208 -75.64 17.12 -5.39
C PHE H 208 -76.63 17.29 -6.55
N LEU H 209 -77.00 16.19 -7.21
CA LEU H 209 -77.94 16.20 -8.36
C LEU H 209 -79.31 16.69 -7.90
N GLN H 210 -79.78 16.25 -6.73
CA GLN H 210 -81.12 16.62 -6.19
C GLN H 210 -81.19 18.13 -6.00
N ALA H 211 -80.07 18.78 -5.65
CA ALA H 211 -79.98 20.23 -5.34
C ALA H 211 -79.68 21.03 -6.61
N GLY H 212 -79.62 20.39 -7.77
CA GLY H 212 -79.47 21.05 -9.09
C GLY H 212 -78.03 21.14 -9.53
N GLY H 213 -77.11 20.45 -8.88
CA GLY H 213 -75.70 20.39 -9.32
C GLY H 213 -75.58 19.58 -10.59
N ARG H 214 -74.58 19.84 -11.43
CA ARG H 214 -74.32 19.00 -12.62
C ARG H 214 -72.93 18.35 -12.49
N LEU H 215 -72.87 17.04 -12.74
CA LEU H 215 -71.62 16.24 -12.74
C LEU H 215 -71.10 16.17 -14.18
N HIS H 216 -69.89 16.66 -14.42
CA HIS H 216 -69.22 16.61 -15.74
C HIS H 216 -67.98 15.72 -15.60
N PRO H 217 -68.04 14.46 -16.06
CA PRO H 217 -66.99 13.47 -15.79
C PRO H 217 -65.73 13.65 -16.65
N VAL H 218 -65.09 14.82 -16.52
CA VAL H 218 -63.78 15.13 -17.15
C VAL H 218 -62.90 15.74 -16.05
N ASP H 219 -61.60 15.86 -16.31
CA ASP H 219 -60.63 16.49 -15.38
C ASP H 219 -60.31 17.89 -15.89
N ALA H 220 -60.11 18.83 -14.96
CA ALA H 220 -59.48 20.14 -15.23
C ALA H 220 -58.02 19.89 -15.67
N THR H 221 -57.58 20.54 -16.75
CA THR H 221 -56.16 20.57 -17.17
C THR H 221 -55.52 21.90 -16.73
N GLU H 222 -56.30 22.99 -16.76
CA GLU H 222 -55.77 24.36 -16.56
C GLU H 222 -56.87 25.25 -15.98
N ILE H 223 -56.51 26.05 -14.97
CA ILE H 223 -57.37 27.15 -14.47
C ILE H 223 -56.98 28.41 -15.27
N ARG H 224 -57.96 29.06 -15.88
CA ARG H 224 -57.73 30.29 -16.68
C ARG H 224 -58.08 31.49 -15.81
N ALA H 225 -57.15 32.43 -15.72
CA ALA H 225 -57.30 33.68 -14.93
C ALA H 225 -56.47 34.78 -15.60
N SER H 226 -56.94 36.02 -15.48
CA SER H 226 -56.19 37.24 -15.89
C SER H 226 -56.83 38.43 -15.19
N HIS H 227 -56.08 39.51 -15.04
CA HIS H 227 -56.48 40.71 -14.27
C HIS H 227 -56.96 40.26 -12.89
N GLY H 228 -56.20 39.32 -12.29
CA GLY H 228 -56.35 38.81 -10.91
C GLY H 228 -57.72 38.20 -10.62
N ARG H 229 -58.36 37.56 -11.60
CA ARG H 229 -59.72 37.00 -11.42
C ARG H 229 -59.87 35.73 -12.28
N VAL H 230 -60.57 34.72 -11.78
CA VAL H 230 -60.79 33.43 -12.51
C VAL H 230 -61.77 33.69 -13.67
N GLU H 231 -61.50 33.07 -14.81
CA GLU H 231 -62.37 33.07 -16.03
C GLU H 231 -63.04 31.71 -16.20
N GLY H 232 -62.36 30.63 -15.78
CA GLY H 232 -62.91 29.27 -15.81
C GLY H 232 -61.83 28.20 -15.92
N VAL H 233 -62.18 27.05 -16.50
CA VAL H 233 -61.35 25.82 -16.49
C VAL H 233 -61.30 25.21 -17.90
N VAL H 234 -60.10 24.93 -18.40
CA VAL H 234 -59.88 24.04 -19.58
C VAL H 234 -59.93 22.60 -19.06
N THR H 235 -60.69 21.73 -19.72
CA THR H 235 -60.86 20.30 -19.35
C THR H 235 -60.01 19.44 -20.29
N ASP H 236 -59.82 18.16 -19.94
CA ASP H 236 -58.87 17.25 -20.64
C ASP H 236 -59.52 16.66 -21.90
N ASP H 237 -60.75 17.05 -22.21
CA ASP H 237 -61.42 16.78 -23.51
C ASP H 237 -61.24 17.99 -24.44
N GLY H 238 -60.47 19.00 -24.03
CA GLY H 238 -60.11 20.18 -24.86
C GLY H 238 -61.10 21.33 -24.71
N ASP H 239 -62.18 21.14 -23.97
CA ASP H 239 -63.29 22.11 -23.81
C ASP H 239 -62.86 23.24 -22.85
N PHE H 240 -63.59 24.37 -22.85
CA PHE H 240 -63.44 25.46 -21.85
C PHE H 240 -64.79 25.73 -21.19
N LEU H 241 -64.83 25.65 -19.85
CA LEU H 241 -66.03 25.93 -19.03
C LEU H 241 -65.82 27.28 -18.33
N PRO H 242 -66.66 28.31 -18.59
CA PRO H 242 -66.52 29.60 -17.90
C PRO H 242 -67.05 29.55 -16.47
N ALA H 243 -66.49 30.36 -15.57
CA ALA H 243 -66.95 30.45 -14.15
C ALA H 243 -66.49 31.75 -13.51
N GLY H 244 -67.30 32.26 -12.57
CA GLY H 244 -66.93 33.34 -11.65
C GLY H 244 -66.21 32.80 -10.42
N HIS H 245 -66.41 31.52 -10.08
CA HIS H 245 -65.78 30.85 -8.91
C HIS H 245 -65.23 29.48 -9.32
N VAL H 246 -63.98 29.20 -8.99
CA VAL H 246 -63.37 27.83 -9.10
C VAL H 246 -62.89 27.41 -7.72
N VAL H 247 -63.42 26.28 -7.24
CA VAL H 247 -63.01 25.64 -5.94
C VAL H 247 -62.17 24.41 -6.28
N VAL H 248 -60.88 24.44 -5.93
CA VAL H 248 -59.95 23.32 -6.21
C VAL H 248 -59.96 22.38 -4.99
N ALA H 249 -60.48 21.17 -5.21
CA ALA H 249 -60.52 20.08 -4.21
C ALA H 249 -60.13 18.77 -4.92
N ALA H 250 -58.97 18.80 -5.58
CA ALA H 250 -58.46 17.72 -6.44
C ALA H 250 -57.47 16.83 -5.67
N GLY H 251 -57.64 16.76 -4.35
CA GLY H 251 -56.76 15.95 -3.47
C GLY H 251 -55.31 16.30 -3.69
N ALA H 252 -54.44 15.29 -3.82
CA ALA H 252 -52.98 15.47 -3.90
C ALA H 252 -52.58 16.22 -5.19
N ARG H 253 -53.50 16.43 -6.14
CA ARG H 253 -53.20 17.15 -7.42
C ARG H 253 -53.48 18.67 -7.28
N SER H 254 -54.01 19.11 -6.14
CA SER H 254 -54.62 20.47 -5.97
C SER H 254 -53.58 21.59 -6.17
N GLN H 255 -52.40 21.51 -5.55
CA GLN H 255 -51.39 22.59 -5.64
C GLN H 255 -50.77 22.58 -7.04
N ARG H 256 -50.50 21.40 -7.61
CA ARG H 256 -49.91 21.29 -8.97
C ARG H 256 -50.82 22.04 -9.96
N LEU H 257 -52.13 21.99 -9.76
CA LEU H 257 -53.13 22.63 -10.67
C LEU H 257 -53.02 24.16 -10.55
N VAL H 258 -52.98 24.70 -9.34
CA VAL H 258 -53.00 26.19 -9.07
C VAL H 258 -51.59 26.78 -9.29
N ALA H 259 -50.53 25.98 -9.15
CA ALA H 259 -49.12 26.45 -9.18
C ALA H 259 -48.75 26.99 -10.56
N ALA H 260 -49.54 26.68 -11.60
CA ALA H 260 -49.33 27.15 -12.99
C ALA H 260 -49.60 28.67 -13.10
N LEU H 261 -50.43 29.23 -12.22
CA LEU H 261 -50.81 30.67 -12.23
C LEU H 261 -49.65 31.52 -11.72
N PRO H 262 -49.50 32.79 -12.19
CA PRO H 262 -48.32 33.61 -11.89
C PRO H 262 -48.04 33.80 -10.39
N GLY H 263 -46.81 33.50 -9.95
CA GLY H 263 -46.35 33.68 -8.55
C GLY H 263 -46.72 32.50 -7.65
N LEU H 264 -47.77 31.76 -7.98
CA LEU H 264 -48.45 30.83 -7.04
C LEU H 264 -47.60 29.58 -6.80
N ALA H 265 -46.62 29.28 -7.66
CA ALA H 265 -45.67 28.14 -7.50
C ALA H 265 -45.01 28.22 -6.13
N HIS H 266 -44.74 29.42 -5.61
CA HIS H 266 -44.01 29.61 -4.33
C HIS H 266 -44.90 30.29 -3.28
N ARG H 267 -46.20 30.39 -3.53
CA ARG H 267 -47.18 31.03 -2.60
C ARG H 267 -48.22 30.01 -2.11
N ILE H 268 -48.40 28.91 -2.82
CA ILE H 268 -49.28 27.78 -2.40
C ILE H 268 -48.38 26.61 -1.97
N PRO H 269 -48.36 26.24 -0.68
CA PRO H 269 -47.54 25.13 -0.21
C PRO H 269 -47.79 23.86 -1.04
N ARG H 270 -46.72 23.16 -1.41
CA ARG H 270 -46.81 21.87 -2.15
C ARG H 270 -47.64 20.87 -1.34
N ILE H 271 -48.33 19.99 -2.07
CA ILE H 271 -49.10 18.84 -1.53
C ILE H 271 -48.58 17.59 -2.23
N TYR H 272 -48.16 16.59 -1.45
CA TYR H 272 -47.63 15.32 -1.97
C TYR H 272 -48.66 14.21 -1.74
N ASP H 273 -48.34 13.00 -2.22
CA ASP H 273 -49.20 11.79 -2.12
C ASP H 273 -48.81 10.99 -0.88
N GLY H 274 -49.66 11.02 0.15
CA GLY H 274 -49.61 10.08 1.28
C GLY H 274 -50.24 8.77 0.89
N VAL H 275 -49.49 7.93 0.17
CA VAL H 275 -50.04 6.70 -0.48
C VAL H 275 -50.46 5.75 0.64
N GLY H 276 -51.71 5.33 0.61
CA GLY H 276 -52.30 4.50 1.67
C GLY H 276 -52.91 3.24 1.10
N VAL H 277 -52.66 2.12 1.75
CA VAL H 277 -53.24 0.81 1.33
C VAL H 277 -54.22 0.36 2.40
N SER H 278 -55.38 -0.10 1.96
CA SER H 278 -56.44 -0.69 2.82
C SER H 278 -56.99 -1.92 2.12
N ALA H 279 -57.87 -2.65 2.79
CA ALA H 279 -58.42 -3.88 2.18
C ALA H 279 -59.83 -4.15 2.68
N LEU H 280 -60.64 -4.72 1.81
CA LEU H 280 -61.98 -5.24 2.16
C LEU H 280 -61.85 -6.76 2.25
N VAL H 281 -62.32 -7.31 3.36
CA VAL H 281 -62.22 -8.75 3.72
C VAL H 281 -63.63 -9.24 4.01
N ASP H 282 -64.03 -10.35 3.40
CA ASP H 282 -65.26 -11.09 3.80
C ASP H 282 -64.89 -12.00 4.95
N THR H 283 -65.42 -11.74 6.15
CA THR H 283 -65.03 -12.47 7.37
C THR H 283 -65.48 -13.93 7.25
N TRP H 284 -64.69 -14.82 7.84
CA TRP H 284 -64.87 -16.30 7.85
C TRP H 284 -66.32 -16.67 8.19
N ASP H 285 -66.99 -15.94 9.09
CA ASP H 285 -68.36 -16.29 9.59
C ASP H 285 -69.35 -15.15 9.31
N GLY H 286 -68.97 -14.15 8.52
CA GLY H 286 -69.83 -13.00 8.21
C GLY H 286 -69.99 -12.03 9.38
N SER H 287 -69.31 -12.26 10.50
CA SER H 287 -69.36 -11.37 11.70
C SER H 287 -68.47 -10.14 11.50
N GLY H 288 -68.64 -9.17 12.39
CA GLY H 288 -67.78 -7.97 12.48
C GLY H 288 -67.97 -7.36 13.86
N PRO H 289 -67.06 -6.46 14.29
CA PRO H 289 -67.21 -5.77 15.57
C PRO H 289 -68.32 -4.71 15.45
N ALA H 290 -68.93 -4.38 16.58
CA ALA H 290 -70.01 -3.39 16.71
C ALA H 290 -69.40 -1.97 16.68
N THR H 291 -68.11 -1.85 17.02
CA THR H 291 -67.40 -0.55 17.07
C THR H 291 -66.24 -0.55 16.09
N VAL H 292 -65.76 0.63 15.73
CA VAL H 292 -64.41 0.81 15.17
C VAL H 292 -63.43 0.22 16.19
N LEU H 293 -62.40 -0.45 15.69
CA LEU H 293 -61.24 -0.90 16.50
C LEU H 293 -60.02 -0.20 15.92
N ARG H 294 -59.21 0.44 16.75
CA ARG H 294 -58.02 1.15 16.24
C ARG H 294 -56.92 1.22 17.29
N THR H 295 -55.69 1.40 16.81
CA THR H 295 -54.56 1.92 17.59
C THR H 295 -54.52 3.45 17.37
N SER H 296 -53.73 4.13 18.18
CA SER H 296 -53.31 5.52 17.88
C SER H 296 -52.47 5.52 16.61
N ASN H 297 -52.24 6.71 16.06
CA ASN H 297 -51.42 6.89 14.84
C ASN H 297 -50.01 6.40 15.12
N ARG H 298 -49.42 5.70 14.16
CA ARG H 298 -48.14 4.96 14.33
C ARG H 298 -47.11 5.56 13.37
N ALA H 299 -46.01 4.84 13.14
CA ALA H 299 -44.81 5.32 12.42
C ALA H 299 -45.20 6.01 11.12
N PHE H 300 -44.76 7.26 10.97
CA PHE H 300 -44.97 8.09 9.76
C PHE H 300 -46.45 8.10 9.35
N ALA H 301 -47.35 8.21 10.33
CA ALA H 301 -48.81 8.42 10.14
C ALA H 301 -49.45 7.19 9.46
N GLY H 303 -51.24 3.44 10.65
CA GLY H 303 -52.06 3.09 11.82
C GLY H 303 -52.80 1.81 11.52
N LEU H 304 -53.35 1.19 12.55
CA LEU H 304 -54.09 -0.07 12.36
C LEU H 304 -55.52 0.19 12.79
N HIS H 305 -56.47 -0.16 11.94
CA HIS H 305 -57.90 -0.02 12.30
C HIS H 305 -58.74 -1.01 11.50
N LEU H 306 -59.88 -1.33 12.07
CA LEU H 306 -60.94 -2.08 11.41
C LEU H 306 -62.21 -1.24 11.48
N VAL H 307 -62.80 -0.95 10.33
CA VAL H 307 -64.07 -0.19 10.21
C VAL H 307 -65.16 -1.18 9.80
N PRO H 308 -66.23 -1.32 10.60
CA PRO H 308 -67.35 -2.19 10.22
C PRO H 308 -67.94 -1.78 8.87
N ARG H 309 -68.40 -2.77 8.11
CA ARG H 309 -69.18 -2.58 6.87
C ARG H 309 -70.41 -3.50 6.93
N ALA H 310 -71.43 -3.22 6.12
CA ALA H 310 -72.62 -4.09 5.99
C ALA H 310 -72.25 -5.36 5.20
N GLY H 311 -73.02 -6.43 5.34
CA GLY H 311 -73.01 -7.58 4.41
C GLY H 311 -71.82 -8.52 4.61
N GLY H 312 -71.31 -8.67 5.83
CA GLY H 312 -70.28 -9.69 6.15
C GLY H 312 -68.88 -9.28 5.69
N SER H 313 -68.69 -8.00 5.39
CA SER H 313 -67.40 -7.38 5.00
C SER H 313 -66.85 -6.59 6.19
N VAL H 314 -65.53 -6.53 6.32
CA VAL H 314 -64.84 -5.53 7.16
C VAL H 314 -63.82 -4.78 6.30
N TYR H 315 -63.58 -3.53 6.65
CA TYR H 315 -62.49 -2.73 6.11
C TYR H 315 -61.33 -2.80 7.10
N ILE H 316 -60.11 -3.05 6.60
CA ILE H 316 -58.90 -2.96 7.45
C ILE H 316 -57.95 -1.97 6.78
N GLY H 317 -57.30 -1.18 7.61
CA GLY H 317 -56.37 -0.14 7.14
C GLY H 317 -55.40 0.21 8.25
N ALA H 318 -54.45 1.08 7.96
CA ALA H 318 -54.15 1.58 6.62
C ALA H 318 -52.70 2.04 6.65
N THR H 319 -51.94 1.71 5.61
CA THR H 319 -50.52 2.09 5.52
C THR H 319 -50.44 3.56 5.11
N ASN H 320 -49.26 4.14 5.23
CA ASN H 320 -49.00 5.50 4.71
C ASN H 320 -47.54 5.58 4.29
N ALA H 321 -47.30 6.15 3.13
CA ALA H 321 -45.94 6.45 2.62
C ALA H 321 -46.04 7.72 1.80
N VAL H 322 -45.37 8.78 2.23
CA VAL H 322 -45.31 10.01 1.41
C VAL H 322 -44.42 9.71 0.22
N CYS H 323 -44.95 9.88 -0.99
CA CYS H 323 -44.23 9.67 -2.26
C CYS H 323 -44.19 11.00 -3.02
N LEU H 324 -43.03 11.32 -3.61
CA LEU H 324 -42.83 12.62 -4.33
C LEU H 324 -43.53 12.55 -5.69
N GLU H 325 -43.86 11.35 -6.17
CA GLU H 325 -44.71 11.15 -7.37
C GLU H 325 -45.82 10.18 -7.02
N PRO H 326 -47.01 10.29 -7.63
CA PRO H 326 -48.14 9.43 -7.26
C PRO H 326 -47.87 7.96 -7.59
N ARG H 327 -48.52 7.08 -6.83
CA ARG H 327 -48.48 5.62 -7.03
C ARG H 327 -49.88 5.09 -6.77
N GLY H 328 -50.40 4.29 -7.70
CA GLY H 328 -51.78 3.79 -7.65
C GLY H 328 -51.88 2.30 -7.39
N ALA H 329 -50.77 1.62 -7.09
CA ALA H 329 -50.76 0.18 -6.76
C ALA H 329 -50.03 -0.03 -5.43
N ALA H 330 -50.50 -0.97 -4.63
CA ALA H 330 -49.88 -1.35 -3.34
C ALA H 330 -48.53 -2.03 -3.64
N SER H 331 -47.54 -1.80 -2.79
CA SER H 331 -46.33 -2.65 -2.75
C SER H 331 -46.70 -3.95 -2.03
N ILE H 332 -45.95 -5.01 -2.32
CA ILE H 332 -46.05 -6.29 -1.57
C ILE H 332 -45.88 -5.98 -0.08
N GLU H 333 -44.88 -5.19 0.27
CA GLU H 333 -44.54 -4.86 1.69
C GLU H 333 -45.76 -4.28 2.40
N GLU H 334 -46.46 -3.34 1.77
CA GLU H 334 -47.66 -2.66 2.36
C GLU H 334 -48.74 -3.70 2.64
N THR H 335 -49.01 -4.59 1.69
CA THR H 335 -50.06 -5.63 1.84
C THR H 335 -49.71 -6.55 3.00
N VAL H 336 -48.47 -7.07 3.02
CA VAL H 336 -48.03 -8.01 4.07
C VAL H 336 -48.13 -7.32 5.43
N PHE H 337 -47.65 -6.08 5.55
CA PHE H 337 -47.63 -5.35 6.85
C PHE H 337 -49.07 -5.19 7.35
N LEU H 338 -49.97 -4.68 6.51
CA LEU H 338 -51.38 -4.44 6.89
C LEU H 338 -52.01 -5.75 7.36
N PHE H 339 -51.89 -6.81 6.56
CA PHE H 339 -52.51 -8.11 6.85
C PHE H 339 -51.93 -8.68 8.14
N ASN H 340 -50.62 -8.62 8.29
CA ASN H 340 -49.93 -9.19 9.47
C ASN H 340 -50.42 -8.49 10.75
N CYS H 341 -50.49 -7.17 10.73
CA CYS H 341 -50.95 -6.37 11.91
C CYS H 341 -52.40 -6.73 12.26
N ALA H 342 -53.29 -6.78 11.27
CA ALA H 342 -54.74 -7.00 11.50
C ALA H 342 -54.96 -8.40 12.07
N THR H 343 -54.30 -9.41 11.49
CA THR H 343 -54.50 -10.83 11.87
C THR H 343 -53.99 -11.07 13.28
N HIS H 344 -52.88 -10.43 13.68
CA HIS H 344 -52.24 -10.66 15.01
C HIS H 344 -52.93 -9.81 16.09
N GLN H 345 -53.15 -8.52 15.79
CA GLN H 345 -53.50 -7.52 16.83
C GLN H 345 -55.02 -7.41 16.97
N LEU H 346 -55.80 -7.75 15.94
CA LEU H 346 -57.28 -7.57 15.98
C LEU H 346 -58.00 -8.92 16.02
N HIS H 347 -57.84 -9.77 15.01
CA HIS H 347 -58.60 -11.04 14.96
C HIS H 347 -57.90 -12.06 14.06
N ARG H 348 -57.47 -13.16 14.66
CA ARG H 348 -56.77 -14.26 13.94
C ARG H 348 -57.71 -14.91 12.91
N GLY H 349 -59.04 -14.79 13.11
CA GLY H 349 -60.05 -15.24 12.14
C GLY H 349 -59.91 -14.56 10.79
N LEU H 350 -59.34 -13.35 10.74
CA LEU H 350 -59.10 -12.65 9.46
C LEU H 350 -58.10 -13.43 8.60
N ASN H 351 -57.26 -14.26 9.20
CA ASN H 351 -56.23 -15.03 8.47
C ASN H 351 -56.90 -15.96 7.45
N GLY H 352 -57.98 -16.62 7.85
CA GLY H 352 -58.74 -17.56 7.00
C GLY H 352 -59.87 -16.88 6.25
N SER H 353 -59.98 -15.56 6.37
CA SER H 353 -61.01 -14.77 5.68
C SER H 353 -60.58 -14.46 4.24
N GLU H 354 -61.55 -14.22 3.37
CA GLU H 354 -61.32 -14.02 1.93
C GLU H 354 -61.02 -12.54 1.67
N LEU H 355 -59.91 -12.29 0.98
CA LEU H 355 -59.53 -10.96 0.46
C LEU H 355 -60.44 -10.62 -0.71
N ARG H 356 -61.23 -9.55 -0.59
CA ARG H 356 -62.13 -9.09 -1.68
C ARG H 356 -61.43 -8.03 -2.51
N LYS H 357 -60.73 -7.09 -1.88
CA LYS H 357 -60.16 -5.95 -2.62
C LYS H 357 -58.99 -5.35 -1.84
N VAL H 358 -57.89 -5.09 -2.54
CA VAL H 358 -56.79 -4.21 -2.04
C VAL H 358 -57.06 -2.84 -2.64
N GLN H 359 -57.18 -1.81 -1.78
CA GLN H 359 -57.50 -0.43 -2.20
C GLN H 359 -56.27 0.44 -1.97
N VAL H 360 -56.02 1.37 -2.88
CA VAL H 360 -54.90 2.34 -2.79
C VAL H 360 -55.43 3.74 -3.08
N GLY H 361 -55.12 4.71 -2.22
CA GLY H 361 -55.48 6.13 -2.42
C GLY H 361 -54.40 7.06 -1.90
N SER H 362 -54.42 8.33 -2.30
CA SER H 362 -53.39 9.33 -1.89
C SER H 362 -53.99 10.33 -0.90
N ARG H 363 -53.60 10.23 0.36
CA ARG H 363 -53.86 11.28 1.37
C ARG H 363 -53.16 12.55 0.87
N PRO H 364 -53.86 13.69 0.72
CA PRO H 364 -53.21 14.93 0.31
C PRO H 364 -52.28 15.40 1.46
N ALA H 365 -50.97 15.30 1.24
CA ALA H 365 -49.92 15.51 2.26
C ALA H 365 -49.29 16.88 2.08
N PRO H 366 -49.71 17.91 2.86
CA PRO H 366 -49.12 19.25 2.71
C PRO H 366 -47.67 19.26 3.19
N ILE H 367 -46.79 19.94 2.46
CA ILE H 367 -45.32 19.98 2.74
C ILE H 367 -45.05 20.61 4.12
N ASP H 368 -45.95 21.45 4.65
CA ASP H 368 -45.74 22.14 5.95
C ASP H 368 -46.63 21.50 7.03
N GLY H 369 -47.35 20.43 6.70
CA GLY H 369 -48.04 19.57 7.68
C GLY H 369 -49.45 20.02 8.01
N PHE H 370 -49.96 21.09 7.37
CA PHE H 370 -51.30 21.63 7.71
C PHE H 370 -52.11 21.88 6.44
N PRO H 371 -53.45 21.80 6.57
CA PRO H 371 -54.34 21.91 5.43
C PRO H 371 -54.28 23.28 4.73
N LEU H 372 -54.80 23.32 3.50
CA LEU H 372 -54.93 24.51 2.63
C LEU H 372 -56.42 24.74 2.40
N ILE H 373 -57.01 25.68 3.15
CA ILE H 373 -58.49 25.88 3.20
C ILE H 373 -58.79 27.38 3.09
N GLY H 374 -59.43 27.79 2.00
CA GLY H 374 -60.03 29.14 1.92
C GLY H 374 -59.63 29.84 0.65
N GLY H 375 -59.53 31.17 0.73
CA GLY H 375 -59.38 32.06 -0.43
C GLY H 375 -57.94 32.26 -0.82
N THR H 376 -57.74 32.96 -1.93
CA THR H 376 -56.49 33.11 -2.70
C THR H 376 -56.37 34.62 -3.03
N SER H 377 -55.23 35.07 -3.55
CA SER H 377 -55.03 36.44 -4.08
C SER H 377 -55.74 36.61 -5.43
N VAL H 378 -56.18 35.52 -6.05
CA VAL H 378 -57.01 35.52 -7.29
C VAL H 378 -58.50 35.53 -6.88
N GLU H 379 -59.24 36.56 -7.27
CA GLU H 379 -60.68 36.70 -6.95
C GLU H 379 -61.42 35.50 -7.54
N GLY H 380 -62.28 34.86 -6.74
CA GLY H 380 -63.10 33.71 -7.14
C GLY H 380 -62.35 32.37 -7.10
N LEU H 381 -61.05 32.35 -6.73
CA LEU H 381 -60.27 31.09 -6.64
C LEU H 381 -60.15 30.65 -5.18
N TRP H 382 -60.63 29.43 -4.90
CA TRP H 382 -60.69 28.83 -3.55
C TRP H 382 -60.00 27.46 -3.57
N MET H 383 -59.48 27.04 -2.42
CA MET H 383 -58.84 25.71 -2.26
C MET H 383 -59.41 25.01 -1.02
N LEU H 384 -59.62 23.71 -1.14
CA LEU H 384 -59.97 22.80 -0.03
C LEU H 384 -59.11 21.54 -0.21
N SER H 385 -57.95 21.46 0.46
CA SER H 385 -56.99 20.33 0.27
C SER H 385 -55.98 20.25 1.41
N GLY H 386 -55.03 19.32 1.26
CA GLY H 386 -53.92 19.07 2.22
C GLY H 386 -54.43 18.56 3.54
N THR H 387 -55.52 17.79 3.56
CA THR H 387 -56.17 17.32 4.81
C THR H 387 -55.56 15.99 5.31
N TYR H 388 -54.68 15.35 4.54
CA TYR H 388 -53.89 14.17 4.98
C TYR H 388 -54.82 13.08 5.53
N ARG H 389 -54.84 12.82 6.84
CA ARG H 389 -55.55 11.65 7.43
C ARG H 389 -57.02 11.96 7.78
N ASP H 390 -57.47 13.22 7.75
CA ASP H 390 -58.78 13.52 8.41
C ASP H 390 -59.60 14.59 7.68
N GLY H 391 -59.42 14.75 6.37
CA GLY H 391 -60.28 15.58 5.52
C GLY H 391 -61.70 15.06 5.46
N LEU H 392 -61.87 13.74 5.34
CA LEU H 392 -63.22 13.12 5.27
C LEU H 392 -63.96 13.45 6.56
N HIS H 393 -63.35 13.22 7.72
CA HIS H 393 -63.95 13.58 9.03
C HIS H 393 -64.32 15.07 9.05
N MET H 394 -63.43 15.95 8.60
CA MET H 394 -63.62 17.41 8.76
C MET H 394 -64.55 17.97 7.67
N SER H 395 -64.91 17.17 6.67
CA SER H 395 -65.54 17.62 5.39
C SER H 395 -66.76 18.53 5.63
N PRO H 396 -67.76 18.20 6.49
CA PRO H 396 -68.93 19.07 6.62
C PRO H 396 -68.54 20.45 7.17
N LEU H 397 -67.59 20.51 8.10
CA LEU H 397 -67.10 21.77 8.70
C LEU H 397 -66.33 22.57 7.65
N LEU H 398 -65.41 21.92 6.92
CA LEU H 398 -64.57 22.59 5.89
C LEU H 398 -65.47 23.15 4.78
N ALA H 399 -66.46 22.37 4.34
CA ALA H 399 -67.40 22.76 3.28
C ALA H 399 -68.16 24.04 3.72
N ARG H 400 -68.70 24.03 4.93
CA ARG H 400 -69.49 25.17 5.49
C ARG H 400 -68.58 26.40 5.63
N HIS H 401 -67.32 26.21 6.00
CA HIS H 401 -66.33 27.31 6.13
C HIS H 401 -66.15 27.99 4.77
N VAL H 402 -65.84 27.22 3.73
CA VAL H 402 -65.51 27.80 2.40
C VAL H 402 -66.78 28.45 1.81
N VAL H 403 -67.95 27.85 2.00
CA VAL H 403 -69.23 28.40 1.47
C VAL H 403 -69.53 29.74 2.17
N SER H 404 -69.34 29.83 3.48
CA SER H 404 -69.46 31.09 4.25
C SER H 404 -68.54 32.15 3.64
N LEU H 405 -67.27 31.81 3.40
CA LEU H 405 -66.28 32.76 2.81
C LEU H 405 -66.78 33.23 1.44
N MET H 406 -67.30 32.32 0.62
CA MET H 406 -67.76 32.62 -0.76
C MET H 406 -68.96 33.58 -0.71
N ASP H 407 -69.75 33.54 0.38
CA ASP H 407 -70.95 34.38 0.61
C ASP H 407 -70.56 35.69 1.31
N GLY H 408 -69.27 35.98 1.48
CA GLY H 408 -68.78 37.19 2.17
C GLY H 408 -68.79 37.06 3.69
N GLY H 409 -69.02 35.85 4.23
CA GLY H 409 -68.94 35.58 5.67
C GLY H 409 -67.50 35.41 6.13
N THR H 410 -67.28 35.10 7.41
CA THR H 410 -65.95 34.83 7.99
C THR H 410 -65.80 33.33 8.30
N GLY H 411 -66.83 32.53 8.02
CA GLY H 411 -66.83 31.07 8.25
C GLY H 411 -66.50 30.71 9.68
N VAL H 412 -65.58 29.77 9.88
CA VAL H 412 -65.20 29.22 11.21
C VAL H 412 -63.97 29.98 11.72
N ASP H 413 -64.04 30.49 12.94
CA ASP H 413 -63.03 31.41 13.54
C ASP H 413 -61.59 30.86 13.50
N GLY H 414 -61.36 29.54 13.52
CA GLY H 414 -60.04 28.98 13.86
C GLY H 414 -59.20 28.59 12.64
N LEU H 415 -59.67 28.89 11.42
CA LEU H 415 -59.16 28.25 10.17
C LEU H 415 -58.16 29.19 9.48
N ARG H 416 -57.97 30.42 9.98
CA ARG H 416 -57.25 31.51 9.28
C ARG H 416 -55.79 31.13 9.02
N GLU H 417 -55.15 30.46 9.99
CA GLU H 417 -53.73 30.02 9.89
C GLU H 417 -53.56 29.03 8.72
N PHE H 418 -54.63 28.39 8.26
CA PHE H 418 -54.58 27.30 7.26
C PHE H 418 -55.07 27.81 5.88
N ARG H 419 -55.11 29.14 5.71
CA ARG H 419 -55.34 29.83 4.41
C ARG H 419 -54.33 29.27 3.41
N PRO H 420 -54.75 28.97 2.16
CA PRO H 420 -53.88 28.26 1.21
C PRO H 420 -52.70 29.08 0.66
N GLU H 421 -52.82 30.41 0.63
CA GLU H 421 -51.75 31.29 0.11
C GLU H 421 -50.96 31.79 1.32
N ARG H 422 -49.79 31.19 1.56
CA ARG H 422 -49.04 31.40 2.82
C ARG H 422 -47.59 31.00 2.60
N ASP H 423 -46.71 31.63 3.38
CA ASP H 423 -45.36 31.09 3.67
C ASP H 423 -45.58 29.69 4.29
N LEU H 424 -44.64 28.77 4.06
CA LEU H 424 -44.68 27.45 4.73
C LEU H 424 -44.73 27.67 6.24
N ILE H 425 -45.64 26.98 6.92
CA ILE H 425 -45.72 26.95 8.40
C ILE H 425 -44.50 26.21 8.94
N SER H 426 -43.92 26.70 10.03
CA SER H 426 -42.87 26.02 10.83
C SER H 426 -43.46 25.70 12.20
N ALA H 427 -44.22 24.60 12.31
CA ALA H 427 -45.01 24.25 13.50
C ALA H 427 -44.11 23.64 14.59
N TRP H 428 -42.91 23.19 14.23
CA TRP H 428 -41.94 22.53 15.14
C TRP H 428 -40.53 23.07 14.89
N SER H 429 -39.70 23.08 15.94
CA SER H 429 -38.24 23.30 15.84
C SER H 429 -37.61 22.17 15.02
N ARG H 430 -36.49 22.45 14.36
CA ARG H 430 -35.68 21.43 13.65
C ARG H 430 -35.31 20.30 14.62
N GLU H 431 -34.99 20.64 15.87
CA GLU H 431 -34.62 19.67 16.92
C GLU H 431 -35.79 18.72 17.21
N GLU H 432 -37.00 19.25 17.37
CA GLU H 432 -38.23 18.44 17.62
C GLU H 432 -38.42 17.45 16.46
N ILE H 433 -38.28 17.93 15.22
CA ILE H 433 -38.51 17.11 14.00
C ILE H 433 -37.43 16.03 13.92
N LEU H 434 -36.18 16.37 14.21
CA LEU H 434 -35.08 15.37 14.15
C LEU H 434 -35.30 14.30 15.21
N ASP H 435 -35.73 14.66 16.42
CA ASP H 435 -36.11 13.67 17.46
C ASP H 435 -37.24 12.78 16.91
N ASP H 436 -38.24 13.39 16.28
CA ASP H 436 -39.46 12.70 15.77
C ASP H 436 -39.06 11.72 14.66
N VAL H 437 -38.24 12.13 13.70
CA VAL H 437 -37.95 11.30 12.49
C VAL H 437 -37.17 10.05 12.93
N VAL H 438 -36.27 10.17 13.90
CA VAL H 438 -35.48 9.00 14.38
C VAL H 438 -36.41 8.05 15.14
N ARG H 439 -37.27 8.60 15.99
CA ARG H 439 -38.26 7.82 16.78
C ARG H 439 -39.19 7.06 15.82
N HIS H 440 -39.70 7.73 14.78
CA HIS H 440 -40.62 7.12 13.78
C HIS H 440 -39.87 6.06 12.97
N THR H 441 -38.61 6.30 12.61
CA THR H 441 -37.78 5.31 11.90
C THR H 441 -37.67 4.04 12.77
N MET H 442 -37.34 4.19 14.04
CA MET H 442 -37.21 3.06 14.99
C MET H 442 -38.57 2.36 15.13
N ALA H 443 -39.66 3.12 15.15
CA ALA H 443 -41.03 2.57 15.29
C ALA H 443 -41.35 1.63 14.12
N THR H 444 -40.80 1.85 12.92
CA THR H 444 -41.05 0.91 11.78
C THR H 444 -40.51 -0.48 12.14
N GLY H 445 -39.47 -0.55 12.99
CA GLY H 445 -38.94 -1.84 13.47
C GLY H 445 -39.86 -2.46 14.50
N TYR H 446 -40.21 -1.71 15.54
CA TYR H 446 -41.01 -2.21 16.67
C TYR H 446 -42.42 -2.60 16.19
N GLU H 447 -42.93 -1.96 15.13
CA GLU H 447 -44.30 -2.24 14.64
C GLU H 447 -44.33 -3.50 13.76
N PHE H 448 -43.19 -3.96 13.28
CA PHE H 448 -43.07 -5.08 12.31
C PHE H 448 -43.72 -6.36 12.86
N PRO H 449 -43.42 -6.85 14.08
CA PRO H 449 -42.37 -6.37 14.97
C PRO H 449 -41.09 -7.16 14.65
N TRP H 450 -39.94 -6.49 14.72
CA TRP H 450 -38.65 -7.16 14.50
C TRP H 450 -38.25 -7.96 15.75
N ARG H 451 -37.26 -8.83 15.56
CA ARG H 451 -36.55 -9.50 16.65
C ARG H 451 -35.05 -9.38 16.35
N LEU H 452 -34.34 -8.63 17.17
CA LEU H 452 -32.89 -8.38 16.93
C LEU H 452 -32.14 -8.39 18.24
N PRO H 453 -30.79 -8.45 18.17
CA PRO H 453 -29.96 -8.41 19.37
C PRO H 453 -30.29 -7.12 20.14
N LEU H 454 -30.26 -7.19 21.46
CA LEU H 454 -30.77 -6.09 22.31
C LEU H 454 -29.95 -4.80 22.18
N GLU H 455 -28.71 -4.86 21.71
CA GLU H 455 -27.82 -3.67 21.56
C GLU H 455 -28.07 -3.00 20.20
N TRP H 456 -28.71 -3.69 19.25
CA TRP H 456 -28.80 -3.16 17.86
C TRP H 456 -29.64 -1.89 17.82
N PRO H 457 -30.83 -1.82 18.46
CA PRO H 457 -31.64 -0.60 18.40
C PRO H 457 -30.90 0.67 18.83
N HIS H 458 -30.20 0.65 19.96
CA HIS H 458 -29.43 1.82 20.44
C HIS H 458 -28.39 2.20 19.40
N MET H 459 -27.69 1.22 18.81
CA MET H 459 -26.68 1.49 17.75
C MET H 459 -27.35 2.15 16.55
N MET H 460 -28.48 1.62 16.09
CA MET H 460 -29.20 2.17 14.91
C MET H 460 -29.64 3.61 15.24
N GLU H 461 -30.20 3.86 16.42
CA GLU H 461 -30.64 5.21 16.86
C GLU H 461 -29.46 6.17 16.77
N THR H 462 -28.31 5.81 17.29
CA THR H 462 -27.10 6.68 17.31
C THR H 462 -26.70 6.98 15.86
N PHE H 463 -26.73 5.99 14.95
CA PHE H 463 -26.25 6.15 13.56
C PHE H 463 -27.30 6.77 12.64
N LEU H 464 -28.56 6.89 13.08
CA LEU H 464 -29.62 7.56 12.28
C LEU H 464 -29.55 9.09 12.49
N GLN H 465 -29.12 9.56 13.65
CA GLN H 465 -29.21 10.98 14.06
C GLN H 465 -28.40 11.85 13.09
N GLY H 466 -27.15 11.47 12.80
CA GLY H 466 -26.22 12.24 11.97
C GLY H 466 -26.73 12.48 10.55
N PRO H 467 -27.06 11.41 9.79
CA PRO H 467 -27.60 11.57 8.44
C PRO H 467 -28.87 12.43 8.35
N PHE H 468 -29.80 12.32 9.29
CA PHE H 468 -31.04 13.14 9.27
C PHE H 468 -30.70 14.60 9.60
N ALA H 469 -29.81 14.85 10.57
CA ALA H 469 -29.35 16.20 10.94
C ALA H 469 -28.67 16.86 9.73
N GLU H 470 -27.86 16.10 8.98
CA GLU H 470 -27.13 16.56 7.77
C GLU H 470 -28.14 16.92 6.68
N LEU H 471 -29.16 16.09 6.48
CA LEU H 471 -30.20 16.32 5.45
C LEU H 471 -30.96 17.60 5.78
N ALA H 472 -31.43 17.76 7.03
CA ALA H 472 -32.23 18.92 7.48
C ALA H 472 -31.42 20.21 7.25
N ASP H 473 -30.13 20.17 7.55
CA ASP H 473 -29.24 21.36 7.46
C ASP H 473 -29.00 21.71 5.99
N ARG H 474 -28.93 20.71 5.13
CA ARG H 474 -28.69 20.83 3.67
C ARG H 474 -29.93 21.38 2.95
N LEU H 475 -31.14 21.03 3.40
CA LEU H 475 -32.38 21.34 2.64
C LEU H 475 -32.63 22.85 2.64
N SER H 476 -32.41 23.53 3.77
CA SER H 476 -32.81 24.94 4.00
C SER H 476 -32.27 25.44 5.34
N ASP H 477 -31.98 26.74 5.43
CA ASP H 477 -31.57 27.41 6.69
C ASP H 477 -32.81 27.79 7.52
N THR H 478 -34.02 27.74 6.95
CA THR H 478 -35.24 28.24 7.64
C THR H 478 -36.29 27.12 7.75
N TYR H 479 -36.57 26.38 6.68
CA TYR H 479 -37.66 25.37 6.65
C TYR H 479 -37.12 23.97 6.98
N THR H 480 -37.91 23.21 7.73
CA THR H 480 -37.68 21.76 8.00
C THR H 480 -38.94 20.98 7.64
N PRO H 481 -38.85 20.01 6.71
CA PRO H 481 -40.00 19.16 6.40
C PRO H 481 -40.41 18.35 7.63
N PRO H 482 -41.72 18.13 7.87
CA PRO H 482 -42.16 17.21 8.93
C PRO H 482 -41.58 15.81 8.67
N ALA H 483 -41.49 15.01 9.72
CA ALA H 483 -40.85 13.67 9.72
C ALA H 483 -41.33 12.83 8.52
N ASP H 484 -42.65 12.78 8.29
CA ASP H 484 -43.28 11.92 7.24
C ASP H 484 -42.70 12.28 5.88
N LEU H 485 -42.47 13.57 5.63
CA LEU H 485 -41.85 14.04 4.37
C LEU H 485 -40.33 13.88 4.43
N MET H 486 -39.71 14.17 5.58
CA MET H 486 -38.23 14.12 5.71
C MET H 486 -37.75 12.70 5.37
N THR H 487 -38.45 11.65 5.82
CA THR H 487 -38.03 10.25 5.52
C THR H 487 -38.14 10.02 4.00
N ALA H 488 -39.23 10.47 3.36
CA ALA H 488 -39.40 10.34 1.90
C ALA H 488 -38.23 11.04 1.18
N ILE H 489 -37.83 12.22 1.63
CA ILE H 489 -36.74 13.00 0.97
C ILE H 489 -35.40 12.27 1.18
N MET H 490 -35.16 11.76 2.40
CA MET H 490 -33.91 11.00 2.74
C MET H 490 -33.68 9.88 1.71
N PHE H 491 -34.73 9.15 1.32
CA PHE H 491 -34.60 7.95 0.45
C PHE H 491 -34.98 8.27 -1.00
N SER H 492 -35.08 9.55 -1.37
CA SER H 492 -35.37 9.97 -2.76
C SER H 492 -34.05 10.13 -3.52
N GLU H 493 -34.11 10.31 -4.84
CA GLU H 493 -32.93 10.53 -5.72
C GLU H 493 -32.28 11.89 -5.39
N ARG H 494 -30.98 12.00 -5.61
CA ARG H 494 -30.19 13.25 -5.42
C ARG H 494 -30.88 14.41 -6.15
N GLU H 495 -31.34 14.17 -7.38
CA GLU H 495 -32.00 15.21 -8.24
C GLU H 495 -33.29 15.70 -7.55
N GLN H 496 -34.05 14.80 -6.93
CA GLN H 496 -35.32 15.14 -6.23
C GLN H 496 -35.00 15.98 -4.98
N GLN H 497 -33.93 15.65 -4.26
CA GLN H 497 -33.48 16.41 -3.07
C GLN H 497 -33.06 17.83 -3.49
N ASP H 498 -32.29 17.93 -4.58
CA ASP H 498 -31.75 19.21 -5.12
C ASP H 498 -32.92 20.11 -5.54
N GLU H 499 -33.93 19.53 -6.20
CA GLU H 499 -35.14 20.27 -6.65
C GLU H 499 -35.87 20.83 -5.42
N LEU H 500 -35.94 20.07 -4.31
CA LEU H 500 -36.60 20.54 -3.06
C LEU H 500 -35.78 21.67 -2.43
N ILE H 501 -34.44 21.59 -2.48
CA ILE H 501 -33.55 22.65 -1.95
C ILE H 501 -33.89 23.96 -2.70
N ALA H 502 -34.01 23.89 -4.02
CA ALA H 502 -34.36 25.01 -4.92
C ALA H 502 -35.76 25.54 -4.57
N TYR H 503 -36.75 24.66 -4.41
CA TYR H 503 -38.15 25.00 -4.04
C TYR H 503 -38.13 25.81 -2.73
N TYR H 504 -37.46 25.30 -1.69
CA TYR H 504 -37.43 25.96 -0.35
C TYR H 504 -36.78 27.35 -0.50
N ALA H 505 -35.73 27.45 -1.30
CA ALA H 505 -34.98 28.72 -1.55
C ALA H 505 -35.91 29.73 -2.26
N ASP H 506 -36.68 29.27 -3.25
CA ASP H 506 -37.65 30.10 -4.03
C ASP H 506 -38.79 30.55 -3.12
N VAL H 507 -39.25 29.70 -2.19
CA VAL H 507 -40.31 30.08 -1.21
C VAL H 507 -39.75 31.16 -0.27
N HIS H 508 -38.52 31.00 0.22
CA HIS H 508 -37.91 31.96 1.19
C HIS H 508 -37.83 33.34 0.52
N ARG H 509 -37.35 33.36 -0.72
CA ARG H 509 -37.21 34.55 -1.60
C ARG H 509 -38.57 35.22 -1.78
N GLU H 510 -39.63 34.45 -2.01
CA GLU H 510 -41.00 34.97 -2.25
C GLU H 510 -41.52 35.67 -0.98
N TRP H 511 -41.26 35.14 0.22
CA TRP H 511 -41.96 35.57 1.45
C TRP H 511 -41.07 36.42 2.37
N HIS H 512 -39.76 36.49 2.15
CA HIS H 512 -38.81 37.20 3.08
C HIS H 512 -38.00 38.24 2.31
#